data_7EEQ
#
_entry.id   7EEQ
#
_cell.length_a   1.00
_cell.length_b   1.00
_cell.length_c   1.00
_cell.angle_alpha   90.00
_cell.angle_beta   90.00
_cell.angle_gamma   90.00
#
_symmetry.space_group_name_H-M   'P 1'
#
loop_
_entity.id
_entity.type
_entity.pdbx_description
1 polymer 'Needle head proteins'
2 polymer 'Tailspike head-binding domain'
#
loop_
_entity_poly.entity_id
_entity_poly.type
_entity_poly.pdbx_seq_one_letter_code
_entity_poly.pdbx_strand_id
1 'polypeptide(L)'
;MKIPYGLGAYTRNRGNLPPLELINLFVEKSDSQGVILQSRKALVEVADVGAGPVRATFQKDGVFGGDRFTLSGDEFYRGA
TLLGTVAGGGQARIVSNGLEVLVNAGGLVYSYNGTNFINAGFPEAAATTIAFTGRYFIGLSAGTGEWYFSAVNNGRSWDA
LDFATAENEPDALLDVLVLDGVLVFFGTESIEFWGFTGDADLPYSPIQQRVFEQGIYATGCAVRVDNSFYWVGKDKIVYR
NGDVPQAVSDDGIVEKAEGSTNLTLFVLEDERHKFVCLRGDDFTHPHDVTTGQWCEFKSYGRTNFRATADFGDDETGKIW
AWGGYDDEGIIERLFMAGAALEEATQIDNIRLTCEVGTTPNLVGIYTDPTLEMRFSYDAGNTWEDWEAETLGAQGKYRQR
VEWRALGMFDDPGALFQFRITDPVSFRLSDVQANAATGGRQR
;
1,2,3,4,5,6
2 'polypeptide(L)'
;MAAELHITPSRATSSNGLNLDGAKWFFYQTGTTTPQSVYTTAALSVAHSNPVVADAAGKFPAIYFDTTLEYRGVLKTADE
ATTIYDIDPINSGILSVLGTSS
;
A,B,C,D,E,F,G,H,I,J,K,L,M,N,O,P,Q,R
#
# COMPACT_ATOMS: atom_id res chain seq x y z
N MET A 1 5.24 -31.04 -7.35
CA MET A 1 4.73 -29.69 -7.49
C MET A 1 3.36 -29.58 -6.84
N LYS A 2 2.50 -28.72 -7.38
CA LYS A 2 1.17 -28.52 -6.83
C LYS A 2 0.28 -27.97 -7.92
N ILE A 3 -0.75 -28.73 -8.29
CA ILE A 3 -1.63 -28.41 -9.40
C ILE A 3 -2.83 -27.64 -8.85
N PRO A 4 -3.22 -26.52 -9.46
CA PRO A 4 -4.34 -25.74 -8.91
C PRO A 4 -5.69 -26.39 -9.18
N TYR A 5 -6.30 -26.92 -8.14
CA TYR A 5 -7.62 -27.51 -8.25
C TYR A 5 -8.68 -26.44 -8.06
N GLY A 6 -9.79 -26.58 -8.78
CA GLY A 6 -10.79 -25.52 -8.85
C GLY A 6 -11.60 -25.40 -7.57
N LEU A 7 -11.91 -24.15 -7.21
CA LEU A 7 -12.66 -23.86 -6.00
C LEU A 7 -14.11 -23.49 -6.24
N GLY A 8 -14.50 -23.26 -7.50
CA GLY A 8 -15.86 -22.89 -7.83
C GLY A 8 -16.46 -23.82 -8.88
N ALA A 9 -17.76 -23.63 -9.10
CA ALA A 9 -18.49 -24.40 -10.10
C ALA A 9 -18.65 -23.53 -11.33
N TYR A 10 -17.63 -23.52 -12.18
CA TYR A 10 -17.60 -22.68 -13.37
C TYR A 10 -17.78 -23.55 -14.61
N THR A 11 -19.01 -23.60 -15.11
CA THR A 11 -19.32 -24.28 -16.37
C THR A 11 -20.08 -23.30 -17.27
N ARG A 12 -19.33 -22.67 -18.18
CA ARG A 12 -19.90 -21.76 -19.15
C ARG A 12 -19.86 -22.38 -20.53
N ASN A 13 -21.01 -22.35 -21.23
CA ASN A 13 -21.15 -23.00 -22.51
C ASN A 13 -21.33 -22.00 -23.65
N ARG A 14 -21.02 -20.72 -23.40
CA ARG A 14 -20.97 -19.72 -24.44
C ARG A 14 -19.89 -20.08 -25.44
N GLY A 15 -18.64 -20.06 -25.00
CA GLY A 15 -17.59 -20.79 -25.67
C GLY A 15 -17.55 -22.21 -25.16
N ASN A 16 -16.63 -23.00 -25.70
CA ASN A 16 -16.43 -24.36 -25.22
C ASN A 16 -15.32 -24.37 -24.18
N LEU A 17 -15.59 -23.66 -23.10
CA LEU A 17 -14.66 -23.44 -22.01
C LEU A 17 -14.47 -24.71 -21.18
N PRO A 18 -13.29 -24.90 -20.60
CA PRO A 18 -13.05 -26.06 -19.74
C PRO A 18 -13.90 -26.01 -18.48
N PRO A 19 -14.75 -27.01 -18.27
CA PRO A 19 -15.78 -26.93 -17.20
C PRO A 19 -15.32 -27.43 -15.84
N LEU A 20 -14.52 -26.63 -15.14
CA LEU A 20 -14.14 -27.00 -13.78
C LEU A 20 -15.30 -26.74 -12.83
N GLU A 21 -15.63 -27.74 -12.02
CA GLU A 21 -16.84 -27.66 -11.21
C GLU A 21 -16.69 -28.52 -9.95
N LEU A 22 -17.48 -28.17 -8.94
CA LEU A 22 -17.60 -28.93 -7.72
C LEU A 22 -18.97 -29.58 -7.65
N ILE A 23 -19.02 -30.79 -7.10
CA ILE A 23 -20.27 -31.49 -6.85
C ILE A 23 -20.27 -31.93 -5.40
N ASN A 24 -21.21 -31.40 -4.61
CA ASN A 24 -21.41 -31.72 -3.19
C ASN A 24 -20.16 -31.45 -2.35
N LEU A 25 -19.38 -30.45 -2.73
CA LEU A 25 -18.15 -30.11 -2.03
C LEU A 25 -18.04 -28.60 -1.95
N PHE A 26 -17.78 -28.08 -0.76
CA PHE A 26 -17.66 -26.64 -0.56
C PHE A 26 -16.31 -26.33 0.06
N VAL A 27 -15.93 -25.06 0.00
CA VAL A 27 -14.61 -24.60 0.39
C VAL A 27 -14.72 -23.90 1.74
N GLU A 28 -13.84 -24.26 2.68
CA GLU A 28 -13.68 -23.47 3.89
C GLU A 28 -12.20 -23.34 4.21
N LYS A 29 -11.89 -22.46 5.14
CA LYS A 29 -10.53 -22.26 5.61
C LYS A 29 -10.23 -23.24 6.74
N SER A 30 -8.95 -23.32 7.10
CA SER A 30 -8.52 -24.05 8.28
C SER A 30 -7.25 -23.39 8.81
N ASP A 31 -6.56 -24.08 9.70
CA ASP A 31 -5.33 -23.57 10.30
C ASP A 31 -4.16 -24.53 10.16
N SER A 32 -4.41 -25.84 10.28
CA SER A 32 -3.36 -26.82 10.05
C SER A 32 -3.04 -26.93 8.58
N GLN A 33 -4.03 -27.26 7.76
CA GLN A 33 -3.91 -27.09 6.31
C GLN A 33 -4.35 -25.69 5.94
N GLY A 34 -3.94 -25.24 4.76
CA GLY A 34 -4.34 -23.92 4.32
C GLY A 34 -5.77 -23.81 3.85
N VAL A 35 -6.08 -24.44 2.71
CA VAL A 35 -7.39 -24.37 2.08
C VAL A 35 -7.84 -25.80 1.82
N ILE A 36 -9.10 -26.09 2.14
CA ILE A 36 -9.57 -27.47 2.21
C ILE A 36 -10.89 -27.59 1.45
N LEU A 37 -11.14 -28.77 0.90
CA LEU A 37 -12.45 -29.15 0.37
C LEU A 37 -13.09 -30.15 1.31
N GLN A 38 -14.34 -29.91 1.68
CA GLN A 38 -15.04 -30.77 2.61
C GLN A 38 -16.33 -31.32 2.01
N SER A 39 -16.77 -32.47 2.52
CA SER A 39 -17.89 -33.21 1.98
C SER A 39 -19.22 -32.59 2.41
N ARG A 40 -20.29 -33.12 1.85
CA ARG A 40 -21.65 -32.70 2.16
C ARG A 40 -22.28 -33.79 3.01
N LYS A 41 -22.92 -33.39 4.11
CA LYS A 41 -23.50 -34.34 5.05
C LYS A 41 -24.73 -34.99 4.45
N ALA A 42 -24.95 -36.26 4.79
CA ALA A 42 -26.10 -36.96 4.24
C ALA A 42 -27.39 -36.52 4.93
N LEU A 43 -28.51 -36.77 4.27
CA LEU A 43 -29.82 -36.36 4.76
C LEU A 43 -30.47 -37.50 5.51
N VAL A 44 -31.33 -37.14 6.47
CA VAL A 44 -31.94 -38.10 7.40
C VAL A 44 -33.45 -38.04 7.24
N GLU A 45 -34.18 -38.67 8.15
CA GLU A 45 -35.61 -38.44 8.31
C GLU A 45 -35.89 -38.00 9.74
N VAL A 46 -36.52 -36.85 9.89
CA VAL A 46 -36.82 -36.26 11.21
C VAL A 46 -38.30 -36.33 11.52
N ALA A 47 -39.14 -35.69 10.69
CA ALA A 47 -40.57 -35.65 10.91
C ALA A 47 -41.29 -36.04 9.63
N ASP A 48 -42.35 -36.83 9.78
CA ASP A 48 -43.12 -37.30 8.63
C ASP A 48 -44.58 -36.90 8.82
N VAL A 49 -45.15 -36.30 7.79
CA VAL A 49 -46.54 -35.84 7.80
C VAL A 49 -47.24 -36.47 6.60
N GLY A 50 -48.48 -36.06 6.34
CA GLY A 50 -49.21 -36.59 5.20
C GLY A 50 -48.56 -36.18 3.89
N ALA A 51 -48.80 -37.00 2.87
CA ALA A 51 -48.06 -36.91 1.62
C ALA A 51 -48.47 -35.68 0.81
N GLY A 52 -47.72 -35.45 -0.27
CA GLY A 52 -47.86 -34.25 -1.06
C GLY A 52 -46.57 -33.44 -0.99
N PRO A 53 -46.41 -32.48 -1.89
CA PRO A 53 -45.23 -31.61 -1.83
C PRO A 53 -45.34 -30.63 -0.67
N VAL A 54 -44.33 -30.64 0.20
CA VAL A 54 -44.26 -29.68 1.29
C VAL A 54 -43.87 -28.32 0.74
N ARG A 55 -44.68 -27.31 1.06
CA ARG A 55 -44.48 -25.97 0.52
C ARG A 55 -43.82 -25.03 1.54
N ALA A 56 -44.28 -25.04 2.78
CA ALA A 56 -43.68 -24.19 3.81
C ALA A 56 -43.94 -24.80 5.18
N THR A 57 -42.93 -24.77 6.03
CA THR A 57 -43.01 -25.31 7.38
C THR A 57 -42.60 -24.24 8.39
N PHE A 58 -42.84 -24.57 9.66
CA PHE A 58 -42.66 -23.63 10.75
C PHE A 58 -42.66 -24.34 12.10
N GLN A 59 -41.66 -24.08 12.93
CA GLN A 59 -41.74 -24.40 14.35
C GLN A 59 -40.79 -23.47 15.09
N LYS A 60 -41.16 -23.15 16.34
CA LYS A 60 -40.33 -22.34 17.21
C LYS A 60 -40.39 -22.97 18.60
N ASP A 61 -39.97 -22.22 19.61
CA ASP A 61 -39.98 -22.71 20.98
C ASP A 61 -40.93 -21.95 21.88
N GLY A 62 -41.19 -20.68 21.59
CA GLY A 62 -42.10 -19.86 22.38
C GLY A 62 -43.52 -19.78 21.86
N VAL A 63 -43.90 -20.60 20.88
CA VAL A 63 -45.28 -20.67 20.40
C VAL A 63 -45.75 -22.11 20.47
N PHE A 64 -46.79 -22.34 21.26
CA PHE A 64 -47.56 -23.59 21.33
C PHE A 64 -46.71 -24.79 21.77
N GLY A 65 -45.62 -24.54 22.48
CA GLY A 65 -44.76 -25.60 22.96
C GLY A 65 -43.84 -26.21 21.94
N GLY A 66 -43.91 -25.79 20.69
CA GLY A 66 -43.06 -26.32 19.65
C GLY A 66 -43.73 -27.24 18.65
N ASP A 67 -45.02 -27.05 18.38
CA ASP A 67 -45.73 -27.95 17.48
C ASP A 67 -45.40 -27.61 16.04
N ARG A 68 -45.15 -28.65 15.24
CA ARG A 68 -44.64 -28.50 13.89
C ARG A 68 -45.80 -28.15 12.96
N PHE A 69 -45.81 -26.92 12.45
CA PHE A 69 -46.81 -26.48 11.49
C PHE A 69 -46.26 -26.65 10.08
N THR A 70 -46.98 -27.40 9.26
CA THR A 70 -46.57 -27.62 7.87
C THR A 70 -47.76 -27.48 6.95
N LEU A 71 -47.46 -27.30 5.67
CA LEU A 71 -48.47 -27.22 4.61
C LEU A 71 -48.07 -28.26 3.58
N SER A 72 -48.53 -29.48 3.75
CA SER A 72 -48.27 -30.57 2.83
C SER A 72 -49.43 -30.72 1.87
N GLY A 73 -49.16 -30.65 0.58
CA GLY A 73 -50.20 -30.79 -0.42
C GLY A 73 -51.19 -29.64 -0.42
N ASP A 74 -52.39 -29.90 0.08
CA ASP A 74 -53.45 -28.90 0.01
C ASP A 74 -54.02 -28.58 1.38
N GLU A 75 -53.43 -29.14 2.44
CA GLU A 75 -54.03 -29.06 3.75
C GLU A 75 -52.94 -29.00 4.80
N PHE A 76 -53.28 -28.45 5.97
CA PHE A 76 -52.32 -28.38 7.07
C PHE A 76 -52.00 -29.76 7.64
N TYR A 77 -50.97 -29.77 8.48
CA TYR A 77 -50.81 -30.74 9.55
C TYR A 77 -50.16 -30.05 10.74
N ARG A 78 -50.86 -30.05 11.87
CA ARG A 78 -50.29 -29.65 13.16
C ARG A 78 -49.95 -30.97 13.83
N GLY A 79 -48.70 -31.41 13.71
CA GLY A 79 -48.35 -32.75 14.12
C GLY A 79 -48.90 -33.75 13.11
N ALA A 80 -49.94 -34.48 13.48
CA ALA A 80 -50.66 -35.33 12.54
C ALA A 80 -52.14 -35.01 12.44
N THR A 81 -52.60 -33.94 13.07
CA THR A 81 -53.99 -33.52 12.94
C THR A 81 -54.19 -32.67 11.70
N LEU A 82 -55.40 -32.74 11.12
CA LEU A 82 -55.59 -32.30 9.74
C LEU A 82 -55.73 -30.79 9.61
N LEU A 83 -56.54 -30.17 10.48
CA LEU A 83 -56.68 -28.70 10.59
C LEU A 83 -57.15 -28.04 9.29
N GLY A 84 -58.17 -28.60 8.64
CA GLY A 84 -58.77 -27.93 7.51
C GLY A 84 -57.94 -28.01 6.24
N THR A 85 -58.13 -27.02 5.37
CA THR A 85 -57.50 -27.00 4.06
C THR A 85 -57.11 -25.59 3.68
N VAL A 86 -56.35 -25.48 2.59
CA VAL A 86 -55.85 -24.22 2.06
C VAL A 86 -56.30 -24.14 0.60
N ALA A 87 -56.59 -22.93 0.11
CA ALA A 87 -56.83 -22.77 -1.31
C ALA A 87 -55.52 -22.92 -2.09
N GLY A 88 -55.65 -23.05 -3.41
CA GLY A 88 -54.48 -23.26 -4.25
C GLY A 88 -53.79 -21.94 -4.58
N GLY A 89 -52.46 -21.99 -4.67
CA GLY A 89 -51.71 -20.80 -4.94
C GLY A 89 -50.28 -21.08 -5.34
N GLY A 90 -49.48 -20.00 -5.37
CA GLY A 90 -48.12 -20.07 -5.88
C GLY A 90 -47.02 -20.33 -4.86
N GLN A 91 -46.95 -19.51 -3.82
CA GLN A 91 -45.88 -19.62 -2.83
C GLN A 91 -46.46 -19.39 -1.44
N ALA A 92 -46.09 -20.27 -0.51
CA ALA A 92 -46.67 -20.26 0.83
C ALA A 92 -45.81 -19.47 1.81
N ARG A 93 -46.39 -19.17 2.97
CA ARG A 93 -45.75 -18.38 4.01
C ARG A 93 -46.51 -18.54 5.32
N ILE A 94 -45.79 -18.76 6.43
CA ILE A 94 -46.42 -18.94 7.73
C ILE A 94 -45.91 -17.84 8.65
N VAL A 95 -46.86 -17.11 9.27
CA VAL A 95 -46.57 -15.96 10.10
C VAL A 95 -47.24 -16.19 11.45
N SER A 96 -46.51 -15.93 12.54
CA SER A 96 -47.14 -16.05 13.85
C SER A 96 -46.49 -15.09 14.83
N ASN A 97 -47.28 -14.67 15.83
CA ASN A 97 -46.78 -13.91 16.97
C ASN A 97 -46.86 -14.68 18.28
N GLY A 98 -47.33 -15.92 18.25
CA GLY A 98 -47.43 -16.71 19.46
C GLY A 98 -48.86 -16.99 19.89
N LEU A 99 -49.77 -16.06 19.65
CA LEU A 99 -51.17 -16.27 19.95
C LEU A 99 -52.00 -16.67 18.75
N GLU A 100 -51.43 -16.61 17.55
CA GLU A 100 -52.15 -16.93 16.33
C GLU A 100 -51.16 -17.22 15.21
N VAL A 101 -51.47 -18.21 14.38
CA VAL A 101 -50.59 -18.67 13.32
C VAL A 101 -51.31 -18.48 11.99
N LEU A 102 -50.79 -17.57 11.17
CA LEU A 102 -51.40 -17.32 9.86
C LEU A 102 -50.75 -18.21 8.80
N VAL A 103 -51.36 -18.21 7.62
CA VAL A 103 -50.80 -18.94 6.47
C VAL A 103 -51.25 -18.19 5.22
N ASN A 104 -50.66 -18.52 4.08
CA ASN A 104 -51.03 -17.88 2.84
C ASN A 104 -50.80 -18.83 1.68
N ALA A 105 -51.38 -18.46 0.55
CA ALA A 105 -51.11 -18.97 -0.77
C ALA A 105 -51.31 -17.79 -1.70
N GLY A 106 -51.52 -18.06 -2.99
CA GLY A 106 -51.99 -16.98 -3.85
C GLY A 106 -53.40 -16.52 -3.57
N GLY A 107 -54.20 -17.33 -2.86
CA GLY A 107 -55.59 -17.02 -2.67
C GLY A 107 -56.07 -16.30 -1.42
N LEU A 108 -55.84 -16.84 -0.22
CA LEU A 108 -56.56 -16.37 0.96
C LEU A 108 -55.66 -16.37 2.19
N VAL A 109 -56.17 -15.73 3.25
CA VAL A 109 -55.47 -15.61 4.52
C VAL A 109 -56.29 -16.36 5.58
N TYR A 110 -55.68 -17.35 6.21
CA TYR A 110 -56.35 -18.23 7.15
C TYR A 110 -55.69 -18.09 8.52
N SER A 111 -56.46 -17.68 9.53
CA SER A 111 -55.90 -17.51 10.86
C SER A 111 -56.17 -18.73 11.71
N TYR A 112 -55.65 -18.71 12.93
CA TYR A 112 -55.69 -19.86 13.82
C TYR A 112 -55.57 -19.35 15.25
N ASN A 113 -56.08 -20.13 16.19
CA ASN A 113 -56.01 -19.80 17.61
C ASN A 113 -55.99 -21.13 18.36
N GLY A 114 -56.42 -21.11 19.63
CA GLY A 114 -56.36 -22.30 20.46
C GLY A 114 -57.12 -23.50 19.90
N THR A 115 -58.33 -23.26 19.37
CA THR A 115 -59.10 -24.40 18.88
C THR A 115 -59.82 -24.21 17.55
N ASN A 116 -59.82 -23.02 16.96
CA ASN A 116 -60.57 -22.76 15.74
C ASN A 116 -59.62 -22.48 14.58
N PHE A 117 -60.08 -22.75 13.37
CA PHE A 117 -59.32 -22.48 12.14
C PHE A 117 -60.33 -22.08 11.05
N ILE A 118 -60.55 -20.77 10.90
CA ILE A 118 -61.44 -20.23 9.88
C ILE A 118 -60.77 -19.04 9.21
N ASN A 119 -61.51 -18.38 8.33
CA ASN A 119 -60.99 -17.30 7.50
C ASN A 119 -60.68 -16.06 8.34
N ALA A 120 -59.52 -15.46 8.10
CA ALA A 120 -59.14 -14.26 8.83
C ALA A 120 -59.86 -13.01 8.34
N GLY A 121 -60.40 -13.05 7.13
CA GLY A 121 -61.13 -11.91 6.63
C GLY A 121 -60.24 -10.81 6.12
N PHE A 122 -59.46 -11.11 5.08
CA PHE A 122 -58.70 -10.08 4.38
C PHE A 122 -59.68 -9.11 3.72
N PRO A 123 -59.37 -7.81 3.69
CA PRO A 123 -60.37 -6.82 3.23
C PRO A 123 -60.74 -6.91 1.75
N GLU A 124 -60.06 -7.74 0.96
CA GLU A 124 -60.56 -8.14 -0.34
C GLU A 124 -60.18 -9.60 -0.57
N ALA A 125 -60.35 -10.06 -1.81
CA ALA A 125 -60.30 -11.51 -2.08
C ALA A 125 -58.90 -12.07 -1.95
N ALA A 126 -57.97 -11.57 -2.77
CA ALA A 126 -56.68 -12.24 -2.94
C ALA A 126 -55.62 -11.63 -2.05
N ALA A 127 -54.50 -12.35 -1.94
CA ALA A 127 -53.37 -11.91 -1.15
C ALA A 127 -52.12 -12.53 -1.73
N THR A 128 -51.00 -11.83 -1.61
CA THR A 128 -49.73 -12.33 -2.10
C THR A 128 -48.85 -12.86 -0.97
N THR A 129 -48.53 -12.03 0.02
CA THR A 129 -47.64 -12.41 1.12
C THR A 129 -48.09 -11.74 2.41
N ILE A 130 -47.67 -12.32 3.54
CA ILE A 130 -47.75 -11.71 4.85
C ILE A 130 -46.37 -11.80 5.49
N ALA A 131 -45.92 -10.73 6.14
CA ALA A 131 -44.62 -10.77 6.80
C ALA A 131 -44.67 -10.58 8.31
N PHE A 132 -45.22 -9.48 8.79
CA PHE A 132 -44.83 -8.96 10.09
C PHE A 132 -45.60 -9.64 11.22
N THR A 133 -44.94 -9.75 12.37
CA THR A 133 -45.42 -10.55 13.49
C THR A 133 -45.65 -9.76 14.76
N GLY A 134 -44.70 -8.92 15.16
CA GLY A 134 -44.61 -8.51 16.55
C GLY A 134 -45.62 -7.46 16.95
N ARG A 135 -45.90 -6.51 16.07
CA ARG A 135 -46.89 -5.49 16.35
C ARG A 135 -48.12 -5.63 15.46
N TYR A 136 -47.94 -5.62 14.14
CA TYR A 136 -49.04 -5.72 13.20
C TYR A 136 -48.96 -7.02 12.41
N PHE A 137 -49.93 -7.19 11.52
CA PHE A 137 -49.87 -8.17 10.44
C PHE A 137 -50.12 -7.44 9.15
N ILE A 138 -49.23 -7.61 8.18
CA ILE A 138 -49.22 -6.81 6.96
C ILE A 138 -49.49 -7.73 5.79
N GLY A 139 -50.52 -7.43 5.00
CA GLY A 139 -50.83 -8.24 3.85
C GLY A 139 -50.65 -7.49 2.55
N LEU A 140 -50.39 -8.22 1.47
CA LEU A 140 -50.12 -7.63 0.16
C LEU A 140 -51.23 -8.03 -0.81
N SER A 141 -51.96 -7.04 -1.31
CA SER A 141 -53.09 -7.31 -2.20
C SER A 141 -52.58 -7.60 -3.60
N ALA A 142 -53.17 -8.61 -4.23
CA ALA A 142 -52.76 -8.99 -5.57
C ALA A 142 -53.25 -7.98 -6.59
N GLY A 143 -52.57 -7.94 -7.73
CA GLY A 143 -52.87 -6.96 -8.75
C GLY A 143 -52.22 -5.64 -8.45
N THR A 144 -52.70 -4.61 -9.16
CA THR A 144 -52.21 -3.25 -8.93
C THR A 144 -52.74 -2.77 -7.59
N GLY A 145 -51.98 -2.98 -6.52
CA GLY A 145 -52.51 -2.79 -5.18
C GLY A 145 -51.53 -2.14 -4.24
N GLU A 146 -51.91 -2.14 -2.98
CA GLU A 146 -51.21 -1.56 -1.85
C GLU A 146 -51.05 -2.64 -0.77
N TRP A 147 -50.62 -2.23 0.41
CA TRP A 147 -50.53 -3.12 1.54
C TRP A 147 -51.52 -2.71 2.62
N TYR A 148 -52.20 -3.70 3.19
CA TYR A 148 -53.13 -3.49 4.29
C TYR A 148 -52.47 -3.86 5.61
N PHE A 149 -53.01 -3.36 6.71
CA PHE A 149 -52.52 -3.70 8.03
C PHE A 149 -53.69 -3.92 8.97
N SER A 150 -53.51 -4.82 9.92
CA SER A 150 -54.56 -5.18 10.86
C SER A 150 -54.45 -4.34 12.12
N ALA A 151 -55.18 -4.72 13.16
CA ALA A 151 -55.02 -4.11 14.47
C ALA A 151 -53.82 -4.71 15.19
N VAL A 152 -53.54 -4.18 16.37
CA VAL A 152 -52.36 -4.58 17.14
C VAL A 152 -52.56 -5.99 17.66
N ASN A 153 -51.70 -6.92 17.21
CA ASN A 153 -51.65 -8.32 17.65
C ASN A 153 -52.96 -9.06 17.39
N ASN A 154 -53.72 -8.64 16.38
CA ASN A 154 -55.03 -9.21 16.07
C ASN A 154 -55.09 -9.44 14.57
N GLY A 155 -54.70 -10.64 14.15
CA GLY A 155 -54.78 -10.98 12.75
C GLY A 155 -56.11 -11.49 12.28
N ARG A 156 -57.07 -11.68 13.19
CA ARG A 156 -58.37 -12.20 12.85
C ARG A 156 -59.38 -11.12 12.50
N SER A 157 -59.01 -9.84 12.65
CA SER A 157 -59.90 -8.71 12.37
C SER A 157 -59.13 -7.67 11.58
N TRP A 158 -59.39 -7.61 10.28
CA TRP A 158 -58.81 -6.60 9.41
C TRP A 158 -59.78 -5.43 9.26
N ASP A 159 -59.39 -4.45 8.45
CA ASP A 159 -60.23 -3.30 8.22
C ASP A 159 -60.00 -2.78 6.80
N ALA A 160 -61.04 -2.17 6.24
CA ALA A 160 -60.97 -1.73 4.85
C ALA A 160 -60.28 -0.38 4.69
N LEU A 161 -60.41 0.50 5.66
CA LEU A 161 -59.80 1.83 5.58
C LEU A 161 -58.36 1.85 6.07
N ASP A 162 -57.82 0.72 6.48
CA ASP A 162 -56.44 0.63 6.95
C ASP A 162 -55.58 0.13 5.80
N PHE A 163 -55.04 1.06 5.02
CA PHE A 163 -54.10 0.72 3.97
C PHE A 163 -53.16 1.90 3.76
N ALA A 164 -52.22 1.71 2.82
CA ALA A 164 -51.30 2.77 2.44
C ALA A 164 -50.77 2.45 1.06
N THR A 165 -50.96 3.36 0.12
CA THR A 165 -50.59 3.13 -1.26
C THR A 165 -49.12 3.42 -1.50
N ALA A 166 -48.59 2.81 -2.55
CA ALA A 166 -47.25 3.11 -3.04
C ALA A 166 -47.32 4.15 -4.14
N GLU A 167 -46.18 4.76 -4.44
CA GLU A 167 -46.15 5.90 -5.34
C GLU A 167 -45.11 5.80 -6.44
N ASN A 168 -44.48 4.63 -6.61
CA ASN A 168 -43.41 4.49 -7.59
C ASN A 168 -43.53 3.29 -8.50
N GLU A 169 -44.27 2.25 -8.13
CA GLU A 169 -44.47 1.11 -9.01
C GLU A 169 -45.91 1.07 -9.51
N PRO A 170 -46.12 1.14 -10.82
CA PRO A 170 -47.49 1.08 -11.33
C PRO A 170 -47.94 -0.32 -11.70
N ASP A 171 -47.01 -1.27 -11.79
CA ASP A 171 -47.36 -2.58 -12.31
C ASP A 171 -47.98 -3.47 -11.23
N ALA A 172 -47.23 -3.81 -10.19
CA ALA A 172 -47.70 -4.78 -9.19
C ALA A 172 -46.84 -4.67 -7.94
N LEU A 173 -47.09 -5.59 -7.01
CA LEU A 173 -46.27 -5.85 -5.83
C LEU A 173 -46.15 -7.34 -5.64
N LEU A 174 -44.97 -7.81 -5.25
CA LEU A 174 -44.72 -9.24 -5.21
C LEU A 174 -44.19 -9.76 -3.88
N ASP A 175 -43.42 -8.99 -3.12
CA ASP A 175 -42.82 -9.55 -1.93
C ASP A 175 -42.54 -8.43 -0.94
N VAL A 176 -42.43 -8.83 0.33
CA VAL A 176 -42.26 -7.92 1.46
C VAL A 176 -41.31 -8.59 2.45
N LEU A 177 -40.50 -7.80 3.15
CA LEU A 177 -39.50 -8.35 4.04
C LEU A 177 -39.24 -7.38 5.17
N VAL A 178 -39.10 -7.92 6.38
CA VAL A 178 -38.86 -7.12 7.58
C VAL A 178 -37.40 -7.26 7.93
N LEU A 179 -36.62 -6.22 7.66
CA LEU A 179 -35.17 -6.22 7.86
C LEU A 179 -34.76 -5.66 9.21
N ASP A 180 -35.45 -4.63 9.66
CA ASP A 180 -35.21 -3.87 10.87
C ASP A 180 -36.58 -3.45 11.37
N GLY A 181 -36.64 -2.36 12.13
CA GLY A 181 -37.89 -1.65 12.28
C GLY A 181 -38.47 -1.19 10.96
N VAL A 182 -37.62 -0.94 9.95
CA VAL A 182 -38.08 -0.57 8.62
C VAL A 182 -38.64 -1.79 7.90
N LEU A 183 -39.35 -1.52 6.80
CA LEU A 183 -39.89 -2.51 5.90
C LEU A 183 -39.23 -2.40 4.54
N VAL A 184 -39.25 -3.50 3.79
CA VAL A 184 -38.72 -3.52 2.42
C VAL A 184 -39.78 -4.11 1.51
N PHE A 185 -40.28 -3.31 0.59
CA PHE A 185 -41.31 -3.71 -0.35
C PHE A 185 -40.69 -3.90 -1.73
N PHE A 186 -40.85 -5.09 -2.28
CA PHE A 186 -40.30 -5.44 -3.59
C PHE A 186 -41.37 -5.25 -4.65
N GLY A 187 -41.17 -4.28 -5.53
CA GLY A 187 -42.03 -4.14 -6.69
C GLY A 187 -41.49 -4.91 -7.88
N THR A 188 -42.27 -4.91 -8.96
CA THR A 188 -41.79 -5.51 -10.19
C THR A 188 -40.84 -4.59 -10.93
N GLU A 189 -40.76 -3.33 -10.51
CA GLU A 189 -39.96 -2.32 -11.18
C GLU A 189 -38.98 -1.62 -10.26
N SER A 190 -39.35 -1.37 -9.00
CA SER A 190 -38.49 -0.65 -8.08
C SER A 190 -38.56 -1.30 -6.70
N ILE A 191 -37.70 -0.85 -5.80
CA ILE A 191 -37.66 -1.32 -4.42
C ILE A 191 -37.76 -0.11 -3.50
N GLU A 192 -38.70 -0.15 -2.57
CA GLU A 192 -38.95 0.97 -1.66
C GLU A 192 -38.55 0.61 -0.23
N PHE A 193 -38.41 1.63 0.59
CA PHE A 193 -38.09 1.47 2.00
C PHE A 193 -39.07 2.30 2.82
N TRP A 194 -39.62 1.70 3.86
CA TRP A 194 -40.69 2.31 4.64
C TRP A 194 -40.38 2.18 6.12
N GLY A 195 -40.10 3.30 6.79
CA GLY A 195 -39.74 3.28 8.19
C GLY A 195 -40.94 3.28 9.11
N PHE A 196 -40.68 3.18 10.41
CA PHE A 196 -41.72 3.09 11.43
C PHE A 196 -42.00 4.46 12.01
N THR A 197 -43.26 4.87 12.01
CA THR A 197 -43.67 6.21 12.40
C THR A 197 -43.97 6.33 13.88
N GLY A 198 -44.86 5.49 14.41
CA GLY A 198 -45.26 5.59 15.79
C GLY A 198 -46.59 6.26 16.03
N ASP A 199 -47.40 6.42 14.99
CA ASP A 199 -48.74 6.96 15.11
C ASP A 199 -49.73 5.82 15.32
N ALA A 200 -51.02 6.16 15.21
CA ALA A 200 -52.10 5.19 15.35
C ALA A 200 -52.85 4.97 14.04
N ASP A 201 -53.12 6.04 13.30
CA ASP A 201 -53.84 5.92 12.05
C ASP A 201 -52.97 5.30 10.96
N LEU A 202 -51.86 5.97 10.62
CA LEU A 202 -50.87 5.42 9.71
C LEU A 202 -49.59 5.15 10.46
N PRO A 203 -49.14 3.91 10.57
CA PRO A 203 -47.96 3.60 11.39
C PRO A 203 -46.64 3.56 10.66
N TYR A 204 -46.61 3.80 9.35
CA TYR A 204 -45.37 3.69 8.58
C TYR A 204 -45.25 4.85 7.60
N SER A 205 -44.02 5.20 7.27
CA SER A 205 -43.69 6.36 6.45
C SER A 205 -42.50 6.03 5.56
N PRO A 206 -42.42 6.59 4.37
CA PRO A 206 -41.34 6.22 3.44
C PRO A 206 -40.07 7.03 3.68
N ILE A 207 -38.96 6.41 3.28
CA ILE A 207 -37.66 7.10 3.23
C ILE A 207 -37.50 7.64 1.82
N GLN A 208 -37.04 8.90 1.70
CA GLN A 208 -37.26 9.67 0.48
C GLN A 208 -36.39 9.20 -0.68
N GLN A 209 -35.06 9.27 -0.53
CA GLN A 209 -34.16 9.03 -1.65
C GLN A 209 -33.49 7.67 -1.62
N ARG A 210 -34.21 6.62 -1.23
CA ARG A 210 -33.68 5.25 -1.23
C ARG A 210 -34.58 4.41 -2.12
N VAL A 211 -34.27 4.37 -3.41
CA VAL A 211 -35.03 3.59 -4.39
C VAL A 211 -34.03 2.80 -5.24
N PHE A 212 -34.18 1.48 -5.25
CA PHE A 212 -33.36 0.63 -6.11
C PHE A 212 -34.17 0.31 -7.36
N GLU A 213 -33.48 0.20 -8.49
CA GLU A 213 -34.17 0.10 -9.78
C GLU A 213 -34.33 -1.33 -10.27
N GLN A 214 -33.82 -2.31 -9.54
CA GLN A 214 -33.90 -3.71 -9.93
C GLN A 214 -35.02 -4.39 -9.14
N GLY A 215 -36.21 -4.42 -9.73
CA GLY A 215 -37.33 -5.06 -9.07
C GLY A 215 -37.21 -6.56 -9.04
N ILE A 216 -37.98 -7.19 -8.15
CA ILE A 216 -37.87 -8.62 -7.92
C ILE A 216 -38.44 -9.39 -9.12
N TYR A 217 -37.96 -10.62 -9.31
CA TYR A 217 -38.38 -11.42 -10.46
C TYR A 217 -39.74 -12.08 -10.23
N ALA A 218 -39.99 -12.57 -9.03
CA ALA A 218 -41.20 -13.33 -8.75
C ALA A 218 -41.61 -13.05 -7.31
N THR A 219 -42.48 -13.91 -6.77
CA THR A 219 -42.98 -13.72 -5.42
C THR A 219 -42.13 -14.42 -4.36
N GLY A 220 -41.18 -15.25 -4.77
CA GLY A 220 -40.40 -16.00 -3.80
C GLY A 220 -38.90 -15.83 -3.94
N CYS A 221 -38.46 -14.60 -4.18
CA CYS A 221 -37.08 -14.34 -4.58
C CYS A 221 -36.44 -13.29 -3.68
N ALA A 222 -36.58 -13.44 -2.37
CA ALA A 222 -35.96 -12.51 -1.43
C ALA A 222 -35.74 -13.21 -0.09
N VAL A 223 -34.51 -13.20 0.39
CA VAL A 223 -34.11 -13.93 1.58
C VAL A 223 -33.29 -13.01 2.48
N ARG A 224 -33.66 -12.96 3.77
CA ARG A 224 -32.88 -12.25 4.77
C ARG A 224 -31.78 -13.17 5.26
N VAL A 225 -30.62 -13.09 4.61
CA VAL A 225 -29.52 -14.01 4.92
C VAL A 225 -28.81 -13.60 6.19
N ASP A 226 -28.65 -12.30 6.39
CA ASP A 226 -27.63 -11.77 7.27
C ASP A 226 -28.22 -10.49 7.88
N ASN A 227 -27.35 -9.58 8.33
CA ASN A 227 -27.78 -8.24 8.69
C ASN A 227 -28.44 -7.52 7.51
N SER A 228 -28.07 -7.87 6.28
CA SER A 228 -28.78 -7.44 5.09
C SER A 228 -29.34 -8.67 4.36
N PHE A 229 -29.85 -8.46 3.15
CA PHE A 229 -30.68 -9.42 2.44
C PHE A 229 -30.25 -9.54 0.97
N TYR A 230 -30.80 -10.54 0.29
CA TYR A 230 -30.57 -10.78 -1.13
C TYR A 230 -31.87 -10.71 -1.92
N TRP A 231 -31.75 -10.62 -3.24
CA TRP A 231 -32.86 -10.79 -4.16
C TRP A 231 -32.32 -11.23 -5.51
N VAL A 232 -33.21 -11.38 -6.50
CA VAL A 232 -32.87 -11.97 -7.79
C VAL A 232 -32.88 -10.93 -8.90
N GLY A 233 -33.82 -10.00 -8.90
CA GLY A 233 -33.79 -8.94 -9.88
C GLY A 233 -34.62 -9.26 -11.12
N LYS A 234 -34.91 -8.22 -11.90
CA LYS A 234 -35.72 -8.37 -13.12
C LYS A 234 -35.01 -9.24 -14.15
N ASP A 235 -33.69 -9.18 -14.18
CA ASP A 235 -32.89 -10.15 -14.90
C ASP A 235 -32.22 -11.08 -13.91
N LYS A 236 -31.62 -12.15 -14.41
CA LYS A 236 -31.16 -13.23 -13.53
C LYS A 236 -29.76 -12.93 -13.01
N ILE A 237 -29.67 -11.92 -12.15
CA ILE A 237 -28.41 -11.55 -11.50
C ILE A 237 -28.68 -11.35 -10.02
N VAL A 238 -28.22 -12.29 -9.20
CA VAL A 238 -28.46 -12.22 -7.75
C VAL A 238 -27.66 -11.08 -7.15
N TYR A 239 -28.34 -10.19 -6.42
CA TYR A 239 -27.73 -8.98 -5.89
C TYR A 239 -27.51 -9.09 -4.38
N ARG A 240 -27.11 -7.98 -3.78
CA ARG A 240 -26.73 -7.93 -2.36
C ARG A 240 -26.87 -6.50 -1.88
N ASN A 241 -27.48 -6.32 -0.72
CA ASN A 241 -27.74 -4.98 -0.21
C ASN A 241 -26.47 -4.32 0.28
N GLY A 242 -26.41 -3.00 0.13
CA GLY A 242 -25.31 -2.22 0.65
C GLY A 242 -25.60 -0.74 0.52
N ASP A 243 -24.56 0.07 0.31
CA ASP A 243 -24.78 1.44 -0.10
C ASP A 243 -25.41 1.50 -1.47
N VAL A 244 -24.76 0.87 -2.44
CA VAL A 244 -25.38 0.56 -3.73
C VAL A 244 -25.49 -0.96 -3.81
N PRO A 245 -26.48 -1.51 -4.52
CA PRO A 245 -26.57 -2.97 -4.64
C PRO A 245 -25.49 -3.53 -5.54
N GLN A 246 -24.61 -4.36 -4.97
CA GLN A 246 -23.62 -5.05 -5.75
C GLN A 246 -24.13 -6.43 -6.14
N ALA A 247 -23.48 -7.02 -7.14
CA ALA A 247 -23.89 -8.30 -7.71
C ALA A 247 -22.94 -9.39 -7.25
N VAL A 248 -23.49 -10.59 -7.03
CA VAL A 248 -22.68 -11.72 -6.61
C VAL A 248 -22.66 -12.86 -7.62
N SER A 249 -23.56 -12.87 -8.59
CA SER A 249 -23.52 -13.92 -9.60
C SER A 249 -22.65 -13.50 -10.78
N ASP A 250 -21.91 -14.47 -11.30
CA ASP A 250 -21.03 -14.24 -12.43
C ASP A 250 -21.50 -15.05 -13.63
N ASP A 251 -20.70 -15.11 -14.68
CA ASP A 251 -20.98 -15.99 -15.80
C ASP A 251 -20.98 -17.44 -15.35
N GLY A 252 -21.82 -18.24 -16.00
CA GLY A 252 -21.99 -19.62 -15.62
C GLY A 252 -23.02 -19.87 -14.54
N ILE A 253 -23.60 -18.81 -13.97
CA ILE A 253 -24.75 -18.94 -13.08
C ILE A 253 -25.87 -18.13 -13.71
N VAL A 254 -25.49 -17.06 -14.42
CA VAL A 254 -26.48 -16.18 -15.02
C VAL A 254 -27.04 -16.79 -16.29
N GLU A 255 -26.17 -17.33 -17.15
CA GLU A 255 -26.66 -17.91 -18.40
C GLU A 255 -27.34 -19.26 -18.20
N LYS A 256 -27.20 -19.86 -17.03
CA LYS A 256 -27.90 -21.11 -16.74
C LYS A 256 -29.26 -20.86 -16.12
N ALA A 257 -29.47 -19.69 -15.53
CA ALA A 257 -30.73 -19.37 -14.89
C ALA A 257 -31.82 -18.97 -15.88
N GLU A 258 -31.48 -18.78 -17.15
CA GLU A 258 -32.53 -18.43 -18.12
C GLU A 258 -33.35 -19.64 -18.53
N GLY A 259 -32.75 -20.83 -18.54
CA GLY A 259 -33.46 -22.01 -18.99
C GLY A 259 -34.55 -22.44 -18.04
N SER A 260 -34.40 -22.13 -16.76
CA SER A 260 -35.46 -22.32 -15.78
C SER A 260 -36.33 -21.08 -15.76
N THR A 261 -37.63 -21.28 -15.94
CA THR A 261 -38.61 -20.21 -15.80
C THR A 261 -39.15 -20.11 -14.38
N ASN A 262 -38.57 -20.84 -13.45
CA ASN A 262 -38.95 -20.80 -12.05
C ASN A 262 -37.69 -20.69 -11.20
N LEU A 263 -37.62 -19.67 -10.36
CA LEU A 263 -36.44 -19.39 -9.55
C LEU A 263 -36.85 -19.08 -8.12
N THR A 264 -36.20 -19.72 -7.17
CA THR A 264 -36.45 -19.48 -5.75
C THR A 264 -35.12 -19.22 -5.04
N LEU A 265 -35.23 -18.76 -3.80
CA LEU A 265 -34.07 -18.60 -2.93
C LEU A 265 -34.45 -19.03 -1.53
N PHE A 266 -33.51 -19.66 -0.84
CA PHE A 266 -33.67 -20.01 0.57
C PHE A 266 -32.30 -20.21 1.18
N VAL A 267 -32.29 -20.41 2.49
CA VAL A 267 -31.07 -20.69 3.24
C VAL A 267 -31.05 -22.15 3.64
N LEU A 268 -29.84 -22.69 3.75
CA LEU A 268 -29.59 -23.95 4.44
C LEU A 268 -28.58 -23.66 5.53
N GLU A 269 -28.90 -24.04 6.74
CA GLU A 269 -28.03 -23.74 7.86
C GLU A 269 -27.04 -24.87 8.07
N ASP A 270 -25.75 -24.52 8.04
CA ASP A 270 -24.67 -25.39 8.51
C ASP A 270 -23.98 -24.64 9.64
N GLU A 271 -23.08 -25.31 10.35
CA GLU A 271 -22.32 -24.67 11.43
C GLU A 271 -21.39 -23.64 10.81
N ARG A 272 -21.70 -22.36 11.06
CA ARG A 272 -21.09 -21.14 10.48
C ARG A 272 -20.91 -21.19 8.95
N HIS A 273 -21.80 -21.89 8.25
CA HIS A 273 -21.85 -21.86 6.78
C HIS A 273 -23.29 -21.58 6.39
N LYS A 274 -23.62 -20.32 6.13
CA LYS A 274 -24.97 -19.95 5.72
C LYS A 274 -25.02 -20.02 4.21
N PHE A 275 -25.50 -21.13 3.66
CA PHE A 275 -25.63 -21.25 2.22
C PHE A 275 -26.87 -20.53 1.72
N VAL A 276 -26.81 -20.01 0.50
CA VAL A 276 -27.93 -19.33 -0.15
C VAL A 276 -28.21 -20.06 -1.45
N CYS A 277 -29.21 -20.93 -1.46
CA CYS A 277 -29.45 -21.79 -2.60
C CYS A 277 -30.29 -21.08 -3.65
N LEU A 278 -29.90 -21.25 -4.91
CA LEU A 278 -30.68 -20.79 -6.06
C LEU A 278 -31.24 -22.02 -6.74
N ARG A 279 -32.50 -22.35 -6.45
CA ARG A 279 -33.14 -23.53 -7.01
C ARG A 279 -33.84 -23.19 -8.31
N GLY A 280 -33.65 -24.04 -9.32
CA GLY A 280 -34.22 -23.85 -10.63
C GLY A 280 -34.89 -25.13 -11.13
N ASP A 281 -34.77 -25.33 -12.44
CA ASP A 281 -35.43 -26.45 -13.09
C ASP A 281 -34.72 -27.77 -12.76
N ASP A 282 -33.40 -27.78 -12.84
CA ASP A 282 -32.61 -28.94 -12.42
C ASP A 282 -31.45 -28.60 -11.49
N PHE A 283 -30.98 -27.36 -11.48
CA PHE A 283 -29.77 -27.00 -10.76
C PHE A 283 -30.08 -26.58 -9.33
N THR A 284 -29.05 -26.59 -8.50
CA THR A 284 -29.11 -25.95 -7.18
C THR A 284 -27.70 -25.47 -6.89
N HIS A 285 -27.46 -24.18 -7.07
CA HIS A 285 -26.16 -23.57 -6.81
C HIS A 285 -26.23 -22.81 -5.50
N PRO A 286 -25.67 -23.34 -4.41
CA PRO A 286 -25.67 -22.56 -3.17
C PRO A 286 -24.48 -21.61 -3.07
N HIS A 287 -24.77 -20.32 -2.97
CA HIS A 287 -23.74 -19.32 -2.74
C HIS A 287 -23.38 -19.31 -1.26
N ASP A 288 -22.18 -19.78 -0.93
CA ASP A 288 -21.67 -19.64 0.43
C ASP A 288 -21.43 -18.17 0.73
N VAL A 289 -21.62 -17.79 1.98
CA VAL A 289 -21.62 -16.37 2.34
C VAL A 289 -20.37 -15.97 3.13
N THR A 290 -19.67 -16.92 3.77
CA THR A 290 -18.50 -16.57 4.55
C THR A 290 -17.24 -16.55 3.68
N THR A 291 -17.05 -17.58 2.89
CA THR A 291 -16.04 -17.61 1.83
C THR A 291 -16.83 -17.73 0.54
N GLY A 292 -17.01 -16.61 -0.16
CA GLY A 292 -18.07 -16.60 -1.14
C GLY A 292 -17.66 -17.23 -2.45
N GLN A 293 -17.99 -18.51 -2.59
CA GLN A 293 -17.66 -19.32 -3.75
C GLN A 293 -18.87 -20.16 -4.11
N TRP A 294 -19.21 -20.17 -5.39
CA TRP A 294 -20.33 -20.99 -5.85
C TRP A 294 -19.94 -22.46 -5.89
N CYS A 295 -20.89 -23.31 -5.53
CA CYS A 295 -20.69 -24.76 -5.61
C CYS A 295 -22.00 -25.37 -6.11
N GLU A 296 -22.15 -26.68 -5.98
CA GLU A 296 -23.31 -27.37 -6.51
C GLU A 296 -23.69 -28.55 -5.64
N PHE A 297 -24.94 -28.54 -5.17
CA PHE A 297 -25.53 -29.67 -4.45
C PHE A 297 -26.37 -30.47 -5.42
N LYS A 298 -26.15 -31.77 -5.47
CA LYS A 298 -26.92 -32.66 -6.34
C LYS A 298 -27.19 -33.98 -5.64
N SER A 299 -28.48 -34.28 -5.44
CA SER A 299 -28.92 -35.56 -4.90
C SER A 299 -28.94 -36.59 -6.01
N TYR A 300 -28.80 -37.86 -5.62
CA TYR A 300 -28.56 -38.92 -6.58
C TYR A 300 -29.85 -39.50 -7.13
N GLY A 301 -29.83 -39.88 -8.41
CA GLY A 301 -30.93 -40.61 -9.02
C GLY A 301 -32.08 -39.75 -9.45
N ARG A 302 -31.98 -38.43 -9.28
CA ARG A 302 -33.07 -37.50 -9.48
C ARG A 302 -32.62 -36.44 -10.47
N THR A 303 -33.44 -35.39 -10.60
CA THR A 303 -33.12 -34.28 -11.46
C THR A 303 -32.69 -33.04 -10.71
N ASN A 304 -32.82 -33.01 -9.38
CA ASN A 304 -32.50 -31.82 -8.61
C ASN A 304 -32.32 -32.23 -7.15
N PHE A 305 -31.53 -31.45 -6.42
CA PHE A 305 -31.38 -31.67 -4.99
C PHE A 305 -32.67 -31.27 -4.28
N ARG A 306 -33.28 -32.22 -3.58
CA ARG A 306 -34.62 -32.01 -3.02
C ARG A 306 -34.55 -31.16 -1.75
N ALA A 307 -35.20 -30.00 -1.79
CA ALA A 307 -35.29 -29.05 -0.68
C ALA A 307 -36.35 -28.02 -1.02
N THR A 308 -36.64 -27.16 -0.05
CA THR A 308 -37.59 -26.07 -0.21
C THR A 308 -37.12 -24.93 0.69
N ALA A 309 -38.03 -24.00 1.04
CA ALA A 309 -37.72 -22.87 1.92
C ALA A 309 -37.18 -23.29 3.29
N ASP A 310 -37.42 -24.52 3.70
CA ASP A 310 -36.77 -25.14 4.85
C ASP A 310 -36.31 -26.51 4.37
N PHE A 311 -35.99 -27.40 5.31
CA PHE A 311 -35.50 -28.73 4.97
C PHE A 311 -36.60 -29.68 4.51
N GLY A 312 -37.79 -29.19 4.15
CA GLY A 312 -38.83 -30.06 3.66
C GLY A 312 -38.54 -30.58 2.27
N ASP A 313 -39.22 -31.67 1.93
CA ASP A 313 -39.05 -32.29 0.63
C ASP A 313 -39.95 -31.60 -0.39
N ASP A 314 -39.71 -31.86 -1.67
CA ASP A 314 -40.64 -31.43 -2.71
C ASP A 314 -41.64 -32.50 -3.08
N GLU A 315 -41.71 -33.59 -2.33
CA GLU A 315 -42.48 -34.76 -2.68
C GLU A 315 -42.64 -35.63 -1.45
N THR A 316 -43.79 -36.28 -1.32
CA THR A 316 -44.19 -37.28 -0.32
C THR A 316 -44.31 -36.74 1.10
N GLY A 317 -44.05 -35.47 1.35
CA GLY A 317 -44.27 -34.91 2.66
C GLY A 317 -43.30 -35.33 3.73
N LYS A 318 -42.03 -34.94 3.59
CA LYS A 318 -40.99 -35.30 4.54
C LYS A 318 -40.18 -34.08 4.92
N ILE A 319 -39.66 -34.09 6.14
CA ILE A 319 -38.85 -33.01 6.70
C ILE A 319 -37.64 -33.67 7.37
N TRP A 320 -36.45 -33.08 7.20
CA TRP A 320 -35.26 -33.67 7.77
C TRP A 320 -34.36 -32.60 8.38
N ALA A 321 -33.12 -32.99 8.63
CA ALA A 321 -32.04 -32.11 9.02
C ALA A 321 -30.74 -32.70 8.48
N TRP A 322 -29.62 -32.09 8.84
CA TRP A 322 -28.32 -32.68 8.52
C TRP A 322 -27.97 -33.73 9.55
N GLY A 323 -27.44 -34.86 9.10
CA GLY A 323 -26.88 -35.79 10.05
C GLY A 323 -26.13 -36.97 9.48
N GLY A 324 -24.90 -37.16 9.95
CA GLY A 324 -24.14 -38.37 9.72
C GLY A 324 -23.82 -38.64 8.27
N TYR A 325 -23.73 -39.92 7.94
CA TYR A 325 -23.51 -40.38 6.57
C TYR A 325 -24.42 -41.59 6.38
N ASP A 326 -24.13 -42.39 5.34
CA ASP A 326 -24.75 -43.65 4.89
C ASP A 326 -26.27 -43.75 5.06
N ASP A 327 -26.98 -42.72 4.66
CA ASP A 327 -28.44 -42.70 4.73
C ASP A 327 -29.10 -42.59 3.37
N GLU A 328 -28.57 -41.74 2.49
CA GLU A 328 -29.13 -41.55 1.17
C GLU A 328 -28.58 -42.53 0.15
N GLY A 329 -27.85 -43.55 0.58
CA GLY A 329 -27.34 -44.56 -0.32
C GLY A 329 -26.05 -44.17 -0.99
N ILE A 330 -26.13 -43.30 -2.00
CA ILE A 330 -24.97 -42.90 -2.78
C ILE A 330 -24.89 -41.38 -2.77
N ILE A 331 -23.74 -40.85 -2.36
CA ILE A 331 -23.46 -39.42 -2.42
C ILE A 331 -22.30 -39.25 -3.38
N GLU A 332 -22.55 -38.58 -4.51
CA GLU A 332 -21.48 -38.33 -5.47
C GLU A 332 -20.75 -37.04 -5.13
N ARG A 333 -19.44 -37.07 -5.24
CA ARG A 333 -18.58 -35.94 -4.86
C ARG A 333 -17.46 -35.86 -5.90
N LEU A 334 -17.40 -34.74 -6.62
CA LEU A 334 -16.58 -34.63 -7.82
C LEU A 334 -15.89 -33.28 -7.84
N PHE A 335 -14.60 -33.28 -8.17
CA PHE A 335 -13.83 -32.06 -8.24
C PHE A 335 -12.87 -32.13 -9.42
N MET A 336 -12.24 -30.99 -9.73
CA MET A 336 -11.48 -30.83 -10.95
C MET A 336 -10.10 -30.28 -10.62
N ALA A 337 -9.10 -30.70 -11.42
CA ALA A 337 -7.73 -30.24 -11.26
C ALA A 337 -7.08 -30.15 -12.62
N GLY A 338 -6.64 -28.94 -13.00
CA GLY A 338 -6.12 -28.70 -14.33
C GLY A 338 -4.84 -27.88 -14.29
N ALA A 339 -4.16 -27.86 -15.43
CA ALA A 339 -2.80 -27.32 -15.50
C ALA A 339 -2.67 -26.02 -16.29
N ALA A 340 -3.51 -25.80 -17.30
CA ALA A 340 -3.39 -24.70 -18.28
C ALA A 340 -2.00 -24.71 -18.93
N LEU A 341 -1.60 -25.90 -19.33
CA LEU A 341 -0.28 -26.24 -19.83
C LEU A 341 -0.04 -25.66 -21.22
N GLU A 342 1.24 -25.55 -21.58
CA GLU A 342 1.62 -25.04 -22.89
C GLU A 342 2.69 -25.86 -23.61
N GLU A 343 3.51 -26.63 -22.92
CA GLU A 343 4.58 -27.42 -23.54
C GLU A 343 4.41 -28.90 -23.23
N ALA A 344 4.95 -29.74 -24.11
CA ALA A 344 4.82 -31.19 -23.97
C ALA A 344 5.60 -31.68 -22.77
N THR A 345 4.93 -32.39 -21.87
CA THR A 345 5.48 -32.80 -20.59
C THR A 345 5.51 -34.32 -20.48
N GLN A 346 6.06 -34.79 -19.35
CA GLN A 346 6.10 -36.21 -19.00
C GLN A 346 5.51 -36.32 -17.60
N ILE A 347 4.19 -36.45 -17.52
CA ILE A 347 3.51 -36.64 -16.24
C ILE A 347 3.69 -38.10 -15.85
N ASP A 348 4.59 -38.36 -14.91
CA ASP A 348 4.90 -39.71 -14.48
C ASP A 348 4.06 -40.13 -13.27
N ASN A 349 3.35 -39.19 -12.67
CA ASN A 349 2.70 -39.47 -11.39
C ASN A 349 1.60 -38.44 -11.20
N ILE A 350 0.68 -38.74 -10.28
CA ILE A 350 -0.32 -37.78 -9.81
C ILE A 350 -0.72 -38.23 -8.41
N ARG A 351 -1.04 -37.29 -7.54
CA ARG A 351 -1.09 -37.56 -6.12
C ARG A 351 -2.24 -36.80 -5.48
N LEU A 352 -2.88 -37.41 -4.49
CA LEU A 352 -3.86 -36.75 -3.66
C LEU A 352 -3.38 -36.76 -2.21
N THR A 353 -3.78 -35.75 -1.45
CA THR A 353 -3.59 -35.73 0.01
C THR A 353 -4.97 -35.61 0.61
N CYS A 354 -5.62 -36.75 0.78
CA CYS A 354 -6.98 -36.85 1.27
C CYS A 354 -6.97 -37.41 2.69
N GLU A 355 -8.15 -37.66 3.23
CA GLU A 355 -8.24 -38.45 4.45
C GLU A 355 -8.36 -39.92 4.07
N VAL A 356 -7.64 -40.76 4.80
CA VAL A 356 -7.29 -42.10 4.32
C VAL A 356 -7.69 -43.13 5.36
N GLY A 357 -8.54 -44.07 4.95
CA GLY A 357 -8.78 -45.27 5.72
C GLY A 357 -9.53 -45.07 7.02
N THR A 358 -10.54 -44.23 7.02
CA THR A 358 -11.35 -44.00 8.22
C THR A 358 -12.79 -44.43 8.04
N THR A 359 -13.03 -45.41 7.17
CA THR A 359 -14.37 -45.93 6.99
C THR A 359 -14.78 -46.76 8.22
N PRO A 360 -16.03 -46.66 8.65
CA PRO A 360 -16.49 -47.45 9.80
C PRO A 360 -17.07 -48.81 9.45
N ASN A 361 -16.94 -49.25 8.21
CA ASN A 361 -17.58 -50.47 7.74
C ASN A 361 -16.61 -51.63 7.77
N LEU A 362 -17.11 -52.78 8.21
CA LEU A 362 -16.30 -54.00 8.21
C LEU A 362 -17.01 -55.14 7.50
N VAL A 363 -18.33 -55.15 7.51
CA VAL A 363 -19.12 -56.04 6.68
C VAL A 363 -19.73 -55.22 5.56
N GLY A 364 -20.09 -55.90 4.48
CA GLY A 364 -20.70 -55.24 3.33
C GLY A 364 -19.67 -54.90 2.27
N ILE A 365 -20.17 -54.22 1.24
CA ILE A 365 -19.36 -53.90 0.07
C ILE A 365 -18.61 -52.58 0.17
N TYR A 366 -18.83 -51.82 1.25
CA TYR A 366 -18.22 -50.51 1.38
C TYR A 366 -17.00 -50.53 2.31
N THR A 367 -16.27 -51.65 2.36
CA THR A 367 -15.09 -51.71 3.21
C THR A 367 -13.88 -51.06 2.56
N ASP A 368 -13.92 -50.81 1.25
CA ASP A 368 -12.89 -50.08 0.50
C ASP A 368 -13.60 -49.16 -0.48
N PRO A 369 -13.51 -47.83 -0.29
CA PRO A 369 -14.37 -46.91 -1.07
C PRO A 369 -14.01 -46.81 -2.55
N THR A 370 -12.72 -46.83 -2.90
CA THR A 370 -12.20 -46.95 -4.27
C THR A 370 -12.69 -45.83 -5.19
N LEU A 371 -12.19 -44.62 -4.94
CA LEU A 371 -12.39 -43.52 -5.88
C LEU A 371 -11.64 -43.78 -7.19
N GLU A 372 -11.99 -43.01 -8.21
CA GLU A 372 -11.49 -43.24 -9.56
C GLU A 372 -11.33 -41.92 -10.29
N MET A 373 -10.28 -41.82 -11.12
CA MET A 373 -9.97 -40.61 -11.88
C MET A 373 -10.01 -40.87 -13.37
N ARG A 374 -9.88 -39.80 -14.14
CA ARG A 374 -10.19 -39.83 -15.56
C ARG A 374 -9.36 -38.78 -16.28
N PHE A 375 -8.61 -39.20 -17.30
CA PHE A 375 -7.81 -38.30 -18.12
C PHE A 375 -8.70 -37.42 -18.97
N SER A 376 -8.09 -36.42 -19.59
CA SER A 376 -8.75 -35.74 -20.69
C SER A 376 -7.72 -35.10 -21.59
N TYR A 377 -8.08 -34.97 -22.85
CA TYR A 377 -7.43 -34.07 -23.78
C TYR A 377 -8.42 -32.94 -24.08
N ASP A 378 -8.05 -32.10 -25.05
CA ASP A 378 -8.88 -31.10 -25.76
C ASP A 378 -9.92 -30.37 -24.90
N ALA A 379 -9.46 -29.91 -23.73
CA ALA A 379 -10.20 -29.04 -22.81
C ALA A 379 -11.48 -29.67 -22.30
N GLY A 380 -11.51 -31.00 -22.18
CA GLY A 380 -12.64 -31.67 -21.58
C GLY A 380 -13.81 -31.93 -22.50
N ASN A 381 -13.65 -31.73 -23.81
CA ASN A 381 -14.72 -32.05 -24.75
C ASN A 381 -14.83 -33.53 -25.04
N THR A 382 -13.80 -34.30 -24.73
CA THR A 382 -13.91 -35.75 -24.69
C THR A 382 -12.98 -36.26 -23.61
N TRP A 383 -13.21 -37.50 -23.19
CA TRP A 383 -12.58 -38.04 -21.99
C TRP A 383 -11.97 -39.39 -22.29
N GLU A 384 -11.50 -40.07 -21.25
CA GLU A 384 -10.87 -41.38 -21.36
C GLU A 384 -11.48 -42.30 -20.30
N ASP A 385 -10.92 -43.49 -20.19
CA ASP A 385 -11.44 -44.48 -19.24
C ASP A 385 -11.03 -44.11 -17.82
N TRP A 386 -11.77 -44.67 -16.86
CA TRP A 386 -11.45 -44.46 -15.46
C TRP A 386 -10.23 -45.26 -15.05
N GLU A 387 -9.48 -44.72 -14.09
CA GLU A 387 -8.42 -45.44 -13.39
C GLU A 387 -8.73 -45.36 -11.91
N ALA A 388 -9.02 -46.50 -11.29
CA ALA A 388 -9.50 -46.53 -9.91
C ALA A 388 -8.40 -46.99 -8.98
N GLU A 389 -8.29 -46.33 -7.83
CA GLU A 389 -7.44 -46.78 -6.75
C GLU A 389 -8.24 -46.85 -5.47
N THR A 390 -7.89 -47.81 -4.63
CA THR A 390 -8.58 -47.99 -3.36
C THR A 390 -8.17 -46.90 -2.38
N LEU A 391 -8.88 -46.85 -1.26
CA LEU A 391 -8.60 -45.89 -0.21
C LEU A 391 -8.13 -46.58 1.07
N GLY A 392 -8.19 -47.89 1.13
CA GLY A 392 -7.72 -48.65 2.27
C GLY A 392 -8.82 -49.01 3.24
N ALA A 393 -8.59 -50.05 4.02
CA ALA A 393 -9.53 -50.46 5.04
C ALA A 393 -9.37 -49.59 6.28
N GLN A 394 -10.14 -49.91 7.32
CA GLN A 394 -10.14 -49.11 8.53
C GLN A 394 -8.85 -49.35 9.31
N GLY A 395 -8.26 -48.27 9.81
CA GLY A 395 -7.05 -48.37 10.60
C GLY A 395 -5.77 -48.21 9.81
N LYS A 396 -5.85 -48.28 8.48
CA LYS A 396 -4.68 -48.09 7.63
C LYS A 396 -4.63 -46.60 7.28
N TYR A 397 -4.02 -45.82 8.16
CA TYR A 397 -3.94 -44.37 8.00
C TYR A 397 -2.82 -43.94 7.08
N ARG A 398 -2.03 -44.87 6.56
CA ARG A 398 -0.86 -44.57 5.73
C ARG A 398 -1.00 -45.28 4.40
N GLN A 399 -1.69 -44.65 3.46
CA GLN A 399 -1.89 -45.20 2.12
C GLN A 399 -1.91 -44.08 1.12
N ARG A 400 -0.85 -43.99 0.31
CA ARG A 400 -0.77 -43.01 -0.77
C ARG A 400 -1.74 -43.40 -1.87
N VAL A 401 -2.46 -42.42 -2.40
CA VAL A 401 -3.35 -42.68 -3.53
C VAL A 401 -2.77 -42.05 -4.80
N GLU A 402 -2.18 -42.88 -5.67
CA GLU A 402 -1.45 -42.34 -6.80
C GLU A 402 -1.59 -43.24 -8.03
N TRP A 403 -1.28 -42.66 -9.18
CA TRP A 403 -1.34 -43.30 -10.48
C TRP A 403 0.00 -43.04 -11.16
N ARG A 404 0.56 -44.06 -11.82
CA ARG A 404 1.99 -44.03 -12.10
C ARG A 404 2.38 -44.14 -13.58
N ALA A 405 1.44 -44.28 -14.50
CA ALA A 405 1.82 -44.53 -15.90
C ALA A 405 1.02 -43.64 -16.85
N LEU A 406 1.03 -42.33 -16.59
CA LEU A 406 0.08 -41.44 -17.27
C LEU A 406 0.48 -41.16 -18.72
N GLY A 407 1.64 -40.55 -18.96
CA GLY A 407 2.18 -40.39 -20.30
C GLY A 407 2.38 -38.91 -20.64
N MET A 408 2.13 -38.58 -21.91
CA MET A 408 2.43 -37.27 -22.47
C MET A 408 1.16 -36.44 -22.58
N PHE A 409 1.30 -35.13 -22.42
CA PHE A 409 0.17 -34.20 -22.50
C PHE A 409 0.53 -33.02 -23.40
N ASP A 410 0.08 -33.11 -24.65
CA ASP A 410 0.31 -32.14 -25.72
C ASP A 410 -0.93 -31.29 -25.92
N ASP A 411 -1.19 -30.37 -25.01
CA ASP A 411 -2.53 -29.82 -24.95
C ASP A 411 -2.44 -28.32 -24.71
N PRO A 412 -3.53 -27.58 -24.89
CA PRO A 412 -3.69 -26.31 -24.17
C PRO A 412 -3.84 -26.45 -22.66
N GLY A 413 -4.02 -27.67 -22.15
CA GLY A 413 -3.90 -27.95 -20.73
C GLY A 413 -4.34 -29.34 -20.34
N ALA A 414 -3.53 -30.03 -19.54
CA ALA A 414 -3.95 -31.29 -18.98
C ALA A 414 -5.03 -31.04 -17.93
N LEU A 415 -6.02 -31.92 -17.89
CA LEU A 415 -7.27 -31.60 -17.20
C LEU A 415 -7.84 -32.91 -16.67
N PHE A 416 -7.83 -33.08 -15.35
CA PHE A 416 -8.23 -34.34 -14.73
C PHE A 416 -9.59 -34.20 -14.04
N GLN A 417 -10.12 -35.34 -13.60
CA GLN A 417 -11.45 -35.37 -12.98
C GLN A 417 -11.51 -36.56 -12.03
N PHE A 418 -11.82 -36.31 -10.77
CA PHE A 418 -11.88 -37.32 -9.73
C PHE A 418 -13.31 -37.49 -9.25
N ARG A 419 -13.64 -38.69 -8.77
CA ARG A 419 -14.99 -38.95 -8.30
C ARG A 419 -14.99 -40.06 -7.26
N ILE A 420 -15.71 -39.83 -6.16
CA ILE A 420 -16.05 -40.88 -5.22
C ILE A 420 -17.57 -40.84 -5.00
N THR A 421 -18.22 -41.98 -5.18
CA THR A 421 -19.67 -42.12 -5.04
C THR A 421 -19.91 -43.17 -3.97
N ASP A 422 -19.85 -42.75 -2.71
CA ASP A 422 -19.71 -43.70 -1.62
C ASP A 422 -19.99 -42.99 -0.31
N PRO A 423 -20.62 -43.66 0.66
CA PRO A 423 -21.04 -42.97 1.90
C PRO A 423 -19.91 -42.53 2.83
N VAL A 424 -18.65 -42.86 2.54
CA VAL A 424 -17.55 -42.49 3.42
C VAL A 424 -17.28 -41.00 3.30
N SER A 425 -17.00 -40.37 4.44
CA SER A 425 -16.61 -38.95 4.47
C SER A 425 -15.32 -38.74 3.70
N PHE A 426 -15.21 -37.56 3.08
CA PHE A 426 -14.10 -37.28 2.17
C PHE A 426 -13.57 -35.88 2.42
N ARG A 427 -12.26 -35.75 2.36
CA ARG A 427 -11.52 -34.53 2.62
C ARG A 427 -10.47 -34.40 1.52
N LEU A 428 -10.10 -33.17 1.19
CA LEU A 428 -8.93 -32.97 0.32
C LEU A 428 -8.24 -31.66 0.66
N SER A 429 -6.93 -31.72 0.83
CA SER A 429 -6.10 -30.56 1.11
C SER A 429 -5.32 -30.10 -0.11
N ASP A 430 -4.48 -30.97 -0.68
CA ASP A 430 -3.57 -30.61 -1.75
C ASP A 430 -3.49 -31.75 -2.76
N VAL A 431 -2.95 -31.46 -3.94
CA VAL A 431 -2.54 -32.47 -4.89
C VAL A 431 -1.06 -32.25 -5.21
N GLN A 432 -0.43 -33.26 -5.80
CA GLN A 432 0.95 -33.16 -6.23
C GLN A 432 1.11 -33.78 -7.62
N ALA A 433 1.81 -33.07 -8.50
CA ALA A 433 2.04 -33.61 -9.84
C ALA A 433 3.18 -34.62 -9.84
N ASN A 434 4.39 -34.17 -9.54
CA ASN A 434 5.54 -35.05 -9.49
C ASN A 434 6.13 -35.03 -8.09
N ALA A 435 6.31 -36.22 -7.52
CA ALA A 435 6.88 -36.36 -6.19
C ALA A 435 7.99 -37.40 -6.24
N ALA A 436 8.64 -37.63 -5.11
CA ALA A 436 9.72 -38.60 -5.01
C ALA A 436 9.29 -39.81 -4.19
N THR A 437 10.18 -40.78 -4.09
CA THR A 437 9.89 -42.08 -3.49
C THR A 437 10.74 -42.29 -2.25
N GLY A 438 10.19 -42.00 -1.08
CA GLY A 438 10.73 -42.43 0.19
C GLY A 438 9.65 -43.20 0.91
N GLY A 439 9.93 -43.73 2.10
CA GLY A 439 8.87 -44.45 2.80
C GLY A 439 9.37 -45.46 3.81
N ARG A 440 8.49 -45.72 4.78
CA ARG A 440 8.64 -46.80 5.75
C ARG A 440 7.26 -47.42 5.92
N GLN A 441 6.96 -48.44 5.11
CA GLN A 441 5.73 -49.24 5.16
C GLN A 441 4.47 -48.37 5.01
N ARG A 442 4.36 -47.74 3.84
CA ARG A 442 3.17 -46.96 3.50
C ARG A 442 2.98 -46.89 1.99
N MET B 1 5.97 -17.44 -26.56
CA MET B 1 5.74 -16.26 -25.74
C MET B 1 4.24 -15.93 -25.72
N LYS B 2 3.92 -14.65 -25.59
CA LYS B 2 2.53 -14.22 -25.54
C LYS B 2 2.46 -12.78 -26.00
N ILE B 3 1.75 -12.53 -27.09
CA ILE B 3 1.69 -11.22 -27.73
C ILE B 3 0.46 -10.51 -27.21
N PRO B 4 0.56 -9.25 -26.79
CA PRO B 4 -0.60 -8.54 -26.21
C PRO B 4 -1.61 -8.14 -27.28
N TYR B 5 -2.74 -8.82 -27.31
CA TYR B 5 -3.81 -8.48 -28.22
C TYR B 5 -4.70 -7.41 -27.60
N GLY B 6 -5.22 -6.52 -28.46
CA GLY B 6 -5.91 -5.34 -27.96
C GLY B 6 -7.29 -5.66 -27.42
N LEU B 7 -7.65 -4.94 -26.35
CA LEU B 7 -8.93 -5.15 -25.68
C LEU B 7 -9.95 -4.06 -25.96
N GLY B 8 -9.54 -2.96 -26.60
CA GLY B 8 -10.45 -1.87 -26.91
C GLY B 8 -10.42 -1.52 -28.39
N ALA B 9 -11.34 -0.64 -28.75
CA ALA B 9 -11.45 -0.15 -30.14
C ALA B 9 -10.81 1.23 -30.19
N TYR B 10 -9.50 1.25 -30.33
CA TYR B 10 -8.73 2.50 -30.33
C TYR B 10 -8.25 2.79 -31.75
N THR B 11 -8.97 3.68 -32.43
CA THR B 11 -8.58 4.17 -33.76
C THR B 11 -8.61 5.70 -33.72
N ARG B 12 -7.43 6.28 -33.51
CA ARG B 12 -7.28 7.73 -33.51
C ARG B 12 -6.52 8.17 -34.76
N ASN B 13 -7.07 9.16 -35.46
CA ASN B 13 -6.51 9.61 -36.72
C ASN B 13 -5.95 11.02 -36.62
N ARG B 14 -5.73 11.52 -35.41
CA ARG B 14 -5.01 12.77 -35.18
C ARG B 14 -3.59 12.63 -35.69
N GLY B 15 -2.81 11.77 -35.05
CA GLY B 15 -1.63 11.22 -35.66
C GLY B 15 -2.00 9.99 -36.47
N ASN B 16 -1.00 9.39 -37.10
CA ASN B 16 -1.21 8.15 -37.84
C ASN B 16 -0.89 6.96 -36.94
N LEU B 17 -1.67 6.87 -35.86
CA LEU B 17 -1.50 5.90 -34.81
C LEU B 17 -1.92 4.50 -35.28
N PRO B 18 -1.29 3.46 -34.75
CA PRO B 18 -1.67 2.09 -35.10
C PRO B 18 -3.08 1.77 -34.62
N PRO B 19 -3.98 1.42 -35.54
CA PRO B 19 -5.41 1.31 -35.20
C PRO B 19 -5.85 -0.07 -34.69
N LEU B 20 -5.52 -0.38 -33.44
CA LEU B 20 -6.00 -1.62 -32.86
C LEU B 20 -7.47 -1.48 -32.49
N GLU B 21 -8.28 -2.44 -32.91
CA GLU B 21 -9.73 -2.31 -32.78
C GLU B 21 -10.38 -3.69 -32.69
N LEU B 22 -11.56 -3.71 -32.11
CA LEU B 22 -12.42 -4.88 -32.07
C LEU B 22 -13.64 -4.66 -32.94
N ILE B 23 -14.09 -5.73 -33.58
CA ILE B 23 -15.31 -5.73 -34.38
C ILE B 23 -16.17 -6.89 -33.91
N ASN B 24 -17.35 -6.58 -33.36
CA ASN B 24 -18.34 -7.56 -32.88
C ASN B 24 -17.76 -8.50 -31.83
N LEU B 25 -16.82 -8.04 -31.02
CA LEU B 25 -16.18 -8.84 -30.00
C LEU B 25 -16.02 -7.99 -28.75
N PHE B 26 -16.44 -8.52 -27.61
CA PHE B 26 -16.33 -7.80 -26.35
C PHE B 26 -15.54 -8.64 -25.35
N VAL B 27 -15.11 -7.99 -24.28
CA VAL B 27 -14.20 -8.59 -23.31
C VAL B 27 -14.98 -8.92 -22.05
N GLU B 28 -14.82 -10.14 -21.54
CA GLU B 28 -15.31 -10.46 -20.22
C GLU B 28 -14.27 -11.30 -19.49
N LYS B 29 -14.47 -11.46 -18.19
CA LYS B 29 -13.60 -12.28 -17.37
C LYS B 29 -14.06 -13.74 -17.40
N SER B 30 -13.22 -14.63 -16.88
CA SER B 30 -13.59 -16.01 -16.67
C SER B 30 -12.80 -16.53 -15.48
N ASP B 31 -12.80 -17.85 -15.31
CA ASP B 31 -12.07 -18.48 -14.22
C ASP B 31 -11.13 -19.57 -14.67
N SER B 32 -11.50 -20.34 -15.70
CA SER B 32 -10.59 -21.33 -16.27
C SER B 32 -9.49 -20.64 -17.08
N GLN B 33 -9.86 -19.87 -18.09
CA GLN B 33 -8.95 -18.94 -18.71
C GLN B 33 -8.99 -17.61 -17.96
N GLY B 34 -7.95 -16.80 -18.16
CA GLY B 34 -7.92 -15.53 -17.49
C GLY B 34 -8.82 -14.47 -18.10
N VAL B 35 -8.49 -14.02 -19.30
CA VAL B 35 -9.19 -12.96 -20.00
C VAL B 35 -9.54 -13.48 -21.38
N ILE B 36 -10.78 -13.25 -21.83
CA ILE B 36 -11.32 -13.92 -22.99
C ILE B 36 -11.98 -12.89 -23.91
N LEU B 37 -11.97 -13.18 -25.21
CA LEU B 37 -12.77 -12.46 -26.20
C LEU B 37 -13.91 -13.35 -26.64
N GLN B 38 -15.14 -12.82 -26.63
CA GLN B 38 -16.31 -13.59 -27.00
C GLN B 38 -17.06 -12.94 -28.16
N SER B 39 -17.80 -13.77 -28.89
CA SER B 39 -18.48 -13.35 -30.10
C SER B 39 -19.77 -12.60 -29.78
N ARG B 40 -20.37 -12.06 -30.83
CA ARG B 40 -21.63 -11.34 -30.74
C ARG B 40 -22.72 -12.23 -31.32
N LYS B 41 -23.83 -12.36 -30.59
CA LYS B 41 -24.90 -13.25 -30.99
C LYS B 41 -25.63 -12.69 -32.20
N ALA B 42 -26.12 -13.58 -33.06
CA ALA B 42 -26.80 -13.12 -34.26
C ALA B 42 -28.22 -12.65 -33.92
N LEU B 43 -28.78 -11.86 -34.83
CA LEU B 43 -30.10 -11.28 -34.64
C LEU B 43 -31.16 -12.14 -35.30
N VAL B 44 -32.38 -12.10 -34.76
CA VAL B 44 -33.47 -12.96 -35.17
C VAL B 44 -34.62 -12.09 -35.67
N GLU B 45 -35.79 -12.70 -35.87
CA GLU B 45 -37.03 -11.96 -36.05
C GLU B 45 -38.03 -12.43 -35.00
N VAL B 46 -38.55 -11.49 -34.20
CA VAL B 46 -39.49 -11.80 -33.13
C VAL B 46 -40.89 -11.31 -33.45
N ALA B 47 -41.05 -10.00 -33.67
CA ALA B 47 -42.35 -9.42 -33.95
C ALA B 47 -42.26 -8.53 -35.17
N ASP B 48 -43.27 -8.60 -36.03
CA ASP B 48 -43.30 -7.82 -37.26
C ASP B 48 -44.56 -6.99 -37.29
N VAL B 49 -44.41 -5.69 -37.58
CA VAL B 49 -45.51 -4.75 -37.63
C VAL B 49 -45.46 -4.08 -38.99
N GLY B 50 -46.30 -3.06 -39.19
CA GLY B 50 -46.30 -2.34 -40.46
C GLY B 50 -45.00 -1.59 -40.68
N ALA B 51 -44.68 -1.36 -41.94
CA ALA B 51 -43.36 -0.91 -42.34
C ALA B 51 -43.15 0.56 -41.96
N GLY B 52 -41.91 1.01 -42.15
CA GLY B 52 -41.46 2.30 -41.69
C GLY B 52 -40.39 2.16 -40.64
N PRO B 53 -39.67 3.23 -40.34
CA PRO B 53 -38.67 3.16 -39.27
C PRO B 53 -39.33 3.12 -37.90
N VAL B 54 -39.00 2.09 -37.13
CA VAL B 54 -39.47 2.00 -35.75
C VAL B 54 -38.73 3.00 -34.89
N ARG B 55 -39.49 3.83 -34.17
CA ARG B 55 -38.91 4.89 -33.37
C ARG B 55 -38.88 4.55 -31.88
N ALA B 56 -39.96 3.99 -31.33
CA ALA B 56 -39.98 3.61 -29.93
C ALA B 56 -41.01 2.52 -29.73
N THR B 57 -40.65 1.52 -28.92
CA THR B 57 -41.53 0.39 -28.62
C THR B 57 -41.69 0.25 -27.11
N PHE B 58 -42.61 -0.63 -26.73
CA PHE B 58 -43.00 -0.79 -25.34
C PHE B 58 -43.82 -2.06 -25.15
N GLN B 59 -43.45 -2.90 -24.19
CA GLN B 59 -44.34 -3.92 -23.67
C GLN B 59 -43.91 -4.26 -22.25
N LYS B 60 -44.88 -4.64 -21.43
CA LYS B 60 -44.64 -5.07 -20.05
C LYS B 60 -45.52 -6.29 -19.80
N ASP B 61 -45.68 -6.64 -18.54
CA ASP B 61 -46.50 -7.77 -18.16
C ASP B 61 -47.74 -7.39 -17.37
N GLY B 62 -47.69 -6.29 -16.62
CA GLY B 62 -48.80 -5.83 -15.83
C GLY B 62 -49.68 -4.78 -16.48
N VAL B 63 -49.50 -4.51 -17.77
CA VAL B 63 -50.36 -3.59 -18.50
C VAL B 63 -50.90 -4.30 -19.73
N PHE B 64 -52.24 -4.43 -19.79
CA PHE B 64 -53.01 -4.89 -20.95
C PHE B 64 -52.65 -6.31 -21.37
N GLY B 65 -52.13 -7.13 -20.46
CA GLY B 65 -51.79 -8.49 -20.76
C GLY B 65 -50.50 -8.70 -21.52
N GLY B 66 -49.81 -7.64 -21.90
CA GLY B 66 -48.57 -7.73 -22.63
C GLY B 66 -48.63 -7.37 -24.10
N ASP B 67 -49.52 -6.47 -24.49
CA ASP B 67 -49.68 -6.14 -25.90
C ASP B 67 -48.57 -5.19 -26.35
N ARG B 68 -47.99 -5.49 -27.51
CA ARG B 68 -46.79 -4.80 -27.99
C ARG B 68 -47.19 -3.46 -28.58
N PHE B 69 -46.82 -2.37 -27.91
CA PHE B 69 -47.07 -1.02 -28.41
C PHE B 69 -45.84 -0.52 -29.15
N THR B 70 -46.02 -0.15 -30.41
CA THR B 70 -44.91 0.36 -31.22
C THR B 70 -45.36 1.59 -31.99
N LEU B 71 -44.37 2.35 -32.46
CA LEU B 71 -44.60 3.52 -33.29
C LEU B 71 -43.77 3.32 -34.55
N SER B 72 -44.36 2.68 -35.55
CA SER B 72 -43.70 2.42 -36.81
C SER B 72 -44.13 3.48 -37.81
N GLY B 73 -43.17 4.19 -38.38
CA GLY B 73 -43.48 5.21 -39.36
C GLY B 73 -44.19 6.41 -38.78
N ASP B 74 -45.49 6.52 -39.06
CA ASP B 74 -46.24 7.71 -38.65
C ASP B 74 -47.47 7.33 -37.83
N GLU B 75 -47.61 6.05 -37.48
CA GLU B 75 -48.85 5.59 -36.88
C GLU B 75 -48.53 4.46 -35.92
N PHE B 76 -49.43 4.24 -34.95
CA PHE B 76 -49.25 3.15 -34.00
C PHE B 76 -49.42 1.79 -34.65
N TYR B 77 -49.05 0.77 -33.89
CA TYR B 77 -49.59 -0.57 -34.00
C TYR B 77 -49.68 -1.19 -32.61
N ARG B 78 -50.89 -1.53 -32.19
CA ARG B 78 -51.11 -2.35 -31.00
C ARG B 78 -51.33 -3.76 -31.56
N GLY B 79 -50.27 -4.56 -31.57
CA GLY B 79 -50.33 -5.81 -32.29
C GLY B 79 -50.28 -5.56 -33.78
N ALA B 80 -51.41 -5.74 -34.46
CA ALA B 80 -51.53 -5.36 -35.86
C ALA B 80 -52.66 -4.37 -36.12
N THR B 81 -53.31 -3.86 -35.08
CA THR B 81 -54.35 -2.85 -35.26
C THR B 81 -53.75 -1.45 -35.34
N LEU B 82 -54.41 -0.57 -36.08
CA LEU B 82 -53.75 0.64 -36.56
C LEU B 82 -53.69 1.73 -35.50
N LEU B 83 -54.78 1.99 -34.78
CA LEU B 83 -54.84 2.91 -33.63
C LEU B 83 -54.44 4.34 -33.97
N GLY B 84 -54.97 4.87 -35.07
CA GLY B 84 -54.77 6.28 -35.36
C GLY B 84 -53.37 6.61 -35.87
N THR B 85 -52.95 7.85 -35.64
CA THR B 85 -51.69 8.36 -36.17
C THR B 85 -51.04 9.29 -35.16
N VAL B 86 -49.79 9.66 -35.44
CA VAL B 86 -48.98 10.54 -34.61
C VAL B 86 -48.53 11.69 -35.50
N ALA B 87 -48.40 12.89 -34.91
CA ALA B 87 -47.78 13.98 -35.65
C ALA B 87 -46.27 13.73 -35.80
N GLY B 88 -45.64 14.51 -36.68
CA GLY B 88 -44.22 14.34 -36.94
C GLY B 88 -43.36 15.04 -35.89
N GLY B 89 -42.23 14.41 -35.58
CA GLY B 89 -41.36 14.96 -34.57
C GLY B 89 -39.98 14.35 -34.58
N GLY B 90 -39.22 14.65 -33.52
CA GLY B 90 -37.83 14.26 -33.44
C GLY B 90 -37.51 12.95 -32.74
N GLN B 91 -37.97 12.79 -31.51
CA GLN B 91 -37.66 11.60 -30.72
C GLN B 91 -38.91 11.16 -29.96
N ALA B 92 -39.20 9.87 -30.00
CA ALA B 92 -40.44 9.34 -29.43
C ALA B 92 -40.20 8.81 -28.02
N ARG B 93 -41.32 8.57 -27.33
CA ARG B 93 -41.32 8.13 -25.94
C ARG B 93 -42.70 7.58 -25.56
N ILE B 94 -42.75 6.42 -24.91
CA ILE B 94 -44.01 5.80 -24.51
C ILE B 94 -44.04 5.69 -23.00
N VAL B 95 -45.09 6.22 -22.38
CA VAL B 95 -45.24 6.30 -20.94
C VAL B 95 -46.57 5.65 -20.57
N SER B 96 -46.57 4.79 -19.55
CA SER B 96 -47.82 4.22 -19.10
C SER B 96 -47.77 3.90 -17.62
N ASN B 97 -48.94 3.94 -17.00
CA ASN B 97 -49.12 3.47 -15.62
C ASN B 97 -49.98 2.23 -15.51
N GLY B 98 -50.45 1.69 -16.64
CA GLY B 98 -51.29 0.51 -16.60
C GLY B 98 -52.72 0.75 -17.03
N LEU B 99 -53.25 1.92 -16.71
CA LEU B 99 -54.60 2.28 -17.13
C LEU B 99 -54.63 3.17 -18.36
N GLU B 100 -53.49 3.67 -18.81
CA GLU B 100 -53.42 4.56 -19.95
C GLU B 100 -52.00 4.59 -20.48
N VAL B 101 -51.86 4.63 -21.81
CA VAL B 101 -50.57 4.56 -22.49
C VAL B 101 -50.40 5.85 -23.28
N LEU B 102 -49.43 6.66 -22.89
CA LEU B 102 -49.17 7.91 -23.60
C LEU B 102 -48.12 7.70 -24.67
N VAL B 103 -47.94 8.72 -25.52
CA VAL B 103 -46.91 8.70 -26.54
C VAL B 103 -46.51 10.15 -26.79
N ASN B 104 -45.40 10.35 -27.49
CA ASN B 104 -44.96 11.70 -27.79
C ASN B 104 -44.19 11.70 -29.11
N ALA B 105 -44.00 12.91 -29.62
CA ALA B 105 -43.06 13.26 -30.67
C ALA B 105 -42.61 14.67 -30.33
N GLY B 106 -42.09 15.40 -31.31
CA GLY B 106 -41.90 16.82 -31.10
C GLY B 106 -43.19 17.62 -31.02
N GLY B 107 -44.30 17.06 -31.49
CA GLY B 107 -45.53 17.82 -31.56
C GLY B 107 -46.57 17.72 -30.45
N LEU B 108 -47.10 16.54 -30.15
CA LEU B 108 -48.31 16.46 -29.35
C LEU B 108 -48.28 15.28 -28.40
N VAL B 109 -49.23 15.28 -27.46
CA VAL B 109 -49.38 14.23 -26.45
C VAL B 109 -50.70 13.51 -26.71
N TYR B 110 -50.63 12.20 -26.94
CA TYR B 110 -51.79 11.39 -27.30
C TYR B 110 -52.01 10.33 -26.24
N SER B 111 -53.18 10.34 -25.60
CA SER B 111 -53.44 9.37 -24.56
C SER B 111 -54.25 8.20 -25.12
N TYR B 112 -54.51 7.21 -24.27
CA TYR B 112 -55.14 5.97 -24.68
C TYR B 112 -55.81 5.36 -23.46
N ASN B 113 -56.83 4.55 -23.69
CA ASN B 113 -57.55 3.85 -22.64
C ASN B 113 -58.05 2.54 -23.25
N GLY B 114 -59.12 1.99 -22.66
CA GLY B 114 -59.64 0.69 -23.11
C GLY B 114 -60.04 0.66 -24.57
N THR B 115 -60.71 1.71 -25.05
CA THR B 115 -61.17 1.68 -26.43
C THR B 115 -60.99 2.95 -27.24
N ASN B 116 -60.55 4.06 -26.65
CA ASN B 116 -60.47 5.34 -27.35
C ASN B 116 -59.02 5.76 -27.48
N PHE B 117 -58.72 6.56 -28.51
CA PHE B 117 -57.39 7.12 -28.74
C PHE B 117 -57.56 8.51 -29.34
N ILE B 118 -57.56 9.53 -28.48
CA ILE B 118 -57.68 10.93 -28.89
C ILE B 118 -56.65 11.76 -28.13
N ASN B 119 -56.71 13.08 -28.34
CA ASN B 119 -55.73 14.00 -27.80
C ASN B 119 -55.85 14.12 -26.28
N ALA B 120 -54.70 14.09 -25.59
CA ALA B 120 -54.70 14.20 -24.14
C ALA B 120 -54.93 15.64 -23.67
N GLY B 121 -54.69 16.61 -24.53
CA GLY B 121 -54.91 17.99 -24.15
C GLY B 121 -53.80 18.55 -23.29
N PHE B 122 -52.60 18.62 -23.87
CA PHE B 122 -51.50 19.33 -23.23
C PHE B 122 -51.85 20.81 -23.14
N PRO B 123 -51.48 21.50 -22.05
CA PRO B 123 -51.96 22.88 -21.84
C PRO B 123 -51.44 23.90 -22.83
N GLU B 124 -50.50 23.55 -23.72
CA GLU B 124 -50.21 24.34 -24.89
C GLU B 124 -49.89 23.38 -26.05
N ALA B 125 -49.37 23.93 -27.14
CA ALA B 125 -49.28 23.18 -28.39
C ALA B 125 -48.24 22.06 -28.32
N ALA B 126 -46.99 22.42 -28.12
CA ALA B 126 -45.88 21.50 -28.33
C ALA B 126 -45.46 20.82 -27.04
N ALA B 127 -44.66 19.76 -27.20
CA ALA B 127 -44.14 19.00 -26.07
C ALA B 127 -42.84 18.36 -26.51
N THR B 128 -41.93 18.19 -25.54
CA THR B 128 -40.65 17.56 -25.83
C THR B 128 -40.62 16.11 -25.35
N THR B 129 -40.84 15.87 -24.06
CA THR B 129 -40.76 14.54 -23.48
C THR B 129 -41.80 14.38 -22.38
N ILE B 130 -42.13 13.13 -22.08
CA ILE B 130 -42.90 12.75 -20.90
C ILE B 130 -42.13 11.63 -20.21
N ALA B 131 -42.05 11.67 -18.87
CA ALA B 131 -41.35 10.63 -18.14
C ALA B 131 -42.23 9.84 -17.18
N PHE B 132 -42.87 10.50 -16.23
CA PHE B 132 -43.24 9.84 -14.98
C PHE B 132 -44.57 9.10 -15.11
N THR B 133 -44.68 8.01 -14.37
CA THR B 133 -45.77 7.05 -14.53
C THR B 133 -46.62 6.88 -13.28
N GLY B 134 -45.98 6.68 -12.12
CA GLY B 134 -46.66 6.05 -11.00
C GLY B 134 -47.64 6.95 -10.27
N ARG B 135 -47.29 8.23 -10.10
CA ARG B 135 -48.19 9.17 -9.46
C ARG B 135 -48.69 10.22 -10.44
N TYR B 136 -47.80 10.94 -11.11
CA TYR B 136 -48.19 12.00 -12.03
C TYR B 136 -47.77 11.63 -13.45
N PHE B 137 -48.09 12.53 -14.38
CA PHE B 137 -47.52 12.54 -15.71
C PHE B 137 -46.93 13.93 -15.94
N ILE B 138 -45.66 13.98 -16.34
CA ILE B 138 -44.91 15.22 -16.38
C ILE B 138 -44.54 15.49 -17.83
N GLY B 139 -44.91 16.66 -18.34
CA GLY B 139 -44.58 17.02 -19.70
C GLY B 139 -43.64 18.19 -19.78
N LEU B 140 -42.87 18.27 -20.87
CA LEU B 140 -41.88 19.31 -21.05
C LEU B 140 -42.27 20.19 -22.23
N SER B 141 -42.51 21.47 -21.97
CA SER B 141 -42.95 22.39 -23.01
C SER B 141 -41.77 22.82 -23.86
N ALA B 142 -41.98 22.86 -25.17
CA ALA B 142 -40.92 23.25 -26.08
C ALA B 142 -40.66 24.74 -26.01
N GLY B 143 -39.45 25.14 -26.40
CA GLY B 143 -39.05 26.52 -26.29
C GLY B 143 -38.58 26.85 -24.90
N THR B 144 -38.48 28.16 -24.64
CA THR B 144 -38.11 28.62 -23.31
C THR B 144 -39.26 28.37 -22.36
N GLY B 145 -39.26 27.21 -21.70
CA GLY B 145 -40.43 26.77 -20.98
C GLY B 145 -40.10 26.13 -19.64
N GLU B 146 -41.12 25.53 -19.07
CA GLU B 146 -41.15 24.86 -17.79
C GLU B 146 -41.70 23.46 -17.98
N TRP B 147 -41.99 22.78 -16.87
CA TRP B 147 -42.62 21.48 -16.91
C TRP B 147 -44.01 21.55 -16.30
N TYR B 148 -44.97 20.91 -16.95
CA TYR B 148 -46.35 20.82 -16.47
C TYR B 148 -46.57 19.46 -15.83
N PHE B 149 -47.59 19.37 -14.99
CA PHE B 149 -47.97 18.11 -14.39
C PHE B 149 -49.48 17.96 -14.39
N SER B 150 -49.94 16.73 -14.51
CA SER B 150 -51.36 16.42 -14.58
C SER B 150 -51.91 16.14 -13.20
N ALA B 151 -53.12 15.60 -13.14
CA ALA B 151 -53.69 15.12 -11.90
C ALA B 151 -53.17 13.71 -11.60
N VAL B 152 -53.55 13.19 -10.44
CA VAL B 152 -53.06 11.89 -9.98
C VAL B 152 -53.63 10.79 -10.85
N ASN B 153 -52.74 10.08 -11.55
CA ASN B 153 -53.04 8.90 -12.38
C ASN B 153 -54.05 9.22 -13.50
N ASN B 154 -54.06 10.47 -13.97
CA ASN B 154 -55.01 10.94 -14.97
C ASN B 154 -54.23 11.74 -16.00
N GLY B 155 -53.77 11.07 -17.05
CA GLY B 155 -53.07 11.75 -18.11
C GLY B 155 -53.95 12.36 -19.16
N ARG B 156 -55.25 12.14 -19.09
CA ARG B 156 -56.18 12.66 -20.09
C ARG B 156 -56.73 14.04 -19.74
N SER B 157 -56.40 14.57 -18.56
CA SER B 157 -56.89 15.87 -18.11
C SER B 157 -55.72 16.63 -17.51
N TRP B 158 -55.20 17.59 -18.26
CA TRP B 158 -54.15 18.48 -17.78
C TRP B 158 -54.76 19.77 -17.25
N ASP B 159 -53.91 20.69 -16.82
CA ASP B 159 -54.38 21.97 -16.31
C ASP B 159 -53.35 23.04 -16.62
N ALA B 160 -53.83 24.28 -16.77
CA ALA B 160 -52.95 25.37 -17.18
C ALA B 160 -52.19 25.98 -16.01
N LEU B 161 -52.77 25.99 -14.82
CA LEU B 161 -52.12 26.58 -13.66
C LEU B 161 -51.21 25.59 -12.93
N ASP B 162 -51.09 24.37 -13.41
CA ASP B 162 -50.23 23.36 -12.80
C ASP B 162 -48.91 23.34 -13.58
N PHE B 163 -47.95 24.14 -13.11
CA PHE B 163 -46.61 24.12 -13.68
C PHE B 163 -45.63 24.53 -12.60
N ALA B 164 -44.35 24.53 -12.97
CA ALA B 164 -43.29 24.99 -12.08
C ALA B 164 -42.10 25.38 -12.93
N THR B 165 -41.65 26.62 -12.79
CA THR B 165 -40.59 27.14 -13.63
C THR B 165 -39.23 26.76 -13.09
N ALA B 166 -38.23 26.77 -13.98
CA ALA B 166 -36.84 26.60 -13.61
C ALA B 166 -36.19 27.98 -13.45
N GLU B 167 -35.04 27.98 -12.77
CA GLU B 167 -34.42 29.24 -12.38
C GLU B 167 -32.95 29.33 -12.76
N ASN B 168 -32.43 28.41 -13.57
CA ASN B 168 -31.01 28.41 -13.89
C ASN B 168 -30.70 28.28 -15.38
N GLU B 169 -31.60 27.75 -16.19
CA GLU B 169 -31.34 27.67 -17.62
C GLU B 169 -32.24 28.65 -18.37
N PRO B 170 -31.68 29.60 -19.10
CA PRO B 170 -32.52 30.54 -19.85
C PRO B 170 -32.80 30.10 -21.27
N ASP B 171 -32.06 29.11 -21.77
CA ASP B 171 -32.16 28.78 -23.19
C ASP B 171 -33.35 27.87 -23.47
N ALA B 172 -33.34 26.65 -22.93
CA ALA B 172 -34.36 25.66 -23.27
C ALA B 172 -34.36 24.54 -22.24
N LEU B 173 -35.16 23.52 -22.52
CA LEU B 173 -35.18 22.25 -21.81
C LEU B 173 -35.31 21.13 -22.84
N LEU B 174 -34.60 20.03 -22.61
CA LEU B 174 -34.53 18.99 -23.63
C LEU B 174 -34.89 17.60 -23.15
N ASP B 175 -34.63 17.25 -21.89
CA ASP B 175 -34.85 15.87 -21.48
C ASP B 175 -35.09 15.82 -19.97
N VAL B 176 -35.75 14.75 -19.55
CA VAL B 176 -36.17 14.54 -18.17
C VAL B 176 -36.01 13.06 -17.86
N LEU B 177 -35.66 12.74 -16.61
CA LEU B 177 -35.39 11.35 -16.25
C LEU B 177 -35.74 11.15 -14.78
N VAL B 178 -36.34 10.00 -14.49
CA VAL B 178 -36.77 9.66 -13.14
C VAL B 178 -35.78 8.64 -12.60
N LEU B 179 -34.89 9.08 -11.71
CA LEU B 179 -33.82 8.26 -11.16
C LEU B 179 -34.20 7.58 -9.86
N ASP B 180 -34.94 8.29 -9.02
CA ASP B 180 -35.36 7.91 -7.69
C ASP B 180 -36.73 8.52 -7.49
N GLY B 181 -37.13 8.76 -6.24
CA GLY B 181 -38.18 9.73 -6.00
C GLY B 181 -37.88 11.10 -6.55
N VAL B 182 -36.59 11.46 -6.65
CA VAL B 182 -36.18 12.73 -7.24
C VAL B 182 -36.34 12.69 -8.76
N LEU B 183 -36.28 13.88 -9.36
CA LEU B 183 -36.30 14.06 -10.81
C LEU B 183 -34.97 14.65 -11.27
N VAL B 184 -34.65 14.43 -12.54
CA VAL B 184 -33.45 14.99 -13.15
C VAL B 184 -33.86 15.69 -14.43
N PHE B 185 -33.68 17.00 -14.47
CA PHE B 185 -34.03 17.83 -15.63
C PHE B 185 -32.76 18.25 -16.34
N PHE B 186 -32.67 17.92 -17.62
CA PHE B 186 -31.51 18.24 -18.44
C PHE B 186 -31.77 19.53 -19.20
N GLY B 187 -31.03 20.58 -18.88
CA GLY B 187 -31.08 21.80 -19.67
C GLY B 187 -30.02 21.78 -20.76
N THR B 188 -30.06 22.81 -21.61
CA THR B 188 -29.01 22.96 -22.60
C THR B 188 -27.74 23.53 -22.00
N GLU B 189 -27.81 24.02 -20.78
CA GLU B 189 -26.69 24.69 -20.11
C GLU B 189 -26.35 24.08 -18.76
N SER B 190 -27.34 23.64 -17.98
CA SER B 190 -27.10 23.11 -16.66
C SER B 190 -27.99 21.90 -16.42
N ILE B 191 -27.76 21.21 -15.31
CA ILE B 191 -28.54 20.05 -14.91
C ILE B 191 -29.04 20.29 -13.49
N GLU B 192 -30.34 20.15 -13.29
CA GLU B 192 -30.97 20.42 -12.00
C GLU B 192 -31.48 19.12 -11.37
N PHE B 193 -31.74 19.20 -10.07
CA PHE B 193 -32.29 18.07 -9.32
C PHE B 193 -33.49 18.57 -8.52
N TRP B 194 -34.58 17.81 -8.59
CA TRP B 194 -35.85 18.24 -8.00
C TRP B 194 -36.44 17.09 -7.19
N GLY B 195 -36.50 17.25 -5.87
CA GLY B 195 -37.00 16.20 -5.00
C GLY B 195 -38.50 16.23 -4.85
N PHE B 196 -39.03 15.24 -4.13
CA PHE B 196 -40.46 15.07 -3.96
C PHE B 196 -40.91 15.69 -2.65
N THR B 197 -41.92 16.56 -2.73
CA THR B 197 -42.36 17.36 -1.59
C THR B 197 -43.44 16.67 -0.76
N GLY B 198 -44.53 16.24 -1.39
CA GLY B 198 -45.63 15.65 -0.67
C GLY B 198 -46.81 16.57 -0.43
N ASP B 199 -46.87 17.70 -1.12
CA ASP B 199 -48.00 18.61 -1.04
C ASP B 199 -49.02 18.25 -2.11
N ALA B 200 -49.99 19.14 -2.30
CA ALA B 200 -51.03 18.98 -3.30
C ALA B 200 -50.94 20.00 -4.42
N ASP B 201 -50.65 21.26 -4.09
CA ASP B 201 -50.54 22.31 -5.10
C ASP B 201 -49.27 22.16 -5.91
N LEU B 202 -48.11 22.25 -5.25
CA LEU B 202 -46.82 21.99 -5.88
C LEU B 202 -46.22 20.74 -5.27
N PRO B 203 -46.02 19.67 -6.05
CA PRO B 203 -45.53 18.41 -5.47
C PRO B 203 -44.03 18.20 -5.51
N TYR B 204 -43.25 19.13 -6.04
CA TYR B 204 -41.81 18.94 -6.18
C TYR B 204 -41.07 20.21 -5.78
N SER B 205 -39.84 20.03 -5.31
CA SER B 205 -39.01 21.10 -4.78
C SER B 205 -37.56 20.87 -5.16
N PRO B 206 -36.77 21.92 -5.36
CA PRO B 206 -35.39 21.73 -5.83
C PRO B 206 -34.42 21.47 -4.68
N ILE B 207 -33.32 20.80 -5.03
CA ILE B 207 -32.18 20.64 -4.15
C ILE B 207 -31.20 21.76 -4.45
N GLN B 208 -30.67 22.39 -3.41
CA GLN B 208 -30.09 23.74 -3.54
C GLN B 208 -28.75 23.73 -4.28
N GLN B 209 -27.75 23.04 -3.75
CA GLN B 209 -26.38 23.14 -4.27
C GLN B 209 -25.97 21.95 -5.12
N ARG B 210 -26.86 21.40 -5.93
CA ARG B 210 -26.54 20.29 -6.83
C ARG B 210 -26.84 20.75 -8.25
N VAL B 211 -25.86 21.37 -8.91
CA VAL B 211 -26.00 21.84 -10.28
C VAL B 211 -24.77 21.39 -11.06
N PHE B 212 -24.98 20.63 -12.13
CA PHE B 212 -23.90 20.24 -13.02
C PHE B 212 -23.89 21.20 -14.21
N GLU B 213 -22.69 21.48 -14.71
CA GLU B 213 -22.53 22.54 -15.70
C GLU B 213 -22.50 22.03 -17.13
N GLN B 214 -22.58 20.72 -17.34
CA GLN B 214 -22.53 20.12 -18.68
C GLN B 214 -23.95 19.76 -19.09
N GLY B 215 -24.61 20.67 -19.80
CA GLY B 215 -25.95 20.41 -20.28
C GLY B 215 -25.98 19.39 -21.39
N ILE B 216 -27.17 18.83 -21.62
CA ILE B 216 -27.33 17.73 -22.57
C ILE B 216 -27.18 18.26 -24.00
N TYR B 217 -26.78 17.38 -24.91
CA TYR B 217 -26.54 17.78 -26.30
C TYR B 217 -27.83 17.89 -27.10
N ALA B 218 -28.76 16.97 -26.89
CA ALA B 218 -29.97 16.91 -27.70
C ALA B 218 -31.10 16.39 -26.81
N THR B 219 -32.18 15.95 -27.44
CA THR B 219 -33.34 15.48 -26.69
C THR B 219 -33.30 13.99 -26.40
N GLY B 220 -32.36 13.24 -26.97
CA GLY B 220 -32.32 11.81 -26.78
C GLY B 220 -31.00 11.28 -26.27
N CYS B 221 -30.40 11.99 -25.32
CA CYS B 221 -29.02 11.73 -24.91
C CYS B 221 -28.92 11.52 -23.41
N ALA B 222 -29.78 10.69 -22.84
CA ALA B 222 -29.73 10.40 -21.42
C ALA B 222 -30.37 9.04 -21.16
N VAL B 223 -29.62 8.15 -20.51
CA VAL B 223 -30.03 6.77 -20.30
C VAL B 223 -29.79 6.40 -18.84
N ARG B 224 -30.81 5.82 -18.20
CA ARG B 224 -30.68 5.28 -16.84
C ARG B 224 -30.13 3.86 -16.97
N VAL B 225 -28.80 3.76 -16.90
CA VAL B 225 -28.13 2.47 -17.12
C VAL B 225 -28.25 1.60 -15.88
N ASP B 226 -28.12 2.21 -14.71
CA ASP B 226 -27.74 1.51 -13.50
C ASP B 226 -28.46 2.22 -12.36
N ASN B 227 -27.93 2.09 -11.14
CA ASN B 227 -28.38 2.93 -10.03
C ASN B 227 -28.19 4.42 -10.30
N SER B 228 -27.23 4.77 -11.16
CA SER B 228 -27.11 6.12 -11.70
C SER B 228 -27.25 6.06 -13.22
N PHE B 229 -26.97 7.18 -13.88
CA PHE B 229 -27.33 7.42 -15.28
C PHE B 229 -26.16 8.03 -16.05
N TYR B 230 -26.30 8.10 -17.37
CA TYR B 230 -25.32 8.69 -18.27
C TYR B 230 -25.95 9.84 -19.06
N TRP B 231 -25.10 10.66 -19.67
CA TRP B 231 -25.51 11.65 -20.66
C TRP B 231 -24.34 11.96 -21.58
N VAL B 232 -24.52 12.88 -22.52
CA VAL B 232 -23.57 13.15 -23.58
C VAL B 232 -22.85 14.49 -23.39
N GLY B 233 -23.56 15.51 -22.95
CA GLY B 233 -22.89 16.77 -22.67
C GLY B 233 -22.91 17.72 -23.86
N LYS B 234 -22.61 18.99 -23.56
CA LYS B 234 -22.61 20.03 -24.60
C LYS B 234 -21.51 19.79 -25.63
N ASP B 235 -20.40 19.20 -25.19
CA ASP B 235 -19.41 18.66 -26.10
C ASP B 235 -19.52 17.13 -26.07
N LYS B 236 -18.81 16.49 -27.00
CA LYS B 236 -19.01 15.06 -27.22
C LYS B 236 -18.14 14.24 -26.27
N ILE B 237 -18.46 14.30 -24.98
CA ILE B 237 -17.76 13.54 -23.94
C ILE B 237 -18.81 12.88 -23.05
N VAL B 238 -18.98 11.56 -23.19
CA VAL B 238 -19.98 10.84 -22.41
C VAL B 238 -19.56 10.80 -20.94
N TYR B 239 -20.47 11.24 -20.06
CA TYR B 239 -20.17 11.37 -18.64
C TYR B 239 -20.85 10.27 -17.84
N ARG B 240 -20.77 10.40 -16.52
CA ARG B 240 -21.25 9.39 -15.59
C ARG B 240 -21.53 10.05 -14.25
N ASN B 241 -22.67 9.74 -13.65
CA ASN B 241 -23.07 10.40 -12.40
C ASN B 241 -22.23 9.90 -11.23
N GLY B 242 -22.00 10.79 -10.27
CA GLY B 242 -21.33 10.43 -9.05
C GLY B 242 -21.37 11.57 -8.06
N ASP B 243 -20.34 11.70 -7.24
CA ASP B 243 -20.18 12.92 -6.45
C ASP B 243 -19.92 14.10 -7.37
N VAL B 244 -18.89 13.98 -8.20
CA VAL B 244 -18.69 14.88 -9.33
C VAL B 244 -18.85 14.04 -10.59
N PRO B 245 -19.31 14.60 -11.71
CA PRO B 245 -19.44 13.82 -12.94
C PRO B 245 -18.09 13.49 -13.55
N GLN B 246 -17.77 12.20 -13.60
CA GLN B 246 -16.56 11.76 -14.27
C GLN B 246 -16.86 11.39 -15.72
N ALA B 247 -15.82 11.31 -16.53
CA ALA B 247 -15.93 11.06 -17.96
C ALA B 247 -15.50 9.63 -18.27
N VAL B 248 -16.17 9.02 -19.23
CA VAL B 248 -15.83 7.66 -19.64
C VAL B 248 -15.34 7.56 -21.08
N SER B 249 -15.52 8.58 -21.89
CA SER B 249 -15.02 8.52 -23.25
C SER B 249 -13.61 9.10 -23.31
N ASP B 250 -12.78 8.45 -24.13
CA ASP B 250 -11.39 8.86 -24.30
C ASP B 250 -11.17 9.32 -25.74
N ASP B 251 -9.92 9.54 -26.12
CA ASP B 251 -9.59 9.81 -27.52
C ASP B 251 -9.97 8.62 -28.39
N GLY B 252 -10.35 8.92 -29.63
CA GLY B 252 -10.82 7.91 -30.54
C GLY B 252 -12.29 7.59 -30.44
N ILE B 253 -13.01 8.18 -29.49
CA ILE B 253 -14.46 8.11 -29.44
C ILE B 253 -14.96 9.55 -29.50
N VAL B 254 -14.17 10.47 -28.95
CA VAL B 254 -14.57 11.86 -28.90
C VAL B 254 -14.36 12.53 -30.25
N GLU B 255 -13.21 12.30 -30.88
CA GLU B 255 -12.95 12.94 -32.16
C GLU B 255 -13.73 12.30 -33.30
N LYS B 256 -14.33 11.14 -33.09
CA LYS B 256 -15.15 10.52 -34.11
C LYS B 256 -16.61 10.95 -33.99
N ALA B 257 -17.02 11.41 -32.81
CA ALA B 257 -18.39 11.84 -32.60
C ALA B 257 -18.69 13.22 -33.16
N GLU B 258 -17.69 13.97 -33.62
CA GLU B 258 -17.96 15.27 -34.19
C GLU B 258 -18.52 15.17 -35.61
N GLY B 259 -18.12 14.13 -36.35
CA GLY B 259 -18.54 14.02 -37.74
C GLY B 259 -20.00 13.69 -37.88
N SER B 260 -20.58 13.02 -36.88
CA SER B 260 -22.01 12.81 -36.81
C SER B 260 -22.65 13.99 -36.11
N THR B 261 -23.62 14.62 -36.76
CA THR B 261 -24.42 15.67 -36.14
C THR B 261 -25.66 15.13 -35.44
N ASN B 262 -25.77 13.81 -35.31
CA ASN B 262 -26.87 13.16 -34.63
C ASN B 262 -26.30 12.11 -33.69
N LEU B 263 -26.64 12.20 -32.41
CA LEU B 263 -26.10 11.30 -31.39
C LEU B 263 -27.22 10.82 -30.49
N THR B 264 -27.28 9.51 -30.25
CA THR B 264 -28.26 8.92 -29.36
C THR B 264 -27.55 8.01 -28.37
N LEU B 265 -28.30 7.59 -27.36
CA LEU B 265 -27.83 6.60 -26.40
C LEU B 265 -28.97 5.65 -26.07
N PHE B 266 -28.62 4.38 -25.90
CA PHE B 266 -29.58 3.38 -25.43
C PHE B 266 -28.81 2.21 -24.84
N VAL B 267 -29.56 1.29 -24.27
CA VAL B 267 -29.01 0.07 -23.70
C VAL B 267 -29.34 -1.11 -24.60
N LEU B 268 -28.44 -2.09 -24.59
CA LEU B 268 -28.74 -3.42 -25.11
C LEU B 268 -28.50 -4.39 -23.98
N GLU B 269 -29.48 -5.23 -23.70
CA GLU B 269 -29.37 -6.15 -22.59
C GLU B 269 -28.76 -7.47 -23.04
N ASP B 270 -27.66 -7.85 -22.41
CA ASP B 270 -27.12 -9.20 -22.49
C ASP B 270 -27.11 -9.75 -21.07
N GLU B 271 -26.84 -11.04 -20.92
CA GLU B 271 -26.77 -11.67 -19.60
C GLU B 271 -25.57 -11.09 -18.86
N ARG B 272 -25.86 -10.29 -17.82
CA ARG B 272 -24.93 -9.47 -17.02
C ARG B 272 -23.93 -8.66 -17.84
N HIS B 273 -24.31 -8.23 -19.05
CA HIS B 273 -23.53 -7.29 -19.84
C HIS B 273 -24.46 -6.18 -20.28
N LYS B 274 -24.49 -5.07 -19.54
CA LYS B 274 -25.34 -3.94 -19.90
C LYS B 274 -24.52 -3.03 -20.80
N PHE B 275 -24.71 -3.15 -22.11
CA PHE B 275 -24.01 -2.29 -23.04
C PHE B 275 -24.69 -0.93 -23.13
N VAL B 276 -23.90 0.11 -23.40
CA VAL B 276 -24.41 1.47 -23.56
C VAL B 276 -23.96 1.95 -24.93
N CYS B 277 -24.85 1.90 -25.91
CA CYS B 277 -24.47 2.17 -27.29
C CYS B 277 -24.50 3.66 -27.57
N LEU B 278 -23.50 4.15 -28.29
CA LEU B 278 -23.45 5.51 -28.79
C LEU B 278 -23.63 5.42 -30.30
N ARG B 279 -24.85 5.65 -30.77
CA ARG B 279 -25.16 5.56 -32.19
C ARG B 279 -24.97 6.91 -32.87
N GLY B 280 -24.32 6.90 -34.03
CA GLY B 280 -24.04 8.10 -34.77
C GLY B 280 -24.39 7.94 -36.25
N ASP B 281 -23.58 8.56 -37.09
CA ASP B 281 -23.84 8.56 -38.53
C ASP B 281 -23.55 7.20 -39.14
N ASP B 282 -22.41 6.60 -38.79
CA ASP B 282 -22.10 5.24 -39.22
C ASP B 282 -21.65 4.33 -38.10
N PHE B 283 -21.16 4.86 -36.98
CA PHE B 283 -20.54 4.06 -35.94
C PHE B 283 -21.58 3.60 -34.92
N THR B 284 -21.20 2.60 -34.15
CA THR B 284 -21.94 2.21 -32.96
C THR B 284 -20.90 1.66 -31.98
N HIS B 285 -20.50 2.47 -31.01
CA HIS B 285 -19.54 2.05 -30.00
C HIS B 285 -20.26 1.75 -28.70
N PRO B 286 -20.47 0.49 -28.34
CA PRO B 286 -21.10 0.21 -27.05
C PRO B 286 -20.11 0.17 -25.89
N HIS B 287 -20.30 1.06 -24.93
CA HIS B 287 -19.50 1.05 -23.71
C HIS B 287 -20.04 -0.02 -22.77
N ASP B 288 -19.28 -1.10 -22.59
CA ASP B 288 -19.62 -2.09 -21.59
C ASP B 288 -19.46 -1.48 -20.21
N VAL B 289 -20.31 -1.91 -19.27
CA VAL B 289 -20.39 -1.25 -17.98
C VAL B 289 -19.77 -2.08 -16.85
N THR B 290 -19.64 -3.39 -17.02
CA THR B 290 -19.09 -4.23 -15.95
C THR B 290 -17.57 -4.29 -16.04
N THR B 291 -17.04 -4.55 -17.23
CA THR B 291 -15.62 -4.40 -17.53
C THR B 291 -15.56 -3.30 -18.56
N GLY B 292 -15.21 -2.09 -18.15
CA GLY B 292 -15.53 -0.96 -19.00
C GLY B 292 -14.50 -0.76 -20.09
N GLN B 293 -14.81 -1.31 -21.26
CA GLN B 293 -13.94 -1.27 -22.42
C GLN B 293 -14.80 -0.99 -23.64
N TRP B 294 -14.36 -0.04 -24.47
CA TRP B 294 -15.08 0.26 -25.69
C TRP B 294 -14.86 -0.82 -26.74
N CYS B 295 -15.91 -1.12 -27.49
CA CYS B 295 -15.82 -2.07 -28.59
C CYS B 295 -16.66 -1.51 -29.74
N GLU B 296 -16.96 -2.35 -30.73
CA GLU B 296 -17.66 -1.89 -31.92
C GLU B 296 -18.57 -2.97 -32.47
N PHE B 297 -19.86 -2.67 -32.58
CA PHE B 297 -20.84 -3.51 -33.24
C PHE B 297 -21.05 -3.01 -34.65
N LYS B 298 -20.94 -3.92 -35.62
CA LYS B 298 -21.15 -3.56 -37.03
C LYS B 298 -21.89 -4.68 -37.74
N SER B 299 -23.08 -4.37 -38.25
CA SER B 299 -23.85 -5.29 -39.07
C SER B 299 -23.32 -5.26 -40.50
N TYR B 300 -23.54 -6.35 -41.23
CA TYR B 300 -22.88 -6.53 -42.51
C TYR B 300 -23.68 -5.93 -43.66
N GLY B 301 -22.96 -5.40 -44.65
CA GLY B 301 -23.58 -4.95 -45.88
C GLY B 301 -24.22 -3.59 -45.80
N ARG B 302 -24.12 -2.92 -44.66
CA ARG B 302 -24.83 -1.70 -44.39
C ARG B 302 -23.82 -0.63 -43.97
N THR B 303 -24.34 0.49 -43.48
CA THR B 303 -23.50 1.57 -43.00
C THR B 303 -23.46 1.67 -41.48
N ASN B 304 -24.32 0.94 -40.77
CA ASN B 304 -24.39 1.04 -39.32
C ASN B 304 -25.10 -0.19 -38.78
N PHE B 305 -24.81 -0.53 -37.53
CA PHE B 305 -25.50 -1.62 -36.86
C PHE B 305 -26.93 -1.19 -36.55
N ARG B 306 -27.91 -1.91 -37.08
CA ARG B 306 -29.30 -1.48 -37.02
C ARG B 306 -29.89 -1.76 -35.64
N ALA B 307 -30.31 -0.69 -34.95
CA ALA B 307 -30.94 -0.74 -33.63
C ALA B 307 -31.54 0.64 -33.34
N THR B 308 -32.26 0.72 -32.23
CA THR B 308 -32.86 1.95 -31.76
C THR B 308 -32.88 1.89 -30.23
N ALA B 309 -33.76 2.70 -29.60
CA ALA B 309 -33.90 2.72 -28.15
C ALA B 309 -34.26 1.35 -27.55
N ASP B 310 -34.80 0.44 -28.35
CA ASP B 310 -34.95 -0.96 -27.99
C ASP B 310 -34.43 -1.75 -29.18
N PHE B 311 -34.76 -3.04 -29.25
CA PHE B 311 -34.27 -3.88 -30.33
C PHE B 311 -34.99 -3.67 -31.66
N GLY B 312 -35.72 -2.57 -31.83
CA GLY B 312 -36.37 -2.31 -33.09
C GLY B 312 -35.40 -1.93 -34.18
N ASP B 313 -35.84 -2.07 -35.41
CA ASP B 313 -35.03 -1.75 -36.56
C ASP B 313 -35.14 -0.25 -36.87
N ASP B 314 -34.24 0.24 -37.71
CA ASP B 314 -34.37 1.60 -38.22
C ASP B 314 -35.08 1.66 -39.56
N GLU B 315 -35.65 0.54 -40.01
CA GLU B 315 -36.18 0.40 -41.36
C GLU B 315 -37.07 -0.84 -41.39
N THR B 316 -38.15 -0.76 -42.18
CA THR B 316 -39.12 -1.81 -42.52
C THR B 316 -39.98 -2.28 -41.36
N GLY B 317 -39.80 -1.77 -40.14
CA GLY B 317 -40.69 -2.11 -39.06
C GLY B 317 -40.51 -3.51 -38.50
N LYS B 318 -39.37 -3.78 -37.88
CA LYS B 318 -39.08 -5.09 -37.32
C LYS B 318 -38.53 -4.94 -35.92
N ILE B 319 -38.78 -5.96 -35.10
CA ILE B 319 -38.34 -6.02 -33.71
C ILE B 319 -37.79 -7.42 -33.48
N TRP B 320 -36.67 -7.52 -32.76
CA TRP B 320 -36.05 -8.82 -32.54
C TRP B 320 -35.58 -8.94 -31.09
N ALA B 321 -34.72 -9.95 -30.88
CA ALA B 321 -33.98 -10.16 -29.65
C ALA B 321 -32.67 -10.83 -30.02
N TRP B 322 -31.89 -11.21 -29.00
CA TRP B 322 -30.70 -12.00 -29.25
C TRP B 322 -31.08 -13.46 -29.38
N GLY B 323 -30.48 -14.14 -30.35
CA GLY B 323 -30.63 -15.58 -30.37
C GLY B 323 -29.79 -16.33 -31.37
N GLY B 324 -29.07 -17.33 -30.89
CA GLY B 324 -28.40 -18.32 -31.73
C GLY B 324 -27.34 -17.75 -32.65
N TYR B 325 -27.18 -18.39 -33.80
CA TYR B 325 -26.28 -17.95 -34.84
C TYR B 325 -27.01 -18.15 -36.17
N ASP B 326 -26.24 -18.16 -37.27
CA ASP B 326 -26.60 -18.36 -38.68
C ASP B 326 -27.95 -17.80 -39.13
N ASP B 327 -28.23 -16.55 -38.76
CA ASP B 327 -29.46 -15.90 -39.15
C ASP B 327 -29.23 -14.67 -40.02
N GLU B 328 -28.23 -13.86 -39.69
CA GLU B 328 -27.93 -12.65 -40.44
C GLU B 328 -26.98 -12.91 -41.60
N GLY B 329 -26.71 -14.16 -41.92
CA GLY B 329 -25.86 -14.49 -43.05
C GLY B 329 -24.39 -14.46 -42.73
N ILE B 330 -23.82 -13.25 -42.63
CA ILE B 330 -22.40 -13.08 -42.40
C ILE B 330 -22.21 -12.18 -41.19
N ILE B 331 -21.45 -12.65 -40.21
CA ILE B 331 -21.08 -11.87 -39.05
C ILE B 331 -19.57 -11.72 -39.09
N GLU B 332 -19.07 -10.50 -39.28
CA GLU B 332 -17.63 -10.27 -39.29
C GLU B 332 -17.14 -10.02 -37.88
N ARG B 333 -15.98 -10.61 -37.56
CA ARG B 333 -15.40 -10.53 -36.22
C ARG B 333 -13.89 -10.39 -36.38
N LEU B 334 -13.34 -9.28 -35.90
CA LEU B 334 -11.99 -8.87 -36.23
C LEU B 334 -11.30 -8.35 -34.98
N PHE B 335 -10.06 -8.77 -34.77
CA PHE B 335 -9.28 -8.33 -33.62
C PHE B 335 -7.83 -8.11 -34.04
N MET B 336 -7.06 -7.52 -33.15
CA MET B 336 -5.72 -7.04 -33.45
C MET B 336 -4.72 -7.57 -32.44
N ALA B 337 -3.49 -7.82 -32.89
CA ALA B 337 -2.42 -8.29 -32.03
C ALA B 337 -1.11 -7.71 -32.52
N GLY B 338 -0.43 -6.94 -31.66
CA GLY B 338 0.76 -6.22 -32.05
C GLY B 338 1.85 -6.34 -31.00
N ALA B 339 3.07 -5.96 -31.41
CA ALA B 339 4.26 -6.24 -30.62
C ALA B 339 4.92 -5.01 -30.00
N ALA B 340 4.81 -3.84 -30.65
CA ALA B 340 5.55 -2.61 -30.31
C ALA B 340 7.06 -2.88 -30.25
N LEU B 341 7.52 -3.58 -31.28
CA LEU B 341 8.86 -4.13 -31.41
C LEU B 341 9.89 -3.02 -31.65
N GLU B 342 11.15 -3.36 -31.37
CA GLU B 342 12.24 -2.41 -31.59
C GLU B 342 13.46 -3.00 -32.30
N GLU B 343 13.68 -4.31 -32.28
CA GLU B 343 14.85 -4.93 -32.90
C GLU B 343 14.42 -5.97 -33.93
N ALA B 344 15.29 -6.22 -34.90
CA ALA B 344 14.99 -7.15 -35.98
C ALA B 344 14.92 -8.57 -35.47
N THR B 345 13.80 -9.23 -35.72
CA THR B 345 13.49 -10.54 -35.17
C THR B 345 13.33 -11.58 -36.28
N GLN B 346 13.11 -12.82 -35.86
CA GLN B 346 12.83 -13.95 -36.75
C GLN B 346 11.55 -14.59 -36.24
N ILE B 347 10.41 -14.09 -36.70
CA ILE B 347 9.11 -14.66 -36.34
C ILE B 347 8.92 -15.90 -37.21
N ASP B 348 9.11 -17.07 -36.61
CA ASP B 348 9.01 -18.32 -37.33
C ASP B 348 7.61 -18.93 -37.24
N ASN B 349 6.75 -18.38 -36.39
CA ASN B 349 5.48 -19.01 -36.10
C ASN B 349 4.54 -17.95 -35.54
N ILE B 350 3.25 -18.26 -35.54
CA ILE B 350 2.25 -17.48 -34.83
C ILE B 350 1.09 -18.42 -34.53
N ARG B 351 0.41 -18.20 -33.42
CA ARG B 351 -0.46 -19.22 -32.85
C ARG B 351 -1.71 -18.58 -32.26
N LEU B 352 -2.84 -19.27 -32.39
CA LEU B 352 -4.06 -18.88 -31.70
C LEU B 352 -4.49 -20.01 -30.77
N THR B 353 -5.16 -19.65 -29.68
CA THR B 353 -5.82 -20.63 -28.81
C THR B 353 -7.29 -20.26 -28.80
N CYS B 354 -8.01 -20.75 -29.79
CA CYS B 354 -9.42 -20.46 -30.02
C CYS B 354 -10.24 -21.69 -29.65
N GLU B 355 -11.54 -21.62 -29.92
CA GLU B 355 -12.36 -22.81 -29.88
C GLU B 355 -12.37 -23.44 -31.26
N VAL B 356 -12.26 -24.76 -31.30
CA VAL B 356 -11.80 -25.47 -32.48
C VAL B 356 -12.81 -26.55 -32.84
N GLY B 357 -13.35 -26.49 -34.05
CA GLY B 357 -14.07 -27.59 -34.63
C GLY B 357 -15.40 -27.91 -33.98
N THR B 358 -16.18 -26.89 -33.63
CA THR B 358 -17.49 -27.09 -33.04
C THR B 358 -18.61 -26.55 -33.91
N THR B 359 -18.40 -26.52 -35.23
CA THR B 359 -19.44 -26.09 -36.13
C THR B 359 -20.53 -27.15 -36.23
N PRO B 360 -21.81 -26.76 -36.29
CA PRO B 360 -22.90 -27.74 -36.40
C PRO B 360 -23.29 -28.09 -37.83
N ASN B 361 -22.51 -27.67 -38.82
CA ASN B 361 -22.87 -27.83 -40.22
C ASN B 361 -22.19 -29.06 -40.81
N LEU B 362 -22.92 -29.79 -41.61
CA LEU B 362 -22.38 -30.94 -42.30
C LEU B 362 -22.63 -30.88 -43.80
N VAL B 363 -23.73 -30.26 -44.20
CA VAL B 363 -23.99 -29.93 -45.60
C VAL B 363 -23.79 -28.43 -45.77
N GLY B 364 -23.53 -28.02 -47.00
CA GLY B 364 -23.32 -26.62 -47.30
C GLY B 364 -21.86 -26.26 -47.32
N ILE B 365 -21.63 -24.95 -47.51
CA ILE B 365 -20.28 -24.42 -47.67
C ILE B 365 -19.62 -24.02 -46.35
N TYR B 366 -20.33 -24.10 -45.23
CA TYR B 366 -19.80 -23.66 -43.95
C TYR B 366 -19.34 -24.82 -43.08
N THR B 367 -18.86 -25.90 -43.71
CA THR B 367 -18.36 -27.03 -42.92
C THR B 367 -16.95 -26.82 -42.41
N ASP B 368 -16.22 -25.83 -42.95
CA ASP B 368 -14.90 -25.42 -42.50
C ASP B 368 -14.86 -23.90 -42.53
N PRO B 369 -14.78 -23.23 -41.37
CA PRO B 369 -14.97 -21.77 -41.35
C PRO B 369 -13.83 -20.97 -41.99
N THR B 370 -12.57 -21.39 -41.81
CA THR B 370 -11.38 -20.87 -42.50
C THR B 370 -11.18 -19.37 -42.29
N LEU B 371 -10.81 -19.01 -41.06
CA LEU B 371 -10.36 -17.65 -40.79
C LEU B 371 -9.03 -17.37 -41.48
N GLU B 372 -8.68 -16.09 -41.56
CA GLU B 372 -7.52 -15.65 -42.32
C GLU B 372 -6.87 -14.45 -41.65
N MET B 373 -5.53 -14.38 -41.71
CA MET B 373 -4.76 -13.32 -41.10
C MET B 373 -3.96 -12.55 -42.15
N ARG B 374 -3.33 -11.46 -41.70
CA ARG B 374 -2.79 -10.46 -42.60
C ARG B 374 -1.61 -9.76 -41.93
N PHE B 375 -0.46 -9.76 -42.60
CA PHE B 375 0.73 -9.09 -42.10
C PHE B 375 0.55 -7.59 -42.16
N SER B 376 1.49 -6.87 -41.55
CA SER B 376 1.62 -5.46 -41.82
C SER B 376 3.04 -5.00 -41.51
N TYR B 377 3.44 -3.97 -42.21
CA TYR B 377 4.58 -3.15 -41.84
C TYR B 377 4.03 -1.79 -41.43
N ASP B 378 4.95 -0.85 -41.20
CA ASP B 378 4.75 0.62 -41.07
C ASP B 378 3.47 1.05 -40.35
N ALA B 379 3.23 0.40 -39.21
CA ALA B 379 2.17 0.73 -38.24
C ALA B 379 0.77 0.65 -38.85
N GLY B 380 0.57 -0.25 -39.81
CA GLY B 380 -0.75 -0.49 -40.35
C GLY B 380 -1.21 0.48 -41.41
N ASN B 381 -0.32 1.33 -41.94
CA ASN B 381 -0.70 2.22 -43.01
C ASN B 381 -0.75 1.52 -44.36
N THR B 382 -0.14 0.36 -44.48
CA THR B 382 -0.36 -0.52 -45.62
C THR B 382 -0.25 -1.95 -45.13
N TRP B 383 -0.78 -2.88 -45.93
CA TRP B 383 -0.98 -4.25 -45.49
C TRP B 383 -0.42 -5.21 -46.53
N GLU B 384 -0.68 -6.49 -46.33
CA GLU B 384 -0.20 -7.55 -47.22
C GLU B 384 -1.37 -8.48 -47.53
N ASP B 385 -1.08 -9.57 -48.23
CA ASP B 385 -2.10 -10.51 -48.62
C ASP B 385 -2.56 -11.35 -47.43
N TRP B 386 -3.75 -11.94 -47.56
CA TRP B 386 -4.26 -12.81 -46.52
C TRP B 386 -3.55 -14.15 -46.54
N GLU B 387 -3.44 -14.76 -45.37
CA GLU B 387 -3.02 -16.16 -45.22
C GLU B 387 -4.10 -16.87 -44.42
N ALA B 388 -4.78 -17.82 -45.06
CA ALA B 388 -5.95 -18.45 -44.48
C ALA B 388 -5.61 -19.85 -43.97
N GLU B 389 -6.12 -20.18 -42.80
CA GLU B 389 -6.06 -21.54 -42.29
C GLU B 389 -7.44 -21.98 -41.87
N THR B 390 -7.71 -23.27 -42.05
CA THR B 390 -9.01 -23.82 -41.70
C THR B 390 -9.14 -23.94 -40.19
N LEU B 391 -10.36 -24.25 -39.74
CA LEU B 391 -10.64 -24.44 -38.33
C LEU B 391 -11.03 -25.88 -38.01
N GLY B 392 -11.22 -26.70 -39.02
CA GLY B 392 -11.53 -28.11 -38.84
C GLY B 392 -13.02 -28.38 -38.92
N ALA B 393 -13.35 -29.64 -39.22
CA ALA B 393 -14.73 -30.06 -39.27
C ALA B 393 -15.23 -30.35 -37.85
N GLN B 394 -16.48 -30.81 -37.75
CA GLN B 394 -17.09 -31.06 -36.46
C GLN B 394 -16.49 -32.31 -35.82
N GLY B 395 -16.20 -32.24 -34.53
CA GLY B 395 -15.66 -33.35 -33.81
C GLY B 395 -14.15 -33.38 -33.73
N LYS B 396 -13.47 -32.59 -34.54
CA LYS B 396 -12.01 -32.50 -34.51
C LYS B 396 -11.66 -31.38 -33.53
N TYR B 397 -11.58 -31.74 -32.25
CA TYR B 397 -11.32 -30.78 -31.20
C TYR B 397 -9.84 -30.47 -31.03
N ARG B 398 -8.97 -31.12 -31.81
CA ARG B 398 -7.52 -30.98 -31.67
C ARG B 398 -6.94 -30.55 -33.00
N GLN B 399 -6.92 -29.24 -33.25
CA GLN B 399 -6.38 -28.68 -34.47
C GLN B 399 -5.74 -27.33 -34.16
N ARG B 400 -4.41 -27.30 -34.22
CA ARG B 400 -3.65 -26.07 -34.03
C ARG B 400 -3.86 -25.17 -35.24
N VAL B 401 -4.07 -23.88 -35.00
CA VAL B 401 -4.19 -22.92 -36.08
C VAL B 401 -2.94 -22.04 -36.12
N GLU B 402 -2.04 -22.30 -37.06
CA GLU B 402 -0.75 -21.63 -37.05
C GLU B 402 -0.25 -21.37 -38.47
N TRP B 403 0.70 -20.45 -38.56
CA TRP B 403 1.34 -20.02 -39.79
C TRP B 403 2.84 -20.09 -39.57
N ARG B 404 3.59 -20.59 -40.55
CA ARG B 404 4.92 -21.08 -40.25
C ARG B 404 6.07 -20.45 -41.04
N ALA B 405 5.82 -19.52 -41.94
CA ALA B 405 6.89 -18.99 -42.78
C ALA B 405 6.84 -17.47 -42.87
N LEU B 406 6.81 -16.81 -41.71
CA LEU B 406 6.49 -15.38 -41.67
C LEU B 406 7.65 -14.51 -42.15
N GLY B 407 8.79 -14.55 -41.44
CA GLY B 407 10.00 -13.88 -41.89
C GLY B 407 10.48 -12.84 -40.88
N MET B 408 11.01 -11.74 -41.41
CA MET B 408 11.68 -10.72 -40.61
C MET B 408 10.77 -9.52 -40.41
N PHE B 409 10.90 -8.86 -39.26
CA PHE B 409 10.09 -7.69 -38.92
C PHE B 409 11.00 -6.57 -38.39
N ASP B 410 11.32 -5.65 -39.30
CA ASP B 410 12.20 -4.50 -39.06
C ASP B 410 11.35 -3.23 -38.89
N ASP B 411 10.70 -3.09 -37.76
CA ASP B 411 9.61 -2.13 -37.71
C ASP B 411 9.68 -1.40 -36.38
N PRO B 412 8.93 -0.30 -36.23
CA PRO B 412 8.50 0.13 -34.89
C PRO B 412 7.52 -0.80 -34.23
N GLY B 413 6.98 -1.80 -34.94
CA GLY B 413 6.26 -2.90 -34.33
C GLY B 413 5.57 -3.80 -35.33
N ALA B 414 5.73 -5.11 -35.17
CA ALA B 414 4.95 -6.04 -35.98
C ALA B 414 3.50 -6.00 -35.52
N LEU B 415 2.59 -6.10 -36.48
CA LEU B 415 1.20 -5.72 -36.24
C LEU B 415 0.33 -6.59 -37.13
N PHE B 416 -0.43 -7.51 -36.53
CA PHE B 416 -1.20 -8.48 -37.29
C PHE B 416 -2.70 -8.16 -37.21
N GLN B 417 -3.48 -8.89 -38.01
CA GLN B 417 -4.91 -8.66 -38.09
C GLN B 417 -5.60 -9.94 -38.52
N PHE B 418 -6.56 -10.41 -37.72
CA PHE B 418 -7.26 -11.66 -37.94
C PHE B 418 -8.73 -11.36 -38.25
N ARG B 419 -9.37 -12.25 -39.01
CA ARG B 419 -10.76 -12.05 -39.36
C ARG B 419 -11.44 -13.38 -39.64
N ILE B 420 -12.63 -13.56 -39.08
CA ILE B 420 -13.53 -14.63 -39.49
C ILE B 420 -14.89 -14.02 -39.78
N THR B 421 -15.42 -14.30 -40.97
CA THR B 421 -16.70 -13.78 -41.43
C THR B 421 -17.60 -14.97 -41.73
N ASP B 422 -18.21 -15.51 -40.70
CA ASP B 422 -18.78 -16.84 -40.79
C ASP B 422 -19.71 -17.06 -39.60
N PRO B 423 -20.83 -17.76 -39.76
CA PRO B 423 -21.81 -17.89 -38.67
C PRO B 423 -21.37 -18.73 -37.48
N VAL B 424 -20.20 -19.38 -37.52
CA VAL B 424 -19.76 -20.21 -36.41
C VAL B 424 -19.35 -19.33 -35.23
N SER B 425 -19.71 -19.77 -34.03
CA SER B 425 -19.30 -19.10 -32.80
C SER B 425 -17.78 -19.10 -32.66
N PHE B 426 -17.25 -18.05 -32.06
CA PHE B 426 -15.81 -17.85 -32.01
C PHE B 426 -15.40 -17.38 -30.62
N ARG B 427 -14.27 -17.90 -30.15
CA ARG B 427 -13.71 -17.65 -28.84
C ARG B 427 -12.22 -17.40 -29.04
N LEU B 428 -11.62 -16.61 -28.15
CA LEU B 428 -10.17 -16.52 -28.12
C LEU B 428 -9.70 -16.23 -26.71
N SER B 429 -8.71 -17.00 -26.26
CA SER B 429 -8.10 -16.85 -24.95
C SER B 429 -6.72 -16.20 -25.03
N ASP B 430 -5.78 -16.80 -25.76
CA ASP B 430 -4.40 -16.35 -25.81
C ASP B 430 -3.86 -16.48 -27.22
N VAL B 431 -2.73 -15.84 -27.48
CA VAL B 431 -1.93 -16.09 -28.68
C VAL B 431 -0.52 -16.47 -28.22
N GLN B 432 0.25 -17.05 -29.15
CA GLN B 432 1.65 -17.38 -28.89
C GLN B 432 2.50 -17.00 -30.08
N ALA B 433 3.63 -16.35 -29.80
CA ALA B 433 4.53 -15.98 -30.89
C ALA B 433 5.39 -17.16 -31.33
N ASN B 434 6.24 -17.65 -30.46
CA ASN B 434 7.10 -18.79 -30.77
C ASN B 434 6.79 -19.92 -29.80
N ALA B 435 6.52 -21.09 -30.35
CA ALA B 435 6.22 -22.27 -29.55
C ALA B 435 7.08 -23.42 -30.04
N ALA B 436 6.96 -24.58 -29.40
CA ALA B 436 7.72 -25.76 -29.77
C ALA B 436 6.79 -26.81 -30.38
N THR B 437 7.40 -27.92 -30.81
CA THR B 437 6.70 -28.96 -31.58
C THR B 437 6.71 -30.26 -30.79
N GLY B 438 5.61 -30.52 -30.09
CA GLY B 438 5.31 -31.84 -29.56
C GLY B 438 3.94 -32.23 -30.08
N GLY B 439 3.45 -33.42 -29.75
CA GLY B 439 2.13 -33.80 -30.25
C GLY B 439 1.90 -35.29 -30.32
N ARG B 440 0.61 -35.63 -30.26
CA ARG B 440 0.09 -36.97 -30.51
C ARG B 440 -1.19 -36.80 -31.32
N GLN B 441 -1.06 -36.80 -32.65
CA GLN B 441 -2.16 -36.73 -33.60
C GLN B 441 -3.04 -35.49 -33.40
N ARG B 442 -2.42 -34.33 -33.59
CA ARG B 442 -3.14 -33.06 -33.54
C ARG B 442 -2.45 -32.00 -34.38
N MET C 1 18.47 2.48 -26.43
CA MET C 1 17.92 2.85 -25.13
C MET C 1 16.70 3.74 -25.32
N LYS C 2 16.48 4.63 -24.35
CA LYS C 2 15.33 5.54 -24.41
C LYS C 2 15.65 6.76 -23.57
N ILE C 3 15.71 7.92 -24.20
CA ILE C 3 16.12 9.17 -23.55
C ILE C 3 14.87 9.89 -23.07
N PRO C 4 14.82 10.36 -21.83
CA PRO C 4 13.60 11.01 -21.32
C PRO C 4 13.42 12.41 -21.90
N TYR C 5 12.44 12.54 -22.79
CA TYR C 5 12.10 13.84 -23.35
C TYR C 5 11.11 14.56 -22.46
N GLY C 6 11.24 15.88 -22.39
CA GLY C 6 10.49 16.65 -21.42
C GLY C 6 9.03 16.79 -21.77
N LEU C 7 8.18 16.75 -20.74
CA LEU C 7 6.74 16.83 -20.91
C LEU C 7 6.16 18.18 -20.54
N GLY C 8 6.93 19.07 -19.91
CA GLY C 8 6.45 20.37 -19.52
C GLY C 8 7.33 21.48 -20.05
N ALA C 9 6.86 22.71 -19.85
CA ALA C 9 7.59 23.90 -20.27
C ALA C 9 8.25 24.50 -19.03
N TYR C 10 9.42 23.96 -18.69
CA TYR C 10 10.15 24.37 -17.50
C TYR C 10 11.36 25.20 -17.91
N THR C 11 11.23 26.52 -17.83
CA THR C 11 12.34 27.44 -18.05
C THR C 11 12.42 28.39 -16.86
N ARG C 12 13.31 28.07 -15.92
CA ARG C 12 13.56 28.89 -14.76
C ARG C 12 14.92 29.56 -14.88
N ASN C 13 14.95 30.88 -14.65
CA ASN C 13 16.15 31.67 -14.84
C ASN C 13 16.68 32.23 -13.52
N ARG C 14 16.20 31.67 -12.39
CA ARG C 14 16.78 31.97 -11.08
C ARG C 14 18.22 31.51 -11.04
N GLY C 15 18.43 30.20 -11.12
CA GLY C 15 19.70 29.67 -11.53
C GLY C 15 19.75 29.57 -13.04
N ASN C 16 20.88 29.09 -13.54
CA ASN C 16 21.02 28.88 -14.99
C ASN C 16 20.67 27.42 -15.31
N LEU C 17 19.43 27.09 -15.03
CA LEU C 17 18.89 25.75 -15.14
C LEU C 17 18.70 25.37 -16.61
N PRO C 18 18.83 24.08 -16.93
CA PRO C 18 18.60 23.63 -18.31
C PRO C 18 17.15 23.82 -18.73
N PRO C 19 16.90 24.59 -19.77
CA PRO C 19 15.53 25.01 -20.11
C PRO C 19 14.78 24.05 -21.03
N LEU C 20 14.31 22.93 -20.48
CA LEU C 20 13.49 22.02 -21.26
C LEU C 20 12.08 22.59 -21.40
N GLU C 21 11.57 22.65 -22.63
CA GLU C 21 10.32 23.34 -22.88
C GLU C 21 9.62 22.75 -24.10
N LEU C 22 8.32 22.95 -24.16
CA LEU C 22 7.49 22.59 -25.30
C LEU C 22 7.00 23.86 -25.99
N ILE C 23 6.91 23.81 -27.31
CA ILE C 23 6.36 24.89 -28.12
C ILE C 23 5.29 24.28 -29.02
N ASN C 24 4.04 24.70 -28.83
CA ASN C 24 2.88 24.28 -29.62
C ASN C 24 2.67 22.76 -29.60
N LEU C 25 3.04 22.11 -28.50
CA LEU C 25 2.91 20.67 -28.37
C LEU C 25 2.42 20.36 -26.97
N PHE C 26 1.38 19.52 -26.88
CA PHE C 26 0.82 19.15 -25.59
C PHE C 26 0.83 17.64 -25.45
N VAL C 27 0.64 17.18 -24.22
CA VAL C 27 0.79 15.77 -23.87
C VAL C 27 -0.59 15.18 -23.68
N GLU C 28 -0.85 14.02 -24.28
CA GLU C 28 -2.02 13.24 -23.95
C GLU C 28 -1.64 11.77 -23.89
N LYS C 29 -2.56 10.97 -23.36
CA LYS C 29 -2.37 9.53 -23.28
C LYS C 29 -2.85 8.87 -24.56
N SER C 30 -2.52 7.59 -24.71
CA SER C 30 -3.06 6.76 -25.79
C SER C 30 -3.12 5.33 -25.29
N ASP C 31 -3.33 4.40 -26.21
CA ASP C 31 -3.41 2.98 -25.88
C ASP C 31 -2.45 2.13 -26.69
N SER C 32 -2.24 2.46 -27.97
CA SER C 32 -1.25 1.75 -28.77
C SER C 32 0.16 2.14 -28.35
N GLN C 33 0.48 3.43 -28.42
CA GLN C 33 1.67 3.95 -27.78
C GLN C 33 1.32 4.34 -26.34
N GLY C 34 2.34 4.46 -25.51
CA GLY C 34 2.10 4.83 -24.13
C GLY C 34 1.79 6.30 -23.93
N VAL C 35 2.79 7.16 -24.15
CA VAL C 35 2.68 8.60 -23.92
C VAL C 35 3.13 9.28 -25.19
N ILE C 36 2.39 10.29 -25.64
CA ILE C 36 2.55 10.86 -26.96
C ILE C 36 2.60 12.37 -26.87
N LEU C 37 3.32 12.99 -27.81
CA LEU C 37 3.27 14.43 -28.04
C LEU C 37 2.51 14.69 -29.33
N GLN C 38 1.55 15.61 -29.28
CA GLN C 38 0.74 15.92 -30.44
C GLN C 38 0.82 17.41 -30.80
N SER C 39 0.56 17.70 -32.08
CA SER C 39 0.72 19.03 -32.63
C SER C 39 -0.45 19.92 -32.25
N ARG C 40 -0.31 21.19 -32.60
CA ARG C 40 -1.34 22.19 -32.38
C ARG C 40 -1.99 22.51 -33.72
N LYS C 41 -3.32 22.53 -33.74
CA LYS C 41 -4.05 22.74 -34.98
C LYS C 41 -3.92 24.19 -35.44
N ALA C 42 -3.90 24.38 -36.76
CA ALA C 42 -3.76 25.73 -37.28
C ALA C 42 -5.06 26.50 -37.14
N LEU C 43 -4.95 27.83 -37.21
CA LEU C 43 -6.09 28.71 -37.05
C LEU C 43 -6.67 29.10 -38.41
N VAL C 44 -7.97 29.37 -38.44
CA VAL C 44 -8.71 29.61 -39.67
C VAL C 44 -9.29 31.02 -39.63
N GLU C 45 -10.19 31.32 -40.56
CA GLU C 45 -11.05 32.50 -40.46
C GLU C 45 -12.50 32.04 -40.55
N VAL C 46 -13.30 32.39 -39.54
CA VAL C 46 -14.70 32.00 -39.46
C VAL C 46 -15.63 33.18 -39.68
N ALA C 47 -15.54 34.21 -38.84
CA ALA C 47 -16.40 35.37 -38.94
C ALA C 47 -15.55 36.63 -38.90
N ASP C 48 -15.91 37.60 -39.74
CA ASP C 48 -15.17 38.85 -39.81
C ASP C 48 -16.13 40.00 -39.57
N VAL C 49 -15.74 40.91 -38.68
CA VAL C 49 -16.54 42.08 -38.32
C VAL C 49 -15.67 43.30 -38.53
N GLY C 50 -16.16 44.47 -38.11
CA GLY C 50 -15.40 45.69 -38.24
C GLY C 50 -14.14 45.66 -37.39
N ALA C 51 -13.15 46.44 -37.82
CA ALA C 51 -11.80 46.32 -37.27
C ALA C 51 -11.71 46.90 -35.86
N GLY C 52 -10.56 46.70 -35.25
CA GLY C 52 -10.35 47.02 -33.86
C GLY C 52 -10.07 45.76 -33.07
N PRO C 53 -9.56 45.90 -31.84
CA PRO C 53 -9.35 44.72 -31.01
C PRO C 53 -10.67 44.18 -30.48
N VAL C 54 -10.91 42.89 -30.75
CA VAL C 54 -12.09 42.22 -30.21
C VAL C 54 -11.89 41.97 -28.73
N ARG C 55 -12.85 42.41 -27.92
CA ARG C 55 -12.75 42.31 -26.47
C ARG C 55 -13.58 41.15 -25.91
N ALA C 56 -14.81 41.00 -26.36
CA ALA C 56 -15.65 39.91 -25.89
C ALA C 56 -16.71 39.60 -26.93
N THR C 57 -16.96 38.31 -27.16
CA THR C 57 -17.94 37.84 -28.13
C THR C 57 -18.92 36.90 -27.46
N PHE C 58 -19.98 36.57 -28.20
CA PHE C 58 -21.10 35.80 -27.68
C PHE C 58 -21.97 35.29 -28.81
N GLN C 59 -22.28 34.00 -28.81
CA GLN C 59 -23.39 33.47 -29.59
C GLN C 59 -23.87 32.18 -28.94
N LYS C 60 -25.16 31.90 -29.08
CA LYS C 60 -25.77 30.68 -28.57
C LYS C 60 -26.73 30.19 -29.65
N ASP C 61 -27.61 29.28 -29.27
CA ASP C 61 -28.59 28.72 -30.20
C ASP C 61 -30.02 29.07 -29.83
N GLY C 62 -30.31 29.28 -28.55
CA GLY C 62 -31.63 29.63 -28.09
C GLY C 62 -31.90 31.10 -27.89
N VAL C 63 -31.01 31.97 -28.35
CA VAL C 63 -31.22 33.42 -28.30
C VAL C 63 -31.04 33.99 -29.71
N PHE C 64 -32.11 34.59 -30.24
CA PHE C 64 -32.13 35.38 -31.47
C PHE C 64 -31.70 34.58 -32.69
N GLY C 65 -31.86 33.26 -32.66
CA GLY C 65 -31.52 32.43 -33.79
C GLY C 65 -30.05 32.13 -33.98
N GLY C 66 -29.18 32.71 -33.15
CA GLY C 66 -27.76 32.49 -33.26
C GLY C 66 -26.95 33.65 -33.80
N ASP C 67 -27.39 34.89 -33.60
CA ASP C 67 -26.69 36.03 -34.17
C ASP C 67 -25.45 36.36 -33.34
N ARG C 68 -24.35 36.61 -34.04
CA ARG C 68 -23.04 36.75 -33.41
C ARG C 68 -22.92 38.15 -32.81
N PHE C 69 -22.91 38.23 -31.49
CA PHE C 69 -22.72 39.50 -30.79
C PHE C 69 -21.24 39.67 -30.44
N THR C 70 -20.65 40.77 -30.90
CA THR C 70 -19.26 41.05 -30.62
C THR C 70 -19.08 42.51 -30.22
N LEU C 71 -17.95 42.79 -29.60
CA LEU C 71 -17.57 44.15 -29.21
C LEU C 71 -16.20 44.39 -29.82
N SER C 72 -16.16 44.88 -31.04
CA SER C 72 -14.93 45.19 -31.74
C SER C 72 -14.64 46.67 -31.61
N GLY C 73 -13.46 47.00 -31.08
CA GLY C 73 -13.08 48.38 -30.93
C GLY C 73 -13.90 49.12 -29.88
N ASP C 74 -14.79 49.99 -30.34
CA ASP C 74 -15.55 50.84 -29.43
C ASP C 74 -17.05 50.69 -29.64
N GLU C 75 -17.46 49.76 -30.49
CA GLU C 75 -18.87 49.69 -30.89
C GLU C 75 -19.24 48.24 -31.14
N PHE C 76 -20.54 47.95 -31.03
CA PHE C 76 -21.02 46.61 -31.31
C PHE C 76 -20.90 46.23 -32.77
N TYR C 77 -21.11 44.93 -33.03
CA TYR C 77 -21.60 44.43 -34.30
C TYR C 77 -22.51 43.23 -34.04
N ARG C 78 -23.77 43.35 -34.44
CA ARG C 78 -24.69 42.21 -34.49
C ARG C 78 -24.66 41.78 -35.94
N GLY C 79 -23.85 40.78 -36.25
CA GLY C 79 -23.60 40.46 -37.64
C GLY C 79 -22.69 41.51 -38.26
N ALA C 80 -23.25 42.36 -39.11
CA ALA C 80 -22.53 43.51 -39.63
C ALA C 80 -23.23 44.84 -39.34
N THR C 81 -24.31 44.83 -38.58
CA THR C 81 -25.00 46.07 -38.21
C THR C 81 -24.33 46.70 -36.99
N LEU C 82 -24.39 48.04 -36.91
CA LEU C 82 -23.48 48.76 -36.04
C LEU C 82 -23.92 48.77 -34.58
N LEU C 83 -25.22 49.01 -34.32
CA LEU C 83 -25.84 48.91 -32.98
C LEU C 83 -25.20 49.83 -31.93
N GLY C 84 -24.96 51.09 -32.30
CA GLY C 84 -24.52 52.05 -31.31
C GLY C 84 -23.06 51.89 -30.91
N THR C 85 -22.75 52.33 -29.68
CA THR C 85 -21.38 52.36 -29.20
C THR C 85 -21.33 52.01 -27.72
N VAL C 86 -20.12 51.81 -27.22
CA VAL C 86 -19.85 51.46 -25.83
C VAL C 86 -18.89 52.51 -25.29
N ALA C 87 -19.01 52.83 -24.00
CA ALA C 87 -18.00 53.66 -23.37
C ALA C 87 -16.70 52.87 -23.19
N GLY C 88 -15.62 53.60 -22.87
CA GLY C 88 -14.32 52.97 -22.73
C GLY C 88 -14.14 52.35 -21.35
N GLY C 89 -13.44 51.22 -21.31
CA GLY C 89 -13.25 50.52 -20.05
C GLY C 89 -12.16 49.47 -20.12
N GLY C 90 -12.10 48.65 -19.08
CA GLY C 90 -11.05 47.68 -18.91
C GLY C 90 -11.29 46.28 -19.44
N GLN C 91 -12.38 45.65 -19.03
CA GLN C 91 -12.66 44.27 -19.42
C GLN C 91 -14.15 44.13 -19.72
N ALA C 92 -14.47 43.49 -20.84
CA ALA C 92 -15.85 43.41 -21.30
C ALA C 92 -16.51 42.11 -20.86
N ARG C 93 -17.84 42.07 -21.00
CA ARG C 93 -18.65 40.93 -20.58
C ARG C 93 -20.03 41.03 -21.21
N ILE C 94 -20.54 39.93 -21.77
CA ILE C 94 -21.85 39.91 -22.42
C ILE C 94 -22.73 38.92 -21.67
N VAL C 95 -23.90 39.38 -21.24
CA VAL C 95 -24.84 38.62 -20.42
C VAL C 95 -26.18 38.63 -21.13
N SER C 96 -26.83 37.47 -21.23
CA SER C 96 -28.16 37.44 -21.81
C SER C 96 -28.98 36.31 -21.22
N ASN C 97 -30.31 36.51 -21.20
CA ASN C 97 -31.26 35.47 -20.85
C ASN C 97 -32.12 35.04 -22.03
N GLY C 98 -31.93 35.62 -23.21
CA GLY C 98 -32.72 35.26 -24.36
C GLY C 98 -33.64 36.36 -24.83
N LEU C 99 -34.17 37.16 -23.91
CA LEU C 99 -35.01 38.30 -24.28
C LEU C 99 -34.26 39.62 -24.27
N GLU C 100 -33.03 39.65 -23.79
CA GLU C 100 -32.25 40.88 -23.70
C GLU C 100 -30.78 40.53 -23.55
N VAL C 101 -29.93 41.31 -24.21
CA VAL C 101 -28.49 41.06 -24.24
C VAL C 101 -27.79 42.26 -23.64
N LEU C 102 -27.16 42.07 -22.49
CA LEU C 102 -26.44 43.17 -21.83
C LEU C 102 -24.98 43.17 -22.26
N VAL C 103 -24.28 44.24 -21.90
CA VAL C 103 -22.85 44.36 -22.17
C VAL C 103 -22.27 45.23 -21.06
N ASN C 104 -20.94 45.25 -20.96
CA ASN C 104 -20.30 46.06 -19.95
C ASN C 104 -18.92 46.50 -20.43
N ALA C 105 -18.38 47.48 -19.72
CA ALA C 105 -17.00 47.89 -19.74
C ALA C 105 -16.70 48.34 -18.32
N GLY C 106 -15.66 49.15 -18.14
CA GLY C 106 -15.50 49.81 -16.87
C GLY C 106 -16.54 50.88 -16.60
N GLY C 107 -17.24 51.37 -17.62
CA GLY C 107 -18.14 52.48 -17.45
C GLY C 107 -19.63 52.24 -17.22
N LEU C 108 -20.34 51.57 -18.14
CA LEU C 108 -21.79 51.61 -18.12
C LEU C 108 -22.40 50.27 -18.50
N VAL C 109 -23.71 50.16 -18.28
CA VAL C 109 -24.48 48.95 -18.58
C VAL C 109 -25.48 49.30 -19.67
N TYR C 110 -25.41 48.59 -20.79
CA TYR C 110 -26.22 48.86 -21.97
C TYR C 110 -27.08 47.66 -22.28
N SER C 111 -28.40 47.84 -22.27
CA SER C 111 -29.29 46.73 -22.54
C SER C 111 -29.73 46.73 -23.99
N TYR C 112 -30.51 45.71 -24.37
CA TYR C 112 -30.89 45.49 -25.75
C TYR C 112 -32.17 44.69 -25.76
N ASN C 113 -32.95 44.82 -26.82
CA ASN C 113 -34.19 44.07 -27.00
C ASN C 113 -34.37 43.87 -28.50
N GLY C 114 -35.62 43.68 -28.93
CA GLY C 114 -35.89 43.40 -30.33
C GLY C 114 -35.41 44.46 -31.30
N THR C 115 -35.60 45.74 -30.94
CA THR C 115 -35.20 46.79 -31.89
C THR C 115 -34.49 48.00 -31.28
N ASN C 116 -34.37 48.13 -29.97
CA ASN C 116 -33.81 49.31 -29.33
C ASN C 116 -32.51 48.95 -28.64
N PHE C 117 -31.62 49.94 -28.50
CA PHE C 117 -30.35 49.78 -27.79
C PHE C 117 -30.05 51.11 -27.09
N ILE C 118 -30.44 51.21 -25.82
CA ILE C 118 -30.19 52.39 -25.00
C ILE C 118 -29.71 51.95 -23.62
N ASN C 119 -29.53 52.93 -22.73
CA ASN C 119 -28.96 52.70 -21.42
C ASN C 119 -29.90 51.91 -20.52
N ALA C 120 -29.36 50.91 -19.83
CA ALA C 120 -30.17 50.10 -18.93
C ALA C 120 -30.49 50.81 -17.63
N GLY C 121 -29.74 51.83 -17.27
CA GLY C 121 -30.02 52.57 -16.06
C GLY C 121 -29.55 51.86 -14.81
N PHE C 122 -28.23 51.68 -14.71
CA PHE C 122 -27.63 51.20 -13.48
C PHE C 122 -27.85 52.24 -12.38
N PRO C 123 -28.10 51.82 -11.13
CA PRO C 123 -28.50 52.79 -10.09
C PRO C 123 -27.42 53.78 -9.69
N GLU C 124 -26.19 53.65 -10.17
CA GLU C 124 -25.22 54.72 -10.11
C GLU C 124 -24.39 54.68 -11.40
N ALA C 125 -23.30 55.44 -11.42
CA ALA C 125 -22.59 55.70 -12.68
C ALA C 125 -21.85 54.47 -13.19
N ALA C 126 -20.91 53.94 -12.42
CA ALA C 126 -19.96 52.97 -12.91
C ALA C 126 -20.40 51.55 -12.60
N ALA C 127 -19.74 50.60 -13.26
CA ALA C 127 -20.01 49.19 -13.07
C ALA C 127 -18.74 48.42 -13.41
N THR C 128 -18.56 47.28 -12.74
CA THR C 128 -17.40 46.45 -13.00
C THR C 128 -17.75 45.23 -13.85
N THR C 129 -18.68 44.39 -13.38
CA THR C 129 -19.05 43.17 -14.07
C THR C 129 -20.54 42.91 -13.91
N ILE C 130 -21.08 42.09 -14.81
CA ILE C 130 -22.42 41.50 -14.69
C ILE C 130 -22.27 40.00 -14.94
N ALA C 131 -22.94 39.18 -14.14
CA ALA C 131 -22.87 37.74 -14.34
C ALA C 131 -24.20 37.08 -14.68
N PHE C 132 -25.21 37.21 -13.84
CA PHE C 132 -26.27 36.22 -13.78
C PHE C 132 -27.34 36.48 -14.82
N THR C 133 -27.95 35.39 -15.30
CA THR C 133 -28.83 35.42 -16.46
C THR C 133 -30.25 34.95 -16.15
N GLY C 134 -30.40 33.81 -15.47
CA GLY C 134 -31.64 33.06 -15.56
C GLY C 134 -32.78 33.65 -14.74
N ARG C 135 -32.49 34.17 -13.56
CA ARG C 135 -33.50 34.81 -12.74
C ARG C 135 -33.28 36.31 -12.62
N TYR C 136 -32.11 36.73 -12.15
CA TYR C 136 -31.82 38.15 -11.98
C TYR C 136 -30.71 38.59 -12.92
N PHE C 137 -30.38 39.88 -12.82
CA PHE C 137 -29.15 40.42 -13.38
C PHE C 137 -28.43 41.15 -12.25
N ILE C 138 -27.16 40.81 -12.05
CA ILE C 138 -26.41 41.25 -10.88
C ILE C 138 -25.27 42.13 -11.36
N GLY C 139 -25.20 43.35 -10.84
CA GLY C 139 -24.13 44.25 -11.23
C GLY C 139 -23.21 44.58 -10.07
N LEU C 140 -21.97 44.92 -10.37
CA LEU C 140 -20.96 45.21 -9.37
C LEU C 140 -20.54 46.67 -9.46
N SER C 141 -20.77 47.42 -8.40
CA SER C 141 -20.49 48.85 -8.38
C SER C 141 -19.00 49.07 -8.16
N ALA C 142 -18.42 49.99 -8.92
CA ALA C 142 -17.00 50.29 -8.80
C ALA C 142 -16.72 51.05 -7.53
N GLY C 143 -15.47 50.96 -7.07
CA GLY C 143 -15.08 51.56 -5.82
C GLY C 143 -15.45 50.69 -4.65
N THR C 144 -15.43 51.30 -3.46
CA THR C 144 -15.82 50.60 -2.24
C THR C 144 -17.33 50.41 -2.27
N GLY C 145 -17.79 49.28 -2.80
CA GLY C 145 -19.20 49.12 -3.11
C GLY C 145 -19.73 47.75 -2.77
N GLU C 146 -20.96 47.52 -3.22
CA GLU C 146 -21.74 46.32 -3.03
C GLU C 146 -22.21 45.83 -4.40
N TRP C 147 -23.13 44.88 -4.40
CA TRP C 147 -23.72 44.38 -5.63
C TRP C 147 -25.21 44.73 -5.64
N TYR C 148 -25.69 45.19 -6.80
CA TYR C 148 -27.09 45.50 -7.02
C TYR C 148 -27.74 44.36 -7.79
N PHE C 149 -29.07 44.28 -7.71
CA PHE C 149 -29.82 43.31 -8.47
C PHE C 149 -31.08 43.94 -9.03
N SER C 150 -31.48 43.46 -10.20
CA SER C 150 -32.63 44.02 -10.91
C SER C 150 -33.89 43.26 -10.53
N ALA C 151 -34.96 43.47 -11.29
CA ALA C 151 -36.17 42.67 -11.15
C ALA C 151 -36.01 41.36 -11.91
N VAL C 152 -37.03 40.50 -11.80
CA VAL C 152 -36.99 39.18 -12.39
C VAL C 152 -37.06 39.29 -13.90
N ASN C 153 -35.99 38.85 -14.57
CA ASN C 153 -35.88 38.77 -16.04
C ASN C 153 -36.03 40.14 -16.71
N ASN C 154 -35.68 41.21 -16.00
CA ASN C 154 -35.86 42.59 -16.48
C ASN C 154 -34.57 43.34 -16.20
N GLY C 155 -33.65 43.34 -17.16
CA GLY C 155 -32.42 44.07 -17.00
C GLY C 155 -32.50 45.53 -17.38
N ARG C 156 -33.64 45.98 -17.90
CA ARG C 156 -33.79 47.36 -18.34
C ARG C 156 -34.32 48.27 -17.24
N SER C 157 -34.68 47.73 -16.08
CA SER C 157 -35.23 48.49 -14.96
C SER C 157 -34.54 48.04 -13.69
N TRP C 158 -33.61 48.85 -13.19
CA TRP C 158 -32.95 48.61 -11.92
C TRP C 158 -33.65 49.38 -10.82
N ASP C 159 -33.12 49.28 -9.60
CA ASP C 159 -33.69 50.00 -8.48
C ASP C 159 -32.58 50.36 -7.50
N ALA C 160 -32.78 51.45 -6.77
CA ALA C 160 -31.75 51.97 -5.89
C ALA C 160 -31.72 51.26 -4.54
N LEU C 161 -32.88 50.83 -4.04
CA LEU C 161 -32.96 50.16 -2.75
C LEU C 161 -32.69 48.67 -2.83
N ASP C 162 -32.43 48.14 -4.02
CA ASP C 162 -32.14 46.72 -4.20
C ASP C 162 -30.63 46.53 -4.23
N PHE C 163 -30.04 46.30 -3.07
CA PHE C 163 -28.62 45.98 -2.99
C PHE C 163 -28.38 45.10 -1.78
N ALA C 164 -27.12 44.72 -1.59
CA ALA C 164 -26.71 43.94 -0.43
C ALA C 164 -25.22 44.13 -0.24
N THR C 165 -24.83 44.60 0.94
CA THR C 165 -23.45 44.94 1.20
C THR C 165 -22.66 43.70 1.62
N ALA C 166 -21.34 43.78 1.43
CA ALA C 166 -20.43 42.78 1.93
C ALA C 166 -19.87 43.22 3.28
N GLU C 167 -19.30 42.26 4.02
CA GLU C 167 -18.91 42.50 5.39
C GLU C 167 -17.49 42.07 5.70
N ASN C 168 -16.68 41.75 4.70
CA ASN C 168 -15.33 41.26 4.94
C ASN C 168 -14.25 41.94 4.12
N GLU C 169 -14.56 42.54 2.98
CA GLU C 169 -13.56 43.24 2.20
C GLU C 169 -13.80 44.75 2.28
N PRO C 170 -12.84 45.53 2.79
CA PRO C 170 -13.04 46.98 2.85
C PRO C 170 -12.49 47.71 1.63
N ASP C 171 -11.69 47.04 0.81
CA ASP C 171 -11.00 47.74 -0.26
C ASP C 171 -11.89 47.93 -1.48
N ALA C 172 -12.28 46.82 -2.13
CA ALA C 172 -13.02 46.91 -3.39
C ALA C 172 -13.68 45.58 -3.69
N LEU C 173 -14.28 45.50 -4.88
CA LEU C 173 -14.79 44.27 -5.48
C LEU C 173 -14.41 44.26 -6.95
N LEU C 174 -14.04 43.10 -7.47
CA LEU C 174 -13.49 43.04 -8.81
C LEU C 174 -14.18 42.04 -9.74
N ASP C 175 -14.68 40.93 -9.23
CA ASP C 175 -15.22 39.92 -10.14
C ASP C 175 -16.27 39.08 -9.42
N VAL C 176 -17.13 38.47 -10.22
CA VAL C 176 -18.27 37.69 -9.74
C VAL C 176 -18.44 36.50 -10.68
N LEU C 177 -18.89 35.38 -10.14
CA LEU C 177 -18.98 34.15 -10.92
C LEU C 177 -20.11 33.30 -10.38
N VAL C 178 -20.87 32.69 -11.28
CA VAL C 178 -22.01 31.85 -10.93
C VAL C 178 -21.58 30.40 -11.12
N LEU C 179 -21.32 29.71 -10.03
CA LEU C 179 -20.82 28.34 -10.03
C LEU C 179 -21.92 27.31 -9.95
N ASP C 180 -22.95 27.58 -9.16
CA ASP C 180 -24.07 26.73 -8.86
C ASP C 180 -25.26 27.67 -8.69
N GLY C 181 -26.26 27.24 -7.93
CA GLY C 181 -27.20 28.19 -7.36
C GLY C 181 -26.52 29.25 -6.50
N VAL C 182 -25.37 28.91 -5.90
CA VAL C 182 -24.61 29.87 -5.11
C VAL C 182 -23.88 30.85 -6.03
N LEU C 183 -23.40 31.94 -5.43
CA LEU C 183 -22.59 32.95 -6.08
C LEU C 183 -21.19 32.96 -5.48
N VAL C 184 -20.23 33.45 -6.26
CA VAL C 184 -18.85 33.60 -5.80
C VAL C 184 -18.40 35.02 -6.08
N PHE C 185 -18.12 35.77 -5.04
CA PHE C 185 -17.69 37.16 -5.14
C PHE C 185 -16.22 37.25 -4.82
N PHE C 186 -15.44 37.80 -5.76
CA PHE C 186 -14.01 37.93 -5.61
C PHE C 186 -13.69 39.33 -5.12
N GLY C 187 -13.17 39.44 -3.89
CA GLY C 187 -12.66 40.70 -3.40
C GLY C 187 -11.18 40.85 -3.71
N THR C 188 -10.65 42.02 -3.38
CA THR C 188 -9.21 42.22 -3.49
C THR C 188 -8.46 41.60 -2.33
N GLU C 189 -9.17 41.19 -1.29
CA GLU C 189 -8.58 40.66 -0.08
C GLU C 189 -9.11 39.29 0.30
N SER C 190 -10.39 39.02 0.09
CA SER C 190 -10.99 37.76 0.49
C SER C 190 -11.95 37.29 -0.59
N ILE C 191 -12.45 36.06 -0.43
CA ILE C 191 -13.41 35.46 -1.35
C ILE C 191 -14.59 34.99 -0.53
N GLU C 192 -15.80 35.40 -0.92
CA GLU C 192 -17.02 35.08 -0.20
C GLU C 192 -17.89 34.13 -1.01
N PHE C 193 -18.83 33.51 -0.32
CA PHE C 193 -19.80 32.62 -0.93
C PHE C 193 -21.19 33.01 -0.47
N TRP C 194 -22.12 33.10 -1.42
CA TRP C 194 -23.46 33.63 -1.15
C TRP C 194 -24.49 32.70 -1.78
N GLY C 195 -25.28 32.01 -0.94
CA GLY C 195 -26.26 31.05 -1.42
C GLY C 195 -27.58 31.71 -1.78
N PHE C 196 -28.49 30.90 -2.31
CA PHE C 196 -29.79 31.39 -2.78
C PHE C 196 -30.84 31.19 -1.70
N THR C 197 -31.55 32.27 -1.37
CA THR C 197 -32.50 32.29 -0.26
C THR C 197 -33.91 31.88 -0.68
N GLY C 198 -34.48 32.52 -1.68
CA GLY C 198 -35.84 32.24 -2.08
C GLY C 198 -36.86 33.23 -1.59
N ASP C 199 -36.44 34.39 -1.11
CA ASP C 199 -37.34 35.46 -0.71
C ASP C 199 -37.60 36.39 -1.88
N ALA C 200 -38.22 37.53 -1.59
CA ALA C 200 -38.52 38.54 -2.59
C ALA C 200 -37.72 39.82 -2.39
N ASP C 201 -37.57 40.26 -1.14
CA ASP C 201 -36.84 41.49 -0.85
C ASP C 201 -35.34 41.28 -1.02
N LEU C 202 -34.76 40.36 -0.24
CA LEU C 202 -33.36 39.97 -0.40
C LEU C 202 -33.31 38.52 -0.84
N PRO C 203 -32.80 38.24 -2.05
CA PRO C 203 -32.83 36.87 -2.56
C PRO C 203 -31.58 36.02 -2.29
N TYR C 204 -30.57 36.55 -1.62
CA TYR C 204 -29.33 35.83 -1.41
C TYR C 204 -28.84 36.01 0.02
N SER C 205 -28.10 35.02 0.51
CA SER C 205 -27.64 34.96 1.89
C SER C 205 -26.25 34.35 1.94
N PRO C 206 -25.41 34.75 2.89
CA PRO C 206 -24.03 34.26 2.90
C PRO C 206 -23.89 32.93 3.62
N ILE C 207 -22.84 32.19 3.24
CA ILE C 207 -22.42 30.99 3.95
C ILE C 207 -21.35 31.41 4.95
N GLN C 208 -21.45 30.91 6.18
CA GLN C 208 -20.80 31.54 7.32
C GLN C 208 -19.28 31.36 7.31
N GLN C 209 -18.81 30.11 7.37
CA GLN C 209 -17.39 29.84 7.58
C GLN C 209 -16.66 29.41 6.31
N ARG C 210 -16.98 30.00 5.17
CA ARG C 210 -16.30 29.70 3.91
C ARG C 210 -15.71 31.00 3.38
N VAL C 211 -14.48 31.31 3.80
CA VAL C 211 -13.78 32.52 3.36
C VAL C 211 -12.37 32.12 2.95
N PHE C 212 -12.01 32.40 1.71
CA PHE C 212 -10.65 32.19 1.25
C PHE C 212 -9.88 33.50 1.34
N GLU C 213 -8.60 33.41 1.64
CA GLU C 213 -7.82 34.60 1.96
C GLU C 213 -7.03 35.15 0.78
N GLN C 214 -7.08 34.49 -0.37
CA GLN C 214 -6.34 34.91 -1.56
C GLN C 214 -7.30 35.63 -2.50
N GLY C 215 -7.36 36.95 -2.39
CA GLY C 215 -8.22 37.72 -3.27
C GLY C 215 -7.70 37.78 -4.67
N ILE C 216 -8.60 38.15 -5.60
CA ILE C 216 -8.27 38.12 -7.02
C ILE C 216 -7.29 39.26 -7.35
N TYR C 217 -6.53 39.07 -8.43
CA TYR C 217 -5.51 40.06 -8.81
C TYR C 217 -6.13 41.24 -9.55
N ALA C 218 -7.07 40.98 -10.44
CA ALA C 218 -7.62 42.02 -11.30
C ALA C 218 -9.09 41.71 -11.55
N THR C 219 -9.67 42.34 -12.57
CA THR C 219 -11.07 42.14 -12.87
C THR C 219 -11.32 41.01 -13.86
N GLY C 220 -10.29 40.44 -14.46
CA GLY C 220 -10.48 39.41 -15.47
C GLY C 220 -9.73 38.13 -15.19
N CYS C 221 -9.72 37.70 -13.93
CA CYS C 221 -8.83 36.62 -13.49
C CYS C 221 -9.61 35.52 -12.79
N ALA C 222 -10.70 35.07 -13.38
CA ALA C 222 -11.49 33.99 -12.81
C ALA C 222 -12.27 33.29 -13.91
N VAL C 223 -12.09 31.97 -14.02
CA VAL C 223 -12.66 31.17 -15.10
C VAL C 223 -13.33 29.94 -14.49
N ARG C 224 -14.57 29.67 -14.90
CA ARG C 224 -15.27 28.44 -14.54
C ARG C 224 -14.86 27.37 -15.54
N VAL C 225 -13.81 26.62 -15.19
CA VAL C 225 -13.26 25.62 -16.10
C VAL C 225 -14.12 24.37 -16.12
N ASP C 226 -14.62 23.98 -14.96
CA ASP C 226 -15.05 22.62 -14.72
C ASP C 226 -16.22 22.71 -13.75
N ASN C 227 -16.49 21.63 -13.02
CA ASN C 227 -17.42 21.68 -11.90
C ASN C 227 -16.98 22.69 -10.83
N SER C 228 -15.69 22.98 -10.73
CA SER C 228 -15.17 24.08 -9.96
C SER C 228 -14.44 25.06 -10.89
N PHE C 229 -13.74 26.03 -10.30
CA PHE C 229 -13.23 27.20 -10.99
C PHE C 229 -11.78 27.50 -10.59
N TYR C 230 -11.16 28.42 -11.32
CA TYR C 230 -9.79 28.86 -11.05
C TYR C 230 -9.77 30.37 -10.78
N TRP C 231 -8.65 30.84 -10.23
CA TRP C 231 -8.36 32.28 -10.13
C TRP C 231 -6.84 32.46 -10.05
N VAL C 232 -6.40 33.70 -9.90
CA VAL C 232 -4.98 34.06 -9.99
C VAL C 232 -4.39 34.44 -8.63
N GLY C 233 -5.14 35.14 -7.81
CA GLY C 233 -4.65 35.44 -6.48
C GLY C 233 -3.92 36.76 -6.40
N LYS C 234 -3.74 37.25 -5.16
CA LYS C 234 -3.07 38.52 -4.93
C LYS C 234 -1.60 38.47 -5.36
N ASP C 235 -0.98 37.31 -5.23
CA ASP C 235 0.30 37.04 -5.85
C ASP C 235 0.07 36.11 -7.04
N LYS C 236 1.12 35.94 -7.85
CA LYS C 236 0.95 35.28 -9.15
C LYS C 236 1.08 33.76 -8.99
N ILE C 237 0.09 33.17 -8.32
CA ILE C 237 0.02 31.72 -8.14
C ILE C 237 -1.39 31.27 -8.47
N VAL C 238 -1.56 30.61 -9.62
CA VAL C 238 -2.89 30.17 -10.05
C VAL C 238 -3.39 29.05 -9.15
N TYR C 239 -4.58 29.21 -8.60
CA TYR C 239 -5.13 28.28 -7.62
C TYR C 239 -6.23 27.42 -8.23
N ARG C 240 -6.91 26.66 -7.38
CA ARG C 240 -7.91 25.69 -7.79
C ARG C 240 -8.83 25.42 -6.62
N ASN C 241 -10.13 25.41 -6.87
CA ASN C 241 -11.11 25.25 -5.81
C ASN C 241 -11.13 23.82 -5.28
N GLY C 242 -11.41 23.68 -4.00
CA GLY C 242 -11.57 22.37 -3.40
C GLY C 242 -12.07 22.50 -1.97
N ASP C 243 -11.67 21.58 -1.11
CA ASP C 243 -11.89 21.78 0.33
C ASP C 243 -11.06 22.96 0.81
N VAL C 244 -9.76 22.90 0.57
CA VAL C 244 -8.88 24.05 0.71
C VAL C 244 -8.37 24.38 -0.70
N PRO C 245 -8.08 25.64 -1.01
CA PRO C 245 -7.56 25.95 -2.35
C PRO C 245 -6.12 25.48 -2.52
N GLN C 246 -5.93 24.55 -3.45
CA GLN C 246 -4.59 24.10 -3.80
C GLN C 246 -4.06 24.90 -4.98
N ALA C 247 -2.75 24.84 -5.16
CA ALA C 247 -2.07 25.62 -6.19
C ALA C 247 -1.64 24.71 -7.34
N VAL C 248 -1.69 25.24 -8.55
CA VAL C 248 -1.31 24.47 -9.74
C VAL C 248 -0.10 25.05 -10.45
N SER C 249 0.29 26.29 -10.17
CA SER C 249 1.48 26.83 -10.81
C SER C 249 2.71 26.55 -9.98
N ASP C 250 3.80 26.24 -10.67
CA ASP C 250 5.07 25.95 -10.03
C ASP C 250 6.11 27.00 -10.40
N ASP C 251 7.36 26.76 -10.07
CA ASP C 251 8.44 27.63 -10.53
C ASP C 251 8.52 27.61 -12.05
N GLY C 252 8.94 28.74 -12.62
CA GLY C 252 8.99 28.89 -14.04
C GLY C 252 7.70 29.34 -14.69
N ILE C 253 6.62 29.47 -13.92
CA ILE C 253 5.39 30.10 -14.39
C ILE C 253 5.13 31.28 -13.46
N VAL C 254 5.54 31.13 -12.20
CA VAL C 254 5.29 32.17 -11.21
C VAL C 254 6.29 33.32 -11.37
N GLU C 255 7.57 33.00 -11.56
CA GLU C 255 8.56 34.06 -11.69
C GLU C 255 8.51 34.74 -13.04
N LYS C 256 7.81 34.17 -14.02
CA LYS C 256 7.66 34.80 -15.31
C LYS C 256 6.42 35.70 -15.35
N ALA C 257 5.46 35.47 -14.46
CA ALA C 257 4.24 36.27 -14.43
C ALA C 257 4.43 37.63 -13.77
N GLU C 258 5.57 37.88 -13.13
CA GLU C 258 5.78 39.19 -12.52
C GLU C 258 6.11 40.25 -13.56
N GLY C 259 6.78 39.87 -14.64
CA GLY C 259 7.20 40.85 -15.63
C GLY C 259 6.05 41.44 -16.41
N SER C 260 4.96 40.69 -16.54
CA SER C 260 3.73 41.20 -17.10
C SER C 260 2.90 41.82 -16.00
N THR C 261 2.52 43.08 -16.17
CA THR C 261 1.61 43.75 -15.24
C THR C 261 0.15 43.57 -15.65
N ASN C 262 -0.11 42.73 -16.64
CA ASN C 262 -1.47 42.44 -17.09
C ASN C 262 -1.60 40.92 -17.22
N LEU C 263 -2.60 40.36 -16.55
CA LEU C 263 -2.81 38.92 -16.51
C LEU C 263 -4.28 38.60 -16.73
N THR C 264 -4.55 37.67 -17.64
CA THR C 264 -5.92 37.23 -17.90
C THR C 264 -5.98 35.70 -17.84
N LEU C 265 -7.20 35.19 -17.83
CA LEU C 265 -7.43 33.75 -17.93
C LEU C 265 -8.63 33.51 -18.83
N PHE C 266 -8.54 32.44 -19.62
CA PHE C 266 -9.67 31.99 -20.42
C PHE C 266 -9.47 30.52 -20.77
N VAL C 267 -10.49 29.96 -21.40
CA VAL C 267 -10.45 28.58 -21.86
C VAL C 267 -10.31 28.55 -23.38
N LEU C 268 -9.66 27.51 -23.87
CA LEU C 268 -9.71 27.13 -25.27
C LEU C 268 -10.24 25.71 -25.33
N GLU C 269 -11.27 25.49 -26.12
CA GLU C 269 -11.88 24.18 -26.18
C GLU C 269 -11.23 23.33 -27.27
N ASP C 270 -10.72 22.18 -26.88
CA ASP C 270 -10.33 21.12 -27.81
C ASP C 270 -11.18 19.91 -27.44
N GLU C 271 -11.14 18.87 -28.29
CA GLU C 271 -11.87 17.64 -28.03
C GLU C 271 -11.26 16.97 -26.81
N ARG C 272 -12.02 16.97 -25.70
CA ARG C 272 -11.66 16.55 -24.34
C ARG C 272 -10.29 17.08 -23.86
N HIS C 273 -9.90 18.27 -24.30
CA HIS C 273 -8.73 18.96 -23.78
C HIS C 273 -9.15 20.38 -23.45
N LYS C 274 -9.50 20.64 -22.19
CA LYS C 274 -9.91 21.97 -21.76
C LYS C 274 -8.65 22.70 -21.31
N PHE C 275 -8.08 23.51 -22.18
CA PHE C 275 -6.90 24.29 -21.81
C PHE C 275 -7.31 25.52 -21.02
N VAL C 276 -6.43 25.95 -20.12
CA VAL C 276 -6.64 27.15 -19.31
C VAL C 276 -5.46 28.07 -19.55
N CYS C 277 -5.64 29.07 -20.41
CA CYS C 277 -4.53 29.90 -20.84
C CYS C 277 -4.27 31.03 -19.85
N LEU C 278 -3.00 31.27 -19.56
CA LEU C 278 -2.57 32.42 -18.78
C LEU C 278 -1.87 33.37 -19.73
N ARG C 279 -2.58 34.39 -20.18
CA ARG C 279 -2.05 35.36 -21.13
C ARG C 279 -1.41 36.53 -20.40
N GLY C 280 -0.22 36.92 -20.85
CA GLY C 280 0.54 37.99 -20.25
C GLY C 280 1.06 38.96 -21.29
N ASP C 281 2.26 39.47 -21.03
CA ASP C 281 2.86 40.48 -21.91
C ASP C 281 3.32 39.87 -23.22
N ASP C 282 4.01 38.73 -23.15
CA ASP C 282 4.40 37.99 -24.34
C ASP C 282 4.06 36.52 -24.29
N PHE C 283 3.88 35.93 -23.12
CA PHE C 283 3.73 34.49 -22.97
C PHE C 283 2.27 34.08 -23.07
N THR C 284 2.07 32.79 -23.31
CA THR C 284 0.75 32.17 -23.17
C THR C 284 1.00 30.73 -22.76
N HIS C 285 0.85 30.45 -21.47
CA HIS C 285 1.05 29.10 -20.93
C HIS C 285 -0.31 28.47 -20.67
N PRO C 286 -0.78 27.57 -21.52
CA PRO C 286 -2.05 26.91 -21.21
C PRO C 286 -1.89 25.69 -20.31
N HIS C 287 -2.51 25.75 -19.14
CA HIS C 287 -2.55 24.60 -18.24
C HIS C 287 -3.61 23.62 -18.71
N ASP C 288 -3.18 22.47 -19.22
CA ASP C 288 -4.11 21.40 -19.53
C ASP C 288 -4.71 20.85 -18.24
N VAL C 289 -5.96 20.43 -18.31
CA VAL C 289 -6.72 20.09 -17.11
C VAL C 289 -6.91 18.57 -16.95
N THR C 290 -6.81 17.79 -18.02
CA THR C 290 -7.02 16.35 -17.91
C THR C 290 -5.73 15.63 -17.54
N THR C 291 -4.64 15.95 -18.24
CA THR C 291 -3.31 15.53 -17.86
C THR C 291 -2.57 16.83 -17.56
N GLY C 292 -2.43 17.17 -16.29
CA GLY C 292 -2.12 18.54 -15.97
C GLY C 292 -0.64 18.84 -16.10
N GLN C 293 -0.28 19.36 -17.28
CA GLN C 293 1.10 19.68 -17.63
C GLN C 293 1.11 21.02 -18.34
N TRP C 294 2.02 21.90 -17.94
CA TRP C 294 2.13 23.20 -18.59
C TRP C 294 2.81 23.06 -19.94
N CYS C 295 2.36 23.84 -20.91
CA CYS C 295 2.97 23.87 -22.23
C CYS C 295 2.97 25.33 -22.68
N GLU C 296 3.22 25.56 -23.97
CA GLU C 296 3.35 26.91 -24.49
C GLU C 296 2.82 27.01 -25.91
N PHE C 297 1.86 27.89 -26.12
CA PHE C 297 1.35 28.24 -27.44
C PHE C 297 2.01 29.52 -27.90
N LYS C 298 2.58 29.50 -29.10
CA LYS C 298 3.22 30.68 -29.67
C LYS C 298 2.93 30.77 -31.16
N SER C 299 2.27 31.85 -31.56
CA SER C 299 2.03 32.15 -32.96
C SER C 299 3.27 32.80 -33.57
N TYR C 300 3.42 32.66 -34.88
CA TYR C 300 4.67 33.02 -35.53
C TYR C 300 4.71 34.48 -35.94
N GLY C 301 5.89 35.08 -35.87
CA GLY C 301 6.12 36.41 -36.38
C GLY C 301 5.66 37.52 -35.48
N ARG C 302 5.15 37.20 -34.31
CA ARG C 302 4.52 38.14 -33.40
C ARG C 302 5.19 38.05 -32.05
N THR C 303 4.58 38.71 -31.06
CA THR C 303 5.09 38.68 -29.71
C THR C 303 4.27 37.80 -28.77
N ASN C 304 3.10 37.31 -29.20
CA ASN C 304 2.24 36.53 -28.35
C ASN C 304 1.25 35.77 -29.22
N PHE C 305 0.76 34.65 -28.70
CA PHE C 305 -0.29 33.89 -29.38
C PHE C 305 -1.60 34.67 -29.31
N ARG C 306 -2.15 35.02 -30.47
CA ARG C 306 -3.30 35.92 -30.52
C ARG C 306 -4.59 35.18 -30.15
N ALA C 307 -5.23 35.63 -29.08
CA ALA C 307 -6.50 35.09 -28.57
C ALA C 307 -7.04 36.06 -27.53
N THR C 308 -8.25 35.77 -27.07
CA THR C 308 -8.92 36.55 -26.03
C THR C 308 -9.80 35.60 -25.24
N ALA C 309 -10.81 36.13 -24.53
CA ALA C 309 -11.75 35.32 -23.75
C ALA C 309 -12.49 34.27 -24.59
N ASP C 310 -12.56 34.46 -25.89
CA ASP C 310 -13.00 33.44 -26.84
C ASP C 310 -11.96 33.41 -27.95
N PHE C 311 -12.29 32.82 -29.08
CA PHE C 311 -11.35 32.71 -30.19
C PHE C 311 -11.18 34.00 -30.97
N GLY C 312 -11.59 35.16 -30.44
CA GLY C 312 -11.40 36.40 -31.15
C GLY C 312 -9.94 36.84 -31.14
N ASP C 313 -9.63 37.73 -32.08
CA ASP C 313 -8.29 38.23 -32.22
C ASP C 313 -8.08 39.41 -31.26
N ASP C 314 -6.83 39.81 -31.06
CA ASP C 314 -6.54 41.04 -30.33
C ASP C 314 -6.36 42.23 -31.25
N GLU C 315 -6.66 42.07 -32.54
CA GLU C 315 -6.35 43.07 -33.56
C GLU C 315 -7.17 42.75 -34.80
N THR C 316 -7.60 43.80 -35.50
CA THR C 316 -8.29 43.83 -36.80
C THR C 316 -9.70 43.23 -36.78
N GLY C 317 -10.18 42.72 -35.66
CA GLY C 317 -11.56 42.27 -35.59
C GLY C 317 -11.84 40.96 -36.31
N LYS C 318 -11.26 39.86 -35.84
CA LYS C 318 -11.45 38.56 -36.46
C LYS C 318 -11.79 37.52 -35.39
N ILE C 319 -12.54 36.52 -35.81
CA ILE C 319 -12.97 35.41 -34.95
C ILE C 319 -12.75 34.13 -35.75
N TRP C 320 -12.25 33.08 -35.09
CA TRP C 320 -11.97 31.84 -35.79
C TRP C 320 -12.40 30.64 -34.94
N ALA C 321 -11.91 29.48 -35.34
CA ALA C 321 -12.01 28.23 -34.60
C ALA C 321 -10.78 27.41 -34.92
N TRP C 322 -10.75 26.17 -34.42
CA TRP C 322 -9.69 25.25 -34.80
C TRP C 322 -10.04 24.60 -36.14
N GLY C 323 -9.05 24.48 -37.02
CA GLY C 323 -9.29 23.66 -38.18
C GLY C 323 -8.10 23.41 -39.07
N GLY C 324 -7.85 22.13 -39.36
CA GLY C 324 -6.91 21.71 -40.39
C GLY C 324 -5.48 22.11 -40.13
N TYR C 325 -4.75 22.33 -41.22
CA TYR C 325 -3.38 22.82 -41.18
C TYR C 325 -3.26 23.85 -42.29
N ASP C 326 -2.01 24.16 -42.67
CA ASP C 326 -1.51 25.07 -43.72
C ASP C 326 -2.33 26.35 -43.94
N ASP C 327 -2.66 27.04 -42.86
CA ASP C 327 -3.40 28.29 -42.94
C ASP C 327 -2.62 29.47 -42.39
N GLU C 328 -1.93 29.29 -41.28
CA GLU C 328 -1.15 30.36 -40.67
C GLU C 328 0.26 30.46 -41.22
N GLY C 329 0.57 29.73 -42.29
CA GLY C 329 1.87 29.81 -42.91
C GLY C 329 2.90 28.92 -42.25
N ILE C 330 3.42 29.34 -41.10
CA ILE C 330 4.47 28.62 -40.41
C ILE C 330 4.01 28.36 -38.99
N ILE C 331 4.04 27.09 -38.58
CA ILE C 331 3.76 26.70 -37.20
C ILE C 331 5.04 26.08 -36.66
N GLU C 332 5.64 26.72 -35.67
CA GLU C 332 6.85 26.18 -35.06
C GLU C 332 6.49 25.23 -33.93
N ARG C 333 7.20 24.11 -33.86
CA ARG C 333 6.93 23.05 -32.89
C ARG C 333 8.27 22.51 -32.41
N LEU C 334 8.54 22.65 -31.12
CA LEU C 334 9.88 22.44 -30.57
C LEU C 334 9.77 21.68 -29.27
N PHE C 335 10.65 20.69 -29.10
CA PHE C 335 10.67 19.88 -27.88
C PHE C 335 12.12 19.58 -27.52
N MET C 336 12.29 19.02 -26.32
CA MET C 336 13.60 18.87 -25.72
C MET C 336 13.82 17.44 -25.26
N ALA C 337 15.06 16.96 -25.34
CA ALA C 337 15.42 15.61 -24.90
C ALA C 337 16.81 15.66 -24.32
N GLY C 338 16.94 15.27 -23.04
CA GLY C 338 18.20 15.38 -22.34
C GLY C 338 18.51 14.14 -21.51
N ALA C 339 19.76 14.04 -21.09
CA ALA C 339 20.27 12.81 -20.49
C ALA C 339 20.56 12.89 -19.00
N ALA C 340 20.93 14.06 -18.48
CA ALA C 340 21.46 14.27 -17.12
C ALA C 340 22.63 13.33 -16.84
N LEU C 341 23.54 13.29 -17.81
CA LEU C 341 24.66 12.39 -17.89
C LEU C 341 25.74 12.74 -16.87
N GLU C 342 26.60 11.74 -16.58
CA GLU C 342 27.69 11.95 -15.64
C GLU C 342 29.04 11.43 -16.12
N GLU C 343 29.10 10.47 -17.06
CA GLU C 343 30.36 9.91 -17.54
C GLU C 343 30.51 10.09 -19.04
N ALA C 344 31.76 10.12 -19.50
CA ALA C 344 32.04 10.35 -20.92
C ALA C 344 31.57 9.18 -21.76
N THR C 345 30.75 9.46 -22.76
CA THR C 345 30.07 8.44 -23.56
C THR C 345 30.48 8.57 -25.02
N GLN C 346 29.97 7.63 -25.82
CA GLN C 346 30.14 7.61 -27.27
C GLN C 346 28.76 7.51 -27.89
N ILE C 347 28.11 8.66 -28.09
CA ILE C 347 26.80 8.71 -28.72
C ILE C 347 27.03 8.56 -30.23
N ASP C 348 26.76 7.37 -30.74
CA ASP C 348 26.97 7.07 -32.16
C ASP C 348 25.73 7.32 -32.99
N ASN C 349 24.59 7.56 -32.35
CA ASN C 349 23.32 7.59 -33.07
C ASN C 349 22.33 8.36 -32.22
N ILE C 350 21.24 8.79 -32.86
CA ILE C 350 20.08 9.33 -32.16
C ILE C 350 18.88 9.11 -33.08
N ARG C 351 17.71 8.90 -32.49
CA ARG C 351 16.59 8.33 -33.24
C ARG C 351 15.29 8.97 -32.79
N LEU C 352 14.37 9.17 -33.73
CA LEU C 352 13.02 9.58 -33.44
C LEU C 352 12.05 8.51 -33.92
N THR C 353 10.92 8.40 -33.25
CA THR C 353 9.80 7.57 -33.71
C THR C 353 8.62 8.51 -33.87
N CYS C 354 8.55 9.15 -35.03
CA CYS C 354 7.55 10.15 -35.35
C CYS C 354 6.56 9.56 -36.35
N GLU C 355 5.65 10.39 -36.83
CA GLU C 355 4.85 10.01 -37.99
C GLU C 355 5.57 10.47 -39.24
N VAL C 356 5.57 9.61 -40.25
CA VAL C 356 6.56 9.68 -41.32
C VAL C 356 5.85 9.71 -42.66
N GLY C 357 6.10 10.75 -43.45
CA GLY C 357 5.74 10.76 -44.85
C GLY C 357 4.25 10.81 -45.14
N THR C 358 3.50 11.61 -44.39
CA THR C 358 2.07 11.75 -44.61
C THR C 358 1.69 13.16 -45.02
N THR C 359 2.61 13.89 -45.65
CA THR C 359 2.29 15.23 -46.13
C THR C 359 1.37 15.14 -47.35
N PRO C 360 0.39 16.04 -47.46
CA PRO C 360 -0.53 16.02 -48.62
C PRO C 360 -0.07 16.86 -49.80
N ASN C 361 1.16 17.36 -49.78
CA ASN C 361 1.65 18.29 -50.79
C ASN C 361 2.44 17.56 -51.86
N LEU C 362 2.22 17.94 -53.10
CA LEU C 362 2.98 17.38 -54.21
C LEU C 362 3.61 18.45 -55.07
N VAL C 363 2.99 19.62 -55.14
CA VAL C 363 3.59 20.81 -55.73
C VAL C 363 3.97 21.76 -54.61
N GLY C 364 4.92 22.64 -54.89
CA GLY C 364 5.37 23.61 -53.91
C GLY C 364 6.62 23.14 -53.18
N ILE C 365 7.02 23.96 -52.20
CA ILE C 365 8.26 23.73 -51.48
C ILE C 365 8.09 22.86 -50.25
N TYR C 366 6.87 22.47 -49.90
CA TYR C 366 6.61 21.70 -48.69
C TYR C 366 6.41 20.21 -48.98
N THR C 367 7.06 19.69 -50.01
CA THR C 367 6.94 18.27 -50.30
C THR C 367 7.83 17.41 -49.43
N ASP C 368 8.81 18.00 -48.74
CA ASP C 368 9.68 17.34 -47.76
C ASP C 368 9.85 18.30 -46.58
N PRO C 369 9.32 17.97 -45.41
CA PRO C 369 9.27 18.96 -44.31
C PRO C 369 10.63 19.30 -43.70
N THR C 370 11.53 18.32 -43.54
CA THR C 370 12.94 18.50 -43.17
C THR C 370 13.10 19.20 -41.82
N LEU C 371 12.74 18.49 -40.74
CA LEU C 371 13.07 18.96 -39.41
C LEU C 371 14.58 18.92 -39.17
N GLU C 372 15.02 19.60 -38.11
CA GLU C 372 16.43 19.78 -37.85
C GLU C 372 16.69 19.81 -36.34
N MET C 373 17.83 19.24 -35.92
CA MET C 373 18.21 19.16 -34.52
C MET C 373 19.52 19.90 -34.27
N ARG C 374 19.86 19.99 -32.98
CA ARG C 374 20.90 20.92 -32.54
C ARG C 374 21.54 20.37 -31.27
N PHE C 375 22.87 20.23 -31.29
CA PHE C 375 23.62 19.77 -30.13
C PHE C 375 23.63 20.83 -29.05
N SER C 376 24.10 20.45 -27.87
CA SER C 376 24.49 21.44 -26.88
C SER C 376 25.51 20.85 -25.93
N TYR C 377 26.33 21.72 -25.40
CA TYR C 377 27.12 21.46 -24.21
C TYR C 377 26.55 22.33 -23.10
N ASP C 378 27.25 22.34 -21.96
CA ASP C 378 27.13 23.27 -20.81
C ASP C 378 25.71 23.71 -20.47
N ALA C 379 24.81 22.72 -20.41
CA ALA C 379 23.42 22.85 -19.94
C ALA C 379 22.60 23.85 -20.76
N GLY C 380 22.92 23.97 -22.04
CA GLY C 380 22.11 24.79 -22.93
C GLY C 380 22.41 26.27 -22.91
N ASN C 381 23.51 26.68 -22.28
CA ASN C 381 23.88 28.10 -22.29
C ASN C 381 24.54 28.50 -23.59
N THR C 382 25.02 27.54 -24.38
CA THR C 382 25.41 27.80 -25.76
C THR C 382 25.11 26.55 -26.57
N TRP C 383 25.05 26.72 -27.88
CA TRP C 383 24.52 25.70 -28.77
C TRP C 383 25.49 25.46 -29.91
N GLU C 384 25.07 24.66 -30.88
CA GLU C 384 25.87 24.32 -32.05
C GLU C 384 25.01 24.49 -33.30
N ASP C 385 25.56 24.10 -34.44
CA ASP C 385 24.86 24.24 -35.70
C ASP C 385 23.74 23.20 -35.83
N TRP C 386 22.79 23.50 -36.72
CA TRP C 386 21.72 22.56 -36.97
C TRP C 386 22.20 21.39 -37.81
N GLU C 387 21.58 20.23 -37.60
CA GLU C 387 21.73 19.07 -38.48
C GLU C 387 20.33 18.66 -38.92
N ALA C 388 20.06 18.78 -40.21
CA ALA C 388 18.71 18.60 -40.73
C ALA C 388 18.59 17.25 -41.44
N GLU C 389 17.49 16.56 -41.21
CA GLU C 389 17.14 15.37 -41.95
C GLU C 389 15.72 15.51 -42.49
N THR C 390 15.50 14.95 -43.67
CA THR C 390 14.20 15.01 -44.29
C THR C 390 13.23 14.07 -43.59
N LEU C 391 11.96 14.19 -43.96
CA LEU C 391 10.91 13.35 -43.41
C LEU C 391 10.29 12.45 -44.46
N GLY C 392 10.63 12.63 -45.73
CA GLY C 392 10.16 11.80 -46.80
C GLY C 392 8.97 12.39 -47.52
N ALA C 393 8.76 11.96 -48.76
CA ALA C 393 7.61 12.38 -49.53
C ALA C 393 6.38 11.57 -49.13
N GLN C 394 5.27 11.83 -49.80
CA GLN C 394 4.01 11.17 -49.46
C GLN C 394 4.04 9.72 -49.90
N GLY C 395 3.56 8.83 -49.05
CA GLY C 395 3.50 7.42 -49.35
C GLY C 395 4.70 6.63 -48.87
N LYS C 396 5.78 7.30 -48.49
CA LYS C 396 6.96 6.63 -47.96
C LYS C 396 6.79 6.56 -46.46
N TYR C 397 6.10 5.52 -46.00
CA TYR C 397 5.81 5.34 -44.58
C TYR C 397 6.95 4.71 -43.81
N ARG C 398 8.05 4.37 -44.47
CA ARG C 398 9.17 3.67 -43.85
C ARG C 398 10.44 4.48 -44.08
N GLN C 399 10.69 5.43 -43.19
CA GLN C 399 11.88 6.28 -43.27
C GLN C 399 12.34 6.62 -41.86
N ARG C 400 13.47 6.03 -41.45
CA ARG C 400 14.08 6.32 -40.16
C ARG C 400 14.66 7.72 -40.20
N VAL C 401 14.47 8.48 -39.13
CA VAL C 401 15.07 9.80 -39.02
C VAL C 401 16.18 9.77 -37.98
N GLU C 402 17.43 9.75 -38.44
CA GLU C 402 18.54 9.55 -37.52
C GLU C 402 19.77 10.34 -37.95
N TRP C 403 20.67 10.51 -37.00
CA TRP C 403 21.93 11.22 -37.15
C TRP C 403 23.03 10.31 -36.62
N ARG C 404 24.16 10.24 -37.33
CA ARG C 404 25.05 9.11 -37.15
C ARG C 404 26.48 9.43 -36.73
N ALA C 405 26.87 10.70 -36.59
CA ALA C 405 28.26 11.02 -36.32
C ALA C 405 28.39 12.04 -35.20
N LEU C 406 27.77 11.77 -34.06
CA LEU C 406 27.60 12.79 -33.04
C LEU C 406 28.90 13.06 -32.26
N GLY C 407 29.42 12.06 -31.56
CA GLY C 407 30.73 12.17 -30.92
C GLY C 407 30.64 11.96 -29.41
N MET C 408 31.46 12.71 -28.68
CA MET C 408 31.64 12.55 -27.25
C MET C 408 30.87 13.62 -26.49
N PHE C 409 30.38 13.26 -25.29
CA PHE C 409 29.63 14.18 -24.45
C PHE C 409 30.17 14.11 -23.02
N ASP C 410 31.02 15.08 -22.70
CA ASP C 410 31.70 15.24 -21.41
C ASP C 410 31.01 16.34 -20.60
N ASP C 411 29.85 16.04 -20.05
CA ASP C 411 28.99 17.14 -19.61
C ASP C 411 28.37 16.75 -18.28
N PRO C 412 27.76 17.71 -17.57
CA PRO C 412 26.69 17.36 -16.63
C PRO C 412 25.41 16.85 -17.29
N GLY C 413 25.30 16.91 -18.61
CA GLY C 413 24.28 16.20 -19.36
C GLY C 413 24.20 16.59 -20.81
N ALA C 414 24.14 15.60 -21.70
CA ALA C 414 23.88 15.88 -23.10
C ALA C 414 22.44 16.33 -23.26
N LEU C 415 22.23 17.30 -24.14
CA LEU C 415 20.98 18.05 -24.14
C LEU C 415 20.69 18.48 -25.57
N PHE C 416 19.65 17.90 -26.17
CA PHE C 416 19.36 18.14 -27.58
C PHE C 416 18.12 19.01 -27.75
N GLN C 417 17.87 19.42 -28.99
CA GLN C 417 16.76 20.31 -29.29
C GLN C 417 16.33 20.10 -30.73
N PHE C 418 15.06 19.78 -30.94
CA PHE C 418 14.50 19.48 -32.25
C PHE C 418 13.49 20.54 -32.63
N ARG C 419 13.33 20.77 -33.94
CA ARG C 419 12.39 21.79 -34.40
C ARG C 419 11.89 21.45 -35.79
N ILE C 420 10.58 21.57 -35.98
CA ILE C 420 9.98 21.58 -37.31
C ILE C 420 9.08 22.81 -37.41
N THR C 421 9.30 23.62 -38.44
CA THR C 421 8.53 24.85 -38.69
C THR C 421 7.89 24.71 -40.05
N ASP C 422 6.74 24.04 -40.08
CA ASP C 422 6.22 23.54 -41.34
C ASP C 422 4.77 23.11 -41.13
N PRO C 423 3.88 23.32 -42.11
CA PRO C 423 2.46 23.04 -41.90
C PRO C 423 2.08 21.58 -41.75
N VAL C 424 3.00 20.63 -41.92
CA VAL C 424 2.67 19.22 -41.83
C VAL C 424 2.42 18.85 -40.37
N SER C 425 1.41 18.00 -40.15
CA SER C 425 1.11 17.48 -38.83
C SER C 425 2.27 16.65 -38.30
N PHE C 426 2.46 16.69 -36.98
CA PHE C 426 3.62 16.08 -36.36
C PHE C 426 3.22 15.33 -35.11
N ARG C 427 3.84 14.17 -34.91
CA ARG C 427 3.58 13.26 -33.81
C ARG C 427 4.93 12.82 -33.28
N LEU C 428 4.99 12.48 -32.00
CA LEU C 428 6.17 11.81 -31.47
C LEU C 428 5.79 10.90 -30.32
N SER C 429 6.28 9.66 -30.37
CA SER C 429 6.06 8.66 -29.34
C SER C 429 7.28 8.45 -28.47
N ASP C 430 8.42 8.08 -29.06
CA ASP C 430 9.62 7.72 -28.31
C ASP C 430 10.84 8.24 -29.04
N VAL C 431 11.98 8.26 -28.33
CA VAL C 431 13.28 8.44 -28.94
C VAL C 431 14.16 7.25 -28.56
N GLN C 432 15.27 7.08 -29.29
CA GLN C 432 16.24 6.03 -28.99
C GLN C 432 17.64 6.59 -29.08
N ALA C 433 18.48 6.29 -28.09
CA ALA C 433 19.85 6.75 -28.13
C ALA C 433 20.71 5.87 -29.02
N ASN C 434 20.88 4.61 -28.66
CA ASN C 434 21.67 3.68 -29.45
C ASN C 434 20.77 2.53 -29.90
N ALA C 435 20.76 2.26 -31.19
CA ALA C 435 19.97 1.17 -31.75
C ALA C 435 20.87 0.35 -32.66
N ALA C 436 20.31 -0.71 -33.23
CA ALA C 436 21.04 -1.59 -34.13
C ALA C 436 20.55 -1.43 -35.56
N THR C 437 21.20 -2.15 -36.48
CA THR C 437 20.98 -1.99 -37.91
C THR C 437 20.43 -3.29 -38.50
N GLY C 438 19.11 -3.35 -38.64
CA GLY C 438 18.45 -4.35 -39.46
C GLY C 438 17.59 -3.63 -40.47
N GLY C 439 16.91 -4.34 -41.37
CA GLY C 439 16.08 -3.63 -42.32
C GLY C 439 15.80 -4.40 -43.60
N ARG C 440 14.68 -4.03 -44.21
CA ARG C 440 14.29 -4.47 -45.55
C ARG C 440 13.70 -3.25 -46.25
N GLN C 441 14.57 -2.49 -46.95
CA GLN C 441 14.20 -1.33 -47.76
C GLN C 441 13.47 -0.25 -46.95
N ARG C 442 14.17 0.29 -45.97
CA ARG C 442 13.66 1.40 -45.17
C ARG C 442 14.79 2.25 -44.60
N MET D 1 30.28 8.82 -7.06
CA MET D 1 29.12 8.52 -6.24
C MET D 1 28.30 9.78 -6.00
N LYS D 2 27.64 9.85 -4.85
CA LYS D 2 26.81 11.01 -4.53
C LYS D 2 26.70 11.10 -3.02
N ILE D 3 27.20 12.19 -2.45
CA ILE D 3 27.28 12.37 -1.00
C ILE D 3 26.03 13.14 -0.56
N PRO D 4 25.33 12.70 0.48
CA PRO D 4 24.09 13.38 0.89
C PRO D 4 24.37 14.70 1.60
N TYR D 5 24.09 15.80 0.92
CA TYR D 5 24.24 17.11 1.51
C TYR D 5 22.97 17.50 2.26
N GLY D 6 23.14 18.22 3.37
CA GLY D 6 22.05 18.48 4.27
C GLY D 6 21.05 19.48 3.74
N LEU D 7 19.77 19.23 4.01
CA LEU D 7 18.69 20.08 3.55
C LEU D 7 18.11 20.99 4.62
N GLY D 8 18.46 20.78 5.89
CA GLY D 8 17.95 21.58 6.98
C GLY D 8 19.07 22.18 7.82
N ALA D 9 18.66 23.06 8.73
CA ALA D 9 19.59 23.71 9.65
C ALA D 9 19.49 23.00 11.00
N TYR D 10 20.22 21.90 11.13
CA TYR D 10 20.17 21.07 12.32
C TYR D 10 21.46 21.25 13.11
N THR D 11 21.42 22.09 14.13
CA THR D 11 22.54 22.27 15.07
C THR D 11 22.01 22.09 16.50
N ARG D 12 22.18 20.88 17.02
CA ARG D 12 21.78 20.57 18.38
C ARG D 12 23.02 20.41 19.25
N ASN D 13 23.03 21.08 20.40
CA ASN D 13 24.19 21.11 21.28
C ASN D 13 23.92 20.39 22.60
N ARG D 14 22.85 19.59 22.66
CA ARG D 14 22.60 18.70 23.78
C ARG D 14 23.73 17.67 23.89
N GLY D 15 23.84 16.81 22.89
CA GLY D 15 25.07 16.11 22.63
C GLY D 15 25.96 16.95 21.74
N ASN D 16 27.14 16.42 21.43
CA ASN D 16 28.05 17.09 20.51
C ASN D 16 27.82 16.56 19.11
N LEU D 17 26.61 16.77 18.62
CA LEU D 17 26.13 16.26 17.35
C LEU D 17 26.77 17.01 16.19
N PRO D 18 26.96 16.35 15.05
CA PRO D 18 27.51 17.02 13.87
C PRO D 18 26.57 18.09 13.35
N PRO D 19 27.02 19.34 13.29
CA PRO D 19 26.11 20.46 13.01
C PRO D 19 25.94 20.79 11.53
N LEU D 20 25.16 19.98 10.82
CA LEU D 20 24.85 20.29 9.43
C LEU D 20 23.82 21.41 9.38
N GLU D 21 24.10 22.44 8.58
CA GLU D 21 23.27 23.63 8.60
C GLU D 21 23.35 24.35 7.25
N LEU D 22 22.32 25.15 6.99
CA LEU D 22 22.25 26.02 5.83
C LEU D 22 22.34 27.47 6.28
N ILE D 23 23.02 28.29 5.47
CA ILE D 23 23.10 29.73 5.70
C ILE D 23 22.69 30.41 4.41
N ASN D 24 21.59 31.17 4.46
CA ASN D 24 21.04 31.94 3.34
C ASN D 24 20.73 31.09 2.11
N LEU D 25 20.36 29.83 2.32
CA LEU D 25 20.08 28.90 1.25
C LEU D 25 18.85 28.09 1.62
N PHE D 26 17.88 28.01 0.71
CA PHE D 26 16.66 27.27 0.97
C PHE D 26 16.47 26.22 -0.13
N VAL D 27 15.59 25.27 0.14
CA VAL D 27 15.39 24.10 -0.72
C VAL D 27 14.09 24.28 -1.50
N GLU D 28 14.15 24.06 -2.80
CA GLU D 28 12.92 23.94 -3.58
C GLU D 28 13.09 22.79 -4.56
N LYS D 29 11.97 22.40 -5.18
CA LYS D 29 11.96 21.37 -6.19
C LYS D 29 12.24 21.98 -7.56
N SER D 30 12.48 21.10 -8.54
CA SER D 30 12.58 21.51 -9.93
C SER D 30 12.13 20.34 -10.79
N ASP D 31 12.41 20.41 -12.08
CA ASP D 31 12.05 19.36 -13.03
C ASP D 31 13.23 18.86 -13.84
N SER D 32 14.14 19.75 -14.23
CA SER D 32 15.36 19.32 -14.92
C SER D 32 16.30 18.63 -13.95
N GLN D 33 16.71 19.32 -12.91
CA GLN D 33 17.37 18.68 -11.78
C GLN D 33 16.30 18.21 -10.79
N GLY D 34 16.68 17.28 -9.93
CA GLY D 34 15.73 16.79 -8.95
C GLY D 34 15.48 17.74 -7.80
N VAL D 35 16.49 17.92 -6.94
CA VAL D 35 16.39 18.74 -5.73
C VAL D 35 17.54 19.74 -5.76
N ILE D 36 17.25 20.99 -5.45
CA ILE D 36 18.19 22.08 -5.71
C ILE D 36 18.30 22.95 -4.46
N LEU D 37 19.47 23.56 -4.28
CA LEU D 37 19.68 24.62 -3.30
C LEU D 37 19.81 25.94 -4.04
N GLN D 38 19.06 26.95 -3.60
CA GLN D 38 19.08 28.26 -4.25
C GLN D 38 19.46 29.36 -3.27
N SER D 39 19.99 30.45 -3.83
CA SER D 39 20.54 31.55 -3.06
C SER D 39 19.45 32.44 -2.51
N ARG D 40 19.86 33.38 -1.68
CA ARG D 40 18.97 34.37 -1.08
C ARG D 40 19.22 35.70 -1.77
N LYS D 41 18.14 36.37 -2.18
CA LYS D 41 18.26 37.61 -2.92
C LYS D 41 18.74 38.74 -2.01
N ALA D 42 19.52 39.65 -2.58
CA ALA D 42 20.04 40.75 -1.78
C ALA D 42 18.96 41.79 -1.51
N LEU D 43 19.18 42.60 -0.49
CA LEU D 43 18.23 43.61 -0.06
C LEU D 43 18.56 44.94 -0.69
N VAL D 44 17.53 45.78 -0.87
CA VAL D 44 17.64 47.04 -1.60
C VAL D 44 17.24 48.17 -0.66
N GLU D 45 17.07 49.37 -1.21
CA GLU D 45 16.39 50.46 -0.51
C GLU D 45 15.22 50.92 -1.35
N VAL D 46 14.02 50.91 -0.77
CA VAL D 46 12.80 51.29 -1.47
C VAL D 46 12.25 52.62 -0.95
N ALA D 47 11.94 52.69 0.34
CA ALA D 47 11.37 53.91 0.93
C ALA D 47 12.14 54.26 2.19
N ASP D 48 12.40 55.55 2.37
CA ASP D 48 13.15 56.03 3.52
C ASP D 48 12.32 57.06 4.26
N VAL D 49 12.22 56.90 5.58
CA VAL D 49 11.46 57.78 6.44
C VAL D 49 12.38 58.26 7.54
N GLY D 50 11.83 58.98 8.53
CA GLY D 50 12.64 59.45 9.62
C GLY D 50 13.18 58.30 10.46
N ALA D 51 14.31 58.57 11.12
CA ALA D 51 15.09 57.52 11.75
C ALA D 51 14.42 56.98 13.01
N GLY D 52 15.00 55.91 13.55
CA GLY D 52 14.41 55.16 14.62
C GLY D 52 14.09 53.75 14.16
N PRO D 53 13.83 52.85 15.10
CA PRO D 53 13.44 51.49 14.72
C PRO D 53 12.01 51.46 14.19
N VAL D 54 11.87 50.95 12.96
CA VAL D 54 10.54 50.76 12.38
C VAL D 54 9.84 49.60 13.07
N ARG D 55 8.63 49.84 13.57
CA ARG D 55 7.89 48.84 14.32
C ARG D 55 6.80 48.18 13.49
N ALA D 56 6.02 48.96 12.73
CA ALA D 56 4.98 48.39 11.90
C ALA D 56 4.68 49.35 10.75
N THR D 57 4.50 48.80 9.56
CA THR D 57 4.21 49.57 8.36
C THR D 57 2.94 49.05 7.70
N PHE D 58 2.47 49.81 6.71
CA PHE D 58 1.19 49.55 6.07
C PHE D 58 1.07 50.35 4.78
N GLN D 59 0.71 49.68 3.67
CA GLN D 59 0.19 50.37 2.50
C GLN D 59 -0.66 49.39 1.71
N LYS D 60 -1.67 49.93 1.04
CA LYS D 60 -2.55 49.15 0.17
C LYS D 60 -2.78 49.96 -1.09
N ASP D 61 -3.78 49.59 -1.86
CA ASP D 61 -4.11 50.28 -3.09
C ASP D 61 -5.46 50.96 -3.05
N GLY D 62 -6.41 50.45 -2.27
CA GLY D 62 -7.73 51.02 -2.15
C GLY D 62 -7.93 51.96 -0.99
N VAL D 63 -6.88 52.35 -0.29
CA VAL D 63 -6.97 53.33 0.79
C VAL D 63 -5.97 54.45 0.52
N PHE D 64 -6.50 55.67 0.36
CA PHE D 64 -5.76 56.93 0.29
C PHE D 64 -4.78 56.98 -0.88
N GLY D 65 -5.04 56.21 -1.93
CA GLY D 65 -4.19 56.22 -3.11
C GLY D 65 -2.91 55.43 -2.98
N GLY D 66 -2.60 54.87 -1.83
CA GLY D 66 -1.39 54.12 -1.62
C GLY D 66 -0.33 54.78 -0.77
N ASP D 67 -0.71 55.64 0.18
CA ASP D 67 0.27 56.37 0.96
C ASP D 67 0.86 55.47 2.04
N ARG D 68 2.18 55.52 2.18
CA ARG D 68 2.90 54.59 3.04
C ARG D 68 2.78 55.04 4.49
N PHE D 69 2.05 54.27 5.30
CA PHE D 69 1.92 54.55 6.72
C PHE D 69 2.94 53.74 7.50
N THR D 70 3.78 54.41 8.27
CA THR D 70 4.80 53.74 9.07
C THR D 70 4.82 54.33 10.47
N LEU D 71 5.43 53.58 11.39
CA LEU D 71 5.63 54.01 12.76
C LEU D 71 7.12 53.86 13.04
N SER D 72 7.88 54.91 12.75
CA SER D 72 9.31 54.92 12.97
C SER D 72 9.59 55.64 14.29
N GLY D 73 10.29 54.94 15.19
CA GLY D 73 10.63 55.53 16.47
C GLY D 73 9.42 55.76 17.36
N ASP D 74 9.02 57.02 17.51
CA ASP D 74 7.95 57.35 18.45
C ASP D 74 6.82 58.11 17.76
N GLU D 75 6.89 58.25 16.45
CA GLU D 75 5.97 59.13 15.75
C GLU D 75 5.68 58.55 14.38
N PHE D 76 4.53 58.93 13.80
CA PHE D 76 4.19 58.49 12.46
C PHE D 76 5.07 59.10 11.40
N TYR D 77 4.94 58.55 10.19
CA TYR D 77 5.21 59.25 8.95
C TYR D 77 4.22 58.77 7.89
N ARG D 78 3.43 59.70 7.37
CA ARG D 78 2.61 59.47 6.19
C ARG D 78 3.42 60.07 5.05
N GLY D 79 4.17 59.25 4.34
CA GLY D 79 5.15 59.77 3.41
C GLY D 79 6.32 60.37 4.16
N ALA D 80 6.41 61.70 4.17
CA ALA D 80 7.39 62.39 5.00
C ALA D 80 6.76 63.38 5.97
N THR D 81 5.43 63.43 6.07
CA THR D 81 4.77 64.30 7.03
C THR D 81 4.68 63.63 8.39
N LEU D 82 4.70 64.45 9.45
CA LEU D 82 5.01 63.93 10.78
C LEU D 82 3.81 63.25 11.45
N LEU D 83 2.63 63.87 11.39
CA LEU D 83 1.36 63.29 11.86
C LEU D 83 1.36 62.92 13.34
N GLY D 84 1.85 63.81 14.19
CA GLY D 84 1.74 63.59 15.63
C GLY D 84 2.70 62.55 16.16
N THR D 85 2.31 61.92 17.27
CA THR D 85 3.17 60.98 17.98
C THR D 85 2.34 59.84 18.55
N VAL D 86 3.03 58.81 19.04
CA VAL D 86 2.44 57.62 19.61
C VAL D 86 3.00 57.46 21.01
N ALA D 87 2.20 56.94 21.95
CA ALA D 87 2.74 56.59 23.24
C ALA D 87 3.65 55.35 23.14
N GLY D 88 4.41 55.10 24.20
CA GLY D 88 5.35 53.98 24.18
C GLY D 88 4.66 52.66 24.52
N GLY D 89 5.13 51.60 23.87
CA GLY D 89 4.52 50.30 24.08
C GLY D 89 5.36 49.15 23.56
N GLY D 90 4.75 47.98 23.52
CA GLY D 90 5.46 46.76 23.19
C GLY D 90 5.44 46.32 21.73
N GLN D 91 4.26 46.20 21.13
CA GLN D 91 4.14 45.71 19.76
C GLN D 91 3.07 46.53 19.04
N ALA D 92 3.38 46.97 17.83
CA ALA D 92 2.51 47.86 17.09
C ALA D 92 1.62 47.10 16.12
N ARG D 93 0.61 47.81 15.61
CA ARG D 93 -0.40 47.23 14.72
C ARG D 93 -1.16 48.35 14.02
N ILE D 94 -1.36 48.24 12.71
CA ILE D 94 -2.07 49.25 11.94
C ILE D 94 -3.30 48.61 11.30
N VAL D 95 -4.46 49.21 11.55
CA VAL D 95 -5.76 48.68 11.12
C VAL D 95 -6.46 49.76 10.33
N SER D 96 -7.03 49.41 9.18
CA SER D 96 -7.80 50.39 8.44
C SER D 96 -8.89 49.72 7.63
N ASN D 97 -9.97 50.47 7.41
CA ASN D 97 -11.03 50.06 6.50
C ASN D 97 -11.12 50.93 5.25
N GLY D 98 -10.25 51.93 5.10
CA GLY D 98 -10.28 52.79 3.94
C GLY D 98 -10.67 54.22 4.26
N LEU D 99 -11.56 54.40 5.23
CA LEU D 99 -11.95 55.75 5.65
C LEU D 99 -11.24 56.21 6.90
N GLU D 100 -10.49 55.34 7.57
CA GLU D 100 -9.80 55.68 8.81
C GLU D 100 -8.71 54.66 9.08
N VAL D 101 -7.57 55.13 9.57
CA VAL D 101 -6.39 54.31 9.80
C VAL D 101 -6.07 54.34 11.29
N LEU D 102 -6.21 53.22 11.96
CA LEU D 102 -5.91 53.15 13.38
C LEU D 102 -4.46 52.72 13.60
N VAL D 103 -4.01 52.83 14.84
CA VAL D 103 -2.67 52.37 15.22
C VAL D 103 -2.74 51.96 16.68
N ASN D 104 -1.71 51.27 17.16
CA ASN D 104 -1.69 50.84 18.54
C ASN D 104 -0.25 50.76 19.03
N ALA D 105 -0.13 50.66 20.35
CA ALA D 105 1.05 50.27 21.08
C ALA D 105 0.53 49.54 22.31
N GLY D 106 1.35 49.43 23.35
CA GLY D 106 0.81 48.99 24.61
C GLY D 106 -0.11 49.99 25.28
N GLY D 107 -0.06 51.26 24.87
CA GLY D 107 -0.82 52.28 25.55
C GLY D 107 -2.18 52.72 25.05
N LEU D 108 -2.30 53.20 23.81
CA LEU D 108 -3.50 53.92 23.41
C LEU D 108 -3.89 53.60 21.96
N VAL D 109 -5.10 54.03 21.60
CA VAL D 109 -5.66 53.84 20.28
C VAL D 109 -5.84 55.20 19.63
N TYR D 110 -5.20 55.42 18.48
CA TYR D 110 -5.18 56.70 17.80
C TYR D 110 -5.81 56.55 16.43
N SER D 111 -6.89 57.30 16.18
CA SER D 111 -7.56 57.19 14.90
C SER D 111 -7.10 58.30 13.96
N TYR D 112 -7.60 58.27 12.73
CA TYR D 112 -7.15 59.15 11.67
C TYR D 112 -8.27 59.28 10.66
N ASN D 113 -8.29 60.38 9.93
CA ASN D 113 -9.27 60.63 8.88
C ASN D 113 -8.59 61.51 7.85
N GLY D 114 -9.39 62.25 7.07
CA GLY D 114 -8.85 63.08 6.00
C GLY D 114 -7.82 64.10 6.44
N THR D 115 -8.07 64.77 7.56
CA THR D 115 -7.12 65.81 7.98
C THR D 115 -6.79 65.86 9.47
N ASN D 116 -7.42 65.07 10.32
CA ASN D 116 -7.22 65.16 11.76
C ASN D 116 -6.57 63.87 12.27
N PHE D 117 -5.85 63.99 13.38
CA PHE D 117 -5.21 62.84 14.04
C PHE D 117 -5.25 63.09 15.55
N ILE D 118 -6.28 62.57 16.21
CA ILE D 118 -6.45 62.68 17.66
C ILE D 118 -6.87 61.33 18.22
N ASN D 119 -7.15 61.31 19.52
CA ASN D 119 -7.43 60.08 20.26
C ASN D 119 -8.78 59.49 19.85
N ALA D 120 -8.80 58.18 19.62
CA ALA D 120 -10.04 57.52 19.24
C ALA D 120 -10.99 57.32 20.41
N GLY D 121 -10.49 57.37 21.64
CA GLY D 121 -11.34 57.23 22.78
C GLY D 121 -11.71 55.79 23.07
N PHE D 122 -10.71 54.98 23.39
CA PHE D 122 -10.95 53.64 23.88
C PHE D 122 -11.67 53.73 25.22
N PRO D 123 -12.61 52.83 25.51
CA PRO D 123 -13.45 52.98 26.72
C PRO D 123 -12.72 52.84 28.04
N GLU D 124 -11.44 52.45 28.04
CA GLU D 124 -10.58 52.63 29.20
C GLU D 124 -9.19 52.98 28.72
N ALA D 125 -8.21 52.94 29.62
CA ALA D 125 -6.91 53.52 29.35
C ALA D 125 -6.11 52.71 28.33
N ALA D 126 -5.81 51.46 28.64
CA ALA D 126 -4.83 50.70 27.89
C ALA D 126 -5.48 49.82 26.83
N ALA D 127 -4.64 49.32 25.93
CA ALA D 127 -5.08 48.45 24.86
C ALA D 127 -3.92 47.57 24.45
N THR D 128 -4.24 46.36 24.01
CA THR D 128 -3.20 45.43 23.56
C THR D 128 -3.11 45.36 22.05
N THR D 129 -4.21 45.00 21.37
CA THR D 129 -4.23 44.83 19.92
C THR D 129 -5.57 45.29 19.36
N ILE D 130 -5.56 45.60 18.07
CA ILE D 130 -6.78 45.79 17.27
C ILE D 130 -6.63 44.94 16.02
N ALA D 131 -7.71 44.26 15.61
CA ALA D 131 -7.64 43.44 14.41
C ALA D 131 -8.59 43.89 13.31
N PHE D 132 -9.90 43.94 13.57
CA PHE D 132 -10.88 43.79 12.50
C PHE D 132 -11.14 45.11 11.80
N THR D 133 -11.47 45.02 10.50
CA THR D 133 -11.53 46.17 9.61
C THR D 133 -12.90 46.38 8.99
N GLY D 134 -13.50 45.32 8.45
CA GLY D 134 -14.54 45.50 7.44
C GLY D 134 -15.88 45.92 8.00
N ARG D 135 -16.27 45.38 9.15
CA ARG D 135 -17.52 45.76 9.78
C ARG D 135 -17.28 46.53 11.08
N TYR D 136 -16.55 45.95 12.02
CA TYR D 136 -16.30 46.57 13.31
C TYR D 136 -14.83 46.90 13.46
N PHE D 137 -14.49 47.47 14.62
CA PHE D 137 -13.13 47.58 15.12
C PHE D 137 -13.11 46.98 16.51
N ILE D 138 -12.22 46.02 16.75
CA ILE D 138 -12.22 45.23 17.96
C ILE D 138 -10.94 45.53 18.72
N GLY D 139 -11.07 45.94 19.98
CA GLY D 139 -9.91 46.22 20.79
C GLY D 139 -9.78 45.27 21.97
N LEU D 140 -8.57 45.08 22.44
CA LEU D 140 -8.27 44.15 23.53
C LEU D 140 -7.76 44.91 24.73
N SER D 141 -8.50 44.85 25.84
CA SER D 141 -8.16 45.60 27.04
C SER D 141 -7.04 44.89 27.79
N ALA D 142 -6.06 45.65 28.26
CA ALA D 142 -4.94 45.08 28.98
C ALA D 142 -5.36 44.64 30.38
N GLY D 143 -4.60 43.70 30.92
CA GLY D 143 -4.94 43.12 32.21
C GLY D 143 -5.98 42.03 32.06
N THR D 144 -6.58 41.67 33.20
CA THR D 144 -7.64 40.68 33.21
C THR D 144 -8.89 41.31 32.59
N GLY D 145 -9.06 41.15 31.28
CA GLY D 145 -10.05 41.92 30.57
C GLY D 145 -10.80 41.11 29.52
N GLU D 146 -11.56 41.84 28.73
CA GLU D 146 -12.41 41.35 27.65
C GLU D 146 -12.06 42.10 26.38
N TRP D 147 -12.89 41.95 25.36
CA TRP D 147 -12.73 42.68 24.12
C TRP D 147 -13.91 43.63 23.92
N TYR D 148 -13.62 44.85 23.50
CA TYR D 148 -14.61 45.85 23.19
C TYR D 148 -14.81 45.94 21.69
N PHE D 149 -15.95 46.47 21.27
CA PHE D 149 -16.21 46.69 19.86
C PHE D 149 -16.87 48.04 19.66
N SER D 150 -16.59 48.66 18.52
CA SER D 150 -17.08 49.99 18.20
C SER D 150 -18.40 49.88 17.44
N ALA D 151 -18.83 51.01 16.86
CA ALA D 151 -19.97 51.00 15.96
C ALA D 151 -19.52 50.57 14.56
N VAL D 152 -20.49 50.46 13.65
CA VAL D 152 -20.22 49.97 12.30
C VAL D 152 -19.41 51.01 11.54
N ASN D 153 -18.19 50.62 11.15
CA ASN D 153 -17.28 51.42 10.32
C ASN D 153 -16.92 52.75 10.96
N ASN D 154 -16.95 52.83 12.29
CA ASN D 154 -16.71 54.07 13.02
C ASN D 154 -15.75 53.74 14.16
N GLY D 155 -14.45 53.89 13.92
CA GLY D 155 -13.48 53.66 14.95
C GLY D 155 -13.20 54.83 15.85
N ARG D 156 -13.81 55.99 15.55
CA ARG D 156 -13.57 57.19 16.34
C ARG D 156 -14.56 57.35 17.49
N SER D 157 -15.55 56.46 17.60
CA SER D 157 -16.56 56.53 18.65
C SER D 157 -16.76 55.13 19.21
N TRP D 158 -16.22 54.88 20.40
CA TRP D 158 -16.40 53.64 21.11
C TRP D 158 -17.55 53.79 22.11
N ASP D 159 -17.79 52.72 22.87
CA ASP D 159 -18.85 52.75 23.88
C ASP D 159 -18.45 51.84 25.03
N ALA D 160 -18.95 52.18 26.23
CA ALA D 160 -18.57 51.47 27.42
C ALA D 160 -19.36 50.18 27.62
N LEU D 161 -20.63 50.17 27.20
CA LEU D 161 -21.46 48.99 27.39
C LEU D 161 -21.33 47.98 26.26
N ASP D 162 -20.48 48.25 25.28
CA ASP D 162 -20.25 47.33 24.16
C ASP D 162 -19.01 46.52 24.46
N PHE D 163 -19.19 45.36 25.10
CA PHE D 163 -18.10 44.43 25.32
C PHE D 163 -18.67 43.02 25.38
N ALA D 164 -17.77 42.06 25.57
CA ALA D 164 -18.16 40.66 25.74
C ALA D 164 -17.03 39.94 26.44
N THR D 165 -17.33 39.33 27.58
CA THR D 165 -16.31 38.71 28.41
C THR D 165 -16.00 37.30 27.92
N ALA D 166 -14.82 36.84 28.28
CA ALA D 166 -14.43 35.45 28.05
C ALA D 166 -14.70 34.62 29.31
N GLU D 167 -14.72 33.31 29.13
CA GLU D 167 -15.15 32.43 30.22
C GLU D 167 -14.19 31.28 30.49
N ASN D 168 -12.98 31.30 29.92
CA ASN D 168 -12.06 30.20 30.09
C ASN D 168 -10.65 30.60 30.49
N GLU D 169 -10.22 31.83 30.23
CA GLU D 169 -8.90 32.25 30.65
C GLU D 169 -9.01 33.27 31.79
N PRO D 170 -8.46 32.99 32.96
CA PRO D 170 -8.53 33.95 34.06
C PRO D 170 -7.34 34.89 34.12
N ASP D 171 -6.27 34.58 33.40
CA ASP D 171 -5.04 35.35 33.56
C ASP D 171 -5.07 36.64 32.76
N ALA D 172 -5.11 36.53 31.43
CA ALA D 172 -4.99 37.71 30.57
C ALA D 172 -5.49 37.38 29.17
N LEU D 173 -5.30 38.36 28.26
CA LEU D 173 -5.49 38.21 26.83
C LEU D 173 -4.34 38.91 26.13
N LEU D 174 -3.85 38.33 25.05
CA LEU D 174 -2.64 38.84 24.42
C LEU D 174 -2.75 39.12 22.93
N ASP D 175 -3.55 38.36 22.19
CA ASP D 175 -3.56 38.55 20.75
C ASP D 175 -4.89 38.09 20.17
N VAL D 176 -5.21 38.61 18.99
CA VAL D 176 -6.47 38.39 18.31
C VAL D 176 -6.18 38.29 16.81
N LEU D 177 -6.95 37.47 16.11
CA LEU D 177 -6.67 37.23 14.69
C LEU D 177 -7.98 36.90 13.99
N VAL D 178 -8.14 37.45 12.78
CA VAL D 178 -9.33 37.26 11.98
C VAL D 178 -8.99 36.26 10.88
N LEU D 179 -9.46 35.03 11.03
CA LEU D 179 -9.15 33.93 10.13
C LEU D 179 -10.19 33.78 9.02
N ASP D 180 -11.44 33.96 9.36
CA ASP D 180 -12.62 33.77 8.53
C ASP D 180 -13.61 34.84 8.99
N GLY D 181 -14.90 34.58 8.77
CA GLY D 181 -15.91 35.30 9.55
C GLY D 181 -15.75 35.10 11.05
N VAL D 182 -15.18 33.97 11.46
CA VAL D 182 -14.93 33.71 12.87
C VAL D 182 -13.72 34.53 13.35
N LEU D 183 -13.59 34.61 14.67
CA LEU D 183 -12.46 35.25 15.34
C LEU D 183 -11.66 34.22 16.10
N VAL D 184 -10.39 34.53 16.35
CA VAL D 184 -9.51 33.68 17.13
C VAL D 184 -8.86 34.53 18.21
N PHE D 185 -9.16 34.23 19.47
CA PHE D 185 -8.64 34.95 20.62
C PHE D 185 -7.60 34.10 21.31
N PHE D 186 -6.39 34.64 21.45
CA PHE D 186 -5.28 33.93 22.07
C PHE D 186 -5.19 34.35 23.54
N GLY D 187 -5.45 33.43 24.45
CA GLY D 187 -5.20 33.67 25.85
C GLY D 187 -3.80 33.23 26.25
N THR D 188 -3.45 33.51 27.50
CA THR D 188 -2.19 33.01 28.04
C THR D 188 -2.29 31.55 28.42
N GLU D 189 -3.49 31.00 28.46
CA GLU D 189 -3.73 29.63 28.90
C GLU D 189 -4.50 28.80 27.89
N SER D 190 -5.45 29.39 27.17
CA SER D 190 -6.27 28.63 26.24
C SER D 190 -6.48 29.47 24.98
N ILE D 191 -7.08 28.84 23.96
CA ILE D 191 -7.39 29.50 22.70
C ILE D 191 -8.87 29.27 22.41
N GLU D 192 -9.61 30.35 22.16
CA GLU D 192 -11.04 30.30 21.94
C GLU D 192 -11.38 30.62 20.49
N PHE D 193 -12.60 30.26 20.10
CA PHE D 193 -13.12 30.54 18.78
C PHE D 193 -14.49 31.18 18.91
N TRP D 194 -14.71 32.27 18.18
CA TRP D 194 -15.92 33.08 18.33
C TRP D 194 -16.48 33.38 16.94
N GLY D 195 -17.65 32.82 16.63
CA GLY D 195 -18.26 32.99 15.33
C GLY D 195 -19.09 34.26 15.24
N PHE D 196 -19.61 34.52 14.04
CA PHE D 196 -20.37 35.73 13.76
C PHE D 196 -21.85 35.46 13.89
N THR D 197 -22.54 36.28 14.69
CA THR D 197 -23.94 36.07 15.03
C THR D 197 -24.90 36.74 14.06
N GLY D 198 -24.74 38.04 13.83
CA GLY D 198 -25.67 38.75 12.97
C GLY D 198 -26.70 39.58 13.70
N ASP D 199 -26.53 39.80 15.01
CA ASP D 199 -27.41 40.65 15.78
C ASP D 199 -26.89 42.09 15.76
N ALA D 200 -27.47 42.91 16.63
CA ALA D 200 -27.07 44.31 16.76
C ALA D 200 -26.42 44.60 18.12
N ASP D 201 -26.97 44.04 19.19
CA ASP D 201 -26.44 44.27 20.53
C ASP D 201 -25.12 43.53 20.72
N LEU D 202 -25.16 42.19 20.63
CA LEU D 202 -23.96 41.37 20.65
C LEU D 202 -23.77 40.71 19.29
N PRO D 203 -22.70 41.02 18.57
CA PRO D 203 -22.55 40.49 17.21
C PRO D 203 -21.74 39.21 17.08
N TYR D 204 -21.25 38.63 18.18
CA TYR D 204 -20.41 37.45 18.11
C TYR D 204 -20.80 36.46 19.19
N SER D 205 -20.55 35.17 18.92
CA SER D 205 -20.96 34.07 19.77
C SER D 205 -19.89 32.99 19.74
N PRO D 206 -19.70 32.25 20.84
CA PRO D 206 -18.62 31.27 20.88
C PRO D 206 -19.01 29.92 20.29
N ILE D 207 -18.01 29.20 19.83
CA ILE D 207 -18.16 27.81 19.42
C ILE D 207 -17.81 26.94 20.63
N GLN D 208 -18.62 25.92 20.88
CA GLN D 208 -18.68 25.30 22.21
C GLN D 208 -17.45 24.46 22.51
N GLN D 209 -17.19 23.41 21.72
CA GLN D 209 -16.17 22.43 22.06
C GLN D 209 -14.89 22.59 21.25
N ARG D 210 -14.46 23.81 20.98
CA ARG D 210 -13.21 24.06 20.25
C ARG D 210 -12.32 24.92 21.16
N VAL D 211 -11.53 24.27 22.00
CA VAL D 211 -10.61 24.94 22.90
C VAL D 211 -9.25 24.26 22.79
N PHE D 212 -8.21 25.03 22.45
CA PHE D 212 -6.85 24.53 22.42
C PHE D 212 -6.18 24.92 23.73
N GLU D 213 -5.30 24.05 24.23
CA GLU D 213 -4.75 24.23 25.56
C GLU D 213 -3.39 24.91 25.57
N GLN D 214 -2.83 25.24 24.41
CA GLN D 214 -1.52 25.87 24.31
C GLN D 214 -1.71 27.35 24.05
N GLY D 215 -1.72 28.15 25.11
CA GLY D 215 -1.88 29.58 24.97
C GLY D 215 -0.65 30.23 24.39
N ILE D 216 -0.82 31.46 23.90
CA ILE D 216 0.24 32.15 23.19
C ILE D 216 1.32 32.60 24.17
N TYR D 217 2.55 32.77 23.67
CA TYR D 217 3.67 33.13 24.53
C TYR D 217 3.68 34.61 24.86
N ALA D 218 3.39 35.46 23.88
CA ALA D 218 3.50 36.90 24.04
C ALA D 218 2.42 37.56 23.21
N THR D 219 2.57 38.85 22.96
CA THR D 219 1.57 39.60 22.22
C THR D 219 1.83 39.62 20.72
N GLY D 220 2.97 39.14 20.26
CA GLY D 220 3.30 39.20 18.85
C GLY D 220 3.66 37.86 18.23
N CYS D 221 2.93 36.82 18.59
CA CYS D 221 3.32 35.45 18.27
C CYS D 221 2.19 34.70 17.57
N ALA D 222 1.59 35.32 16.56
CA ALA D 222 0.53 34.67 15.79
C ALA D 222 0.46 35.28 14.41
N VAL D 223 0.55 34.44 13.39
CA VAL D 223 0.63 34.87 11.99
C VAL D 223 -0.34 34.05 11.16
N ARG D 224 -1.16 34.74 10.36
CA ARG D 224 -2.04 34.08 9.40
C ARG D 224 -1.23 33.82 8.13
N VAL D 225 -0.63 32.64 8.06
CA VAL D 225 0.26 32.30 6.96
C VAL D 225 -0.54 31.95 5.72
N ASP D 226 -1.64 31.23 5.90
CA ASP D 226 -2.23 30.44 4.85
C ASP D 226 -3.73 30.47 5.09
N ASN D 227 -4.46 29.47 4.58
CA ASN D 227 -5.85 29.27 4.95
C ASN D 227 -6.01 29.05 6.46
N SER D 228 -4.98 28.54 7.13
CA SER D 228 -4.90 28.50 8.58
C SER D 228 -3.69 29.32 9.03
N PHE D 229 -3.37 29.23 10.32
CA PHE D 229 -2.47 30.15 11.02
C PHE D 229 -1.49 29.38 11.90
N TYR D 230 -0.48 30.11 12.41
CA TYR D 230 0.52 29.56 13.32
C TYR D 230 0.51 30.33 14.64
N TRP D 231 1.15 29.74 15.65
CA TRP D 231 1.45 30.44 16.91
C TRP D 231 2.66 29.77 17.54
N VAL D 232 3.05 30.25 18.74
CA VAL D 232 4.29 29.84 19.38
C VAL D 232 4.04 28.96 20.61
N GLY D 233 3.02 29.26 21.40
CA GLY D 233 2.68 28.39 22.50
C GLY D 233 3.36 28.82 23.80
N LYS D 234 2.83 28.27 24.91
CA LYS D 234 3.37 28.60 26.24
C LYS D 234 4.80 28.13 26.40
N ASP D 235 5.15 27.03 25.77
CA ASP D 235 6.53 26.62 25.60
C ASP D 235 6.94 26.89 24.15
N LYS D 236 8.24 26.77 23.89
CA LYS D 236 8.79 27.22 22.61
C LYS D 236 8.68 26.12 21.55
N ILE D 237 7.43 25.82 21.16
CA ILE D 237 7.16 24.82 20.12
C ILE D 237 6.15 25.43 19.16
N VAL D 238 6.60 25.80 17.97
CA VAL D 238 5.73 26.44 16.97
C VAL D 238 4.72 25.41 16.45
N TYR D 239 3.44 25.76 16.52
CA TYR D 239 2.36 24.84 16.18
C TYR D 239 1.73 25.21 14.84
N ARG D 240 0.63 24.54 14.51
CA ARG D 240 -0.03 24.67 13.23
C ARG D 240 -1.47 24.23 13.38
N ASN D 241 -2.40 25.01 12.83
CA ASN D 241 -3.82 24.72 13.02
C ASN D 241 -4.25 23.52 12.18
N GLY D 242 -5.21 22.77 12.70
CA GLY D 242 -5.80 21.67 11.97
C GLY D 242 -7.00 21.12 12.71
N ASP D 243 -7.24 19.82 12.59
CA ASP D 243 -8.20 19.17 13.46
C ASP D 243 -7.70 19.22 14.90
N VAL D 244 -6.50 18.69 15.13
CA VAL D 244 -5.77 18.91 16.36
C VAL D 244 -4.53 19.73 15.99
N PRO D 245 -4.00 20.56 16.88
CA PRO D 245 -2.79 21.33 16.55
C PRO D 245 -1.56 20.44 16.51
N GLN D 246 -0.95 20.34 15.34
CA GLN D 246 0.31 19.62 15.20
C GLN D 246 1.48 20.60 15.34
N ALA D 247 2.66 20.04 15.59
CA ALA D 247 3.86 20.83 15.82
C ALA D 247 4.78 20.75 14.62
N VAL D 248 5.47 21.85 14.34
CA VAL D 248 6.39 21.90 13.22
C VAL D 248 7.83 22.13 13.63
N SER D 249 8.10 22.55 14.87
CA SER D 249 9.47 22.70 15.30
C SER D 249 10.00 21.41 15.91
N ASP D 250 11.26 21.12 15.62
CA ASP D 250 11.91 19.93 16.13
C ASP D 250 13.05 20.33 17.06
N ASP D 251 13.89 19.36 17.45
CA ASP D 251 15.09 19.67 18.18
C ASP D 251 16.02 20.54 17.36
N GLY D 252 16.77 21.40 18.05
CA GLY D 252 17.63 22.34 17.39
C GLY D 252 16.97 23.64 16.98
N ILE D 253 15.67 23.77 17.19
CA ILE D 253 14.97 25.05 17.04
C ILE D 253 14.33 25.34 18.39
N VAL D 254 13.94 24.28 19.10
CA VAL D 254 13.26 24.44 20.38
C VAL D 254 14.27 24.78 21.47
N GLU D 255 15.40 24.06 21.52
CA GLU D 255 16.37 24.34 22.57
C GLU D 255 17.15 25.62 22.33
N LYS D 256 17.07 26.19 21.14
CA LYS D 256 17.73 27.46 20.86
C LYS D 256 16.81 28.65 21.17
N ALA D 257 15.51 28.42 21.19
CA ALA D 257 14.55 29.49 21.46
C ALA D 257 14.44 29.83 22.93
N GLU D 258 15.05 29.06 23.83
CA GLU D 258 14.97 29.40 25.24
C GLU D 258 15.91 30.54 25.60
N GLY D 259 17.05 30.64 24.91
CA GLY D 259 18.03 31.66 25.25
C GLY D 259 17.58 33.06 24.93
N SER D 260 16.69 33.20 23.94
CA SER D 260 16.04 34.46 23.65
C SER D 260 14.78 34.56 24.49
N THR D 261 14.66 35.64 25.26
CA THR D 261 13.45 35.93 26.00
C THR D 261 12.47 36.78 25.20
N ASN D 262 12.74 36.99 23.91
CA ASN D 262 11.86 37.73 23.03
C ASN D 262 11.70 36.93 21.75
N LEU D 263 10.45 36.65 21.38
CA LEU D 263 10.15 35.83 20.22
C LEU D 263 9.04 36.47 19.41
N THR D 264 9.25 36.58 18.09
CA THR D 264 8.25 37.11 17.19
C THR D 264 8.03 36.15 16.03
N LEU D 265 6.99 36.42 15.25
CA LEU D 265 6.74 35.69 14.02
C LEU D 265 6.25 36.67 12.96
N PHE D 266 6.67 36.45 11.72
CA PHE D 266 6.17 37.20 10.59
C PHE D 266 6.40 36.40 9.32
N VAL D 267 5.87 36.92 8.22
CA VAL D 267 6.07 36.33 6.91
C VAL D 267 7.03 37.16 6.10
N LEU D 268 7.75 36.50 5.21
CA LEU D 268 8.48 37.15 4.13
C LEU D 268 7.96 36.54 2.83
N GLU D 269 7.55 37.39 1.92
CA GLU D 269 6.97 36.90 0.68
C GLU D 269 8.05 36.74 -0.38
N ASP D 270 8.16 35.52 -0.91
CA ASP D 270 8.91 35.24 -2.13
C ASP D 270 7.92 34.68 -3.13
N GLU D 271 8.35 34.51 -4.38
CA GLU D 271 7.49 33.94 -5.42
C GLU D 271 7.25 32.48 -5.07
N ARG D 272 6.01 32.17 -4.69
CA ARG D 272 5.49 30.89 -4.15
C ARG D 272 6.39 30.27 -3.06
N HIS D 273 7.06 31.10 -2.27
CA HIS D 273 7.78 30.65 -1.08
C HIS D 273 7.36 31.55 0.08
N LYS D 274 6.39 31.10 0.86
CA LYS D 274 5.92 31.86 2.01
C LYS D 274 6.74 31.44 3.21
N PHE D 275 7.79 32.20 3.53
CA PHE D 275 8.60 31.89 4.69
C PHE D 275 7.92 32.38 5.96
N VAL D 276 8.17 31.68 7.06
CA VAL D 276 7.64 32.02 8.37
C VAL D 276 8.82 32.18 9.31
N CYS D 277 9.23 33.41 9.56
CA CYS D 277 10.45 33.66 10.30
C CYS D 277 10.20 33.64 11.80
N LEU D 278 11.10 33.01 12.54
CA LEU D 278 11.09 33.03 13.99
C LEU D 278 12.29 33.87 14.43
N ARG D 279 12.04 35.13 14.75
CA ARG D 279 13.10 36.06 15.13
C ARG D 279 13.31 36.04 16.64
N GLY D 280 14.56 35.98 17.05
CA GLY D 280 14.94 35.91 18.44
C GLY D 280 16.03 36.91 18.78
N ASP D 281 16.91 36.49 19.69
CA ASP D 281 17.97 37.37 20.17
C ASP D 281 19.06 37.56 19.11
N ASP D 282 19.48 36.48 18.48
CA ASP D 282 20.42 36.55 17.36
C ASP D 282 19.99 35.76 16.14
N PHE D 283 19.13 34.77 16.28
CA PHE D 283 18.81 33.85 15.21
C PHE D 283 17.63 34.36 14.38
N THR D 284 17.51 33.80 13.18
CA THR D 284 16.29 33.97 12.38
C THR D 284 16.15 32.69 11.57
N HIS D 285 15.27 31.80 12.01
CA HIS D 285 15.02 30.53 11.33
C HIS D 285 13.71 30.63 10.58
N PRO D 286 13.72 30.81 9.26
CA PRO D 286 12.46 30.82 8.53
C PRO D 286 11.98 29.43 8.14
N HIS D 287 10.81 29.05 8.64
CA HIS D 287 10.17 27.80 8.24
C HIS D 287 9.50 27.99 6.89
N ASP D 288 10.05 27.37 5.85
CA ASP D 288 9.37 27.34 4.57
C ASP D 288 8.10 26.50 4.67
N VAL D 289 7.08 26.88 3.92
CA VAL D 289 5.76 26.28 4.09
C VAL D 289 5.38 25.34 2.95
N THR D 290 6.00 25.46 1.77
CA THR D 290 5.66 24.59 0.66
C THR D 290 6.45 23.31 0.69
N THR D 291 7.76 23.40 0.89
CA THR D 291 8.62 22.25 1.18
C THR D 291 9.15 22.53 2.57
N GLY D 292 8.57 21.89 3.57
CA GLY D 292 8.77 22.41 4.91
C GLY D 292 10.08 21.97 5.52
N GLN D 293 11.08 22.83 5.39
CA GLN D 293 12.44 22.58 5.86
C GLN D 293 12.95 23.86 6.51
N TRP D 294 13.54 23.72 7.69
CA TRP D 294 14.11 24.87 8.37
C TRP D 294 15.43 25.28 7.72
N CYS D 295 15.65 26.59 7.65
CA CYS D 295 16.91 27.13 7.15
C CYS D 295 17.29 28.31 8.02
N GLU D 296 18.24 29.12 7.56
CA GLU D 296 18.74 30.23 8.36
C GLU D 296 19.12 31.41 7.49
N PHE D 297 18.51 32.56 7.77
CA PHE D 297 18.87 33.82 7.14
C PHE D 297 19.79 34.59 8.09
N LYS D 298 20.93 35.04 7.59
CA LYS D 298 21.87 35.82 8.38
C LYS D 298 22.48 36.92 7.54
N SER D 299 22.26 38.17 7.96
CA SER D 299 22.87 39.33 7.35
C SER D 299 24.29 39.50 7.89
N TYR D 300 25.14 40.15 7.11
CA TYR D 300 26.56 40.17 7.39
C TYR D 300 26.94 41.32 8.31
N GLY D 301 27.91 41.07 9.18
CA GLY D 301 28.51 42.11 10.00
C GLY D 301 27.71 42.47 11.23
N ARG D 302 26.60 41.80 11.46
CA ARG D 302 25.64 42.14 12.49
C ARG D 302 25.43 40.93 13.39
N THR D 303 24.43 41.04 14.26
CA THR D 303 24.07 39.94 15.14
C THR D 303 22.80 39.22 14.72
N ASN D 304 22.05 39.74 13.75
CA ASN D 304 20.78 39.14 13.36
C ASN D 304 20.41 39.68 11.98
N PHE D 305 19.62 38.89 11.25
CA PHE D 305 19.09 39.35 9.97
C PHE D 305 18.03 40.42 10.21
N ARG D 306 18.26 41.61 9.67
CA ARG D 306 17.42 42.77 9.99
C ARG D 306 16.09 42.70 9.24
N ALA D 307 14.99 42.63 9.99
CA ALA D 307 13.63 42.61 9.46
C ALA D 307 12.67 42.82 10.62
N THR D 308 11.39 42.95 10.29
CA THR D 308 10.32 43.12 11.26
C THR D 308 9.07 42.46 10.68
N ALA D 309 7.89 42.85 11.18
CA ALA D 309 6.61 42.32 10.70
C ALA D 309 6.38 42.54 9.21
N ASP D 310 7.09 43.49 8.61
CA ASP D 310 7.17 43.65 7.16
C ASP D 310 8.65 43.81 6.84
N PHE D 311 8.97 44.29 5.65
CA PHE D 311 10.36 44.45 5.23
C PHE D 311 11.05 45.66 5.86
N GLY D 312 10.51 46.25 6.92
CA GLY D 312 11.16 47.36 7.56
C GLY D 312 12.39 46.94 8.34
N ASP D 313 13.24 47.90 8.61
CA ASP D 313 14.47 47.66 9.34
C ASP D 313 14.19 47.71 10.83
N ASP D 314 15.14 47.24 11.63
CA ASP D 314 15.06 47.42 13.08
C ASP D 314 15.84 48.64 13.56
N GLU D 315 16.30 49.48 12.64
CA GLU D 315 17.20 50.57 12.94
C GLU D 315 17.21 51.53 11.75
N THR D 316 17.34 52.83 12.05
CA THR D 316 17.51 53.97 11.14
C THR D 316 16.30 54.27 10.25
N GLY D 317 15.22 53.49 10.34
CA GLY D 317 14.02 53.83 9.60
C GLY D 317 14.09 53.59 8.11
N LYS D 318 14.20 52.34 7.70
CA LYS D 318 14.29 51.99 6.29
C LYS D 318 13.34 50.85 5.97
N ILE D 319 12.87 50.84 4.73
CA ILE D 319 11.94 49.84 4.21
C ILE D 319 12.47 49.41 2.84
N TRP D 320 12.42 48.11 2.55
CA TRP D 320 12.95 47.62 1.28
C TRP D 320 12.02 46.57 0.69
N ALA D 321 12.56 45.84 -0.28
CA ALA D 321 11.95 44.66 -0.87
C ALA D 321 13.08 43.75 -1.32
N TRP D 322 12.72 42.65 -1.99
CA TRP D 322 13.73 41.80 -2.60
C TRP D 322 14.14 42.38 -3.94
N GLY D 323 15.43 42.36 -4.23
CA GLY D 323 15.84 42.69 -5.58
C GLY D 323 17.30 42.49 -5.90
N GLY D 324 17.56 41.75 -6.98
CA GLY D 324 18.88 41.67 -7.58
C GLY D 324 19.95 41.07 -6.69
N TYR D 325 21.17 41.53 -6.90
CA TYR D 325 22.32 41.14 -6.08
C TYR D 325 23.13 42.40 -5.86
N ASP D 326 24.40 42.22 -5.45
CA ASP D 326 25.46 43.20 -5.17
C ASP D 326 25.03 44.52 -4.56
N ASP D 327 24.20 44.45 -3.53
CA ASP D 327 23.73 45.64 -2.82
C ASP D 327 24.16 45.68 -1.37
N GLU D 328 24.09 44.54 -0.68
CA GLU D 328 24.47 44.46 0.72
C GLU D 328 25.96 44.18 0.92
N GLY D 329 26.75 44.24 -0.14
CA GLY D 329 28.17 44.04 -0.02
C GLY D 329 28.57 42.58 -0.03
N ILE D 330 28.38 41.89 1.08
CA ILE D 330 28.79 40.50 1.23
C ILE D 330 27.60 39.68 1.67
N ILE D 331 27.29 38.63 0.92
CA ILE D 331 26.24 37.68 1.29
C ILE D 331 26.94 36.34 1.50
N GLU D 332 26.93 35.84 2.73
CA GLU D 332 27.53 34.55 3.02
C GLU D 332 26.52 33.44 2.79
N ARG D 333 26.98 32.35 2.18
CA ARG D 333 26.12 31.22 1.81
C ARG D 333 26.91 29.95 2.06
N LEU D 334 26.41 29.11 2.97
CA LEU D 334 27.17 28.00 3.52
C LEU D 334 26.30 26.77 3.61
N PHE D 335 26.84 25.62 3.20
CA PHE D 335 26.11 24.37 3.24
C PHE D 335 27.05 23.25 3.66
N MET D 336 26.48 22.09 3.95
CA MET D 336 27.21 20.98 4.57
C MET D 336 27.00 19.71 3.77
N ALA D 337 28.03 18.86 3.73
CA ALA D 337 27.97 17.58 3.04
C ALA D 337 28.79 16.57 3.82
N GLY D 338 28.15 15.49 4.27
CA GLY D 338 28.79 14.52 5.12
C GLY D 338 28.48 13.09 4.70
N ALA D 339 29.26 12.16 5.25
CA ALA D 339 29.24 10.78 4.78
C ALA D 339 28.64 9.77 5.75
N ALA D 340 28.75 10.02 7.06
CA ALA D 340 28.43 9.05 8.12
C ALA D 340 29.16 7.73 7.91
N LEU D 341 30.44 7.86 7.63
CA LEU D 341 31.35 6.80 7.23
C LEU D 341 31.68 5.87 8.38
N GLU D 342 32.15 4.67 8.03
CA GLU D 342 32.52 3.69 9.05
C GLU D 342 33.86 2.99 8.78
N GLU D 343 34.37 2.95 7.54
CA GLU D 343 35.62 2.28 7.24
C GLU D 343 36.60 3.25 6.59
N ALA D 344 37.90 2.94 6.72
CA ALA D 344 38.94 3.82 6.21
C ALA D 344 38.94 3.82 4.69
N THR D 345 38.85 5.01 4.11
CA THR D 345 38.67 5.19 2.68
C THR D 345 39.84 5.97 2.08
N GLN D 346 39.79 6.12 0.75
CA GLN D 346 40.76 6.91 0.00
C GLN D 346 39.95 7.89 -0.84
N ILE D 347 39.63 9.05 -0.26
CA ILE D 347 38.93 10.10 -0.97
C ILE D 347 39.94 10.82 -1.85
N ASP D 348 39.92 10.52 -3.15
CA ASP D 348 40.87 11.09 -4.09
C ASP D 348 40.34 12.36 -4.74
N ASN D 349 39.07 12.67 -4.55
CA ASN D 349 38.43 13.73 -5.30
C ASN D 349 37.19 14.19 -4.54
N ILE D 350 36.69 15.37 -4.88
CA ILE D 350 35.39 15.85 -4.43
C ILE D 350 34.91 16.85 -5.47
N ARG D 351 33.60 16.92 -5.67
CA ARG D 351 33.07 17.56 -6.86
C ARG D 351 31.80 18.31 -6.52
N LEU D 352 31.59 19.46 -7.16
CA LEU D 352 30.34 20.19 -7.09
C LEU D 352 29.73 20.28 -8.49
N THR D 353 28.41 20.34 -8.55
CA THR D 353 27.69 20.65 -9.78
C THR D 353 26.88 21.91 -9.50
N CYS D 354 27.53 23.05 -9.66
CA CYS D 354 26.97 24.36 -9.38
C CYS D 354 26.68 25.08 -10.68
N GLU D 355 26.27 26.34 -10.58
CA GLU D 355 26.23 27.19 -11.75
C GLU D 355 27.58 27.91 -11.87
N VAL D 356 28.08 27.98 -13.09
CA VAL D 356 29.49 28.19 -13.33
C VAL D 356 29.68 29.37 -14.27
N GLY D 357 30.40 30.39 -13.82
CA GLY D 357 30.89 31.44 -14.70
C GLY D 357 29.85 32.36 -15.27
N THR D 358 28.88 32.76 -14.46
CA THR D 358 27.83 33.68 -14.91
C THR D 358 27.87 35.00 -14.16
N THR D 359 29.04 35.40 -13.67
CA THR D 359 29.16 36.68 -13.00
C THR D 359 29.07 37.82 -14.02
N PRO D 360 28.41 38.92 -13.68
CA PRO D 360 28.31 40.05 -14.60
C PRO D 360 29.42 41.08 -14.47
N ASN D 361 30.47 40.79 -13.70
CA ASN D 361 31.50 41.76 -13.39
C ASN D 361 32.70 41.57 -14.31
N LEU D 362 33.26 42.68 -14.76
CA LEU D 362 34.46 42.64 -15.57
C LEU D 362 35.55 43.54 -15.02
N VAL D 363 35.18 44.61 -14.35
CA VAL D 363 36.09 45.42 -13.57
C VAL D 363 35.86 45.15 -12.10
N GLY D 364 36.86 45.41 -11.29
CA GLY D 364 36.76 45.19 -9.85
C GLY D 364 37.33 43.86 -9.43
N ILE D 365 37.18 43.58 -8.15
CA ILE D 365 37.77 42.39 -7.53
C ILE D 365 36.86 41.17 -7.58
N TYR D 366 35.63 41.31 -8.07
CA TYR D 366 34.67 40.22 -8.07
C TYR D 366 34.55 39.55 -9.44
N THR D 367 35.63 39.54 -10.22
CA THR D 367 35.58 38.90 -11.52
C THR D 367 35.74 37.39 -11.43
N ASP D 368 36.21 36.86 -10.30
CA ASP D 368 36.31 35.44 -10.01
C ASP D 368 35.88 35.22 -8.56
N PRO D 369 34.73 34.56 -8.33
CA PRO D 369 34.16 34.53 -6.97
C PRO D 369 34.96 33.71 -5.95
N THR D 370 35.52 32.57 -6.35
CA THR D 370 36.48 31.77 -5.58
C THR D 370 35.92 31.30 -4.23
N LEU D 371 34.96 30.38 -4.30
CA LEU D 371 34.51 29.69 -3.10
C LEU D 371 35.62 28.79 -2.54
N GLU D 372 35.43 28.36 -1.29
CA GLU D 372 36.46 27.62 -0.58
C GLU D 372 35.82 26.60 0.36
N MET D 373 36.47 25.44 0.48
CA MET D 373 35.99 24.34 1.32
C MET D 373 36.97 24.01 2.43
N ARG D 374 36.55 23.12 3.32
CA ARG D 374 37.22 22.92 4.60
C ARG D 374 36.99 21.50 5.07
N PHE D 375 38.08 20.78 5.34
CA PHE D 375 38.00 19.41 5.86
C PHE D 375 37.47 19.41 7.28
N SER D 376 37.18 18.22 7.78
CA SER D 376 37.02 18.05 9.22
C SER D 376 37.27 16.61 9.60
N TYR D 377 37.71 16.43 10.83
CA TYR D 377 37.66 15.16 11.51
C TYR D 377 36.63 15.30 12.63
N ASP D 378 36.57 14.27 13.48
CA ASP D 378 35.90 14.20 14.80
C ASP D 378 34.57 14.96 14.89
N ALA D 379 33.72 14.73 13.89
CA ALA D 379 32.33 15.20 13.83
C ALA D 379 32.20 16.72 13.90
N GLY D 380 33.20 17.44 13.38
CA GLY D 380 33.10 18.87 13.28
C GLY D 380 33.46 19.63 14.53
N ASN D 381 34.03 18.99 15.54
CA ASN D 381 34.46 19.71 16.74
C ASN D 381 35.77 20.44 16.54
N THR D 382 36.53 20.09 15.50
CA THR D 382 37.64 20.90 15.06
C THR D 382 37.75 20.76 13.55
N TRP D 383 38.47 21.70 12.94
CA TRP D 383 38.44 21.86 11.49
C TRP D 383 39.88 21.94 10.97
N GLU D 384 40.00 22.24 9.68
CA GLU D 384 41.29 22.36 9.02
C GLU D 384 41.31 23.64 8.20
N ASP D 385 42.37 23.82 7.42
CA ASP D 385 42.52 25.04 6.64
C ASP D 385 41.60 24.99 5.42
N TRP D 386 41.34 26.18 4.86
CA TRP D 386 40.53 26.28 3.66
C TRP D 386 41.31 25.82 2.45
N GLU D 387 40.58 25.27 1.46
CA GLU D 387 41.11 25.01 0.14
C GLU D 387 40.18 25.69 -0.85
N ALA D 388 40.69 26.69 -1.56
CA ALA D 388 39.86 27.55 -2.40
C ALA D 388 40.06 27.20 -3.87
N GLU D 389 38.96 27.15 -4.61
CA GLU D 389 39.00 27.04 -6.05
C GLU D 389 38.15 28.14 -6.67
N THR D 390 38.59 28.62 -7.83
CA THR D 390 37.88 29.66 -8.52
C THR D 390 36.61 29.12 -9.16
N LEU D 391 35.78 30.03 -9.66
CA LEU D 391 34.55 29.67 -10.32
C LEU D 391 34.56 30.05 -11.80
N GLY D 392 35.57 30.77 -12.24
CA GLY D 392 35.72 31.14 -13.63
C GLY D 392 35.19 32.53 -13.93
N ALA D 393 35.69 33.11 -15.02
CA ALA D 393 35.21 34.41 -15.46
C ALA D 393 33.91 34.25 -16.24
N GLN D 394 33.40 35.36 -16.75
CA GLN D 394 32.13 35.36 -17.46
C GLN D 394 32.28 34.69 -18.82
N GLY D 395 31.32 33.85 -19.18
CA GLY D 395 31.33 33.18 -20.46
C GLY D 395 31.99 31.81 -20.44
N LYS D 396 32.72 31.47 -19.39
CA LYS D 396 33.34 30.16 -19.25
C LYS D 396 32.34 29.27 -18.53
N TYR D 397 31.42 28.68 -19.29
CA TYR D 397 30.37 27.85 -18.73
C TYR D 397 30.82 26.43 -18.45
N ARG D 398 32.07 26.09 -18.75
CA ARG D 398 32.59 24.73 -18.60
C ARG D 398 33.82 24.76 -17.72
N GLN D 399 33.60 24.69 -16.40
CA GLN D 399 34.69 24.69 -15.43
C GLN D 399 34.30 23.81 -14.26
N ARG D 400 34.95 22.66 -14.14
CA ARG D 400 34.75 21.75 -13.02
C ARG D 400 35.36 22.38 -11.78
N VAL D 401 34.65 22.29 -10.65
CA VAL D 401 35.20 22.76 -9.38
C VAL D 401 35.51 21.57 -8.49
N GLU D 402 36.80 21.23 -8.39
CA GLU D 402 37.16 20.00 -7.69
C GLU D 402 38.48 20.17 -6.95
N TRP D 403 38.71 19.25 -6.02
CA TRP D 403 39.88 19.19 -5.16
C TRP D 403 40.41 17.77 -5.25
N ARG D 404 41.74 17.61 -5.35
CA ARG D 404 42.28 16.35 -5.85
C ARG D 404 43.25 15.61 -4.94
N ALA D 405 43.57 16.13 -3.77
CA ALA D 405 44.61 15.49 -2.93
C ALA D 405 44.15 15.38 -1.48
N LEU D 406 42.97 14.82 -1.26
CA LEU D 406 42.34 14.91 0.06
C LEU D 406 42.99 13.98 1.08
N GLY D 407 42.95 12.66 0.85
CA GLY D 407 43.66 11.72 1.69
C GLY D 407 42.73 10.70 2.33
N MET D 408 43.05 10.33 3.57
CA MET D 408 42.38 9.26 4.29
C MET D 408 41.40 9.83 5.31
N PHE D 409 40.30 9.12 5.54
CA PHE D 409 39.27 9.53 6.50
C PHE D 409 38.90 8.36 7.40
N ASP D 410 39.50 8.36 8.58
CA ASP D 410 39.34 7.34 9.62
C ASP D 410 38.40 7.86 10.72
N ASP D 411 37.12 7.90 10.44
CA ASP D 411 36.25 8.73 11.28
C ASP D 411 34.96 7.98 11.51
N PRO D 412 34.14 8.44 12.46
CA PRO D 412 32.70 8.16 12.39
C PRO D 412 31.98 8.86 11.24
N GLY D 413 32.64 9.77 10.53
CA GLY D 413 32.17 10.27 9.26
C GLY D 413 32.95 11.45 8.72
N ALA D 414 33.32 11.40 7.44
CA ALA D 414 33.92 12.55 6.81
C ALA D 414 32.87 13.63 6.63
N LEU D 415 33.27 14.88 6.83
CA LEU D 415 32.30 15.95 7.04
C LEU D 415 32.91 17.23 6.49
N PHE D 416 32.35 17.75 5.40
CA PHE D 416 32.92 18.89 4.72
C PHE D 416 32.08 20.14 4.92
N GLN D 417 32.61 21.28 4.47
CA GLN D 417 31.93 22.56 4.66
C GLN D 417 32.37 23.51 3.58
N PHE D 418 31.41 24.05 2.82
CA PHE D 418 31.68 24.94 1.69
C PHE D 418 31.16 26.32 2.01
N ARG D 419 31.77 27.34 1.41
CA ARG D 419 31.35 28.72 1.65
C ARG D 419 31.70 29.60 0.48
N ILE D 420 30.74 30.43 0.06
CA ILE D 420 31.00 31.54 -0.85
C ILE D 420 30.41 32.80 -0.22
N THR D 421 31.24 33.84 -0.11
CA THR D 421 30.86 35.11 0.49
C THR D 421 31.08 36.18 -0.57
N ASP D 422 30.10 36.33 -1.45
CA ASP D 422 30.34 37.05 -2.70
C ASP D 422 29.00 37.35 -3.35
N PRO D 423 28.85 38.51 -4.00
CA PRO D 423 27.54 38.90 -4.54
C PRO D 423 27.02 38.07 -5.71
N VAL D 424 27.80 37.14 -6.25
CA VAL D 424 27.35 36.35 -7.39
C VAL D 424 26.30 35.36 -6.96
N SER D 425 25.27 35.19 -7.80
CA SER D 425 24.24 34.18 -7.57
C SER D 425 24.83 32.78 -7.55
N PHE D 426 24.24 31.91 -6.75
CA PHE D 426 24.80 30.59 -6.52
C PHE D 426 23.70 29.54 -6.53
N ARG D 427 24.00 28.40 -7.13
CA ARG D 427 23.10 27.29 -7.32
C ARG D 427 23.87 26.02 -6.95
N LEU D 428 23.16 25.01 -6.48
CA LEU D 428 23.78 23.68 -6.35
C LEU D 428 22.74 22.60 -6.54
N SER D 429 23.08 21.62 -7.39
CA SER D 429 22.23 20.47 -7.66
C SER D 429 22.73 19.21 -6.96
N ASP D 430 23.96 18.78 -7.23
CA ASP D 430 24.50 17.52 -6.74
C ASP D 430 25.96 17.70 -6.36
N VAL D 431 26.50 16.73 -5.61
CA VAL D 431 27.93 16.60 -5.41
C VAL D 431 28.34 15.19 -5.86
N GLN D 432 29.64 15.00 -6.06
CA GLN D 432 30.17 13.69 -6.40
C GLN D 432 31.43 13.43 -5.59
N ALA D 433 31.53 12.22 -5.03
CA ALA D 433 32.72 11.85 -4.27
C ALA D 433 33.86 11.45 -5.19
N ASN D 434 33.70 10.36 -5.92
CA ASN D 434 34.70 9.87 -6.84
C ASN D 434 34.13 9.86 -8.24
N ALA D 435 34.84 10.49 -9.18
CA ALA D 435 34.41 10.54 -10.57
C ALA D 435 35.60 10.14 -11.44
N ALA D 436 35.38 10.10 -12.75
CA ALA D 436 36.42 9.74 -13.70
C ALA D 436 36.83 10.97 -14.52
N THR D 437 37.82 10.76 -15.38
CA THR D 437 38.47 11.84 -16.13
C THR D 437 38.23 11.66 -17.62
N GLY D 438 37.24 12.34 -18.15
CA GLY D 438 37.07 12.53 -19.58
C GLY D 438 37.00 14.01 -19.84
N GLY D 439 36.89 14.45 -21.09
CA GLY D 439 36.80 15.88 -21.32
C GLY D 439 37.23 16.31 -22.71
N ARG D 440 36.69 17.47 -23.10
CA ARG D 440 37.08 18.20 -24.30
C ARG D 440 37.11 19.68 -23.93
N GLN D 441 38.26 20.16 -23.47
CA GLN D 441 38.52 21.56 -23.11
C GLN D 441 37.54 22.09 -22.06
N ARG D 442 37.61 21.48 -20.87
CA ARG D 442 36.83 21.95 -19.73
C ARG D 442 37.50 21.58 -18.42
N MET E 1 29.59 -4.77 12.15
CA MET E 1 28.14 -4.90 12.02
C MET E 1 27.44 -3.87 12.88
N LYS E 2 26.26 -4.21 13.38
CA LYS E 2 25.49 -3.29 14.20
C LYS E 2 24.55 -4.10 15.06
N ILE E 3 24.72 -4.01 16.38
CA ILE E 3 23.98 -4.81 17.34
C ILE E 3 22.77 -4.00 17.80
N PRO E 4 21.57 -4.58 17.82
CA PRO E 4 20.38 -3.81 18.20
C PRO E 4 20.32 -3.55 19.70
N TYR E 5 20.56 -2.31 20.10
CA TYR E 5 20.44 -1.92 21.49
C TYR E 5 19.01 -1.53 21.81
N GLY E 6 18.59 -1.84 23.04
CA GLY E 6 17.20 -1.71 23.40
C GLY E 6 16.77 -0.26 23.59
N LEU E 7 15.54 0.02 23.16
CA LEU E 7 14.98 1.36 23.23
C LEU E 7 13.97 1.55 24.34
N GLY E 8 13.53 0.48 25.00
CA GLY E 8 12.56 0.56 26.06
C GLY E 8 13.05 -0.12 27.33
N ALA E 9 12.28 0.06 28.40
CA ALA E 9 12.57 -0.55 29.69
C ALA E 9 11.67 -1.76 29.85
N TYR E 10 12.11 -2.88 29.29
CA TYR E 10 11.32 -4.12 29.29
C TYR E 10 11.96 -5.10 30.26
N THR E 11 11.41 -5.19 31.46
CA THR E 11 11.81 -6.18 32.47
C THR E 11 10.56 -6.91 32.95
N ARG E 12 10.31 -8.07 32.36
CA ARG E 12 9.19 -8.92 32.75
C ARG E 12 9.71 -10.14 33.48
N ASN E 13 9.11 -10.43 34.63
CA ASN E 13 9.56 -11.52 35.49
C ASN E 13 8.55 -12.64 35.58
N ARG E 14 7.57 -12.67 34.67
CA ARG E 14 6.66 -13.80 34.52
C ARG E 14 7.45 -15.04 34.13
N GLY E 15 8.02 -15.02 32.95
CA GLY E 15 9.13 -15.90 32.64
C GLY E 15 10.43 -15.25 33.07
N ASN E 16 11.52 -15.96 32.85
CA ASN E 16 12.85 -15.42 33.13
C ASN E 16 13.42 -14.79 31.87
N LEU E 17 12.71 -13.76 31.40
CA LEU E 17 13.00 -13.08 30.16
C LEU E 17 14.23 -12.21 30.30
N PRO E 18 14.98 -12.02 29.20
CA PRO E 18 16.16 -11.14 29.24
C PRO E 18 15.77 -9.69 29.49
N PRO E 19 16.27 -9.09 30.57
CA PRO E 19 15.76 -7.77 31.02
C PRO E 19 16.49 -6.58 30.39
N LEU E 20 16.18 -6.28 29.13
CA LEU E 20 16.74 -5.08 28.51
C LEU E 20 16.02 -3.85 29.04
N GLU E 21 16.77 -2.85 29.49
CA GLU E 21 16.18 -1.72 30.17
C GLU E 21 17.06 -0.48 30.00
N LEU E 22 16.43 0.67 30.16
CA LEU E 22 17.10 1.96 30.18
C LEU E 22 17.03 2.55 31.58
N ILE E 23 18.11 3.23 31.98
CA ILE E 23 18.17 3.95 33.24
C ILE E 23 18.61 5.37 32.93
N ASN E 24 17.73 6.34 33.21
CA ASN E 24 17.98 7.78 33.03
C ASN E 24 18.36 8.14 31.60
N LEU E 25 17.83 7.40 30.63
CA LEU E 25 18.13 7.62 29.22
C LEU E 25 16.84 7.48 28.43
N PHE E 26 16.56 8.45 27.58
CA PHE E 26 15.35 8.42 26.76
C PHE E 26 15.73 8.53 25.29
N VAL E 27 14.78 8.20 24.42
CA VAL E 27 15.01 8.08 22.99
C VAL E 27 14.40 9.30 22.31
N GLU E 28 15.15 9.93 21.42
CA GLU E 28 14.58 10.92 20.53
C GLU E 28 15.17 10.73 19.14
N LYS E 29 14.58 11.41 18.16
CA LYS E 29 15.06 11.39 16.80
C LYS E 29 16.10 12.47 16.59
N SER E 30 16.78 12.40 15.45
CA SER E 30 17.69 13.46 15.03
C SER E 30 17.71 13.47 13.50
N ASP E 31 18.69 14.18 12.94
CA ASP E 31 18.83 14.27 11.49
C ASP E 31 20.22 13.90 11.00
N SER E 32 21.26 14.25 11.76
CA SER E 32 22.60 13.82 11.41
C SER E 32 22.79 12.33 11.70
N GLN E 33 22.59 11.92 12.94
CA GLN E 33 22.44 10.51 13.27
C GLN E 33 20.97 10.13 13.12
N GLY E 34 20.72 8.83 12.99
CA GLY E 34 19.34 8.39 12.87
C GLY E 34 18.56 8.39 14.16
N VAL E 35 18.93 7.50 15.09
CA VAL E 35 18.22 7.32 16.35
C VAL E 35 19.26 7.41 17.46
N ILE E 36 18.96 8.14 18.52
CA ILE E 36 19.95 8.53 19.52
C ILE E 36 19.41 8.25 20.91
N LEU E 37 20.32 7.95 21.84
CA LEU E 37 20.04 7.92 23.27
C LEU E 37 20.66 9.15 23.92
N GLN E 38 19.87 9.87 24.72
CA GLN E 38 20.36 11.08 25.38
C GLN E 38 20.22 10.97 26.89
N SER E 39 21.06 11.74 27.59
CA SER E 39 21.15 11.69 29.04
C SER E 39 20.02 12.45 29.70
N ARG E 40 19.96 12.32 31.02
CA ARG E 40 18.97 13.01 31.83
C ARG E 40 19.68 14.14 32.57
N LYS E 41 19.07 15.33 32.53
CA LYS E 41 19.69 16.51 33.11
C LYS E 41 19.67 16.42 34.64
N ALA E 42 20.70 16.97 35.28
CA ALA E 42 20.76 16.91 36.73
C ALA E 42 19.80 17.91 37.35
N LEU E 43 19.47 17.68 38.62
CA LEU E 43 18.53 18.52 39.34
C LEU E 43 19.27 19.58 40.14
N VAL E 44 18.60 20.71 40.37
CA VAL E 44 19.19 21.89 40.98
C VAL E 44 18.43 22.22 42.25
N GLU E 45 18.69 23.40 42.82
CA GLU E 45 17.83 23.97 43.85
C GLU E 45 17.37 25.35 43.40
N VAL E 46 16.06 25.55 43.34
CA VAL E 46 15.48 26.81 42.88
C VAL E 46 14.85 27.58 44.03
N ALA E 47 13.86 27.00 44.71
CA ALA E 47 13.17 27.66 45.79
C ALA E 47 13.12 26.74 47.00
N ASP E 48 13.33 27.31 48.18
CA ASP E 48 13.34 26.54 49.42
C ASP E 48 12.32 27.14 50.38
N VAL E 49 11.48 26.28 50.95
CA VAL E 49 10.43 26.67 51.87
C VAL E 49 10.62 25.86 53.14
N GLY E 50 9.67 25.96 54.07
CA GLY E 50 9.74 25.19 55.29
C GLY E 50 9.62 23.70 55.03
N ALA E 51 10.19 22.92 55.94
CA ALA E 51 10.41 21.50 55.71
C ALA E 51 9.10 20.71 55.78
N GLY E 52 9.20 19.44 55.43
CA GLY E 52 8.04 18.60 55.26
C GLY E 52 7.91 18.15 53.83
N PRO E 53 7.10 17.12 53.56
CA PRO E 53 6.88 16.70 52.17
C PRO E 53 6.01 17.70 51.43
N VAL E 54 6.54 18.20 50.31
CA VAL E 54 5.76 19.08 49.44
C VAL E 54 4.71 18.27 48.70
N ARG E 55 3.46 18.70 48.79
CA ARG E 55 2.35 17.97 48.22
C ARG E 55 1.87 18.60 46.90
N ALA E 56 1.71 19.92 46.86
CA ALA E 56 1.28 20.58 45.64
C ALA E 56 1.75 22.02 45.66
N THR E 57 2.24 22.50 44.52
CA THR E 57 2.74 23.85 44.37
C THR E 57 2.03 24.54 43.21
N PHE E 58 2.26 25.85 43.11
CA PHE E 58 1.56 26.70 42.17
C PHE E 58 2.25 28.05 42.03
N GLN E 59 2.53 28.48 40.80
CA GLN E 59 2.83 29.88 40.52
C GLN E 59 2.48 30.17 39.07
N LYS E 60 2.08 31.40 38.81
CA LYS E 60 1.77 31.86 37.45
C LYS E 60 2.37 33.26 37.32
N ASP E 61 1.95 33.97 36.29
CA ASP E 61 2.43 35.33 36.05
C ASP E 61 1.36 36.38 36.19
N GLY E 62 0.09 36.04 35.94
CA GLY E 62 -1.01 36.96 36.05
C GLY E 62 -1.77 36.94 37.35
N VAL E 63 -1.27 36.24 38.37
CA VAL E 63 -1.86 36.24 39.70
C VAL E 63 -0.80 36.63 40.72
N PHE E 64 -1.05 37.74 41.42
CA PHE E 64 -0.30 38.21 42.58
C PHE E 64 1.17 38.49 42.27
N GLY E 65 1.49 38.78 41.02
CA GLY E 65 2.85 39.09 40.63
C GLY E 65 3.78 37.91 40.49
N GLY E 66 3.32 36.70 40.77
CA GLY E 66 4.14 35.52 40.67
C GLY E 66 4.58 34.90 41.98
N ASP E 67 3.81 35.05 43.05
CA ASP E 67 4.23 34.54 44.34
C ASP E 67 4.03 33.03 44.43
N ARG E 68 5.04 32.34 44.95
CA ARG E 68 5.08 30.89 44.92
C ARG E 68 4.19 30.34 46.03
N PHE E 69 3.07 29.71 45.67
CA PHE E 69 2.18 29.08 46.63
C PHE E 69 2.52 27.60 46.73
N THR E 70 2.83 27.14 47.94
CA THR E 70 3.15 25.75 48.18
C THR E 70 2.44 25.25 49.42
N LEU E 71 2.35 23.92 49.52
CA LEU E 71 1.77 23.24 50.67
C LEU E 71 2.84 22.27 51.17
N SER E 72 3.71 22.74 52.04
CA SER E 72 4.75 21.92 52.62
C SER E 72 4.30 21.42 53.98
N GLY E 73 4.31 20.10 54.16
CA GLY E 73 3.91 19.51 55.42
C GLY E 73 2.43 19.68 55.73
N ASP E 74 2.12 20.59 56.66
CA ASP E 74 0.75 20.73 57.12
C ASP E 74 0.27 22.17 56.98
N GLU E 75 1.07 23.04 56.37
CA GLU E 75 0.78 24.46 56.40
C GLU E 75 1.28 25.08 55.10
N PHE E 76 0.68 26.22 54.74
CA PHE E 76 1.12 26.94 53.54
C PHE E 76 2.50 27.54 53.69
N TYR E 77 3.03 28.00 52.56
CA TYR E 77 4.01 29.06 52.50
C TYR E 77 3.76 29.89 51.25
N ARG E 78 3.48 31.18 51.44
CA ARG E 78 3.44 32.15 50.35
C ARG E 78 4.80 32.84 50.44
N GLY E 79 5.76 32.39 49.64
CA GLY E 79 7.13 32.82 49.83
C GLY E 79 7.71 32.17 51.06
N ALA E 80 7.89 32.94 52.13
CA ALA E 80 8.27 32.40 53.42
C ALA E 80 7.30 32.72 54.54
N THR E 81 6.16 33.34 54.22
CA THR E 81 5.14 33.61 55.23
C THR E 81 4.23 32.41 55.43
N LEU E 82 3.72 32.27 56.66
CA LEU E 82 3.19 30.98 57.09
C LEU E 82 1.78 30.71 56.57
N LEU E 83 0.88 31.70 56.66
CA LEU E 83 -0.48 31.67 56.08
C LEU E 83 -1.33 30.52 56.61
N GLY E 84 -1.34 30.32 57.92
CA GLY E 84 -2.26 29.37 58.51
C GLY E 84 -1.86 27.91 58.29
N THR E 85 -2.86 27.04 58.30
CA THR E 85 -2.64 25.60 58.22
C THR E 85 -3.72 24.94 57.38
N VAL E 86 -3.51 23.66 57.08
CA VAL E 86 -4.42 22.84 56.28
C VAL E 86 -4.76 21.62 57.12
N ALA E 87 -5.98 21.11 56.98
CA ALA E 87 -6.30 19.82 57.59
C ALA E 87 -5.60 18.69 56.85
N GLY E 88 -5.59 17.51 57.47
CA GLY E 88 -4.90 16.36 56.88
C GLY E 88 -5.76 15.66 55.83
N GLY E 89 -5.10 15.17 54.79
CA GLY E 89 -5.82 14.53 53.72
C GLY E 89 -4.93 13.72 52.80
N GLY E 90 -5.51 13.31 51.67
CA GLY E 90 -4.83 12.40 50.76
C GLY E 90 -4.06 13.03 49.61
N GLN E 91 -4.70 13.90 48.82
CA GLN E 91 -4.07 14.49 47.65
C GLN E 91 -4.47 15.95 47.56
N ALA E 92 -3.49 16.82 47.33
CA ALA E 92 -3.72 18.26 47.35
C ALA E 92 -3.96 18.81 45.95
N ARG E 93 -4.46 20.04 45.91
CA ARG E 93 -4.82 20.71 44.66
C ARG E 93 -4.97 22.21 44.91
N ILE E 94 -4.40 23.05 44.04
CA ILE E 94 -4.47 24.50 44.19
C ILE E 94 -5.17 25.07 42.96
N VAL E 95 -6.21 25.85 43.21
CA VAL E 95 -7.07 26.41 42.16
C VAL E 95 -7.12 27.91 42.36
N SER E 96 -6.97 28.67 41.28
CA SER E 96 -7.10 30.12 41.40
C SER E 96 -7.60 30.72 40.09
N ASN E 97 -8.29 31.84 40.22
CA ASN E 97 -8.69 32.66 39.08
C ASN E 97 -7.99 34.01 39.04
N GLY E 98 -7.11 34.29 40.00
CA GLY E 98 -6.41 35.57 40.02
C GLY E 98 -6.79 36.45 41.18
N LEU E 99 -8.06 36.41 41.60
CA LEU E 99 -8.51 37.17 42.74
C LEU E 99 -8.59 36.35 44.02
N GLU E 100 -8.43 35.04 43.93
CA GLU E 100 -8.53 34.16 45.09
C GLU E 100 -7.87 32.83 44.78
N VAL E 101 -7.17 32.27 45.77
CA VAL E 101 -6.40 31.05 45.61
C VAL E 101 -6.97 30.01 46.56
N LEU E 102 -7.56 28.96 46.02
CA LEU E 102 -8.12 27.90 46.84
C LEU E 102 -7.08 26.80 47.07
N VAL E 103 -7.40 25.88 47.97
CA VAL E 103 -6.56 24.72 48.24
C VAL E 103 -7.48 23.60 48.71
N ASN E 104 -6.96 22.38 48.75
CA ASN E 104 -7.76 21.25 49.19
C ASN E 104 -6.86 20.20 49.83
N ALA E 105 -7.51 19.29 50.53
CA ALA E 105 -6.98 18.02 50.98
C ALA E 105 -8.16 17.07 50.93
N GLY E 106 -8.08 15.96 51.66
CA GLY E 106 -9.28 15.17 51.87
C GLY E 106 -10.33 15.84 52.73
N GLY E 107 -9.96 16.85 53.50
CA GLY E 107 -10.87 17.44 54.45
C GLY E 107 -11.68 18.68 54.09
N LEU E 108 -11.03 19.80 53.74
CA LEU E 108 -11.74 21.08 53.71
C LEU E 108 -11.27 21.95 52.55
N VAL E 109 -12.03 23.02 52.32
CA VAL E 109 -11.76 23.98 51.26
C VAL E 109 -11.43 25.32 51.91
N TYR E 110 -10.24 25.85 51.63
CA TYR E 110 -9.73 27.06 52.26
C TYR E 110 -9.49 28.11 51.20
N SER E 111 -10.17 29.25 51.30
CA SER E 111 -10.01 30.30 50.30
C SER E 111 -9.00 31.35 50.79
N TYR E 112 -8.73 32.32 49.94
CA TYR E 112 -7.69 33.31 50.18
C TYR E 112 -8.03 34.54 49.37
N ASN E 113 -7.54 35.69 49.82
CA ASN E 113 -7.74 36.96 49.13
C ASN E 113 -6.53 37.82 49.44
N GLY E 114 -6.68 39.15 49.36
CA GLY E 114 -5.57 40.05 49.56
C GLY E 114 -4.88 39.93 50.92
N THR E 115 -5.66 39.78 51.99
CA THR E 115 -5.04 39.71 53.31
C THR E 115 -5.61 38.67 54.27
N ASN E 116 -6.68 37.97 53.94
CA ASN E 116 -7.32 37.03 54.86
C ASN E 116 -7.17 35.60 54.34
N PHE E 117 -7.20 34.65 55.26
CA PHE E 117 -7.14 33.21 54.93
C PHE E 117 -8.00 32.47 55.95
N ILE E 118 -9.26 32.24 55.60
CA ILE E 118 -10.21 31.50 56.43
C ILE E 118 -10.98 30.51 55.57
N ASN E 119 -11.94 29.84 56.19
CA ASN E 119 -12.69 28.76 55.55
C ASN E 119 -13.61 29.29 54.46
N ALA E 120 -13.61 28.62 53.31
CA ALA E 120 -14.47 29.04 52.21
C ALA E 120 -15.92 28.66 52.42
N GLY E 121 -16.20 27.69 53.29
CA GLY E 121 -17.56 27.32 53.55
C GLY E 121 -18.14 26.42 52.49
N PHE E 122 -17.56 25.23 52.34
CA PHE E 122 -18.15 24.21 51.49
C PHE E 122 -19.48 23.78 52.08
N PRO E 123 -20.50 23.49 51.26
CA PRO E 123 -21.85 23.25 51.79
C PRO E 123 -22.02 22.00 52.63
N GLU E 124 -21.00 21.14 52.72
CA GLU E 124 -20.94 20.12 53.76
C GLU E 124 -19.48 19.97 54.18
N ALA E 125 -19.19 18.92 54.96
CA ALA E 125 -17.91 18.83 55.65
C ALA E 125 -16.76 18.56 54.70
N ALA E 126 -16.80 17.44 54.00
CA ALA E 126 -15.62 16.95 53.28
C ALA E 126 -15.63 17.37 51.82
N ALA E 127 -14.47 17.20 51.19
CA ALA E 127 -14.30 17.52 49.79
C ALA E 127 -13.18 16.66 49.23
N THR E 128 -13.28 16.33 47.96
CA THR E 128 -12.27 15.52 47.30
C THR E 128 -11.34 16.37 46.44
N THR E 129 -11.88 17.08 45.45
CA THR E 129 -11.09 17.87 44.51
C THR E 129 -11.84 19.15 44.15
N ILE E 130 -11.08 20.13 43.67
CA ILE E 130 -11.61 21.33 43.02
C ILE E 130 -10.85 21.50 41.70
N ALA E 131 -11.56 21.84 40.63
CA ALA E 131 -10.90 22.04 39.35
C ALA E 131 -11.03 23.44 38.80
N PHE E 132 -12.24 23.94 38.58
CA PHE E 132 -12.45 24.98 37.58
C PHE E 132 -12.17 26.37 38.14
N THR E 133 -11.72 27.25 37.25
CA THR E 133 -11.18 28.55 37.63
C THR E 133 -11.93 29.72 37.03
N GLY E 134 -12.20 29.69 35.73
CA GLY E 134 -12.47 30.91 35.00
C GLY E 134 -13.85 31.48 35.22
N ARG E 135 -14.86 30.62 35.32
CA ARG E 135 -16.22 31.09 35.60
C ARG E 135 -16.69 30.65 36.97
N TYR E 136 -16.67 29.36 37.27
CA TYR E 136 -17.15 28.85 38.54
C TYR E 136 -15.99 28.23 39.33
N PHE E 137 -16.32 27.73 40.50
CA PHE E 137 -15.48 26.83 41.27
C PHE E 137 -16.30 25.59 41.59
N ILE E 138 -15.77 24.43 41.26
CA ILE E 138 -16.53 23.18 41.32
C ILE E 138 -15.89 22.28 42.35
N GLY E 139 -16.67 21.84 43.32
CA GLY E 139 -16.14 20.95 44.35
C GLY E 139 -16.78 19.59 44.30
N LEU E 140 -16.06 18.57 44.78
CA LEU E 140 -16.52 17.19 44.75
C LEU E 140 -16.72 16.68 46.17
N SER E 141 -17.94 16.32 46.50
CA SER E 141 -18.28 15.89 47.85
C SER E 141 -17.84 14.44 48.04
N ALA E 142 -17.25 14.16 49.20
CA ALA E 142 -16.77 12.82 49.49
C ALA E 142 -17.94 11.89 49.80
N GLY E 143 -17.72 10.60 49.60
CA GLY E 143 -18.77 9.62 49.76
C GLY E 143 -19.62 9.53 48.52
N THR E 144 -20.79 8.90 48.68
CA THR E 144 -21.74 8.79 47.60
C THR E 144 -22.36 10.15 47.37
N GLY E 145 -21.78 10.94 46.47
CA GLY E 145 -22.13 12.34 46.37
C GLY E 145 -22.21 12.82 44.93
N GLU E 146 -22.33 14.14 44.83
CA GLU E 146 -22.47 14.90 43.59
C GLU E 146 -21.40 15.98 43.58
N TRP E 147 -21.52 16.91 42.65
CA TRP E 147 -20.62 18.05 42.58
C TRP E 147 -21.41 19.34 42.84
N TYR E 148 -20.83 20.21 43.65
CA TYR E 148 -21.39 21.52 43.96
C TYR E 148 -20.70 22.59 43.12
N PHE E 149 -21.36 23.73 42.97
CA PHE E 149 -20.76 24.86 42.27
C PHE E 149 -21.08 26.15 43.02
N SER E 150 -20.15 27.09 42.94
CA SER E 150 -20.28 28.36 43.66
C SER E 150 -20.93 29.40 42.75
N ALA E 151 -20.87 30.65 43.17
CA ALA E 151 -21.30 31.76 42.32
C ALA E 151 -20.17 32.13 41.36
N VAL E 152 -20.46 33.08 40.47
CA VAL E 152 -19.53 33.47 39.43
C VAL E 152 -18.35 34.21 40.05
N ASN E 153 -17.15 33.62 39.91
CA ASN E 153 -15.87 34.17 40.34
C ASN E 153 -15.83 34.45 41.85
N ASN E 154 -16.59 33.69 42.63
CA ASN E 154 -16.71 33.90 44.07
C ASN E 154 -16.60 32.54 44.75
N GLY E 155 -15.38 32.16 45.10
CA GLY E 155 -15.17 30.91 45.79
C GLY E 155 -15.36 30.96 47.29
N ARG E 156 -15.60 32.15 47.84
CA ARG E 156 -15.76 32.31 49.28
C ARG E 156 -17.21 32.17 49.74
N SER E 157 -18.15 32.04 48.81
CA SER E 157 -19.57 31.93 49.13
C SER E 157 -20.17 30.80 48.30
N TRP E 158 -20.41 29.66 48.92
CA TRP E 158 -21.07 28.53 48.30
C TRP E 158 -22.56 28.55 48.61
N ASP E 159 -23.28 27.55 48.14
CA ASP E 159 -24.70 27.47 48.39
C ASP E 159 -25.11 26.00 48.45
N ALA E 160 -26.16 25.72 49.21
CA ALA E 160 -26.57 24.34 49.45
C ALA E 160 -27.44 23.80 48.32
N LEU E 161 -28.25 24.66 47.70
CA LEU E 161 -29.14 24.22 46.62
C LEU E 161 -28.47 24.21 45.26
N ASP E 162 -27.20 24.57 45.19
CA ASP E 162 -26.46 24.57 43.93
C ASP E 162 -25.67 23.27 43.83
N PHE E 163 -26.28 22.26 43.24
CA PHE E 163 -25.58 21.01 42.97
C PHE E 163 -26.20 20.36 41.73
N ALA E 164 -25.64 19.21 41.36
CA ALA E 164 -26.16 18.42 40.26
C ALA E 164 -25.68 16.99 40.43
N THR E 165 -26.62 16.06 40.50
CA THR E 165 -26.31 14.67 40.78
C THR E 165 -25.90 13.94 39.51
N ALA E 166 -25.16 12.85 39.71
CA ALA E 166 -24.82 11.95 38.63
C ALA E 166 -25.82 10.79 38.60
N GLU E 167 -25.84 10.08 37.48
CA GLU E 167 -26.88 9.08 37.25
C GLU E 167 -26.34 7.73 36.81
N ASN E 168 -25.02 7.51 36.88
CA ASN E 168 -24.45 6.26 36.40
C ASN E 168 -23.48 5.59 37.36
N GLU E 169 -22.89 6.31 38.29
CA GLU E 169 -22.00 5.68 39.27
C GLU E 169 -22.66 5.67 40.65
N PRO E 170 -22.88 4.51 41.25
CA PRO E 170 -23.49 4.47 42.58
C PRO E 170 -22.48 4.44 43.70
N ASP E 171 -21.21 4.18 43.39
CA ASP E 171 -20.23 3.97 44.45
C ASP E 171 -19.69 5.29 44.99
N ALA E 172 -18.98 6.06 44.17
CA ALA E 172 -18.32 7.27 44.65
C ALA E 172 -17.95 8.16 43.46
N LEU E 173 -17.21 9.22 43.78
CA LEU E 173 -16.57 10.10 42.81
C LEU E 173 -15.17 10.43 43.32
N LEU E 174 -14.20 10.48 42.42
CA LEU E 174 -12.81 10.60 42.84
C LEU E 174 -12.05 11.74 42.20
N ASP E 175 -12.34 12.11 40.95
CA ASP E 175 -11.52 13.11 40.30
C ASP E 175 -12.32 13.82 39.22
N VAL E 176 -11.87 15.02 38.88
CA VAL E 176 -12.55 15.91 37.94
C VAL E 176 -11.47 16.62 37.13
N LEU E 177 -11.77 16.92 35.87
CA LEU E 177 -10.77 17.50 34.98
C LEU E 177 -11.46 18.36 33.94
N VAL E 178 -10.87 19.51 33.65
CA VAL E 178 -11.42 20.47 32.69
C VAL E 178 -10.59 20.35 31.42
N LEU E 179 -11.16 19.72 30.40
CA LEU E 179 -10.49 19.44 29.15
C LEU E 179 -10.73 20.51 28.09
N ASP E 180 -11.95 21.02 28.06
CA ASP E 180 -12.45 21.99 27.09
C ASP E 180 -13.44 22.85 27.86
N GLY E 181 -14.39 23.45 27.15
CA GLY E 181 -15.60 23.90 27.82
C GLY E 181 -16.34 22.78 28.55
N VAL E 182 -16.19 21.54 28.08
CA VAL E 182 -16.80 20.40 28.74
C VAL E 182 -16.02 20.04 30.00
N LEU E 183 -16.64 19.21 30.83
CA LEU E 183 -16.05 18.66 32.05
C LEU E 183 -15.90 17.15 31.91
N VAL E 184 -14.97 16.59 32.67
CA VAL E 184 -14.76 15.15 32.71
C VAL E 184 -14.77 14.70 34.17
N PHE E 185 -15.75 13.89 34.53
CA PHE E 185 -15.91 13.39 35.89
C PHE E 185 -15.52 11.92 35.93
N PHE E 186 -14.56 11.60 36.79
CA PHE E 186 -14.06 10.24 36.92
C PHE E 186 -14.77 9.56 38.09
N GLY E 187 -15.57 8.55 37.80
CA GLY E 187 -16.14 7.72 38.83
C GLY E 187 -15.25 6.53 39.14
N THR E 188 -15.66 5.77 40.15
CA THR E 188 -14.96 4.52 40.45
C THR E 188 -15.37 3.42 39.50
N GLU E 189 -16.42 3.63 38.73
CA GLU E 189 -16.98 2.62 37.84
C GLU E 189 -17.11 3.09 36.40
N SER E 190 -17.43 4.35 36.16
CA SER E 190 -17.64 4.85 34.82
C SER E 190 -17.04 6.25 34.70
N ILE E 191 -17.00 6.77 33.48
CA ILE E 191 -16.50 8.10 33.19
C ILE E 191 -17.57 8.84 32.41
N GLU E 192 -17.95 10.04 32.88
CA GLU E 192 -19.00 10.83 32.28
C GLU E 192 -18.44 12.08 31.63
N PHE E 193 -19.24 12.69 30.76
CA PHE E 193 -18.90 13.92 30.10
C PHE E 193 -20.05 14.91 30.24
N TRP E 194 -19.73 16.14 30.62
CA TRP E 194 -20.74 17.14 30.96
C TRP E 194 -20.40 18.44 30.26
N GLY E 195 -21.24 18.85 29.29
CA GLY E 195 -20.99 20.05 28.52
C GLY E 195 -21.52 21.29 29.20
N PHE E 196 -21.25 22.45 28.58
CA PHE E 196 -21.61 23.74 29.14
C PHE E 196 -22.92 24.21 28.55
N THR E 197 -23.87 24.57 29.42
CA THR E 197 -25.24 24.89 29.02
C THR E 197 -25.42 26.37 28.70
N GLY E 198 -25.06 27.26 29.63
CA GLY E 198 -25.27 28.67 29.44
C GLY E 198 -26.47 29.24 30.16
N ASP E 199 -27.05 28.50 31.11
CA ASP E 199 -28.13 28.99 31.93
C ASP E 199 -27.59 29.64 33.19
N ALA E 200 -28.48 29.91 34.14
CA ALA E 200 -28.11 30.50 35.42
C ALA E 200 -28.33 29.55 36.59
N ASP E 201 -29.44 28.80 36.57
CA ASP E 201 -29.72 27.87 37.66
C ASP E 201 -28.81 26.65 37.59
N LEU E 202 -28.90 25.89 36.49
CA LEU E 202 -28.00 24.78 36.23
C LEU E 202 -27.14 25.11 35.04
N PRO E 203 -25.81 25.23 35.20
CA PRO E 203 -24.96 25.66 34.08
C PRO E 203 -24.34 24.54 33.25
N TYR E 204 -24.59 23.28 33.57
CA TYR E 204 -23.96 22.17 32.86
C TYR E 204 -24.97 21.08 32.57
N SER E 205 -24.72 20.32 31.51
CA SER E 205 -25.62 19.30 31.00
C SER E 205 -24.82 18.13 30.46
N PRO E 206 -25.34 16.91 30.56
CA PRO E 206 -24.55 15.74 30.15
C PRO E 206 -24.66 15.45 28.66
N ILE E 207 -23.61 14.79 28.15
CA ILE E 207 -23.62 14.24 26.79
C ILE E 207 -24.09 12.80 26.89
N GLN E 208 -24.99 12.40 25.99
CA GLN E 208 -25.83 11.23 26.23
C GLN E 208 -25.06 9.91 26.11
N GLN E 209 -24.49 9.62 24.95
CA GLN E 209 -23.91 8.30 24.69
C GLN E 209 -22.39 8.28 24.75
N ARG E 210 -21.79 9.00 25.68
CA ARG E 210 -20.33 9.00 25.85
C ARG E 210 -20.05 8.57 27.29
N VAL E 211 -19.92 7.26 27.48
CA VAL E 211 -19.62 6.68 28.79
C VAL E 211 -18.50 5.67 28.63
N PHE E 212 -17.39 5.86 29.33
CA PHE E 212 -16.30 4.90 29.34
C PHE E 212 -16.46 4.02 30.57
N GLU E 213 -16.08 2.75 30.44
CA GLU E 213 -16.37 1.77 31.49
C GLU E 213 -15.20 1.54 32.44
N GLN E 214 -14.06 2.19 32.22
CA GLN E 214 -12.88 2.01 33.04
C GLN E 214 -12.76 3.19 34.00
N GLY E 215 -13.32 3.04 35.20
CA GLY E 215 -13.25 4.10 36.18
C GLY E 215 -11.85 4.27 36.74
N ILE E 216 -11.62 5.42 37.38
CA ILE E 216 -10.29 5.78 37.84
C ILE E 216 -9.92 4.93 39.06
N TYR E 217 -8.62 4.76 39.29
CA TYR E 217 -8.15 3.91 40.38
C TYR E 217 -8.21 4.63 41.72
N ALA E 218 -7.83 5.91 41.75
CA ALA E 218 -7.71 6.65 42.99
C ALA E 218 -8.08 8.10 42.71
N THR E 219 -7.72 8.99 43.62
CA THR E 219 -8.05 10.40 43.49
C THR E 219 -7.00 11.20 42.76
N GLY E 220 -5.82 10.63 42.47
CA GLY E 220 -4.76 11.37 41.84
C GLY E 220 -4.23 10.74 40.57
N CYS E 221 -5.12 10.22 39.73
CA CYS E 221 -4.73 9.37 38.62
C CYS E 221 -5.31 9.87 37.30
N ALA E 222 -5.19 11.18 37.04
CA ALA E 222 -5.69 11.75 35.80
C ALA E 222 -4.91 13.02 35.49
N VAL E 223 -4.31 13.07 34.29
CA VAL E 223 -3.43 14.16 33.88
C VAL E 223 -3.84 14.62 32.49
N ARG E 224 -4.00 15.93 32.33
CA ARG E 224 -4.22 16.54 31.02
C ARG E 224 -2.87 16.76 30.36
N VAL E 225 -2.43 15.77 29.59
CA VAL E 225 -1.10 15.81 28.99
C VAL E 225 -1.08 16.73 27.79
N ASP E 226 -2.14 16.71 27.00
CA ASP E 226 -2.10 17.15 25.62
C ASP E 226 -3.47 17.74 25.33
N ASN E 227 -3.86 17.77 24.04
CA ASN E 227 -5.23 18.09 23.67
C ASN E 227 -6.23 17.11 24.28
N SER E 228 -5.80 15.88 24.57
CA SER E 228 -6.56 14.93 25.37
C SER E 228 -5.75 14.58 26.63
N PHE E 229 -6.24 13.59 27.37
CA PHE E 229 -5.81 13.29 28.73
C PHE E 229 -5.56 11.80 28.93
N TYR E 230 -4.96 11.46 30.07
CA TYR E 230 -4.70 10.08 30.46
C TYR E 230 -5.39 9.75 31.78
N TRP E 231 -5.48 8.45 32.08
CA TRP E 231 -5.89 7.98 33.41
C TRP E 231 -5.31 6.58 33.61
N VAL E 232 -5.63 5.96 34.75
CA VAL E 232 -5.01 4.71 35.17
C VAL E 232 -5.97 3.53 35.10
N GLY E 233 -7.23 3.73 35.45
CA GLY E 233 -8.20 2.67 35.29
C GLY E 233 -8.34 1.82 36.53
N LYS E 234 -9.45 1.04 36.57
CA LYS E 234 -9.73 0.18 37.72
C LYS E 234 -8.69 -0.90 37.88
N ASP E 235 -8.13 -1.37 36.78
CA ASP E 235 -6.93 -2.19 36.79
C ASP E 235 -5.75 -1.34 36.32
N LYS E 236 -4.55 -1.88 36.49
CA LYS E 236 -3.34 -1.08 36.29
C LYS E 236 -2.92 -1.07 34.82
N ILE E 237 -3.75 -0.42 33.99
CA ILE E 237 -3.46 -0.27 32.56
C ILE E 237 -3.70 1.19 32.19
N VAL E 238 -2.62 1.94 31.96
CA VAL E 238 -2.73 3.36 31.64
C VAL E 238 -3.35 3.53 30.25
N TYR E 239 -4.41 4.32 30.16
CA TYR E 239 -5.18 4.48 28.94
C TYR E 239 -4.91 5.84 28.29
N ARG E 240 -5.68 6.15 27.25
CA ARG E 240 -5.49 7.34 26.44
C ARG E 240 -6.80 7.65 25.75
N ASN E 241 -7.19 8.93 25.77
CA ASN E 241 -8.48 9.33 25.22
C ASN E 241 -8.46 9.30 23.69
N GLY E 242 -9.60 8.97 23.11
CA GLY E 242 -9.76 9.01 21.67
C GLY E 242 -11.20 8.79 21.29
N ASP E 243 -11.44 8.17 20.14
CA ASP E 243 -12.78 7.69 19.83
C ASP E 243 -13.17 6.59 20.81
N VAL E 244 -12.36 5.55 20.89
CA VAL E 244 -12.43 4.58 21.97
C VAL E 244 -11.15 4.72 22.77
N PRO E 245 -11.15 4.45 24.07
CA PRO E 245 -9.91 4.54 24.86
C PRO E 245 -8.94 3.42 24.52
N GLN E 246 -7.79 3.78 23.97
CA GLN E 246 -6.73 2.81 23.73
C GLN E 246 -5.77 2.77 24.90
N ALA E 247 -4.99 1.69 24.97
CA ALA E 247 -4.08 1.46 26.08
C ALA E 247 -2.64 1.71 25.64
N VAL E 248 -1.83 2.24 26.54
CA VAL E 248 -0.43 2.51 26.25
C VAL E 248 0.54 1.70 27.09
N SER E 249 0.08 1.07 28.17
CA SER E 249 0.99 0.25 28.96
C SER E 249 0.97 -1.19 28.44
N ASP E 250 2.14 -1.80 28.46
CA ASP E 250 2.30 -3.17 28.01
C ASP E 250 2.74 -4.04 29.17
N ASP E 251 3.12 -5.29 28.89
CA ASP E 251 3.73 -6.14 29.91
C ASP E 251 5.04 -5.53 30.41
N GLY E 252 5.32 -5.78 31.68
CA GLY E 252 6.49 -5.19 32.31
C GLY E 252 6.27 -3.82 32.89
N ILE E 253 5.10 -3.23 32.71
CA ILE E 253 4.71 -2.01 33.41
C ILE E 253 3.44 -2.35 34.18
N VAL E 254 2.64 -3.26 33.64
CA VAL E 254 1.38 -3.61 34.26
C VAL E 254 1.61 -4.56 35.43
N GLU E 255 2.45 -5.57 35.26
CA GLU E 255 2.68 -6.52 36.34
C GLU E 255 3.56 -5.94 37.44
N LYS E 256 4.22 -4.82 37.20
CA LYS E 256 5.01 -4.17 38.24
C LYS E 256 4.18 -3.18 39.03
N ALA E 257 3.07 -2.69 38.48
CA ALA E 257 2.23 -1.73 39.17
C ALA E 257 1.33 -2.36 40.22
N GLU E 258 1.26 -3.70 40.30
CA GLU E 258 0.43 -4.31 41.32
C GLU E 258 1.10 -4.27 42.69
N GLY E 259 2.43 -4.32 42.73
CA GLY E 259 3.12 -4.38 44.01
C GLY E 259 3.04 -3.08 44.77
N SER E 260 2.88 -1.97 44.07
CA SER E 260 2.61 -0.68 44.69
C SER E 260 1.11 -0.53 44.85
N THR E 261 0.68 -0.27 46.08
CA THR E 261 -0.73 0.05 46.35
C THR E 261 -1.01 1.53 46.27
N ASN E 262 -0.05 2.33 45.80
CA ASN E 262 -0.20 3.76 45.62
C ASN E 262 0.32 4.13 44.24
N LEU E 263 -0.51 4.78 43.43
CA LEU E 263 -0.17 5.12 42.06
C LEU E 263 -0.57 6.56 41.77
N THR E 264 0.34 7.33 41.19
CA THR E 264 0.06 8.70 40.80
C THR E 264 0.48 8.91 39.36
N LEU E 265 0.08 10.06 38.81
CA LEU E 265 0.50 10.48 37.49
C LEU E 265 0.77 11.97 37.51
N PHE E 266 1.81 12.39 36.79
CA PHE E 266 2.10 13.81 36.60
C PHE E 266 2.95 13.96 35.35
N VAL E 267 3.17 15.21 34.99
CA VAL E 267 4.02 15.56 33.86
C VAL E 267 5.34 16.12 34.35
N LEU E 268 6.38 15.89 33.56
CA LEU E 268 7.64 16.61 33.69
C LEU E 268 7.90 17.28 32.35
N GLU E 269 8.14 18.58 32.37
CA GLU E 269 8.33 19.30 31.13
C GLU E 269 9.80 19.32 30.74
N ASP E 270 10.09 18.84 29.55
CA ASP E 270 11.37 19.04 28.89
C ASP E 270 11.08 19.78 27.58
N GLU E 271 12.12 20.25 26.91
CA GLU E 271 11.95 20.93 25.63
C GLU E 271 11.45 19.92 24.60
N ARG E 272 10.18 20.10 24.20
CA ARG E 272 9.36 19.21 23.35
C ARG E 272 9.43 17.73 23.74
N HIS E 273 9.60 17.43 25.02
CA HIS E 273 9.48 16.07 25.55
C HIS E 273 8.56 16.13 26.75
N LYS E 274 7.28 15.84 26.54
CA LYS E 274 6.31 15.84 27.63
C LYS E 274 6.28 14.44 28.22
N PHE E 275 7.01 14.22 29.30
CA PHE E 275 7.00 12.92 29.95
C PHE E 275 5.76 12.77 30.82
N VAL E 276 5.29 11.53 30.96
CA VAL E 276 4.13 11.21 31.80
C VAL E 276 4.59 10.16 32.81
N CYS E 277 4.89 10.59 34.02
CA CYS E 277 5.50 9.69 35.00
C CYS E 277 4.44 8.88 35.72
N LEU E 278 4.71 7.60 35.92
CA LEU E 278 3.89 6.72 36.74
C LEU E 278 4.70 6.41 38.00
N ARG E 279 4.40 7.12 39.08
CA ARG E 279 5.13 6.96 40.33
C ARG E 279 4.45 5.92 41.21
N GLY E 280 5.25 5.02 41.78
CA GLY E 280 4.76 3.95 42.60
C GLY E 280 5.55 3.84 43.90
N ASP E 281 5.73 2.60 44.34
CA ASP E 281 6.39 2.34 45.62
C ASP E 281 7.90 2.58 45.50
N ASP E 282 8.53 2.09 44.44
CA ASP E 282 9.93 2.37 44.17
C ASP E 282 10.20 2.83 42.75
N PHE E 283 9.34 2.53 41.79
CA PHE E 283 9.61 2.77 40.39
C PHE E 283 9.16 4.17 39.98
N THR E 284 9.67 4.61 38.84
CA THR E 284 9.14 5.79 38.16
C THR E 284 9.38 5.56 36.68
N HIS E 285 8.34 5.15 35.96
CA HIS E 285 8.42 4.90 34.52
C HIS E 285 7.77 6.06 33.78
N PRO E 286 8.54 6.97 33.19
CA PRO E 286 7.91 8.04 32.42
C PRO E 286 7.64 7.64 30.97
N HIS E 287 6.36 7.66 30.60
CA HIS E 287 5.96 7.42 29.22
C HIS E 287 6.18 8.69 28.41
N ASP E 288 7.17 8.68 27.52
CA ASP E 288 7.34 9.77 26.59
C ASP E 288 6.17 9.80 25.62
N VAL E 289 5.78 10.99 25.18
CA VAL E 289 4.55 11.16 24.42
C VAL E 289 4.81 11.44 22.94
N THR E 290 6.00 11.93 22.57
CA THR E 290 6.27 12.25 21.17
C THR E 290 6.79 11.03 20.42
N THR E 291 7.77 10.34 21.01
CA THR E 291 8.23 9.03 20.54
C THR E 291 7.89 8.10 21.69
N GLY E 292 6.80 7.35 21.58
CA GLY E 292 6.25 6.76 22.77
C GLY E 292 6.95 5.48 23.17
N GLN E 293 7.91 5.63 24.07
CA GLN E 293 8.74 4.52 24.54
C GLN E 293 8.90 4.68 26.04
N TRP E 294 8.71 3.59 26.78
CA TRP E 294 8.88 3.62 28.22
C TRP E 294 10.36 3.63 28.58
N CYS E 295 10.70 4.38 29.62
CA CYS E 295 12.06 4.43 30.13
C CYS E 295 11.96 4.45 31.66
N GLU E 296 13.07 4.78 32.33
CA GLU E 296 13.12 4.73 33.78
C GLU E 296 14.02 5.82 34.33
N PHE E 297 13.46 6.67 35.19
CA PHE E 297 14.20 7.66 35.94
C PHE E 297 14.48 7.12 37.33
N LYS E 298 15.74 7.17 37.76
CA LYS E 298 16.13 6.71 39.08
C LYS E 298 17.20 7.62 39.66
N SER E 299 16.87 8.26 40.78
CA SER E 299 17.82 9.06 41.53
C SER E 299 18.68 8.15 42.40
N TYR E 300 19.88 8.63 42.73
CA TYR E 300 20.89 7.77 43.33
C TYR E 300 20.78 7.74 44.85
N GLY E 301 21.07 6.59 45.44
CA GLY E 301 21.17 6.45 46.87
C GLY E 301 19.86 6.32 47.58
N ARG E 302 18.76 6.29 46.86
CA ARG E 302 17.42 6.33 47.41
C ARG E 302 16.64 5.12 46.89
N THR E 303 15.33 5.14 47.15
CA THR E 303 14.45 4.09 46.68
C THR E 303 13.59 4.50 45.50
N ASN E 304 13.56 5.78 45.14
CA ASN E 304 12.69 6.26 44.08
C ASN E 304 13.21 7.63 43.62
N PHE E 305 12.91 7.97 42.37
CA PHE E 305 13.23 9.29 41.85
C PHE E 305 12.32 10.32 42.49
N ARG E 306 12.90 11.29 43.19
CA ARG E 306 12.12 12.22 44.00
C ARG E 306 11.46 13.29 43.13
N ALA E 307 10.12 13.31 43.16
CA ALA E 307 9.30 14.28 42.43
C ALA E 307 7.87 14.16 42.96
N THR E 308 7.01 15.06 42.48
CA THR E 308 5.60 15.09 42.83
C THR E 308 4.85 15.63 41.62
N ALA E 309 3.63 16.14 41.84
CA ALA E 309 2.81 16.72 40.77
C ALA E 309 3.48 17.88 40.04
N ASP E 310 4.48 18.51 40.65
CA ASP E 310 5.38 19.45 40.00
C ASP E 310 6.78 19.03 40.40
N PHE E 311 7.76 19.91 40.22
CA PHE E 311 9.15 19.59 40.53
C PHE E 311 9.45 19.64 42.03
N GLY E 312 8.46 19.61 42.90
CA GLY E 312 8.72 19.60 44.32
C GLY E 312 9.26 18.27 44.80
N ASP E 313 9.89 18.30 45.95
CA ASP E 313 10.47 17.11 46.54
C ASP E 313 9.39 16.35 47.33
N ASP E 314 9.69 15.11 47.69
CA ASP E 314 8.82 14.38 48.60
C ASP E 314 9.28 14.48 50.05
N GLU E 315 10.24 15.35 50.33
CA GLU E 315 10.90 15.41 51.63
C GLU E 315 11.66 16.72 51.71
N THR E 316 11.71 17.29 52.92
CA THR E 316 12.45 18.48 53.36
C THR E 316 11.97 19.79 52.73
N GLY E 317 10.99 19.78 51.85
CA GLY E 317 10.44 21.02 51.34
C GLY E 317 11.31 21.76 50.35
N LYS E 318 11.55 21.17 49.18
CA LYS E 318 12.39 21.77 48.16
C LYS E 318 11.70 21.72 46.81
N ILE E 319 12.01 22.70 45.97
CA ILE E 319 11.46 22.83 44.63
C ILE E 319 12.63 23.15 43.70
N TRP E 320 12.65 22.54 42.52
CA TRP E 320 13.75 22.76 41.60
C TRP E 320 13.24 22.91 40.17
N ALA E 321 14.18 22.79 39.23
CA ALA E 321 13.91 22.70 37.81
C ALA E 321 15.02 21.86 37.19
N TRP E 322 15.02 21.76 35.87
CA TRP E 322 16.13 21.11 35.17
C TRP E 322 17.26 22.10 35.00
N GLY E 323 18.48 21.64 35.22
CA GLY E 323 19.61 22.48 34.86
C GLY E 323 20.98 21.84 34.97
N GLY E 324 21.74 21.92 33.88
CA GLY E 324 23.15 21.60 33.88
C GLY E 324 23.48 20.16 34.23
N TYR E 325 24.64 19.99 34.84
CA TYR E 325 25.09 18.69 35.34
C TYR E 325 25.73 18.95 36.69
N ASP E 326 26.53 17.98 37.17
CA ASP E 326 27.33 17.91 38.40
C ASP E 326 26.73 18.57 39.64
N ASP E 327 25.46 18.29 39.90
CA ASP E 327 24.77 18.83 41.07
C ASP E 327 24.31 17.75 42.03
N GLU E 328 23.77 16.66 41.51
CA GLU E 328 23.29 15.56 42.34
C GLU E 328 24.36 14.54 42.69
N GLY E 329 25.62 14.84 42.38
CA GLY E 329 26.72 13.96 42.72
C GLY E 329 26.93 12.87 41.71
N ILE E 330 26.09 11.85 41.73
CA ILE E 330 26.24 10.68 40.87
C ILE E 330 24.93 10.48 40.11
N ILE E 331 25.02 10.43 38.78
CA ILE E 331 23.88 10.12 37.93
C ILE E 331 24.22 8.82 37.21
N GLU E 332 23.48 7.75 37.51
CA GLU E 332 23.71 6.48 36.84
C GLU E 332 22.91 6.41 35.55
N ARG E 333 23.54 5.88 34.50
CA ARG E 333 22.96 5.82 33.17
C ARG E 333 23.36 4.48 32.56
N LEU E 334 22.38 3.64 32.25
CA LEU E 334 22.61 2.24 31.94
C LEU E 334 21.73 1.84 30.77
N PHE E 335 22.31 1.11 29.82
CA PHE E 335 21.59 0.65 28.65
C PHE E 335 22.05 -0.76 28.29
N MET E 336 21.32 -1.39 27.37
CA MET E 336 21.48 -2.80 27.08
C MET E 336 21.66 -3.02 25.58
N ALA E 337 22.45 -4.02 25.23
CA ALA E 337 22.69 -4.37 23.83
C ALA E 337 22.85 -5.87 23.72
N GLY E 338 21.98 -6.52 22.94
CA GLY E 338 21.95 -7.96 22.85
C GLY E 338 21.81 -8.44 21.42
N ALA E 339 22.06 -9.74 21.23
CA ALA E 339 22.21 -10.30 19.90
C ALA E 339 21.09 -11.23 19.47
N ALA E 340 20.45 -11.95 20.41
CA ALA E 340 19.51 -13.05 20.16
C ALA E 340 20.12 -14.10 19.24
N LEU E 341 21.35 -14.46 19.58
CA LEU E 341 22.24 -15.31 18.81
C LEU E 341 21.78 -16.76 18.82
N GLU E 342 22.26 -17.53 17.84
CA GLU E 342 21.93 -18.94 17.75
C GLU E 342 23.12 -19.85 17.48
N GLU E 343 24.23 -19.37 16.91
CA GLU E 343 25.38 -20.20 16.60
C GLU E 343 26.63 -19.67 17.29
N ALA E 344 27.59 -20.58 17.53
CA ALA E 344 28.81 -20.21 18.24
C ALA E 344 29.67 -19.29 17.41
N THR E 345 30.02 -18.14 17.98
CA THR E 345 30.69 -17.06 17.26
C THR E 345 32.05 -16.78 17.89
N GLN E 346 32.77 -15.85 17.26
CA GLN E 346 34.05 -15.36 17.75
C GLN E 346 33.95 -13.84 17.81
N ILE E 347 33.45 -13.31 18.93
CA ILE E 347 33.35 -11.87 19.13
C ILE E 347 34.74 -11.38 19.51
N ASP E 348 35.43 -10.76 18.57
CA ASP E 348 36.79 -10.28 18.78
C ASP E 348 36.82 -8.84 19.23
N ASN E 349 35.69 -8.15 19.20
CA ASN E 349 35.68 -6.71 19.41
C ASN E 349 34.27 -6.30 19.81
N ILE E 350 34.16 -5.11 20.39
CA ILE E 350 32.86 -4.47 20.61
C ILE E 350 33.14 -2.97 20.67
N ARG E 351 32.18 -2.16 20.21
CA ARG E 351 32.47 -0.78 19.88
C ARG E 351 31.29 0.10 20.27
N LEU E 352 31.58 1.31 20.74
CA LEU E 352 30.56 2.33 20.97
C LEU E 352 30.86 3.53 20.09
N THR E 353 29.82 4.25 19.71
CA THR E 353 29.96 5.55 19.04
C THR E 353 29.23 6.55 19.92
N CYS E 354 29.94 7.06 20.92
CA CYS E 354 29.42 7.97 21.92
C CYS E 354 29.98 9.35 21.67
N GLU E 355 29.69 10.28 22.57
CA GLU E 355 30.39 11.55 22.58
C GLU E 355 31.61 11.42 23.47
N VAL E 356 32.73 11.98 23.01
CA VAL E 356 34.05 11.57 23.48
C VAL E 356 34.82 12.80 23.92
N GLY E 357 35.23 12.81 25.18
CA GLY E 357 36.22 13.75 25.67
C GLY E 357 35.76 15.19 25.74
N THR E 358 34.54 15.42 26.20
CA THR E 358 34.01 16.77 26.35
C THR E 358 33.71 17.12 27.81
N THR E 359 34.43 16.51 28.74
CA THR E 359 34.26 16.84 30.14
C THR E 359 34.85 18.21 30.44
N PRO E 360 34.21 19.01 31.28
CA PRO E 360 34.74 20.34 31.61
C PRO E 360 35.66 20.37 32.82
N ASN E 361 36.06 19.21 33.34
CA ASN E 361 36.81 19.12 34.58
C ASN E 361 38.30 18.99 34.29
N LEU E 362 39.10 19.69 35.06
CA LEU E 362 40.55 19.59 34.95
C LEU E 362 41.20 19.28 36.29
N VAL E 363 40.59 19.72 37.37
CA VAL E 363 40.99 19.31 38.72
C VAL E 363 39.93 18.35 39.24
N GLY E 364 40.32 17.53 40.21
CA GLY E 364 39.41 16.58 40.79
C GLY E 364 39.54 15.20 40.16
N ILE E 365 38.65 14.31 40.62
CA ILE E 365 38.70 12.91 40.21
C ILE E 365 37.89 12.61 38.96
N TYR E 366 37.15 13.59 38.43
CA TYR E 366 36.29 13.37 37.28
C TYR E 366 36.91 13.85 35.98
N THR E 367 38.24 13.80 35.86
CA THR E 367 38.87 14.22 34.63
C THR E 367 38.83 13.14 33.55
N ASP E 368 38.54 11.89 33.92
CA ASP E 368 38.34 10.77 33.01
C ASP E 368 37.15 9.96 33.51
N PRO E 369 36.03 9.95 32.78
CA PRO E 369 34.79 9.38 33.33
C PRO E 369 34.80 7.87 33.49
N THR E 370 35.40 7.12 32.56
CA THR E 370 35.69 5.68 32.67
C THR E 370 34.43 4.84 32.88
N LEU E 371 33.61 4.77 31.82
CA LEU E 371 32.51 3.81 31.82
C LEU E 371 33.02 2.37 31.77
N GLU E 372 32.13 1.43 32.06
CA GLU E 372 32.51 0.04 32.20
C GLU E 372 31.38 -0.87 31.72
N MET E 373 31.74 -2.00 31.10
CA MET E 373 30.79 -2.95 30.56
C MET E 373 30.94 -4.31 31.22
N ARG E 374 30.02 -5.21 30.89
CA ARG E 374 29.84 -6.44 31.65
C ARG E 374 29.26 -7.51 30.73
N PHE E 375 29.94 -8.66 30.65
CA PHE E 375 29.48 -9.80 29.87
C PHE E 375 28.26 -10.41 30.49
N SER E 376 27.62 -11.32 29.75
CA SER E 376 26.67 -12.22 30.37
C SER E 376 26.54 -13.49 29.53
N TYR E 377 26.21 -14.56 30.21
CA TYR E 377 25.68 -15.76 29.58
C TYR E 377 24.21 -15.86 29.99
N ASP E 378 23.59 -16.98 29.64
CA ASP E 378 22.29 -17.51 30.12
C ASP E 378 21.20 -16.46 30.35
N ALA E 379 21.05 -15.58 29.36
CA ALA E 379 19.98 -14.57 29.27
C ALA E 379 19.97 -13.60 30.45
N GLY E 380 21.14 -13.32 31.02
CA GLY E 380 21.23 -12.32 32.05
C GLY E 380 20.87 -12.77 33.45
N ASN E 381 20.73 -14.08 33.67
CA ASN E 381 20.46 -14.57 35.02
C ASN E 381 21.71 -14.63 35.87
N THR E 382 22.88 -14.57 35.27
CA THR E 382 24.12 -14.32 35.99
C THR E 382 25.05 -13.54 35.09
N TRP E 383 26.05 -12.92 35.69
CA TRP E 383 26.87 -11.93 35.01
C TRP E 383 28.34 -12.24 35.22
N GLU E 384 29.20 -11.33 34.77
CA GLU E 384 30.64 -11.48 34.89
C GLU E 384 31.22 -10.17 35.43
N ASP E 385 32.55 -10.09 35.48
CA ASP E 385 33.21 -8.93 36.02
C ASP E 385 33.14 -7.76 35.05
N TRP E 386 33.34 -6.56 35.58
CA TRP E 386 33.35 -5.37 34.74
C TRP E 386 34.65 -5.28 33.94
N GLU E 387 34.56 -4.68 32.76
CA GLU E 387 35.72 -4.28 31.98
C GLU E 387 35.57 -2.80 31.68
N ALA E 388 36.47 -1.99 32.22
CA ALA E 388 36.34 -0.54 32.16
C ALA E 388 37.29 0.05 31.14
N GLU E 389 36.80 1.01 30.37
CA GLU E 389 37.65 1.81 29.49
C GLU E 389 37.38 3.27 29.74
N THR E 390 38.44 4.07 29.61
CA THR E 390 38.33 5.50 29.82
C THR E 390 37.60 6.16 28.66
N LEU E 391 37.27 7.43 28.84
CA LEU E 391 36.61 8.21 27.82
C LEU E 391 37.48 9.35 27.30
N GLY E 392 38.62 9.58 27.93
CA GLY E 392 39.56 10.59 27.49
C GLY E 392 39.41 11.90 28.24
N ALA E 393 40.47 12.68 28.24
CA ALA E 393 40.44 14.01 28.86
C ALA E 393 39.79 15.00 27.91
N GLN E 394 39.76 16.27 28.33
CA GLN E 394 39.10 17.31 27.54
C GLN E 394 39.95 17.66 26.34
N GLY E 395 39.30 17.81 25.19
CA GLY E 395 39.97 18.16 23.96
C GLY E 395 40.39 16.98 23.11
N LYS E 396 40.37 15.78 23.65
CA LYS E 396 40.69 14.57 22.89
C LYS E 396 39.39 14.05 22.30
N TYR E 397 39.03 14.58 21.14
CA TYR E 397 37.77 14.24 20.49
C TYR E 397 37.87 12.96 19.69
N ARG E 398 39.05 12.32 19.63
CA ARG E 398 39.28 11.15 18.81
C ARG E 398 39.79 10.02 19.70
N GLN E 399 38.87 9.28 20.31
CA GLN E 399 39.21 8.17 21.18
C GLN E 399 38.16 7.08 21.03
N ARG E 400 38.53 5.97 20.40
CA ARG E 400 37.66 4.81 20.25
C ARG E 400 37.51 4.14 21.60
N VAL E 401 36.29 3.75 21.94
CA VAL E 401 36.06 3.00 23.18
C VAL E 401 35.72 1.55 22.84
N GLU E 402 36.69 0.65 23.03
CA GLU E 402 36.50 -0.72 22.57
C GLU E 402 37.18 -1.71 23.51
N TRP E 403 36.75 -2.96 23.39
CA TRP E 403 37.24 -4.09 24.16
C TRP E 403 37.61 -5.18 23.17
N ARG E 404 38.74 -5.86 23.40
CA ARG E 404 39.36 -6.59 22.32
C ARG E 404 39.58 -8.08 22.53
N ALA E 405 39.24 -8.64 23.69
CA ALA E 405 39.56 -10.04 23.96
C ALA E 405 38.36 -10.78 24.54
N LEU E 406 37.22 -10.71 23.87
CA LEU E 406 35.97 -11.15 24.48
C LEU E 406 35.86 -12.67 24.52
N GLY E 407 35.83 -13.33 23.36
CA GLY E 407 35.88 -14.79 23.31
C GLY E 407 34.66 -15.37 22.59
N MET E 408 34.19 -16.51 23.08
CA MET E 408 33.15 -17.29 22.44
C MET E 408 31.81 -17.10 23.16
N PHE E 409 30.72 -17.15 22.39
CA PHE E 409 29.38 -16.98 22.93
C PHE E 409 28.47 -18.09 22.41
N ASP E 410 28.29 -19.10 23.24
CA ASP E 410 27.48 -20.30 22.99
C ASP E 410 26.15 -20.19 23.70
N ASP E 411 25.25 -19.36 23.19
CA ASP E 411 24.14 -18.95 24.03
C ASP E 411 22.88 -18.94 23.19
N PRO E 412 21.70 -18.84 23.82
CA PRO E 412 20.54 -18.28 23.13
C PRO E 412 20.65 -16.80 22.81
N GLY E 413 21.68 -16.10 23.33
CA GLY E 413 22.03 -14.78 22.87
C GLY E 413 23.08 -14.10 23.73
N ALA E 414 24.09 -13.52 23.09
CA ALA E 414 25.04 -12.70 23.83
C ALA E 414 24.36 -11.40 24.24
N LEU E 415 24.69 -10.95 25.44
CA LEU E 415 23.86 -9.94 26.09
C LEU E 415 24.76 -9.08 26.97
N PHE E 416 24.97 -7.83 26.60
CA PHE E 416 25.92 -6.97 27.28
C PHE E 416 25.20 -5.90 28.09
N GLN E 417 25.98 -5.18 28.90
CA GLN E 417 25.43 -4.17 29.79
C GLN E 417 26.48 -3.11 30.06
N PHE E 418 26.17 -1.85 29.78
CA PHE E 418 27.09 -0.73 29.92
C PHE E 418 26.60 0.20 31.02
N ARG E 419 27.52 0.90 31.66
CA ARG E 419 27.14 1.82 32.73
C ARG E 419 28.17 2.93 32.87
N ILE E 420 27.68 4.16 33.00
CA ILE E 420 28.50 5.28 33.43
C ILE E 420 27.77 5.97 34.58
N THR E 421 28.46 6.15 35.70
CA THR E 421 27.92 6.77 36.91
C THR E 421 28.78 7.98 37.22
N ASP E 422 28.49 9.09 36.55
CA ASP E 422 29.45 10.18 36.49
C ASP E 422 28.74 11.42 35.95
N PRO E 423 29.08 12.62 36.43
CA PRO E 423 28.33 13.82 36.05
C PRO E 423 28.50 14.28 34.61
N VAL E 424 29.37 13.65 33.82
CA VAL E 424 29.60 14.07 32.44
C VAL E 424 28.39 13.69 31.58
N SER E 425 28.01 14.59 30.68
CA SER E 425 26.95 14.32 29.71
C SER E 425 27.32 13.15 28.82
N PHE E 426 26.30 12.39 28.40
CA PHE E 426 26.53 11.16 27.68
C PHE E 426 25.54 11.05 26.52
N ARG E 427 26.05 10.55 25.40
CA ARG E 427 25.32 10.40 24.15
C ARG E 427 25.65 9.01 23.61
N LEU E 428 24.71 8.43 22.86
CA LEU E 428 25.04 7.23 22.10
C LEU E 428 24.21 7.16 20.83
N SER E 429 24.89 6.90 19.71
CA SER E 429 24.25 6.76 18.42
C SER E 429 24.16 5.30 17.97
N ASP E 430 25.29 4.61 17.86
CA ASP E 430 25.35 3.27 17.32
C ASP E 430 26.36 2.44 18.12
N VAL E 431 26.29 1.12 17.94
CA VAL E 431 27.35 0.21 18.38
C VAL E 431 27.82 -0.58 17.17
N GLN E 432 28.99 -1.21 17.30
CA GLN E 432 29.52 -2.08 16.26
C GLN E 432 30.08 -3.35 16.88
N ALA E 433 29.74 -4.50 16.29
CA ALA E 433 30.27 -5.76 16.79
C ALA E 433 31.69 -6.00 16.32
N ASN E 434 31.87 -6.16 15.01
CA ASN E 434 33.18 -6.39 14.44
C ASN E 434 33.50 -5.26 13.48
N ALA E 435 34.67 -4.63 13.66
CA ALA E 435 35.10 -3.54 12.81
C ALA E 435 36.54 -3.84 12.37
N ALA E 436 37.10 -2.95 11.55
CA ALA E 436 38.46 -3.09 11.06
C ALA E 436 39.35 -2.03 11.68
N THR E 437 40.64 -2.10 11.35
CA THR E 437 41.67 -1.27 11.97
C THR E 437 42.31 -0.36 10.93
N GLY E 438 41.84 0.88 10.86
CA GLY E 438 42.54 1.95 10.17
C GLY E 438 42.74 3.07 11.16
N GLY E 439 43.38 4.16 10.78
CA GLY E 439 43.56 5.24 11.73
C GLY E 439 44.73 6.15 11.43
N ARG E 440 44.60 7.38 11.94
CA ARG E 440 45.67 8.38 11.97
C ARG E 440 45.59 9.06 13.33
N GLN E 441 46.32 8.52 14.31
CA GLN E 441 46.44 9.06 15.67
C GLN E 441 45.09 9.22 16.37
N ARG E 442 44.42 8.08 16.57
CA ARG E 442 43.18 8.05 17.32
C ARG E 442 42.96 6.68 17.97
N MET F 1 17.07 -24.71 11.98
CA MET F 1 15.95 -24.01 11.37
C MET F 1 14.97 -23.55 12.43
N LYS F 2 13.68 -23.49 12.08
CA LYS F 2 12.66 -23.04 13.02
C LYS F 2 11.33 -23.63 12.58
N ILE F 3 10.75 -24.47 13.44
CA ILE F 3 9.52 -25.20 13.11
C ILE F 3 8.34 -24.40 13.63
N PRO F 4 7.30 -24.19 12.83
CA PRO F 4 6.17 -23.36 13.28
C PRO F 4 5.29 -24.10 14.29
N TYR F 5 5.37 -23.67 15.54
CA TYR F 5 4.52 -24.23 16.59
C TYR F 5 3.19 -23.49 16.63
N GLY F 6 2.13 -24.24 16.95
CA GLY F 6 0.79 -23.70 16.82
C GLY F 6 0.44 -22.71 17.91
N LEU F 7 -0.30 -21.68 17.52
CA LEU F 7 -0.69 -20.60 18.44
C LEU F 7 -2.14 -20.69 18.89
N GLY F 8 -2.95 -21.55 18.28
CA GLY F 8 -4.34 -21.68 18.64
C GLY F 8 -4.71 -23.12 18.96
N ALA F 9 -5.93 -23.28 19.46
CA ALA F 9 -6.47 -24.60 19.80
C ALA F 9 -7.40 -25.02 18.67
N TYR F 10 -6.81 -25.59 17.61
CA TYR F 10 -7.56 -25.98 16.43
C TYR F 10 -7.66 -27.51 16.39
N THR F 11 -8.80 -28.03 16.82
CA THR F 11 -9.12 -29.45 16.72
C THR F 11 -10.47 -29.61 16.05
N ARG F 12 -10.45 -29.86 14.74
CA ARG F 12 -11.65 -30.08 13.96
C ARG F 12 -11.74 -31.54 13.57
N ASN F 13 -12.91 -32.15 13.81
CA ASN F 13 -13.10 -33.57 13.58
C ASN F 13 -14.08 -33.84 12.44
N ARG F 14 -14.36 -32.82 11.63
CA ARG F 14 -15.13 -33.00 10.39
C ARG F 14 -14.36 -33.91 9.45
N GLY F 15 -13.21 -33.45 8.98
CA GLY F 15 -12.20 -34.35 8.46
C GLY F 15 -11.33 -34.83 9.60
N ASN F 16 -10.36 -35.67 9.25
CA ASN F 16 -9.39 -36.14 10.25
C ASN F 16 -8.15 -35.25 10.20
N LEU F 17 -8.39 -33.98 10.53
CA LEU F 17 -7.40 -32.93 10.45
C LEU F 17 -6.39 -33.07 11.59
N PRO F 18 -5.15 -32.63 11.36
CA PRO F 18 -4.13 -32.68 12.41
C PRO F 18 -4.47 -31.74 13.56
N PRO F 19 -4.62 -32.26 14.77
CA PRO F 19 -5.18 -31.47 15.89
C PRO F 19 -4.14 -30.69 16.69
N LEU F 20 -3.65 -29.58 16.14
CA LEU F 20 -2.75 -28.73 16.89
C LEU F 20 -3.55 -27.92 17.91
N GLU F 21 -3.09 -27.94 19.17
CA GLU F 21 -3.86 -27.37 20.24
C GLU F 21 -2.95 -26.91 21.37
N LEU F 22 -3.47 -25.98 22.17
CA LEU F 22 -2.82 -25.51 23.38
C LEU F 22 -3.62 -25.98 24.59
N ILE F 23 -2.91 -26.30 25.66
CA ILE F 23 -3.51 -26.66 26.94
C ILE F 23 -2.86 -25.79 28.01
N ASN F 24 -3.66 -24.93 28.65
CA ASN F 24 -3.23 -24.05 29.75
C ASN F 24 -2.08 -23.13 29.35
N LEU F 25 -2.03 -22.73 28.07
CA LEU F 25 -0.97 -21.87 27.56
C LEU F 25 -1.60 -20.86 26.62
N PHE F 26 -1.27 -19.59 26.81
CA PHE F 26 -1.81 -18.53 25.97
C PHE F 26 -0.65 -17.75 25.36
N VAL F 27 -0.98 -16.96 24.33
CA VAL F 27 0.01 -16.26 23.53
C VAL F 27 -0.01 -14.80 23.90
N GLU F 28 1.16 -14.21 24.14
CA GLU F 28 1.28 -12.77 24.24
C GLU F 28 2.53 -12.33 23.50
N LYS F 29 2.65 -11.02 23.30
CA LYS F 29 3.81 -10.42 22.67
C LYS F 29 4.88 -10.13 23.72
N SER F 30 6.07 -9.81 23.25
CA SER F 30 7.15 -9.31 24.11
C SER F 30 8.02 -8.39 23.28
N ASP F 31 9.20 -8.07 23.81
CA ASP F 31 10.14 -7.19 23.13
C ASP F 31 11.53 -7.80 22.98
N SER F 32 11.98 -8.54 24.00
CA SER F 32 13.25 -9.25 23.88
C SER F 32 13.12 -10.44 22.94
N GLN F 33 12.22 -11.36 23.25
CA GLN F 33 11.80 -12.36 22.28
C GLN F 33 10.64 -11.81 21.47
N GLY F 34 10.40 -12.42 20.32
CA GLY F 34 9.31 -11.96 19.48
C GLY F 34 7.94 -12.37 19.96
N VAL F 35 7.65 -13.67 19.89
CA VAL F 35 6.34 -14.23 20.24
C VAL F 35 6.58 -15.36 21.23
N ILE F 36 5.78 -15.40 22.29
CA ILE F 36 6.07 -16.24 23.44
C ILE F 36 4.82 -17.01 23.84
N LEU F 37 5.02 -18.21 24.40
CA LEU F 37 3.97 -18.96 25.07
C LEU F 37 4.21 -18.90 26.57
N GLN F 38 3.17 -18.56 27.34
CA GLN F 38 3.30 -18.44 28.78
C GLN F 38 2.33 -19.37 29.50
N SER F 39 2.68 -19.72 30.74
CA SER F 39 1.94 -20.68 31.53
C SER F 39 0.69 -20.07 32.14
N ARG F 40 -0.11 -20.92 32.75
CA ARG F 40 -1.33 -20.52 33.45
C ARG F 40 -1.07 -20.60 34.94
N LYS F 41 -1.44 -19.54 35.65
CA LYS F 41 -1.17 -19.47 37.09
C LYS F 41 -2.05 -20.44 37.85
N ALA F 42 -1.53 -20.98 38.94
CA ALA F 42 -2.30 -21.94 39.71
C ALA F 42 -3.36 -21.23 40.55
N LEU F 43 -4.36 -21.99 40.97
CA LEU F 43 -5.48 -21.46 41.73
C LEU F 43 -5.24 -21.64 43.22
N VAL F 44 -5.82 -20.75 44.02
CA VAL F 44 -5.58 -20.68 45.46
C VAL F 44 -6.90 -20.89 46.18
N GLU F 45 -6.92 -20.62 47.49
CA GLU F 45 -8.16 -20.48 48.24
C GLU F 45 -8.16 -19.12 48.92
N VAL F 46 -9.19 -18.32 48.65
CA VAL F 46 -9.31 -16.97 49.20
C VAL F 46 -10.42 -16.88 50.25
N ALA F 47 -11.65 -17.19 49.86
CA ALA F 47 -12.79 -17.11 50.77
C ALA F 47 -13.59 -18.41 50.71
N ASP F 48 -14.03 -18.87 51.87
CA ASP F 48 -14.79 -20.11 51.96
C ASP F 48 -16.11 -19.83 52.64
N VAL F 49 -17.19 -20.32 52.03
CA VAL F 49 -18.54 -20.13 52.53
C VAL F 49 -19.18 -21.51 52.66
N GLY F 50 -20.47 -21.55 52.96
CA GLY F 50 -21.16 -22.83 53.07
C GLY F 50 -21.23 -23.54 51.72
N ALA F 51 -21.34 -24.86 51.79
CA ALA F 51 -21.15 -25.71 50.64
C ALA F 51 -22.33 -25.60 49.67
N GLY F 52 -22.16 -26.24 48.51
CA GLY F 52 -23.08 -26.11 47.41
C GLY F 52 -22.40 -25.44 46.23
N PRO F 53 -23.01 -25.53 45.05
CA PRO F 53 -22.44 -24.84 43.88
C PRO F 53 -22.65 -23.35 43.98
N VAL F 54 -21.55 -22.59 43.91
CA VAL F 54 -21.62 -21.13 43.88
C VAL F 54 -22.13 -20.69 42.51
N ARG F 55 -23.19 -19.87 42.53
CA ARG F 55 -23.82 -19.43 41.30
C ARG F 55 -23.44 -18.01 40.92
N ALA F 56 -23.43 -17.08 41.87
CA ALA F 56 -23.04 -15.70 41.58
C ALA F 56 -22.55 -15.05 42.85
N THR F 57 -21.46 -14.29 42.74
CA THR F 57 -20.86 -13.58 43.86
C THR F 57 -20.74 -12.10 43.54
N PHE F 58 -20.38 -11.34 44.57
CA PHE F 58 -20.36 -9.87 44.49
C PHE F 58 -19.60 -9.29 45.67
N GLN F 59 -18.65 -8.40 45.42
CA GLN F 59 -18.13 -7.49 46.43
C GLN F 59 -17.57 -6.26 45.75
N LYS F 60 -17.65 -5.14 46.44
CA LYS F 60 -17.11 -3.87 45.96
C LYS F 60 -16.42 -3.20 47.15
N ASP F 61 -16.13 -1.91 47.01
CA ASP F 61 -15.49 -1.16 48.07
C ASP F 61 -16.37 -0.06 48.64
N GLY F 62 -17.29 0.48 47.85
CA GLY F 62 -18.18 1.53 48.30
C GLY F 62 -19.55 1.08 48.76
N VAL F 63 -19.76 -0.23 48.94
CA VAL F 63 -21.00 -0.76 49.49
C VAL F 63 -20.67 -1.65 50.68
N PHE F 64 -21.19 -1.25 51.85
CA PHE F 64 -21.18 -2.04 53.09
C PHE F 64 -19.78 -2.39 53.58
N GLY F 65 -18.78 -1.59 53.21
CA GLY F 65 -17.43 -1.81 53.65
C GLY F 65 -16.68 -2.92 52.92
N GLY F 66 -17.32 -3.63 52.01
CA GLY F 66 -16.68 -4.70 51.29
C GLY F 66 -17.11 -6.10 51.67
N ASP F 67 -18.33 -6.30 52.13
CA ASP F 67 -18.75 -7.60 52.59
C ASP F 67 -19.08 -8.50 51.41
N ARG F 68 -18.61 -9.74 51.47
CA ARG F 68 -18.68 -10.65 50.33
C ARG F 68 -20.09 -11.25 50.26
N PHE F 69 -20.84 -10.88 49.22
CA PHE F 69 -22.17 -11.43 48.99
C PHE F 69 -22.07 -12.58 48.01
N THR F 70 -22.54 -13.76 48.42
CA THR F 70 -22.51 -14.93 47.56
C THR F 70 -23.84 -15.66 47.63
N LEU F 71 -24.08 -16.51 46.64
CA LEU F 71 -25.25 -17.37 46.58
C LEU F 71 -24.74 -18.79 46.42
N SER F 72 -24.49 -19.45 47.53
CA SER F 72 -24.01 -20.83 47.53
C SER F 72 -25.19 -21.76 47.76
N GLY F 73 -25.40 -22.69 46.84
CA GLY F 73 -26.48 -23.64 46.97
C GLY F 73 -27.85 -23.01 46.82
N ASP F 74 -28.57 -22.87 47.93
CA ASP F 74 -29.95 -22.39 47.89
C ASP F 74 -30.15 -21.18 48.78
N GLU F 75 -29.07 -20.65 49.36
CA GLU F 75 -29.21 -19.63 50.38
C GLU F 75 -28.02 -18.69 50.30
N PHE F 76 -28.20 -17.46 50.80
CA PHE F 76 -27.12 -16.50 50.83
C PHE F 76 -26.02 -16.89 51.80
N TYR F 77 -24.90 -16.15 51.69
CA TYR F 77 -23.98 -15.92 52.79
C TYR F 77 -23.41 -14.51 52.66
N ARG F 78 -23.66 -13.69 53.67
CA ARG F 78 -22.98 -12.41 53.82
C ARG F 78 -21.86 -12.68 54.81
N GLY F 79 -20.67 -12.93 54.31
CA GLY F 79 -19.61 -13.44 55.17
C GLY F 79 -19.87 -14.88 55.52
N ALA F 80 -20.27 -15.14 56.77
CA ALA F 80 -20.72 -16.46 57.18
C ALA F 80 -22.14 -16.46 57.75
N THR F 81 -22.85 -15.34 57.71
CA THR F 81 -24.23 -15.29 58.17
C THR F 81 -25.18 -15.74 57.07
N LEU F 82 -26.30 -16.33 57.48
CA LEU F 82 -27.09 -17.14 56.54
C LEU F 82 -27.99 -16.30 55.63
N LEU F 83 -28.68 -15.30 56.19
CA LEU F 83 -29.47 -14.32 55.43
C LEU F 83 -30.58 -14.95 54.57
N GLY F 84 -31.34 -15.87 55.13
CA GLY F 84 -32.50 -16.39 54.44
C GLY F 84 -32.17 -17.35 53.31
N THR F 85 -33.06 -17.43 52.32
CA THR F 85 -32.94 -18.39 51.24
C THR F 85 -33.43 -17.77 49.94
N VAL F 86 -33.18 -18.48 48.84
CA VAL F 86 -33.55 -18.06 47.50
C VAL F 86 -34.40 -19.18 46.90
N ALA F 87 -35.37 -18.82 46.06
CA ALA F 87 -36.08 -19.85 45.31
C ALA F 87 -35.17 -20.45 44.22
N GLY F 88 -35.60 -21.56 43.65
CA GLY F 88 -34.80 -22.25 42.65
C GLY F 88 -34.97 -21.64 41.27
N GLY F 89 -33.88 -21.62 40.51
CA GLY F 89 -33.92 -21.01 39.19
C GLY F 89 -32.74 -21.39 38.33
N GLY F 90 -32.60 -20.69 37.21
CA GLY F 90 -31.61 -21.01 36.21
C GLY F 90 -30.28 -20.29 36.30
N GLN F 91 -30.29 -18.96 36.34
CA GLN F 91 -29.06 -18.17 36.34
C GLN F 91 -29.22 -17.01 37.30
N ALA F 92 -28.22 -16.80 38.15
CA ALA F 92 -28.30 -15.80 39.21
C ALA F 92 -27.66 -14.48 38.78
N ARG F 93 -27.94 -13.43 39.56
CA ARG F 93 -27.48 -12.08 39.30
C ARG F 93 -27.63 -11.22 40.54
N ILE F 94 -26.59 -10.45 40.89
CA ILE F 94 -26.62 -9.60 42.06
C ILE F 94 -26.46 -8.15 41.63
N VAL F 95 -27.40 -7.30 42.05
CA VAL F 95 -27.47 -5.90 41.64
C VAL F 95 -27.50 -5.05 42.90
N SER F 96 -26.70 -3.99 42.94
CA SER F 96 -26.76 -3.09 44.09
C SER F 96 -26.39 -1.68 43.68
N ASN F 97 -26.93 -0.72 44.42
CA ASN F 97 -26.56 0.68 44.30
C ASN F 97 -25.84 1.21 45.54
N GLY F 98 -25.63 0.38 46.56
CA GLY F 98 -24.97 0.83 47.76
C GLY F 98 -25.87 0.85 48.98
N LEU F 99 -27.14 1.18 48.78
CA LEU F 99 -28.11 1.18 49.88
C LEU F 99 -28.96 -0.08 49.92
N GLU F 100 -28.89 -0.93 48.91
CA GLU F 100 -29.70 -2.14 48.83
C GLU F 100 -29.08 -3.10 47.83
N VAL F 101 -29.11 -4.39 48.16
CA VAL F 101 -28.48 -5.43 47.35
C VAL F 101 -29.58 -6.40 46.91
N LEU F 102 -29.83 -6.44 45.60
CA LEU F 102 -30.84 -7.34 45.07
C LEU F 102 -30.22 -8.65 44.65
N VAL F 103 -31.06 -9.63 44.35
CA VAL F 103 -30.62 -10.93 43.85
C VAL F 103 -31.72 -11.46 42.96
N ASN F 104 -31.41 -12.51 42.20
CA ASN F 104 -32.41 -13.09 41.33
C ASN F 104 -32.12 -14.58 41.14
N ALA F 105 -33.12 -15.27 40.61
CA ALA F 105 -33.04 -16.60 40.04
C ALA F 105 -34.06 -16.59 38.91
N GLY F 106 -34.50 -17.77 38.49
CA GLY F 106 -35.66 -17.82 37.61
C GLY F 106 -36.96 -17.42 38.29
N GLY F 107 -37.01 -17.44 39.63
CA GLY F 107 -38.25 -17.20 40.33
C GLY F 107 -38.60 -15.82 40.84
N LEU F 108 -37.79 -15.21 41.72
CA LEU F 108 -38.25 -14.07 42.48
C LEU F 108 -37.14 -13.03 42.65
N VAL F 109 -37.55 -11.85 43.13
CA VAL F 109 -36.65 -10.73 43.37
C VAL F 109 -36.64 -10.45 44.87
N TYR F 110 -35.46 -10.52 45.48
CA TYR F 110 -35.30 -10.39 46.93
C TYR F 110 -34.41 -9.20 47.23
N SER F 111 -34.94 -8.23 47.97
CA SER F 111 -34.16 -7.05 48.27
C SER F 111 -33.52 -7.17 49.65
N TYR F 112 -32.73 -6.17 50.02
CA TYR F 112 -31.94 -6.20 51.24
C TYR F 112 -31.67 -4.76 51.65
N ASN F 113 -31.43 -4.56 52.93
CA ASN F 113 -31.09 -3.24 53.48
C ASN F 113 -30.21 -3.49 54.70
N GLY F 114 -30.18 -2.53 55.63
CA GLY F 114 -29.30 -2.63 56.78
C GLY F 114 -29.52 -3.86 57.64
N THR F 115 -30.78 -4.24 57.88
CA THR F 115 -31.02 -5.38 58.75
C THR F 115 -32.10 -6.35 58.30
N ASN F 116 -32.85 -6.08 57.24
CA ASN F 116 -33.98 -6.91 56.83
C ASN F 116 -33.68 -7.56 55.49
N PHE F 117 -34.30 -8.71 55.25
CA PHE F 117 -34.18 -9.42 53.96
C PHE F 117 -35.51 -10.11 53.69
N ILE F 118 -36.38 -9.43 52.93
CA ILE F 118 -37.69 -9.95 52.54
C ILE F 118 -37.91 -9.66 51.06
N ASN F 119 -39.12 -10.00 50.58
CA ASN F 119 -39.45 -9.92 49.17
C ASN F 119 -39.55 -8.48 48.70
N ALA F 120 -38.95 -8.18 47.54
CA ALA F 120 -39.00 -6.84 46.99
C ALA F 120 -40.35 -6.50 46.37
N GLY F 121 -41.14 -7.51 46.02
CA GLY F 121 -42.45 -7.25 45.46
C GLY F 121 -42.39 -6.87 44.00
N PHE F 122 -41.93 -7.81 43.17
CA PHE F 122 -42.01 -7.65 41.74
C PHE F 122 -43.48 -7.63 41.32
N PRO F 123 -43.87 -6.82 40.34
CA PRO F 123 -45.30 -6.64 40.03
C PRO F 123 -46.00 -7.86 39.48
N GLU F 124 -45.29 -8.94 39.17
CA GLU F 124 -45.90 -10.25 38.97
C GLU F 124 -44.96 -11.31 39.54
N ALA F 125 -45.25 -12.57 39.23
CA ALA F 125 -44.60 -13.68 39.93
C ALA F 125 -43.14 -13.82 39.55
N ALA F 126 -42.85 -14.07 38.28
CA ALA F 126 -41.53 -14.51 37.87
C ALA F 126 -40.68 -13.35 37.38
N ALA F 127 -39.38 -13.63 37.25
CA ALA F 127 -38.42 -12.64 36.78
C ALA F 127 -37.27 -13.39 36.14
N THR F 128 -36.65 -12.75 35.14
CA THR F 128 -35.52 -13.35 34.46
C THR F 128 -34.19 -12.74 34.92
N THR F 129 -34.03 -11.43 34.76
CA THR F 129 -32.79 -10.74 35.10
C THR F 129 -33.09 -9.36 35.66
N ILE F 130 -32.12 -8.81 36.39
CA ILE F 130 -32.09 -7.41 36.80
C ILE F 130 -30.71 -6.87 36.44
N ALA F 131 -30.66 -5.65 35.89
CA ALA F 131 -29.38 -5.07 35.54
C ALA F 131 -29.05 -3.77 36.28
N PHE F 132 -29.89 -2.76 36.18
CA PHE F 132 -29.43 -1.39 36.36
C PHE F 132 -29.39 -1.00 37.84
N THR F 133 -28.45 -0.12 38.17
CA THR F 133 -28.11 0.20 39.56
C THR F 133 -28.30 1.67 39.90
N GLY F 134 -27.78 2.58 39.07
CA GLY F 134 -27.49 3.92 39.54
C GLY F 134 -28.71 4.80 39.69
N ARG F 135 -29.67 4.70 38.77
CA ARG F 135 -30.90 5.47 38.86
C ARG F 135 -32.10 4.58 39.15
N TYR F 136 -32.35 3.58 38.31
CA TYR F 136 -33.50 2.70 38.48
C TYR F 136 -33.05 1.28 38.78
N PHE F 137 -34.03 0.40 38.95
CA PHE F 137 -33.83 -1.03 38.93
C PHE F 137 -34.80 -1.60 37.90
N ILE F 138 -34.27 -2.39 36.97
CA ILE F 138 -35.02 -2.83 35.80
C ILE F 138 -35.15 -4.34 35.87
N GLY F 139 -36.37 -4.85 35.82
CA GLY F 139 -36.60 -6.27 35.86
C GLY F 139 -37.21 -6.80 34.58
N LEU F 140 -36.96 -8.07 34.28
CA LEU F 140 -37.43 -8.69 33.05
C LEU F 140 -38.44 -9.79 33.39
N SER F 141 -39.66 -9.62 32.91
CA SER F 141 -40.74 -10.56 33.22
C SER F 141 -40.60 -11.79 32.34
N ALA F 142 -40.79 -12.96 32.94
CA ALA F 142 -40.68 -14.21 32.20
C ALA F 142 -41.88 -14.41 31.29
N GLY F 143 -41.69 -15.21 30.26
CA GLY F 143 -42.72 -15.41 29.27
C GLY F 143 -42.73 -14.30 28.25
N THR F 144 -43.83 -14.24 27.50
CA THR F 144 -44.02 -13.18 26.52
C THR F 144 -44.28 -11.89 27.27
N GLY F 145 -43.23 -11.12 27.56
CA GLY F 145 -43.35 -10.01 28.48
C GLY F 145 -42.57 -8.79 28.04
N GLU F 146 -42.50 -7.84 28.96
CA GLU F 146 -41.86 -6.55 28.83
C GLU F 146 -40.88 -6.38 30.00
N TRP F 147 -40.38 -5.16 30.16
CA TRP F 147 -39.51 -4.84 31.28
C TRP F 147 -40.20 -3.82 32.19
N TYR F 148 -40.11 -4.04 33.49
CA TYR F 148 -40.64 -3.14 34.50
C TYR F 148 -39.51 -2.31 35.08
N PHE F 149 -39.87 -1.18 35.68
CA PHE F 149 -38.91 -0.33 36.35
C PHE F 149 -39.48 0.17 37.67
N SER F 150 -38.60 0.36 38.64
CA SER F 150 -39.00 0.78 39.97
C SER F 150 -38.94 2.30 40.09
N ALA F 151 -39.03 2.80 41.31
CA ALA F 151 -38.80 4.21 41.56
C ALA F 151 -37.32 4.49 41.66
N VAL F 152 -36.97 5.78 41.82
CA VAL F 152 -35.59 6.21 41.84
C VAL F 152 -34.91 5.71 43.11
N ASN F 153 -33.89 4.86 42.93
CA ASN F 153 -33.03 4.32 44.00
C ASN F 153 -33.83 3.55 45.05
N ASN F 154 -34.96 2.97 44.66
CA ASN F 154 -35.85 2.27 45.59
C ASN F 154 -36.25 0.95 44.94
N GLY F 155 -35.49 -0.10 45.21
CA GLY F 155 -35.81 -1.40 44.68
C GLY F 155 -36.81 -2.19 45.49
N ARG F 156 -37.21 -1.67 46.65
CA ARG F 156 -38.15 -2.37 47.52
C ARG F 156 -39.60 -2.04 47.23
N SER F 157 -39.87 -1.11 46.33
CA SER F 157 -41.23 -0.68 45.99
C SER F 157 -41.33 -0.58 44.47
N TRP F 158 -41.98 -1.58 43.86
CA TRP F 158 -42.25 -1.57 42.44
C TRP F 158 -43.66 -1.04 42.18
N ASP F 159 -44.05 -1.03 40.92
CA ASP F 159 -45.38 -0.55 40.55
C ASP F 159 -45.87 -1.31 39.33
N ALA F 160 -47.18 -1.45 39.22
CA ALA F 160 -47.77 -2.24 38.15
C ALA F 160 -47.89 -1.47 36.84
N LEU F 161 -48.13 -0.16 36.92
CA LEU F 161 -48.29 0.65 35.72
C LEU F 161 -46.98 1.16 35.16
N ASP F 162 -45.85 0.81 35.79
CA ASP F 162 -44.54 1.23 35.31
C ASP F 162 -43.94 0.09 34.49
N PHE F 163 -44.19 0.12 33.19
CA PHE F 163 -43.57 -0.84 32.29
C PHE F 163 -43.42 -0.19 30.91
N ALA F 164 -42.85 -0.95 29.99
CA ALA F 164 -42.73 -0.51 28.60
C ALA F 164 -42.55 -1.74 27.73
N THR F 165 -43.43 -1.92 26.76
CA THR F 165 -43.45 -3.11 25.94
C THR F 165 -42.44 -2.99 24.79
N ALA F 166 -42.04 -4.15 24.28
CA ALA F 166 -41.22 -4.22 23.08
C ALA F 166 -42.12 -4.45 21.87
N GLU F 167 -41.57 -4.19 20.69
CA GLU F 167 -42.37 -4.17 19.47
C GLU F 167 -41.78 -5.01 18.35
N ASN F 168 -40.77 -5.82 18.61
CA ASN F 168 -40.12 -6.58 17.55
C ASN F 168 -39.92 -8.06 17.85
N GLU F 169 -39.91 -8.47 19.10
CA GLU F 169 -39.78 -9.89 19.43
C GLU F 169 -41.09 -10.42 19.99
N PRO F 170 -41.71 -11.41 19.34
CA PRO F 170 -42.97 -11.95 19.87
C PRO F 170 -42.76 -13.15 20.78
N ASP F 171 -41.57 -13.73 20.79
CA ASP F 171 -41.39 -14.99 21.50
C ASP F 171 -41.14 -14.76 23.00
N ALA F 172 -40.03 -14.12 23.35
CA ALA F 172 -39.66 -13.97 24.75
C ALA F 172 -38.62 -12.86 24.90
N LEU F 173 -38.10 -12.74 26.13
CA LEU F 173 -36.95 -11.91 26.46
C LEU F 173 -36.07 -12.70 27.42
N LEU F 174 -34.75 -12.59 27.26
CA LEU F 174 -33.84 -13.43 28.02
C LEU F 174 -32.76 -12.69 28.77
N ASP F 175 -32.27 -11.56 28.28
CA ASP F 175 -31.14 -10.93 28.94
C ASP F 175 -31.14 -9.44 28.65
N VAL F 176 -30.48 -8.69 29.54
CA VAL F 176 -30.44 -7.23 29.50
C VAL F 176 -29.03 -6.81 29.94
N LEU F 177 -28.54 -5.70 29.37
CA LEU F 177 -27.17 -5.29 29.63
C LEU F 177 -27.08 -3.77 29.52
N VAL F 178 -26.34 -3.16 30.43
CA VAL F 178 -26.17 -1.71 30.48
C VAL F 178 -24.79 -1.40 29.93
N LEU F 179 -24.74 -0.90 28.70
CA LEU F 179 -23.49 -0.63 28.00
C LEU F 179 -23.01 0.80 28.18
N ASP F 180 -23.95 1.73 28.18
CA ASP F 180 -23.73 3.17 28.25
C ASP F 180 -24.92 3.71 29.04
N GLY F 181 -25.25 4.98 28.82
CA GLY F 181 -26.59 5.44 29.18
C GLY F 181 -27.69 4.65 28.50
N VAL F 182 -27.41 4.10 27.31
CA VAL F 182 -28.37 3.26 26.60
C VAL F 182 -28.46 1.89 27.26
N LEU F 183 -29.52 1.15 26.89
CA LEU F 183 -29.76 -0.22 27.31
C LEU F 183 -29.68 -1.15 26.11
N VAL F 184 -29.39 -2.42 26.38
CA VAL F 184 -29.36 -3.44 25.34
C VAL F 184 -30.22 -4.61 25.81
N PHE F 185 -31.30 -4.87 25.08
CA PHE F 185 -32.24 -5.94 25.39
C PHE F 185 -32.06 -7.07 24.40
N PHE F 186 -31.78 -8.26 24.91
CA PHE F 186 -31.56 -9.44 24.09
C PHE F 186 -32.85 -10.23 23.99
N GLY F 187 -33.42 -10.29 22.79
CA GLY F 187 -34.55 -11.17 22.55
C GLY F 187 -34.10 -12.53 22.07
N THR F 188 -35.06 -13.44 21.92
CA THR F 188 -34.74 -14.73 21.32
C THR F 188 -34.64 -14.65 19.81
N GLU F 189 -35.06 -13.54 19.23
CA GLU F 189 -35.10 -13.35 17.79
C GLU F 189 -34.34 -12.12 17.32
N SER F 190 -34.38 -11.02 18.07
CA SER F 190 -33.75 -9.78 17.65
C SER F 190 -33.07 -9.13 18.85
N ILE F 191 -32.31 -8.07 18.59
CA ILE F 191 -31.63 -7.29 19.62
C ILE F 191 -32.01 -5.84 19.44
N GLU F 192 -32.48 -5.21 20.51
CA GLU F 192 -32.96 -3.83 20.47
C GLU F 192 -32.02 -2.92 21.25
N PHE F 193 -32.15 -1.63 21.00
CA PHE F 193 -31.38 -0.60 21.69
C PHE F 193 -32.33 0.47 22.18
N TRP F 194 -32.18 0.86 23.45
CA TRP F 194 -33.12 1.77 24.11
C TRP F 194 -32.34 2.85 24.83
N GLY F 195 -32.45 4.09 24.36
CA GLY F 195 -31.73 5.19 24.94
C GLY F 195 -32.44 5.81 26.12
N PHE F 196 -31.77 6.78 26.75
CA PHE F 196 -32.28 7.43 27.97
C PHE F 196 -32.99 8.73 27.60
N THR F 197 -34.23 8.86 28.07
CA THR F 197 -35.09 9.98 27.69
C THR F 197 -34.95 11.19 28.61
N GLY F 198 -35.10 10.99 29.91
CA GLY F 198 -35.06 12.10 30.84
C GLY F 198 -36.40 12.59 31.32
N ASP F 199 -37.47 11.82 31.10
CA ASP F 199 -38.80 12.15 31.60
C ASP F 199 -39.00 11.52 32.96
N ALA F 200 -40.25 11.54 33.43
CA ALA F 200 -40.62 10.95 34.70
C ALA F 200 -41.53 9.74 34.54
N ASP F 201 -42.49 9.81 33.62
CA ASP F 201 -43.42 8.70 33.41
C ASP F 201 -42.73 7.55 32.70
N LEU F 202 -42.24 7.79 31.48
CA LEU F 202 -41.44 6.81 30.74
C LEU F 202 -40.03 7.34 30.61
N PRO F 203 -39.03 6.68 31.18
CA PRO F 203 -37.67 7.22 31.16
C PRO F 203 -36.78 6.72 30.03
N TYR F 204 -37.26 5.86 29.15
CA TYR F 204 -36.43 5.30 28.09
C TYR F 204 -37.19 5.28 26.77
N SER F 205 -36.44 5.34 25.67
CA SER F 205 -36.98 5.46 24.32
C SER F 205 -36.11 4.66 23.36
N PRO F 206 -36.69 4.09 22.31
CA PRO F 206 -35.91 3.23 21.42
C PRO F 206 -35.17 4.01 20.34
N ILE F 207 -34.09 3.42 19.86
CA ILE F 207 -33.38 3.90 18.68
C ILE F 207 -33.93 3.16 17.47
N GLN F 208 -34.19 3.89 16.39
CA GLN F 208 -35.12 3.42 15.36
C GLN F 208 -34.53 2.30 14.51
N GLN F 209 -33.42 2.55 13.80
CA GLN F 209 -32.91 1.61 12.82
C GLN F 209 -31.69 0.83 13.31
N ARG F 210 -31.66 0.43 14.56
CA ARG F 210 -30.57 -0.39 15.10
C ARG F 210 -31.17 -1.68 15.63
N VAL F 211 -31.29 -2.68 14.77
CA VAL F 211 -31.82 -3.99 15.14
C VAL F 211 -30.89 -5.06 14.59
N PHE F 212 -30.37 -5.91 15.47
CA PHE F 212 -29.55 -7.04 15.06
C PHE F 212 -30.44 -8.27 15.02
N GLU F 213 -30.18 -9.17 14.08
CA GLU F 213 -31.07 -10.29 13.81
C GLU F 213 -30.67 -11.58 14.50
N GLN F 214 -29.55 -11.58 15.23
CA GLN F 214 -29.06 -12.77 15.92
C GLN F 214 -29.42 -12.67 17.39
N GLY F 215 -30.56 -13.24 17.77
CA GLY F 215 -30.97 -13.21 19.15
C GLY F 215 -30.12 -14.12 20.02
N ILE F 216 -30.20 -13.89 21.33
CA ILE F 216 -29.34 -14.60 22.26
C ILE F 216 -29.80 -16.05 22.40
N TYR F 217 -28.87 -16.94 22.78
CA TYR F 217 -29.18 -18.35 22.88
C TYR F 217 -29.91 -18.71 24.16
N ALA F 218 -29.52 -18.10 25.28
CA ALA F 218 -30.06 -18.45 26.58
C ALA F 218 -30.08 -17.20 27.43
N THR F 219 -30.23 -17.39 28.74
CA THR F 219 -30.31 -16.25 29.66
C THR F 219 -28.96 -15.82 30.19
N GLY F 220 -27.90 -16.57 29.95
CA GLY F 220 -26.60 -16.22 30.49
C GLY F 220 -25.50 -16.10 29.47
N CYS F 221 -25.80 -15.48 28.33
CA CYS F 221 -24.92 -15.51 27.18
C CYS F 221 -24.62 -14.12 26.66
N ALA F 222 -24.26 -13.20 27.57
CA ALA F 222 -23.92 -11.83 27.17
C ALA F 222 -23.00 -11.23 28.22
N VAL F 223 -21.84 -10.75 27.78
CA VAL F 223 -20.79 -10.24 28.66
C VAL F 223 -20.30 -8.90 28.13
N ARG F 224 -20.23 -7.91 29.01
CA ARG F 224 -19.63 -6.62 28.69
C ARG F 224 -18.13 -6.73 28.90
N VAL F 225 -17.41 -7.09 27.84
CA VAL F 225 -15.98 -7.34 27.94
C VAL F 225 -15.21 -6.03 28.01
N ASP F 226 -15.64 -5.06 27.23
CA ASP F 226 -14.80 -3.95 26.82
C ASP F 226 -15.70 -2.73 26.70
N ASN F 227 -15.30 -1.75 25.90
CA ASN F 227 -16.19 -0.66 25.52
C ASN F 227 -17.44 -1.16 24.80
N SER F 228 -17.34 -2.31 24.13
CA SER F 228 -18.49 -3.03 23.60
C SER F 228 -18.58 -4.40 24.28
N PHE F 229 -19.47 -5.25 23.76
CA PHE F 229 -19.90 -6.48 24.43
C PHE F 229 -19.93 -7.65 23.45
N TYR F 230 -20.12 -8.86 23.99
CA TYR F 230 -20.23 -10.09 23.22
C TYR F 230 -21.57 -10.77 23.49
N TRP F 231 -21.92 -11.73 22.62
CA TRP F 231 -23.04 -12.64 22.86
C TRP F 231 -22.79 -13.91 22.06
N VAL F 232 -23.75 -14.85 22.12
CA VAL F 232 -23.58 -16.19 21.57
C VAL F 232 -24.42 -16.41 20.32
N GLY F 233 -25.64 -15.90 20.29
CA GLY F 233 -26.44 -16.00 19.08
C GLY F 233 -27.33 -17.22 19.06
N LYS F 234 -28.31 -17.19 18.15
CA LYS F 234 -29.27 -18.30 18.03
C LYS F 234 -28.59 -19.59 17.59
N ASP F 235 -27.54 -19.47 16.80
CA ASP F 235 -26.64 -20.57 16.53
C ASP F 235 -25.33 -20.32 17.28
N LYS F 236 -24.48 -21.33 17.32
CA LYS F 236 -23.31 -21.30 18.20
C LYS F 236 -22.15 -20.59 17.52
N ILE F 237 -22.30 -19.28 17.32
CA ILE F 237 -21.24 -18.45 16.73
C ILE F 237 -21.11 -17.19 17.59
N VAL F 238 -20.03 -17.10 18.37
CA VAL F 238 -19.82 -15.96 19.26
C VAL F 238 -19.53 -14.71 18.43
N TYR F 239 -20.30 -13.65 18.67
CA TYR F 239 -20.22 -12.43 17.89
C TYR F 239 -19.52 -11.31 18.67
N ARG F 240 -19.55 -10.11 18.09
CA ARG F 240 -18.84 -8.96 18.64
C ARG F 240 -19.50 -7.70 18.10
N ASN F 241 -19.72 -6.73 18.97
CA ASN F 241 -20.43 -5.52 18.59
C ASN F 241 -19.56 -4.62 17.73
N GLY F 242 -20.20 -3.91 16.80
CA GLY F 242 -19.52 -2.93 15.99
C GLY F 242 -20.51 -2.13 15.18
N ASP F 243 -20.10 -1.70 13.99
CA ASP F 243 -21.06 -1.17 13.04
C ASP F 243 -22.04 -2.26 12.61
N VAL F 244 -21.50 -3.35 12.09
CA VAL F 244 -22.24 -4.59 11.91
C VAL F 244 -21.62 -5.61 12.85
N PRO F 245 -22.38 -6.59 13.36
CA PRO F 245 -21.79 -7.60 14.24
C PRO F 245 -20.90 -8.57 13.47
N GLN F 246 -19.62 -8.57 13.81
CA GLN F 246 -18.69 -9.53 13.24
C GLN F 246 -18.58 -10.74 14.15
N ALA F 247 -18.05 -11.83 13.59
CA ALA F 247 -17.95 -13.10 14.30
C ALA F 247 -16.50 -13.35 14.69
N VAL F 248 -16.30 -13.98 15.84
CA VAL F 248 -14.96 -14.29 16.32
C VAL F 248 -14.72 -15.79 16.45
N SER F 249 -15.74 -16.63 16.42
CA SER F 249 -15.51 -18.06 16.49
C SER F 249 -15.35 -18.64 15.09
N ASP F 250 -14.44 -19.59 14.97
CA ASP F 250 -14.17 -20.26 13.70
C ASP F 250 -14.54 -21.72 13.80
N ASP F 251 -14.16 -22.51 12.81
CA ASP F 251 -14.31 -23.95 12.89
C ASP F 251 -13.47 -24.51 14.04
N GLY F 252 -13.97 -25.58 14.64
CA GLY F 252 -13.32 -26.17 15.79
C GLY F 252 -13.72 -25.57 17.11
N ILE F 253 -14.53 -24.52 17.12
CA ILE F 253 -15.14 -24.00 18.33
C ILE F 253 -16.65 -24.07 18.11
N VAL F 254 -17.07 -23.91 16.86
CA VAL F 254 -18.50 -23.91 16.55
C VAL F 254 -19.04 -25.34 16.53
N GLU F 255 -18.33 -26.26 15.90
CA GLU F 255 -18.84 -27.63 15.84
C GLU F 255 -18.68 -28.38 17.16
N LYS F 256 -17.92 -27.84 18.10
CA LYS F 256 -17.80 -28.45 19.41
C LYS F 256 -18.85 -27.92 20.37
N ALA F 257 -19.41 -26.74 20.10
CA ALA F 257 -20.41 -26.16 20.98
C ALA F 257 -21.80 -26.76 20.80
N GLU F 258 -22.00 -27.61 19.79
CA GLU F 258 -23.31 -28.21 19.61
C GLU F 258 -23.53 -29.35 20.60
N GLY F 259 -22.47 -30.06 21.00
CA GLY F 259 -22.62 -31.21 21.87
C GLY F 259 -23.02 -30.83 23.28
N SER F 260 -22.66 -29.62 23.70
CA SER F 260 -23.13 -29.08 24.96
C SER F 260 -24.44 -28.35 24.71
N THR F 261 -25.47 -28.72 25.46
CA THR F 261 -26.75 -28.03 25.43
C THR F 261 -26.81 -26.90 26.45
N ASN F 262 -25.70 -26.58 27.10
CA ASN F 262 -25.60 -25.50 28.06
C ASN F 262 -24.37 -24.68 27.75
N LEU F 263 -24.55 -23.38 27.55
CA LEU F 263 -23.46 -22.48 27.16
C LEU F 263 -23.52 -21.22 28.00
N THR F 264 -22.37 -20.82 28.55
CA THR F 264 -22.27 -19.60 29.32
C THR F 264 -21.10 -18.77 28.81
N LEU F 265 -21.02 -17.52 29.27
CA LEU F 265 -19.90 -16.66 29.00
C LEU F 265 -19.56 -15.86 30.25
N PHE F 266 -18.27 -15.66 30.49
CA PHE F 266 -17.81 -14.79 31.57
C PHE F 266 -16.40 -14.34 31.25
N VAL F 267 -15.91 -13.44 32.09
CA VAL F 267 -14.55 -12.95 32.00
C VAL F 267 -13.70 -13.54 33.10
N LEU F 268 -12.41 -13.69 32.81
CA LEU F 268 -11.39 -13.93 33.82
C LEU F 268 -10.37 -12.81 33.67
N GLU F 269 -10.08 -12.13 34.76
CA GLU F 269 -9.17 -11.02 34.71
C GLU F 269 -7.73 -11.48 34.95
N ASP F 270 -6.85 -11.19 34.00
CA ASP F 270 -5.42 -11.27 34.18
C ASP F 270 -4.86 -9.87 33.95
N GLU F 271 -3.59 -9.66 34.25
CA GLU F 271 -2.95 -8.37 34.02
C GLU F 271 -2.86 -8.12 32.52
N ARG F 272 -3.67 -7.16 32.05
CA ARG F 272 -3.93 -6.80 30.64
C ARG F 272 -4.21 -8.00 29.73
N HIS F 273 -4.81 -9.06 30.27
CA HIS F 273 -5.32 -10.17 29.46
C HIS F 273 -6.76 -10.43 29.88
N LYS F 274 -7.71 -9.87 29.16
CA LYS F 274 -9.13 -10.06 29.47
C LYS F 274 -9.60 -11.28 28.69
N PHE F 275 -9.63 -12.44 29.35
CA PHE F 275 -10.11 -13.65 28.69
C PHE F 275 -11.63 -13.67 28.69
N VAL F 276 -12.20 -14.30 27.66
CA VAL F 276 -13.65 -14.46 27.52
C VAL F 276 -13.91 -15.95 27.40
N CYS F 277 -14.33 -16.58 28.49
CA CYS F 277 -14.45 -18.03 28.53
C CYS F 277 -15.79 -18.47 27.98
N LEU F 278 -15.78 -19.52 27.18
CA LEU F 278 -17.00 -20.18 26.70
C LEU F 278 -17.07 -21.53 27.40
N ARG F 279 -17.86 -21.61 28.46
CA ARG F 279 -17.98 -22.83 29.24
C ARG F 279 -19.12 -23.69 28.72
N GLY F 280 -18.86 -24.99 28.57
CA GLY F 280 -19.81 -25.93 28.05
C GLY F 280 -19.90 -27.17 28.92
N ASP F 281 -20.11 -28.31 28.26
CA ASP F 281 -20.29 -29.57 28.96
C ASP F 281 -18.98 -30.07 29.55
N ASP F 282 -17.90 -30.04 28.77
CA ASP F 282 -16.58 -30.37 29.26
C ASP F 282 -15.51 -29.34 28.92
N PHE F 283 -15.70 -28.53 27.90
CA PHE F 283 -14.67 -27.64 27.39
C PHE F 283 -14.70 -26.30 28.11
N THR F 284 -13.60 -25.58 27.98
CA THR F 284 -13.55 -24.17 28.36
C THR F 284 -12.54 -23.52 27.43
N HIS F 285 -13.02 -22.83 26.40
CA HIS F 285 -12.17 -22.15 25.43
C HIS F 285 -12.19 -20.66 25.73
N PRO F 286 -11.15 -20.10 26.34
CA PRO F 286 -11.15 -18.65 26.55
C PRO F 286 -10.59 -17.88 25.36
N HIS F 287 -11.42 -17.02 24.78
CA HIS F 287 -10.99 -16.12 23.71
C HIS F 287 -10.25 -14.95 24.31
N ASP F 288 -8.94 -14.89 24.12
CA ASP F 288 -8.18 -13.71 24.50
C ASP F 288 -8.59 -12.54 23.62
N VAL F 289 -8.57 -11.34 24.19
CA VAL F 289 -9.13 -10.17 23.52
C VAL F 289 -8.06 -9.21 23.00
N THR F 290 -6.84 -9.25 23.54
CA THR F 290 -5.80 -8.33 23.09
C THR F 290 -5.05 -8.89 21.90
N THR F 291 -4.62 -10.14 21.99
CA THR F 291 -4.11 -10.89 20.85
C THR F 291 -5.10 -12.03 20.66
N GLY F 292 -5.99 -11.89 19.68
CA GLY F 292 -7.17 -12.73 19.72
C GLY F 292 -6.92 -14.11 19.16
N GLN F 293 -6.62 -15.04 20.06
CA GLN F 293 -6.31 -16.41 19.72
C GLN F 293 -7.01 -17.32 20.71
N TRP F 294 -7.67 -18.36 20.21
CA TRP F 294 -8.34 -19.31 21.09
C TRP F 294 -7.32 -20.23 21.75
N CYS F 295 -7.57 -20.57 23.01
CA CYS F 295 -6.74 -21.51 23.75
C CYS F 295 -7.67 -22.38 24.57
N GLU F 296 -7.12 -23.12 25.53
CA GLU F 296 -7.90 -24.07 26.31
C GLU F 296 -7.38 -24.15 27.74
N PHE F 297 -8.26 -23.89 28.70
CA PHE F 297 -7.99 -24.08 30.11
C PHE F 297 -8.59 -25.40 30.55
N LYS F 298 -7.78 -26.24 31.20
CA LYS F 298 -8.25 -27.53 31.70
C LYS F 298 -7.64 -27.83 33.05
N SER F 299 -8.48 -27.96 34.06
CA SER F 299 -8.07 -28.37 35.39
C SER F 299 -7.91 -29.89 35.43
N TYR F 300 -7.08 -30.37 36.34
CA TYR F 300 -6.67 -31.76 36.31
C TYR F 300 -7.62 -32.66 37.10
N GLY F 301 -7.80 -33.89 36.62
CA GLY F 301 -8.53 -34.90 37.34
C GLY F 301 -10.03 -34.78 37.23
N ARG F 302 -10.53 -33.83 36.47
CA ARG F 302 -11.93 -33.49 36.40
C ARG F 302 -12.38 -33.55 34.95
N THR F 303 -13.60 -33.07 34.70
CA THR F 303 -14.14 -33.02 33.36
C THR F 303 -14.15 -31.61 32.76
N ASN F 304 -13.87 -30.58 33.56
CA ASN F 304 -13.93 -29.21 33.07
C ASN F 304 -13.15 -28.32 34.03
N PHE F 305 -12.66 -27.20 33.51
CA PHE F 305 -11.99 -26.22 34.35
C PHE F 305 -13.02 -25.52 35.23
N ARG F 306 -12.86 -25.62 36.54
CA ARG F 306 -13.88 -25.17 37.48
C ARG F 306 -13.85 -23.65 37.62
N ALA F 307 -14.96 -22.99 37.25
CA ALA F 307 -15.15 -21.55 37.34
C ALA F 307 -16.63 -21.25 37.12
N THR F 308 -16.99 -19.98 37.29
CA THR F 308 -18.35 -19.50 37.08
C THR F 308 -18.24 -18.06 36.60
N ALA F 309 -19.33 -17.29 36.75
CA ALA F 309 -19.35 -15.87 36.36
C ALA F 309 -18.29 -15.03 37.06
N ASP F 310 -17.76 -15.50 38.18
CA ASP F 310 -16.58 -14.94 38.83
C ASP F 310 -15.69 -16.12 39.16
N PHE F 311 -14.71 -15.92 40.03
CA PHE F 311 -13.77 -16.98 40.38
C PHE F 311 -14.36 -18.03 41.33
N GLY F 312 -15.67 -18.10 41.49
CA GLY F 312 -16.27 -19.10 42.35
C GLY F 312 -16.20 -20.48 41.74
N ASP F 313 -16.32 -21.48 42.59
CA ASP F 313 -16.29 -22.87 42.18
C ASP F 313 -17.67 -23.30 41.70
N ASP F 314 -17.73 -24.44 41.01
CA ASP F 314 -19.02 -25.04 40.69
C ASP F 314 -19.44 -26.08 41.71
N GLU F 315 -18.74 -26.19 42.83
CA GLU F 315 -18.92 -27.26 43.79
C GLU F 315 -18.24 -26.86 45.10
N THR F 316 -18.85 -27.26 46.22
CA THR F 316 -18.39 -27.14 47.61
C THR F 316 -18.31 -25.70 48.13
N GLY F 317 -18.64 -24.70 47.34
CA GLY F 317 -18.70 -23.35 47.85
C GLY F 317 -17.35 -22.70 48.15
N LYS F 318 -16.56 -22.45 47.11
CA LYS F 318 -15.24 -21.87 47.27
C LYS F 318 -15.05 -20.74 46.27
N ILE F 319 -14.24 -19.76 46.66
CA ILE F 319 -13.92 -18.59 45.85
C ILE F 319 -12.41 -18.38 45.94
N TRP F 320 -11.78 -18.05 44.82
CA TRP F 320 -10.33 -17.89 44.82
C TRP F 320 -9.94 -16.67 43.99
N ALA F 321 -8.64 -16.62 43.66
CA ALA F 321 -8.07 -15.67 42.74
C ALA F 321 -6.87 -16.36 42.07
N TRP F 322 -6.13 -15.61 41.26
CA TRP F 322 -4.89 -16.12 40.71
C TRP F 322 -3.79 -15.95 41.73
N GLY F 323 -2.94 -16.96 41.87
CA GLY F 323 -1.75 -16.76 42.65
C GLY F 323 -0.74 -17.88 42.63
N GLY F 324 0.51 -17.54 42.32
CA GLY F 324 1.66 -18.42 42.51
C GLY F 324 1.61 -19.68 41.68
N TYR F 325 2.19 -20.74 42.24
CA TYR F 325 2.18 -22.07 41.64
C TYR F 325 1.98 -23.04 42.79
N ASP F 326 2.28 -24.33 42.54
CA ASP F 326 2.24 -25.52 43.40
C ASP F 326 1.10 -25.57 44.42
N ASP F 327 -0.12 -25.29 43.97
CA ASP F 327 -1.30 -25.33 44.83
C ASP F 327 -2.31 -26.38 44.38
N GLU F 328 -2.55 -26.49 43.07
CA GLU F 328 -3.51 -27.44 42.54
C GLU F 328 -2.89 -28.81 42.26
N GLY F 329 -1.67 -29.04 42.71
CA GLY F 329 -1.03 -30.33 42.56
C GLY F 329 -0.36 -30.50 41.20
N ILE F 330 -1.16 -30.74 40.17
CA ILE F 330 -0.64 -31.01 38.84
C ILE F 330 -1.30 -30.05 37.87
N ILE F 331 -0.49 -29.30 37.12
CA ILE F 331 -0.96 -28.44 36.05
C ILE F 331 -0.39 -28.98 34.76
N GLU F 332 -1.25 -29.47 33.86
CA GLU F 332 -0.79 -29.97 32.57
C GLU F 332 -0.72 -28.83 31.57
N ARG F 333 0.36 -28.82 30.77
CA ARG F 333 0.62 -27.76 29.81
C ARG F 333 1.18 -28.42 28.55
N LEU F 334 0.47 -28.29 27.44
CA LEU F 334 0.74 -29.07 26.25
C LEU F 334 0.64 -28.18 25.02
N PHE F 335 1.59 -28.35 24.11
CA PHE F 335 1.62 -27.56 22.87
C PHE F 335 2.09 -28.45 21.73
N MET F 336 1.96 -27.93 20.52
CA MET F 336 2.13 -28.71 19.30
C MET F 336 3.11 -28.01 18.37
N ALA F 337 3.89 -28.81 17.63
CA ALA F 337 4.84 -28.27 16.66
C ALA F 337 4.91 -29.23 15.47
N GLY F 338 4.58 -28.73 14.27
CA GLY F 338 4.49 -29.57 13.10
C GLY F 338 5.15 -28.92 11.90
N ALA F 339 5.36 -29.74 10.86
CA ALA F 339 6.18 -29.35 9.74
C ALA F 339 5.43 -29.13 8.43
N ALA F 340 4.32 -29.85 8.21
CA ALA F 340 3.59 -29.92 6.93
C ALA F 340 4.54 -30.31 5.79
N LEU F 341 5.32 -31.34 6.07
CA LEU F 341 6.42 -31.83 5.25
C LEU F 341 5.92 -32.52 3.99
N GLU F 342 6.80 -32.63 3.00
CA GLU F 342 6.47 -33.29 1.75
C GLU F 342 7.53 -34.28 1.26
N GLU F 343 8.79 -34.17 1.66
CA GLU F 343 9.85 -35.05 1.18
C GLU F 343 10.53 -35.75 2.36
N ALA F 344 11.11 -36.92 2.07
CA ALA F 344 11.74 -37.72 3.12
C ALA F 344 13.00 -37.04 3.64
N THR F 345 13.05 -36.84 4.96
CA THR F 345 14.09 -36.06 5.61
C THR F 345 14.88 -36.91 6.59
N GLN F 346 15.91 -36.30 7.18
CA GLN F 346 16.72 -36.90 8.22
C GLN F 346 16.72 -35.94 9.40
N ILE F 347 15.73 -36.06 10.27
CA ILE F 347 15.64 -35.24 11.47
C ILE F 347 16.62 -35.83 12.49
N ASP F 348 17.77 -35.20 12.66
CA ASP F 348 18.80 -35.69 13.55
C ASP F 348 18.68 -35.07 14.94
N ASN F 349 17.84 -34.08 15.12
CA ASN F 349 17.82 -33.30 16.34
C ASN F 349 16.47 -32.61 16.44
N ILE F 350 16.14 -32.17 17.66
CA ILE F 350 15.01 -31.27 17.89
C ILE F 350 15.33 -30.51 19.17
N ARG F 351 14.87 -29.26 19.25
CA ARG F 351 15.39 -28.33 20.23
C ARG F 351 14.27 -27.45 20.77
N LEU F 352 14.35 -27.12 22.06
CA LEU F 352 13.46 -26.14 22.66
C LEU F 352 14.30 -24.99 23.20
N THR F 353 13.72 -23.79 23.22
CA THR F 353 14.32 -22.64 23.91
C THR F 353 13.31 -22.21 24.96
N CYS F 354 13.36 -22.85 26.10
CA CYS F 354 12.45 -22.63 27.21
C CYS F 354 13.17 -21.89 28.32
N GLU F 355 12.48 -21.72 29.45
CA GLU F 355 13.17 -21.27 30.66
C GLU F 355 13.65 -22.49 31.42
N VAL F 356 14.87 -22.40 31.93
CA VAL F 356 15.67 -23.57 32.28
C VAL F 356 16.14 -23.44 33.71
N GLY F 357 15.77 -24.43 34.54
CA GLY F 357 16.40 -24.60 35.84
C GLY F 357 16.09 -23.52 36.87
N THR F 358 14.83 -23.07 36.93
CA THR F 358 14.43 -22.06 37.89
C THR F 358 13.40 -22.59 38.87
N THR F 359 13.41 -23.90 39.13
CA THR F 359 12.50 -24.46 40.11
C THR F 359 12.94 -24.07 41.52
N PRO F 360 11.99 -23.77 42.42
CA PRO F 360 12.35 -23.40 43.80
C PRO F 360 12.42 -24.57 44.76
N ASN F 361 12.36 -25.81 44.27
CA ASN F 361 12.28 -26.99 45.12
C ASN F 361 13.65 -27.60 45.30
N LEU F 362 13.93 -28.03 46.52
CA LEU F 362 15.17 -28.73 46.82
C LEU F 362 14.93 -30.05 47.52
N VAL F 363 13.86 -30.16 48.28
CA VAL F 363 13.38 -31.41 48.82
C VAL F 363 12.15 -31.83 48.05
N GLY F 364 11.85 -33.12 48.06
CA GLY F 364 10.70 -33.64 47.36
C GLY F 364 11.04 -34.18 45.99
N ILE F 365 10.00 -34.59 45.28
CA ILE F 365 10.15 -35.24 43.99
C ILE F 365 10.16 -34.26 42.81
N TYR F 366 9.94 -32.98 43.06
CA TYR F 366 9.85 -31.99 41.99
C TYR F 366 11.14 -31.19 41.83
N THR F 367 12.29 -31.78 42.13
CA THR F 367 13.56 -31.08 41.96
C THR F 367 14.04 -31.07 40.52
N ASP F 368 13.49 -31.93 39.67
CA ASP F 368 13.75 -31.99 38.23
C ASP F 368 12.42 -32.23 37.52
N PRO F 369 11.91 -31.23 36.77
CA PRO F 369 10.54 -31.34 36.25
C PRO F 369 10.32 -32.40 35.18
N THR F 370 11.29 -32.58 34.26
CA THR F 370 11.35 -33.68 33.28
C THR F 370 10.13 -33.72 32.37
N LEU F 371 10.04 -32.73 31.48
CA LEU F 371 9.06 -32.80 30.40
C LEU F 371 9.40 -33.90 29.41
N GLU F 372 8.42 -34.25 28.58
CA GLU F 372 8.54 -35.40 27.68
C GLU F 372 7.81 -35.12 26.38
N MET F 373 8.37 -35.62 25.27
CA MET F 373 7.81 -35.42 23.94
C MET F 373 7.47 -36.76 23.30
N ARG F 374 6.81 -36.67 22.13
CA ARG F 374 6.13 -37.82 21.54
C ARG F 374 6.09 -37.65 20.03
N PHE F 375 6.60 -38.65 19.31
CA PHE F 375 6.58 -38.64 17.85
C PHE F 375 5.17 -38.82 17.34
N SER F 376 5.00 -38.63 16.04
CA SER F 376 3.79 -39.12 15.38
C SER F 376 4.06 -39.33 13.91
N TYR F 377 3.31 -40.26 13.34
CA TYR F 377 3.13 -40.37 11.91
C TYR F 377 1.69 -39.98 11.62
N ASP F 378 1.28 -40.17 10.36
CA ASP F 378 -0.10 -40.17 9.82
C ASP F 378 -1.04 -39.12 10.44
N ALA F 379 -0.53 -37.89 10.53
CA ALA F 379 -1.27 -36.69 10.93
C ALA F 379 -1.88 -36.80 12.33
N GLY F 380 -1.21 -37.53 13.22
CA GLY F 380 -1.64 -37.58 14.60
C GLY F 380 -2.76 -38.55 14.91
N ASN F 381 -3.11 -39.44 13.97
CA ASN F 381 -4.13 -40.43 14.25
C ASN F 381 -3.59 -41.60 15.07
N THR F 382 -2.27 -41.77 15.12
CA THR F 382 -1.66 -42.65 16.09
C THR F 382 -0.31 -42.05 16.49
N TRP F 383 0.22 -42.52 17.60
CA TRP F 383 1.35 -41.87 18.24
C TRP F 383 2.42 -42.92 18.56
N GLU F 384 3.46 -42.48 19.29
CA GLU F 384 4.56 -43.34 19.68
C GLU F 384 4.83 -43.14 21.16
N ASP F 385 5.91 -43.76 21.64
CA ASP F 385 6.24 -43.69 23.06
C ASP F 385 6.83 -42.32 23.40
N TRP F 386 6.78 -41.99 24.68
CA TRP F 386 7.37 -40.74 25.15
C TRP F 386 8.88 -40.82 25.17
N GLU F 387 9.53 -39.67 24.96
CA GLU F 387 10.96 -39.50 25.19
C GLU F 387 11.12 -38.32 26.13
N ALA F 388 11.62 -38.58 27.33
CA ALA F 388 11.66 -37.57 28.38
C ALA F 388 13.07 -37.04 28.56
N GLU F 389 13.18 -35.73 28.73
CA GLU F 389 14.44 -35.11 29.11
C GLU F 389 14.20 -34.22 30.31
N THR F 390 15.21 -34.14 31.18
CA THR F 390 15.11 -33.33 32.38
C THR F 390 15.22 -31.84 32.02
N LEU F 391 14.95 -31.00 33.02
CA LEU F 391 15.04 -29.57 32.86
C LEU F 391 16.14 -28.96 33.71
N GLY F 392 16.74 -29.75 34.59
CA GLY F 392 17.85 -29.31 35.41
C GLY F 392 17.40 -28.87 36.79
N ALA F 393 18.34 -28.89 37.73
CA ALA F 393 18.07 -28.43 39.08
C ALA F 393 18.16 -26.91 39.14
N GLN F 394 17.99 -26.36 40.34
CA GLN F 394 17.98 -24.91 40.52
C GLN F 394 19.39 -24.36 40.37
N GLY F 395 19.51 -23.25 39.66
CA GLY F 395 20.79 -22.61 39.46
C GLY F 395 21.52 -23.01 38.20
N LYS F 396 21.10 -24.09 37.55
CA LYS F 396 21.70 -24.54 36.31
C LYS F 396 20.91 -23.88 35.18
N TYR F 397 21.31 -22.66 34.84
CA TYR F 397 20.64 -21.87 33.83
C TYR F 397 21.06 -22.22 32.41
N ARG F 398 22.00 -23.15 32.25
CA ARG F 398 22.56 -23.50 30.96
C ARG F 398 22.39 -25.00 30.74
N GLN F 399 21.23 -25.39 30.20
CA GLN F 399 20.92 -26.79 29.94
C GLN F 399 20.06 -26.86 28.69
N ARG F 400 20.63 -27.35 27.59
CA ARG F 400 19.90 -27.57 26.35
C ARG F 400 18.96 -28.75 26.53
N VAL F 401 17.74 -28.61 26.03
CA VAL F 401 16.79 -29.71 26.07
C VAL F 401 16.59 -30.26 24.66
N GLU F 402 17.20 -31.40 24.35
CA GLU F 402 17.19 -31.89 22.98
C GLU F 402 17.14 -33.41 22.94
N TRP F 403 16.76 -33.91 21.77
CA TRP F 403 16.63 -35.33 21.48
C TRP F 403 17.41 -35.59 20.20
N ARG F 404 18.15 -36.69 20.14
CA ARG F 404 19.22 -36.78 19.16
C ARG F 404 19.15 -37.96 18.19
N ALA F 405 18.17 -38.84 18.29
CA ALA F 405 18.17 -40.04 17.45
C ALA F 405 16.79 -40.29 16.83
N LEU F 406 16.25 -39.28 16.18
CA LEU F 406 14.84 -39.32 15.78
C LEU F 406 14.59 -40.25 14.59
N GLY F 407 15.18 -39.95 13.43
CA GLY F 407 15.13 -40.84 12.28
C GLY F 407 14.49 -40.18 11.07
N MET F 408 13.73 -40.97 10.32
CA MET F 408 13.17 -40.56 9.04
C MET F 408 11.69 -40.23 9.18
N PHE F 409 11.22 -39.27 8.38
CA PHE F 409 9.82 -38.84 8.40
C PHE F 409 9.28 -38.78 6.97
N ASP F 410 8.58 -39.84 6.60
CA ASP F 410 7.97 -40.04 5.29
C ASP F 410 6.48 -39.77 5.36
N ASP F 411 6.09 -38.51 5.45
CA ASP F 411 4.74 -38.22 5.89
C ASP F 411 4.18 -37.09 5.05
N PRO F 412 2.87 -36.85 5.12
CA PRO F 412 2.33 -35.51 4.82
C PRO F 412 2.73 -34.45 5.83
N GLY F 413 3.34 -34.83 6.96
CA GLY F 413 4.01 -33.88 7.85
C GLY F 413 4.44 -34.49 9.17
N ALA F 414 5.67 -34.24 9.58
CA ALA F 414 6.10 -34.63 10.91
C ALA F 414 5.41 -33.74 11.93
N LEU F 415 5.04 -34.34 13.06
CA LEU F 415 4.08 -33.71 13.94
C LEU F 415 4.39 -34.15 15.37
N PHE F 416 4.88 -33.24 16.19
CA PHE F 416 5.34 -33.58 17.53
C PHE F 416 4.38 -33.06 18.60
N GLN F 417 4.62 -33.48 19.83
CA GLN F 417 3.75 -33.12 20.94
C GLN F 417 4.54 -33.15 22.24
N PHE F 418 4.55 -32.02 22.95
CA PHE F 418 5.32 -31.85 24.18
C PHE F 418 4.36 -31.71 25.36
N ARG F 419 4.82 -32.11 26.55
CA ARG F 419 3.98 -32.01 27.73
C ARG F 419 4.83 -31.89 28.98
N ILE F 420 4.46 -30.97 29.86
CA ILE F 420 4.97 -30.93 31.22
C ILE F 420 3.79 -30.85 32.17
N THR F 421 3.73 -31.76 33.13
CA THR F 421 2.66 -31.85 34.12
C THR F 421 3.29 -31.69 35.50
N ASP F 422 3.51 -30.45 35.89
CA ASP F 422 4.43 -30.19 37.00
C ASP F 422 4.25 -28.74 37.45
N PRO F 423 4.35 -28.45 38.75
CA PRO F 423 4.04 -27.10 39.24
C PRO F 423 5.05 -26.02 38.84
N VAL F 424 6.15 -26.35 38.19
CA VAL F 424 7.15 -25.35 37.83
C VAL F 424 6.61 -24.49 36.69
N SER F 425 6.89 -23.18 36.76
CA SER F 425 6.53 -22.25 35.71
C SER F 425 7.25 -22.60 34.42
N PHE F 426 6.58 -22.34 33.29
CA PHE F 426 7.08 -22.77 32.00
C PHE F 426 6.91 -21.66 30.98
N ARG F 427 7.92 -21.52 30.12
CA ARG F 427 8.02 -20.50 29.09
C ARG F 427 8.48 -21.19 27.81
N LEU F 428 8.09 -20.66 26.67
CA LEU F 428 8.69 -21.10 25.41
C LEU F 428 8.72 -19.95 24.41
N SER F 429 9.89 -19.76 23.79
CA SER F 429 10.08 -18.75 22.77
C SER F 429 10.14 -19.35 21.37
N ASP F 430 11.07 -20.26 21.12
CA ASP F 430 11.32 -20.80 19.78
C ASP F 430 11.63 -22.28 19.89
N VAL F 431 11.57 -22.97 18.75
CA VAL F 431 12.11 -24.32 18.61
C VAL F 431 13.12 -24.30 17.47
N GLN F 432 13.96 -25.35 17.41
CA GLN F 432 14.91 -25.51 16.31
C GLN F 432 14.91 -26.95 15.84
N ALA F 433 14.89 -27.14 14.53
CA ALA F 433 14.92 -28.49 13.98
C ALA F 433 16.34 -29.03 13.96
N ASN F 434 17.22 -28.42 13.18
CA ASN F 434 18.61 -28.85 13.08
C ASN F 434 19.50 -27.71 13.52
N ALA F 435 20.39 -27.99 14.47
CA ALA F 435 21.33 -26.99 14.97
C ALA F 435 22.72 -27.60 14.94
N ALA F 436 23.71 -26.81 15.34
CA ALA F 436 25.11 -27.26 15.37
C ALA F 436 25.58 -27.40 16.81
N THR F 437 26.82 -27.87 16.96
CA THR F 437 27.38 -28.23 18.26
C THR F 437 28.57 -27.34 18.58
N GLY F 438 28.32 -26.29 19.37
CA GLY F 438 29.37 -25.54 20.02
C GLY F 438 29.06 -25.54 21.50
N GLY F 439 29.90 -24.93 22.33
CA GLY F 439 29.60 -24.92 23.76
C GLY F 439 30.80 -24.73 24.65
N ARG F 440 30.50 -24.21 25.85
CA ARG F 440 31.45 -24.13 26.97
C ARG F 440 30.67 -24.49 28.22
N GLN F 441 30.67 -25.78 28.56
CA GLN F 441 30.04 -26.34 29.78
C GLN F 441 28.55 -26.01 29.87
N ARG F 442 27.81 -26.53 28.90
CA ARG F 442 26.35 -26.41 28.91
C ARG F 442 25.70 -27.55 28.14
N MET G 1 40.48 54.17 14.64
CA MET G 1 40.95 55.38 15.32
C MET G 1 42.33 55.15 15.94
N ALA G 2 42.61 53.90 16.32
CA ALA G 2 43.88 53.53 16.92
C ALA G 2 44.56 52.44 16.09
N ALA G 3 45.88 52.41 16.17
CA ALA G 3 46.70 51.49 15.40
C ALA G 3 47.09 50.31 16.29
N GLU G 4 46.71 49.11 15.85
CA GLU G 4 47.11 47.87 16.51
C GLU G 4 48.30 47.28 15.78
N LEU G 5 49.32 46.87 16.52
CA LEU G 5 50.55 46.38 15.93
C LEU G 5 50.47 44.87 15.71
N HIS G 6 51.15 44.41 14.65
CA HIS G 6 51.17 43.02 14.27
C HIS G 6 52.53 42.38 14.57
N ILE G 7 52.50 41.16 15.09
CA ILE G 7 53.70 40.38 15.36
C ILE G 7 53.50 39.01 14.72
N THR G 8 54.47 38.59 13.90
CA THR G 8 54.38 37.29 13.26
C THR G 8 54.65 36.20 14.29
N PRO G 9 53.86 35.13 14.33
CA PRO G 9 54.10 34.07 15.30
C PRO G 9 55.30 33.21 14.91
N SER G 10 55.96 32.68 15.93
CA SER G 10 57.18 31.92 15.75
C SER G 10 56.90 30.42 15.84
N ARG G 11 57.98 29.64 15.82
CA ARG G 11 57.93 28.20 15.98
C ARG G 11 58.58 27.80 17.30
N ALA G 12 58.40 26.53 17.65
CA ALA G 12 59.06 25.97 18.83
C ALA G 12 60.42 25.46 18.41
N THR G 13 61.47 26.22 18.74
CA THR G 13 62.83 25.86 18.38
C THR G 13 63.67 25.68 19.64
N SER G 14 64.75 24.92 19.48
CA SER G 14 65.61 24.55 20.59
C SER G 14 66.69 25.60 20.81
N SER G 15 67.71 25.26 21.59
CA SER G 15 68.85 26.15 21.81
C SER G 15 69.67 26.31 20.53
N ASN G 16 69.70 25.26 19.70
CA ASN G 16 70.28 25.39 18.37
C ASN G 16 69.24 25.96 17.41
N GLY G 17 69.61 26.07 16.14
CA GLY G 17 68.68 26.60 15.16
C GLY G 17 67.62 25.64 14.69
N LEU G 18 67.63 24.40 15.16
CA LEU G 18 66.71 23.38 14.68
C LEU G 18 65.32 23.57 15.29
N ASN G 19 64.32 23.04 14.60
CA ASN G 19 62.95 23.10 15.05
C ASN G 19 62.64 21.90 15.95
N LEU G 20 61.72 22.11 16.88
CA LEU G 20 61.27 21.05 17.77
C LEU G 20 59.86 20.61 17.40
N ASP G 21 59.55 19.37 17.73
CA ASP G 21 58.23 18.80 17.48
C ASP G 21 57.68 18.17 18.74
N GLY G 22 56.36 18.23 18.90
CA GLY G 22 55.76 17.75 20.12
C GLY G 22 55.99 18.62 21.33
N ALA G 23 56.29 19.90 21.13
CA ALA G 23 56.45 20.81 22.24
C ALA G 23 55.09 21.10 22.88
N LYS G 24 55.11 21.31 24.19
CA LYS G 24 53.87 21.40 24.96
C LYS G 24 53.81 22.69 25.75
N TRP G 25 52.81 23.52 25.44
CA TRP G 25 52.43 24.62 26.30
C TRP G 25 51.53 24.09 27.41
N PHE G 26 51.89 24.35 28.66
CA PHE G 26 51.02 24.04 29.80
C PHE G 26 50.47 25.36 30.33
N PHE G 27 49.17 25.56 30.15
CA PHE G 27 48.51 26.77 30.62
C PHE G 27 47.87 26.52 31.97
N TYR G 28 48.05 27.47 32.88
CA TYR G 28 47.75 27.32 34.30
C TYR G 28 46.82 28.44 34.73
N GLN G 29 46.66 28.57 36.05
CA GLN G 29 45.99 29.70 36.65
C GLN G 29 47.06 30.77 36.88
N THR G 30 46.77 31.80 37.69
CA THR G 30 47.63 32.98 37.82
C THR G 30 49.01 32.64 38.37
N GLY G 31 49.07 32.03 39.54
CA GLY G 31 50.36 31.64 40.09
C GLY G 31 50.32 30.34 40.87
N THR G 32 49.33 29.50 40.58
CA THR G 32 48.98 28.42 41.49
C THR G 32 49.35 27.03 40.98
N THR G 33 49.70 26.89 39.70
CA THR G 33 49.94 25.62 39.01
C THR G 33 48.71 24.70 39.13
N THR G 34 47.58 25.22 38.65
CA THR G 34 46.34 24.48 38.50
C THR G 34 45.84 24.69 37.08
N PRO G 35 45.45 23.62 36.38
CA PRO G 35 45.19 23.73 34.95
C PRO G 35 43.91 24.49 34.63
N GLN G 36 44.00 25.37 33.63
CA GLN G 36 42.85 26.08 33.07
C GLN G 36 42.63 25.65 31.63
N SER G 37 41.54 26.12 31.04
CA SER G 37 41.15 25.74 29.70
C SER G 37 41.55 26.79 28.68
N VAL G 38 41.83 26.33 27.46
CA VAL G 38 42.22 27.18 26.35
C VAL G 38 41.36 26.81 25.15
N TYR G 39 40.74 27.81 24.54
CA TYR G 39 39.75 27.61 23.50
C TYR G 39 40.38 27.71 22.12
N THR G 40 39.75 27.09 21.13
CA THR G 40 40.34 26.97 19.81
C THR G 40 39.72 27.85 18.75
N THR G 41 38.59 28.50 19.03
CA THR G 41 37.86 29.25 18.02
C THR G 41 37.84 30.72 18.37
N ALA G 42 37.23 31.50 17.47
CA ALA G 42 37.05 32.93 17.69
C ALA G 42 36.18 33.23 18.90
N ALA G 43 35.12 32.45 19.08
CA ALA G 43 34.30 32.51 20.28
C ALA G 43 34.97 31.76 21.43
N LEU G 44 34.23 31.52 22.51
CA LEU G 44 34.79 30.87 23.69
C LEU G 44 34.07 29.57 23.99
N SER G 45 33.78 28.78 22.94
CA SER G 45 32.93 27.60 23.07
C SER G 45 33.71 26.29 23.16
N VAL G 46 34.53 25.98 22.16
CA VAL G 46 35.19 24.69 22.06
C VAL G 46 36.60 24.84 22.63
N ALA G 47 36.88 24.10 23.70
CA ALA G 47 38.19 24.12 24.34
C ALA G 47 38.96 22.86 24.01
N HIS G 48 40.16 23.03 23.49
CA HIS G 48 41.03 21.89 23.23
C HIS G 48 41.83 21.58 24.49
N SER G 49 42.73 20.60 24.38
CA SER G 49 43.42 20.07 25.55
C SER G 49 44.41 21.08 26.11
N ASN G 50 44.66 20.98 27.42
CA ASN G 50 45.54 21.96 28.04
C ASN G 50 47.01 21.65 27.72
N PRO G 51 47.52 20.38 27.79
CA PRO G 51 48.81 20.15 27.12
C PRO G 51 48.60 20.08 25.61
N VAL G 52 48.97 21.15 24.92
CA VAL G 52 48.83 21.20 23.48
C VAL G 52 50.07 20.58 22.86
N VAL G 53 49.97 20.19 21.60
CA VAL G 53 51.11 19.69 20.85
C VAL G 53 51.20 20.47 19.54
N ALA G 54 52.40 20.48 18.97
CA ALA G 54 52.62 21.13 17.70
C ALA G 54 52.76 20.07 16.60
N ASP G 55 53.04 20.52 15.40
CA ASP G 55 53.22 19.62 14.27
C ASP G 55 54.65 19.08 14.26
N ALA G 56 55.02 18.44 13.14
CA ALA G 56 56.37 17.90 13.02
C ALA G 56 57.40 19.00 12.80
N ALA G 57 56.97 20.21 12.43
CA ALA G 57 57.86 21.34 12.27
C ALA G 57 57.73 22.36 13.40
N GLY G 58 56.78 22.18 14.30
CA GLY G 58 56.62 23.09 15.42
C GLY G 58 55.62 24.20 15.17
N LYS G 59 54.43 23.85 14.70
CA LYS G 59 53.34 24.79 14.47
C LYS G 59 52.30 24.63 15.56
N PHE G 60 52.14 25.65 16.37
CA PHE G 60 51.02 25.50 17.28
C PHE G 60 49.74 25.99 16.62
N PRO G 61 48.58 25.42 16.98
CA PRO G 61 47.32 25.90 16.42
C PRO G 61 46.87 27.24 16.98
N ALA G 62 45.68 27.68 16.58
CA ALA G 62 45.14 28.94 17.05
C ALA G 62 44.78 28.85 18.53
N ILE G 63 45.37 29.71 19.34
CA ILE G 63 45.26 29.68 20.79
C ILE G 63 44.62 30.98 21.25
N TYR G 64 43.48 30.87 21.93
CA TYR G 64 42.72 32.04 22.38
C TYR G 64 42.49 31.93 23.87
N PHE G 65 42.63 33.06 24.57
CA PHE G 65 42.42 33.09 25.99
C PHE G 65 41.02 33.60 26.31
N ASP G 66 40.71 33.66 27.60
CA ASP G 66 39.51 34.32 28.11
C ASP G 66 40.00 35.52 28.93
N THR G 67 39.69 36.72 28.46
CA THR G 67 40.32 37.92 28.97
C THR G 67 39.83 38.35 30.35
N THR G 68 38.85 37.66 30.93
CA THR G 68 38.36 37.99 32.27
C THR G 68 39.09 37.23 33.36
N LEU G 69 40.13 36.49 33.02
CA LEU G 69 40.87 35.71 34.01
C LEU G 69 42.29 35.49 33.51
N GLU G 70 43.24 35.52 34.45
CA GLU G 70 44.65 35.51 34.13
C GLU G 70 45.12 34.11 33.73
N TYR G 71 46.35 34.04 33.23
CA TYR G 71 46.93 32.80 32.73
C TYR G 71 48.41 32.78 33.05
N ARG G 72 49.01 31.61 32.82
CA ARG G 72 50.45 31.39 32.97
C ARG G 72 50.83 30.19 32.15
N GLY G 73 51.87 30.33 31.32
CA GLY G 73 52.26 29.27 30.42
C GLY G 73 53.74 28.99 30.48
N VAL G 74 54.10 27.74 30.15
CA VAL G 74 55.47 27.29 30.04
C VAL G 74 55.66 26.59 28.70
N LEU G 75 56.88 26.12 28.45
CA LEU G 75 57.15 25.23 27.33
C LEU G 75 57.96 24.06 27.83
N LYS G 76 57.66 22.87 27.30
CA LYS G 76 58.46 21.69 27.54
C LYS G 76 58.62 20.96 26.22
N THR G 77 59.58 20.06 26.17
CA THR G 77 59.76 19.19 25.03
C THR G 77 58.93 17.92 25.22
N ALA G 78 59.17 16.93 24.37
CA ALA G 78 58.39 15.69 24.39
C ALA G 78 58.69 14.85 25.63
N ASP G 79 59.88 14.99 26.20
CA ASP G 79 60.29 14.17 27.33
C ASP G 79 59.96 14.81 28.67
N GLU G 80 59.11 15.85 28.63
CA GLU G 80 58.76 16.70 29.77
C GLU G 80 59.98 17.24 30.51
N ALA G 81 60.84 17.97 29.81
CA ALA G 81 62.06 18.55 30.38
C ALA G 81 62.50 19.77 29.61
N THR G 82 63.57 20.43 30.08
CA THR G 82 64.22 21.59 29.45
C THR G 82 63.23 22.73 29.22
N THR G 83 62.75 23.33 30.31
CA THR G 83 61.74 24.40 30.28
C THR G 83 62.28 25.59 29.51
N ILE G 84 61.64 25.88 28.36
CA ILE G 84 62.11 26.94 27.49
C ILE G 84 61.69 28.32 27.99
N TYR G 85 60.40 28.60 28.05
CA TYR G 85 59.92 29.88 28.56
C TYR G 85 59.06 29.65 29.78
N ASP G 86 58.91 30.71 30.58
CA ASP G 86 58.02 30.72 31.71
C ASP G 86 57.66 32.17 31.99
N ILE G 87 56.39 32.52 31.75
CA ILE G 87 55.93 33.90 31.86
C ILE G 87 54.73 33.90 32.80
N ASP G 88 54.81 34.69 33.87
CA ASP G 88 53.84 34.53 34.94
C ASP G 88 52.51 35.21 34.61
N PRO G 89 52.42 36.54 34.24
CA PRO G 89 51.17 36.96 33.55
C PRO G 89 51.23 36.94 32.02
N ILE G 90 51.11 35.74 31.43
CA ILE G 90 51.29 35.60 29.98
C ILE G 90 50.15 36.25 29.20
N ASN G 91 49.00 36.45 29.84
CA ASN G 91 47.89 37.17 29.25
C ASN G 91 48.04 38.66 29.56
N SER G 92 47.51 39.51 28.69
CA SER G 92 47.36 40.93 29.00
C SER G 92 45.90 41.21 29.29
N GLY G 93 45.59 41.54 30.54
CA GLY G 93 44.22 41.74 30.95
C GLY G 93 43.56 42.99 30.41
N ILE G 94 42.64 42.80 29.47
CA ILE G 94 41.87 43.91 28.91
C ILE G 94 40.68 44.26 29.80
N LEU G 95 39.85 43.28 30.13
CA LEU G 95 38.65 43.54 30.92
C LEU G 95 38.87 43.26 32.41
N SER G 96 39.72 42.29 32.74
CA SER G 96 39.91 41.91 34.13
C SER G 96 40.72 42.93 34.90
N VAL G 97 41.49 43.77 34.21
CA VAL G 97 42.26 44.82 34.88
C VAL G 97 41.43 46.09 35.03
N LEU G 98 40.69 46.45 33.98
CA LEU G 98 39.81 47.62 34.01
C LEU G 98 38.59 47.42 34.91
N GLY G 99 38.26 46.17 35.25
CA GLY G 99 37.12 45.90 36.11
C GLY G 99 37.42 45.95 37.58
N THR G 100 38.70 45.87 37.96
CA THR G 100 39.09 45.88 39.38
C THR G 100 39.70 47.22 39.76
N SER G 101 40.47 47.81 38.83
CA SER G 101 41.01 49.15 39.01
C SER G 101 40.82 49.95 37.73
N SER G 102 41.35 51.17 37.74
CA SER G 102 41.22 52.16 36.64
C SER G 102 39.77 52.42 36.25
N MET H 1 49.95 52.14 35.01
CA MET H 1 49.12 51.46 36.00
C MET H 1 49.00 49.97 35.70
N ALA H 2 49.09 49.63 34.41
CA ALA H 2 48.99 48.25 33.97
C ALA H 2 50.25 47.86 33.19
N ALA H 3 50.55 46.56 33.22
CA ALA H 3 51.74 46.02 32.58
C ALA H 3 51.37 45.42 31.23
N GLU H 4 51.99 45.93 30.18
CA GLU H 4 51.85 45.40 28.84
C GLU H 4 53.02 44.47 28.54
N LEU H 5 52.74 43.30 27.99
CA LEU H 5 53.77 42.30 27.77
C LEU H 5 54.37 42.47 26.38
N HIS H 6 55.65 42.13 26.27
CA HIS H 6 56.39 42.25 25.02
C HIS H 6 56.69 40.88 24.42
N ILE H 7 56.55 40.79 23.10
CA ILE H 7 56.85 39.59 22.35
C ILE H 7 57.76 39.98 21.20
N THR H 8 58.90 39.30 21.08
CA THR H 8 59.83 39.60 20.00
C THR H 8 59.26 39.07 18.68
N PRO H 9 59.30 39.84 17.60
CA PRO H 9 58.77 39.36 16.32
C PRO H 9 59.71 38.34 15.68
N SER H 10 59.11 37.42 14.93
CA SER H 10 59.82 36.33 14.32
C SER H 10 60.07 36.60 12.84
N ARG H 11 60.61 35.60 12.16
CA ARG H 11 60.86 35.63 10.73
C ARG H 11 59.94 34.64 10.02
N ALA H 12 59.92 34.74 8.69
CA ALA H 12 59.17 33.79 7.88
C ALA H 12 60.08 32.60 7.58
N THR H 13 59.87 31.50 8.28
CA THR H 13 60.67 30.30 8.13
C THR H 13 59.81 29.15 7.65
N SER H 14 60.46 28.17 7.03
CA SER H 14 59.79 27.04 6.41
C SER H 14 59.61 25.91 7.43
N SER H 15 59.26 24.72 6.94
CA SER H 15 59.14 23.55 7.80
C SER H 15 60.49 23.12 8.35
N ASN H 16 61.57 23.36 7.59
CA ASN H 16 62.91 23.19 8.10
C ASN H 16 63.33 24.43 8.85
N GLY H 17 64.58 24.44 9.33
CA GLY H 17 65.07 25.60 10.04
C GLY H 17 65.47 26.78 9.19
N LEU H 18 65.39 26.65 7.87
CA LEU H 18 65.86 27.69 6.97
C LEU H 18 64.86 28.84 6.91
N ASN H 19 65.36 30.01 6.53
CA ASN H 19 64.53 31.19 6.39
C ASN H 19 63.96 31.26 4.97
N LEU H 20 62.79 31.88 4.86
CA LEU H 20 62.14 32.07 3.57
C LEU H 20 62.21 33.54 3.17
N ASP H 21 62.16 33.78 1.87
CA ASP H 21 62.18 35.12 1.32
C ASP H 21 61.04 35.30 0.32
N GLY H 22 60.51 36.52 0.27
CA GLY H 22 59.35 36.76 -0.57
C GLY H 22 58.07 36.17 -0.04
N ALA H 23 57.98 35.92 1.26
CA ALA H 23 56.75 35.42 1.84
C ALA H 23 55.70 36.53 1.87
N LYS H 24 54.44 36.14 1.70
CA LYS H 24 53.36 37.12 1.50
C LYS H 24 52.27 36.91 2.53
N TRP H 25 52.03 37.94 3.34
CA TRP H 25 50.82 38.04 4.14
C TRP H 25 49.71 38.59 3.28
N PHE H 26 48.59 37.89 3.21
CA PHE H 26 47.39 38.38 2.56
C PHE H 26 46.37 38.75 3.63
N PHE H 27 46.12 40.03 3.81
CA PHE H 27 45.17 40.49 4.81
C PHE H 27 43.81 40.74 4.15
N TYR H 28 42.77 40.28 4.84
CA TYR H 28 41.42 40.17 4.28
C TYR H 28 40.45 40.91 5.18
N GLN H 29 39.16 40.68 4.93
CA GLN H 29 38.10 41.13 5.81
C GLN H 29 37.89 40.01 6.84
N THR H 30 36.79 40.04 7.59
CA THR H 30 36.58 39.15 8.74
C THR H 30 36.56 37.67 8.34
N GLY H 31 35.66 37.30 7.45
CA GLY H 31 35.62 35.91 6.99
C GLY H 31 35.26 35.76 5.54
N THR H 32 35.49 36.80 4.73
CA THR H 32 34.85 36.91 3.43
C THR H 32 35.81 36.73 2.27
N THR H 33 37.12 36.77 2.51
CA THR H 33 38.18 36.76 1.48
C THR H 33 37.98 37.93 0.50
N THR H 34 37.96 39.13 1.06
CA THR H 34 37.96 40.38 0.32
C THR H 34 39.06 41.27 0.87
N PRO H 35 39.89 41.86 0.01
CA PRO H 35 41.11 42.52 0.50
C PRO H 35 40.83 43.83 1.24
N GLN H 36 41.52 44.00 2.37
CA GLN H 36 41.52 45.24 3.13
C GLN H 36 42.90 45.87 3.10
N SER H 37 43.00 47.07 3.66
CA SER H 37 44.23 47.84 3.62
C SER H 37 44.99 47.72 4.94
N VAL H 38 46.31 47.82 4.84
CA VAL H 38 47.21 47.73 5.99
C VAL H 38 48.17 48.91 5.91
N TYR H 39 48.29 49.66 7.01
CA TYR H 39 49.01 50.92 7.04
C TYR H 39 50.43 50.70 7.55
N THR H 40 51.34 51.61 7.19
CA THR H 40 52.76 51.41 7.46
C THR H 40 53.30 52.29 8.57
N THR H 41 52.55 53.27 9.05
CA THR H 41 53.06 54.24 9.99
C THR H 41 52.33 54.13 11.33
N ALA H 42 52.75 54.96 12.28
CA ALA H 42 52.11 55.04 13.59
C ALA H 42 50.67 55.51 13.48
N ALA H 43 50.43 56.50 12.62
CA ALA H 43 49.08 56.94 12.31
C ALA H 43 48.42 55.99 11.31
N LEU H 44 47.29 56.39 10.74
CA LEU H 44 46.55 55.53 9.83
C LEU H 44 46.44 56.17 8.45
N SER H 45 47.53 56.76 7.97
CA SER H 45 47.50 57.56 6.75
C SER H 45 48.00 56.83 5.51
N VAL H 46 49.23 56.33 5.54
CA VAL H 46 49.87 55.75 4.36
C VAL H 46 49.71 54.24 4.43
N ALA H 47 49.01 53.68 3.45
CA ALA H 47 48.77 52.25 3.37
C ALA H 47 49.64 51.63 2.29
N HIS H 48 50.43 50.63 2.67
CA HIS H 48 51.22 49.89 1.69
C HIS H 48 50.37 48.76 1.11
N SER H 49 50.99 47.96 0.24
CA SER H 49 50.27 46.98 -0.55
C SER H 49 49.74 45.85 0.33
N ASN H 50 48.64 45.24 -0.11
CA ASN H 50 48.04 44.19 0.72
C ASN H 50 48.84 42.89 0.59
N PRO H 51 49.27 42.41 -0.62
CA PRO H 51 50.31 41.37 -0.58
C PRO H 51 51.66 41.99 -0.25
N VAL H 52 52.09 41.82 0.99
CA VAL H 52 53.37 42.36 1.42
C VAL H 52 54.46 41.36 1.07
N VAL H 53 55.70 41.84 1.05
CA VAL H 53 56.85 40.97 0.83
C VAL H 53 57.85 41.24 1.94
N ALA H 54 58.71 40.26 2.17
CA ALA H 54 59.77 40.38 3.15
C ALA H 54 61.10 40.59 2.45
N ASP H 55 62.16 40.65 3.23
CA ASP H 55 63.50 40.82 2.69
C ASP H 55 64.06 39.47 2.25
N ALA H 56 65.36 39.45 1.96
CA ALA H 56 66.01 38.21 1.56
C ALA H 56 66.19 37.25 2.73
N ALA H 57 66.07 37.74 3.97
CA ALA H 57 66.15 36.90 5.16
C ALA H 57 64.79 36.68 5.81
N GLY H 58 63.75 37.35 5.33
CA GLY H 58 62.43 37.17 5.89
C GLY H 58 62.07 38.16 6.97
N LYS H 59 62.27 39.45 6.69
CA LYS H 59 61.91 40.54 7.60
C LYS H 59 60.65 41.22 7.09
N PHE H 60 59.59 41.12 7.84
CA PHE H 60 58.47 41.94 7.37
C PHE H 60 58.58 43.34 7.95
N PRO H 61 58.09 44.36 7.24
CA PRO H 61 58.13 45.72 7.77
C PRO H 61 57.10 45.96 8.88
N ALA H 62 57.01 47.20 9.34
CA ALA H 62 56.07 47.56 10.40
C ALA H 62 54.65 47.49 9.88
N ILE H 63 53.82 46.67 10.53
CA ILE H 63 52.48 46.36 10.08
C ILE H 63 51.51 46.82 11.17
N TYR H 64 50.60 47.71 10.82
CA TYR H 64 49.65 48.29 11.77
C TYR H 64 48.24 48.08 11.25
N PHE H 65 47.33 47.72 12.15
CA PHE H 65 45.94 47.51 11.78
C PHE H 65 45.12 48.77 12.10
N ASP H 66 43.83 48.68 11.78
CA ASP H 66 42.83 49.67 12.21
C ASP H 66 41.89 48.95 13.15
N THR H 67 41.90 49.35 14.43
CA THR H 67 41.27 48.56 15.48
C THR H 67 39.75 48.63 15.49
N THR H 68 39.13 49.42 14.60
CA THR H 68 37.68 49.50 14.53
C THR H 68 37.09 48.51 13.54
N LEU H 69 37.90 47.62 12.98
CA LEU H 69 37.42 46.66 12.01
C LEU H 69 38.33 45.44 12.02
N GLU H 70 37.72 44.27 11.84
CA GLU H 70 38.42 43.00 12.01
C GLU H 70 39.32 42.70 10.80
N TYR H 71 40.13 41.66 10.94
CA TYR H 71 41.10 41.28 9.92
C TYR H 71 41.23 39.77 9.89
N ARG H 72 41.95 39.28 8.87
CA ARG H 72 42.26 37.87 8.70
C ARG H 72 43.47 37.77 7.79
N GLY H 73 44.47 37.01 8.21
CA GLY H 73 45.71 36.91 7.47
C GLY H 73 46.15 35.48 7.27
N VAL H 74 46.89 35.26 6.19
CA VAL H 74 47.50 33.99 5.87
C VAL H 74 48.98 34.21 5.57
N LEU H 75 49.69 33.12 5.27
CA LEU H 75 51.04 33.19 4.73
C LEU H 75 51.14 32.30 3.51
N LYS H 76 51.86 32.78 2.50
CA LYS H 76 52.19 31.97 1.35
C LYS H 76 53.66 32.21 1.02
N THR H 77 54.22 31.32 0.22
CA THR H 77 55.57 31.50 -0.29
C THR H 77 55.52 32.26 -1.60
N ALA H 78 56.64 32.30 -2.32
CA ALA H 78 56.74 33.06 -3.55
C ALA H 78 55.92 32.45 -4.68
N ASP H 79 55.70 31.14 -4.62
CA ASP H 79 55.01 30.46 -5.70
C ASP H 79 53.50 30.36 -5.47
N GLU H 80 53.01 31.15 -4.52
CA GLU H 80 51.62 31.16 -4.03
C GLU H 80 51.14 29.76 -3.64
N ALA H 81 51.83 29.12 -2.69
CA ALA H 81 51.48 27.79 -2.24
C ALA H 81 51.97 27.54 -0.82
N THR H 82 51.65 26.38 -0.26
CA THR H 82 52.08 25.90 1.07
C THR H 82 51.70 26.90 2.17
N THR H 83 50.40 27.03 2.41
CA THR H 83 49.85 27.98 3.39
C THR H 83 50.37 27.66 4.79
N ILE H 84 51.17 28.58 5.33
CA ILE H 84 51.82 28.36 6.62
C ILE H 84 50.84 28.59 7.78
N TYR H 85 50.34 29.81 7.95
CA TYR H 85 49.39 30.09 9.03
C TYR H 85 48.09 30.57 8.41
N ASP H 86 47.03 30.45 9.21
CA ASP H 86 45.72 30.98 8.85
C ASP H 86 44.96 31.22 10.15
N ILE H 87 44.74 32.50 10.47
CA ILE H 87 44.12 32.89 11.74
C ILE H 87 42.92 33.76 11.42
N ASP H 88 41.74 33.36 11.88
CA ASP H 88 40.52 33.98 11.38
C ASP H 88 40.27 35.34 12.06
N PRO H 89 40.22 35.50 13.42
CA PRO H 89 40.38 36.88 13.94
C PRO H 89 41.81 37.26 14.33
N ILE H 90 42.65 37.57 13.35
CA ILE H 90 44.07 37.83 13.62
C ILE H 90 44.28 39.13 14.38
N ASN H 91 43.32 40.05 14.33
CA ASN H 91 43.35 41.26 15.13
C ASN H 91 42.69 40.98 16.47
N SER H 92 43.11 41.72 17.50
CA SER H 92 42.39 41.75 18.77
C SER H 92 41.63 43.06 18.88
N GLY H 93 40.30 42.98 18.85
CA GLY H 93 39.48 44.18 18.83
C GLY H 93 39.45 44.94 20.14
N ILE H 94 40.11 46.09 20.16
CA ILE H 94 40.09 46.95 21.33
C ILE H 94 38.85 47.85 21.36
N LEU H 95 38.58 48.57 20.27
CA LEU H 95 37.45 49.48 20.24
C LEU H 95 36.22 48.85 19.58
N SER H 96 36.43 47.97 18.60
CA SER H 96 35.30 47.40 17.87
C SER H 96 34.53 46.37 18.69
N VAL H 97 35.16 45.81 19.73
CA VAL H 97 34.46 44.86 20.60
C VAL H 97 33.75 45.60 21.73
N LEU H 98 34.40 46.60 22.31
CA LEU H 98 33.80 47.40 23.38
C LEU H 98 32.70 48.32 22.87
N GLY H 99 32.63 48.56 21.56
CA GLY H 99 31.60 49.41 21.00
C GLY H 99 30.31 48.71 20.66
N THR H 100 30.35 47.38 20.55
CA THR H 100 29.16 46.60 20.19
C THR H 100 28.60 45.87 21.42
N SER H 101 29.50 45.39 22.28
CA SER H 101 29.11 44.78 23.55
C SER H 101 30.02 45.31 24.65
N SER H 102 29.83 44.78 25.87
CA SER H 102 30.52 45.18 27.10
C SER H 102 30.40 46.68 27.38
N MET I 1 34.71 37.16 28.15
CA MET I 1 33.75 37.66 27.18
C MET I 1 34.40 37.91 25.83
N ALA I 2 35.69 38.21 25.85
CA ALA I 2 36.46 38.46 24.64
C ALA I 2 37.64 37.50 24.55
N ALA I 3 38.06 37.23 23.31
CA ALA I 3 39.13 36.29 23.04
C ALA I 3 40.43 37.05 22.80
N GLU I 4 41.44 36.76 23.62
CA GLU I 4 42.77 37.31 23.44
C GLU I 4 43.63 36.29 22.71
N LEU I 5 44.37 36.75 21.71
CA LEU I 5 45.16 35.85 20.88
C LEU I 5 46.56 35.68 21.45
N HIS I 6 47.13 34.50 21.24
CA HIS I 6 48.45 34.15 21.73
C HIS I 6 49.46 34.07 20.59
N ILE I 7 50.66 34.61 20.85
CA ILE I 7 51.77 34.56 19.91
C ILE I 7 52.98 34.01 20.66
N THR I 8 53.60 32.99 20.11
CA THR I 8 54.78 32.40 20.73
C THR I 8 55.96 33.34 20.55
N PRO I 9 56.76 33.60 21.58
CA PRO I 9 57.91 34.50 21.43
C PRO I 9 59.05 33.81 20.68
N SER I 10 59.82 34.63 19.97
CA SER I 10 60.88 34.15 19.12
C SER I 10 62.24 34.33 19.80
N ARG I 11 63.29 34.05 19.04
CA ARG I 11 64.66 34.23 19.48
C ARG I 11 65.32 35.33 18.66
N ALA I 12 66.50 35.74 19.12
CA ALA I 12 67.31 36.71 18.38
C ALA I 12 68.16 35.96 17.38
N THR I 13 67.76 35.97 16.12
CA THR I 13 68.47 35.28 15.06
C THR I 13 68.97 36.28 14.01
N SER I 14 70.00 35.86 13.29
CA SER I 14 70.68 36.70 12.32
C SER I 14 70.00 36.61 10.96
N SER I 15 70.67 37.11 9.92
CA SER I 15 70.17 37.00 8.56
C SER I 15 70.18 35.54 8.08
N ASN I 16 71.12 34.75 8.58
CA ASN I 16 71.09 33.32 8.35
C ASN I 16 70.17 32.66 9.38
N GLY I 17 70.10 31.33 9.34
CA GLY I 17 69.27 30.61 10.28
C GLY I 17 69.84 30.46 11.67
N LEU I 18 71.07 30.93 11.90
CA LEU I 18 71.74 30.73 13.18
C LEU I 18 71.18 31.68 14.24
N ASN I 19 71.36 31.28 15.49
CA ASN I 19 70.93 32.10 16.62
C ASN I 19 72.04 33.05 17.03
N LEU I 20 71.64 34.19 17.58
CA LEU I 20 72.59 35.18 18.07
C LEU I 20 72.56 35.21 19.59
N ASP I 21 73.68 35.63 20.17
CA ASP I 21 73.81 35.74 21.62
C ASP I 21 74.34 37.11 21.98
N GLY I 22 73.92 37.62 23.13
CA GLY I 22 74.28 38.96 23.53
C GLY I 22 73.59 40.05 22.73
N ALA I 23 72.44 39.75 22.13
CA ALA I 23 71.68 40.77 21.43
C ALA I 23 71.06 41.74 22.43
N LYS I 24 70.94 43.00 22.02
CA LYS I 24 70.56 44.06 22.93
C LYS I 24 69.35 44.82 22.40
N TRP I 25 68.26 44.78 23.15
CA TRP I 25 67.15 45.70 22.96
C TRP I 25 67.47 47.01 23.66
N PHE I 26 67.40 48.11 22.93
CA PHE I 26 67.51 49.44 23.52
C PHE I 26 66.14 50.08 23.51
N PHE I 27 65.55 50.25 24.68
CA PHE I 27 64.24 50.85 24.81
C PHE I 27 64.37 52.34 25.13
N TYR I 28 63.58 53.15 24.44
CA TYR I 28 63.73 54.59 24.40
C TYR I 28 62.42 55.25 24.81
N GLN I 29 62.34 56.56 24.58
CA GLN I 29 61.09 57.29 24.71
C GLN I 29 60.41 57.22 23.34
N THR I 30 59.38 58.06 23.10
CA THR I 30 58.52 57.94 21.93
C THR I 30 59.28 58.11 20.62
N GLY I 31 59.96 59.23 20.44
CA GLY I 31 60.73 59.44 19.22
C GLY I 31 62.02 60.21 19.45
N THR I 32 62.52 60.21 20.69
CA THR I 32 63.51 61.20 21.10
C THR I 32 64.91 60.63 21.30
N THR I 33 65.05 59.30 21.35
CA THR I 33 66.30 58.59 21.69
C THR I 33 66.82 59.05 23.06
N THR I 34 65.97 58.87 24.06
CA THR I 34 66.31 59.06 25.46
C THR I 34 65.86 57.84 26.23
N PRO I 35 66.73 57.27 27.08
CA PRO I 35 66.46 55.96 27.66
C PRO I 35 65.33 55.97 28.69
N GLN I 36 64.45 54.98 28.60
CA GLN I 36 63.41 54.73 29.59
C GLN I 36 63.67 53.40 30.29
N SER I 37 62.85 53.12 31.30
CA SER I 37 63.03 51.93 32.12
C SER I 37 62.07 50.83 31.70
N VAL I 38 62.52 49.59 31.89
CA VAL I 38 61.74 48.40 31.56
C VAL I 38 61.77 47.47 32.78
N TYR I 39 60.59 47.03 33.20
CA TYR I 39 60.43 46.29 34.46
C TYR I 39 60.42 44.79 34.19
N THR I 40 60.77 44.02 35.21
CA THR I 40 60.98 42.58 35.04
C THR I 40 59.88 41.71 35.62
N THR I 41 58.95 42.29 36.38
CA THR I 41 57.97 41.48 37.10
C THR I 41 56.57 41.81 36.59
N ALA I 42 55.59 41.09 37.16
CA ALA I 42 54.18 41.32 36.84
C ALA I 42 53.73 42.71 37.24
N ALA I 43 54.18 43.19 38.41
CA ALA I 43 53.96 44.56 38.83
C ALA I 43 54.94 45.50 38.14
N LEU I 44 55.03 46.74 38.61
CA LEU I 44 55.89 47.73 37.99
C LEU I 44 56.94 48.23 38.96
N SER I 45 57.54 47.32 39.73
CA SER I 45 58.43 47.68 40.83
C SER I 45 59.91 47.58 40.47
N VAL I 46 60.38 46.40 40.07
CA VAL I 46 61.80 46.15 39.87
C VAL I 46 62.11 46.33 38.39
N ALA I 47 62.97 47.29 38.08
CA ALA I 47 63.35 47.58 36.70
C ALA I 47 64.77 47.07 36.46
N HIS I 48 64.92 46.24 35.43
CA HIS I 48 66.24 45.78 35.04
C HIS I 48 66.86 46.79 34.06
N SER I 49 68.05 46.47 33.56
CA SER I 49 68.83 47.42 32.78
C SER I 49 68.19 47.69 31.43
N ASN I 50 68.44 48.87 30.89
CA ASN I 50 67.80 49.23 29.63
C ASN I 50 68.50 48.53 28.46
N PRO I 51 69.86 48.49 28.35
CA PRO I 51 70.42 47.50 27.40
C PRO I 51 70.33 46.11 27.99
N VAL I 52 69.37 45.33 27.52
CA VAL I 52 69.19 43.97 28.00
C VAL I 52 70.10 43.06 27.21
N VAL I 53 70.35 41.87 27.74
CA VAL I 53 71.12 40.85 27.04
C VAL I 53 70.33 39.56 27.05
N ALA I 54 70.62 38.69 26.10
CA ALA I 54 69.98 37.39 26.02
C ALA I 54 70.96 36.32 26.49
N ASP I 55 70.54 35.07 26.41
CA ASP I 55 71.37 33.95 26.80
C ASP I 55 72.31 33.58 25.65
N ALA I 56 72.95 32.41 25.79
CA ALA I 56 73.84 31.94 24.74
C ALA I 56 73.09 31.45 23.52
N ALA I 57 71.79 31.18 23.65
CA ALA I 57 70.94 30.77 22.54
C ALA I 57 70.02 31.88 22.06
N GLY I 58 69.97 33.01 22.76
CA GLY I 58 69.13 34.11 22.35
C GLY I 58 67.76 34.12 23.00
N LYS I 59 67.72 33.99 24.32
CA LYS I 59 66.49 34.03 25.10
C LYS I 59 66.41 35.37 25.82
N PHE I 60 65.44 36.17 25.46
CA PHE I 60 65.32 37.34 26.31
C PHE I 60 64.43 37.05 27.50
N PRO I 61 64.66 37.71 28.65
CA PRO I 61 63.80 37.49 29.81
C PRO I 61 62.43 38.13 29.68
N ALA I 62 61.65 38.06 30.75
CA ALA I 62 60.31 38.63 30.75
C ALA I 62 60.39 40.15 30.73
N ILE I 63 59.79 40.76 29.72
CA ILE I 63 59.88 42.19 29.47
C ILE I 63 58.49 42.79 29.55
N TYR I 64 58.30 43.74 30.45
CA TYR I 64 57.00 44.36 30.69
C TYR I 64 57.12 45.86 30.54
N PHE I 65 56.13 46.47 29.90
CA PHE I 65 56.12 47.91 29.72
C PHE I 65 55.27 48.58 30.78
N ASP I 66 55.19 49.90 30.71
CA ASP I 66 54.25 50.70 31.49
C ASP I 66 53.31 51.34 30.47
N THR I 67 52.04 50.96 30.53
CA THR I 67 51.10 51.27 29.45
C THR I 67 50.64 52.71 29.42
N THR I 68 51.06 53.55 30.38
CA THR I 68 50.68 54.95 30.39
C THR I 68 51.69 55.83 29.66
N LEU I 69 52.69 55.24 29.01
CA LEU I 69 53.71 56.01 28.31
C LEU I 69 54.28 55.17 27.19
N GLU I 70 54.60 55.81 26.08
CA GLU I 70 55.00 55.12 24.86
C GLU I 70 56.44 54.64 24.95
N TYR I 71 56.83 53.84 23.96
CA TYR I 71 58.15 53.21 23.93
C TYR I 71 58.64 53.13 22.49
N ARG I 72 59.90 52.76 22.34
CA ARG I 72 60.53 52.55 21.05
C ARG I 72 61.75 51.66 21.27
N GLY I 73 61.86 50.59 20.49
CA GLY I 73 62.93 49.63 20.67
C GLY I 73 63.63 49.30 19.37
N VAL I 74 64.90 48.92 19.50
CA VAL I 74 65.73 48.45 18.40
C VAL I 74 66.36 47.12 18.78
N LEU I 75 67.14 46.56 17.87
CA LEU I 75 68.01 45.43 18.16
C LEU I 75 69.40 45.71 17.64
N LYS I 76 70.40 45.31 18.42
CA LYS I 76 71.78 45.34 17.97
C LYS I 76 72.43 44.04 18.37
N THR I 77 73.58 43.74 17.77
CA THR I 77 74.38 42.60 18.16
C THR I 77 75.36 43.03 19.25
N ALA I 78 76.32 42.16 19.54
CA ALA I 78 77.28 42.41 20.61
C ALA I 78 78.25 43.54 20.28
N ASP I 79 78.50 43.76 18.98
CA ASP I 79 79.47 44.75 18.58
C ASP I 79 78.85 46.13 18.33
N GLU I 80 77.61 46.31 18.81
CA GLU I 80 76.77 47.49 18.61
C GLU I 80 76.65 47.87 17.12
N ALA I 81 76.16 46.94 16.29
CA ALA I 81 76.01 47.17 14.87
C ALA I 81 74.92 46.29 14.28
N THR I 82 74.63 46.45 12.98
CA THR I 82 73.67 45.66 12.21
C THR I 82 72.28 45.68 12.84
N THR I 83 71.65 46.85 12.83
CA THR I 83 70.33 47.06 13.44
C THR I 83 69.29 46.16 12.79
N ILE I 84 68.76 45.22 13.57
CA ILE I 84 67.82 44.24 13.05
C ILE I 84 66.42 44.81 12.90
N TYR I 85 65.78 45.21 14.00
CA TYR I 85 64.45 45.81 13.92
C TYR I 85 64.49 47.22 14.47
N ASP I 86 63.49 48.00 14.08
CA ASP I 86 63.30 49.35 14.60
C ASP I 86 61.82 49.68 14.45
N ILE I 87 61.11 49.77 15.56
CA ILE I 87 59.66 49.98 15.56
C ILE I 87 59.38 51.21 16.41
N ASP I 88 58.71 52.21 15.83
CA ASP I 88 58.66 53.50 16.49
C ASP I 88 57.59 53.52 17.59
N PRO I 89 56.28 53.17 17.38
CA PRO I 89 55.47 52.82 18.58
C PRO I 89 55.42 51.33 18.92
N ILE I 90 56.49 50.81 19.54
CA ILE I 90 56.58 49.37 19.80
C ILE I 90 55.57 48.92 20.85
N ASN I 91 55.09 49.84 21.68
CA ASN I 91 54.04 49.54 22.65
C ASN I 91 52.68 49.78 21.98
N SER I 92 51.66 49.07 22.43
CA SER I 92 50.29 49.38 22.08
C SER I 92 49.60 50.04 23.26
N GLY I 93 49.27 51.32 23.12
CA GLY I 93 48.72 52.08 24.22
C GLY I 93 47.30 51.71 24.60
N ILE I 94 47.16 51.05 25.74
CA ILE I 94 45.83 50.71 26.26
C ILE I 94 45.21 51.87 27.03
N LEU I 95 45.93 52.42 28.00
CA LEU I 95 45.38 53.50 28.81
C LEU I 95 45.81 54.88 28.31
N SER I 96 47.00 54.99 27.74
CA SER I 96 47.50 56.29 27.32
C SER I 96 46.81 56.80 26.06
N VAL I 97 46.20 55.91 25.29
CA VAL I 97 45.46 56.34 24.10
C VAL I 97 44.02 56.68 24.45
N LEU I 98 43.39 55.86 25.30
CA LEU I 98 42.02 56.11 25.74
C LEU I 98 41.92 57.30 26.70
N GLY I 99 43.03 57.74 27.28
CA GLY I 99 43.02 58.86 28.19
C GLY I 99 43.15 60.21 27.51
N THR I 100 43.63 60.24 26.28
CA THR I 100 43.83 61.50 25.55
C THR I 100 42.74 61.68 24.49
N SER I 101 42.35 60.59 23.84
CA SER I 101 41.24 60.60 22.90
C SER I 101 40.34 59.39 23.17
N SER I 102 39.32 59.24 22.32
CA SER I 102 38.27 58.21 22.42
C SER I 102 37.57 58.20 23.78
N MET J 1 11.50 48.51 -47.83
CA MET J 1 11.51 49.82 -48.46
C MET J 1 12.94 50.27 -48.75
N ALA J 2 13.88 49.80 -47.95
CA ALA J 2 15.29 50.14 -48.11
C ALA J 2 16.12 48.88 -48.29
N ALA J 3 17.25 49.03 -48.97
CA ALA J 3 18.13 47.92 -49.29
C ALA J 3 19.29 47.90 -48.31
N GLU J 4 19.43 46.78 -47.59
CA GLU J 4 20.56 46.55 -46.70
C GLU J 4 21.60 45.71 -47.42
N LEU J 5 22.86 46.12 -47.34
CA LEU J 5 23.93 45.44 -48.07
C LEU J 5 24.53 44.32 -47.22
N HIS J 6 24.98 43.28 -47.91
CA HIS J 6 25.56 42.11 -47.26
C HIS J 6 27.07 42.06 -47.50
N ILE J 7 27.80 41.69 -46.45
CA ILE J 7 29.24 41.51 -46.49
C ILE J 7 29.56 40.14 -45.90
N THR J 8 30.30 39.32 -46.65
CA THR J 8 30.67 38.01 -46.15
C THR J 8 31.73 38.14 -45.07
N PRO J 9 31.61 37.43 -43.96
CA PRO J 9 32.62 37.54 -42.90
C PRO J 9 33.90 36.81 -43.27
N SER J 10 35.01 37.32 -42.75
CA SER J 10 36.33 36.81 -43.08
C SER J 10 36.85 35.92 -41.96
N ARG J 11 38.11 35.51 -42.11
CA ARG J 11 38.81 34.72 -41.10
C ARG J 11 39.94 35.54 -40.51
N ALA J 12 40.52 35.02 -39.43
CA ALA J 12 41.68 35.64 -38.81
C ALA J 12 42.92 35.10 -39.50
N THR J 13 43.51 35.91 -40.38
CA THR J 13 44.69 35.53 -41.13
C THR J 13 45.85 36.45 -40.80
N SER J 14 47.07 35.95 -41.03
CA SER J 14 48.29 36.65 -40.69
C SER J 14 48.73 37.56 -41.82
N SER J 15 49.97 38.04 -41.75
CA SER J 15 50.53 38.85 -42.82
C SER J 15 50.74 38.02 -44.09
N ASN J 16 51.01 36.73 -43.94
CA ASN J 16 51.02 35.82 -45.07
C ASN J 16 49.60 35.36 -45.36
N GLY J 17 49.46 34.47 -46.34
CA GLY J 17 48.16 33.96 -46.68
C GLY J 17 47.60 32.91 -45.75
N LEU J 18 48.36 32.50 -44.74
CA LEU J 18 47.95 31.41 -43.85
C LEU J 18 46.91 31.90 -42.85
N ASN J 19 46.13 30.95 -42.35
CA ASN J 19 45.11 31.24 -41.34
C ASN J 19 45.71 31.15 -39.95
N LEU J 20 45.14 31.91 -39.03
CA LEU J 20 45.57 31.92 -37.64
C LEU J 20 44.51 31.25 -36.78
N ASP J 21 44.95 30.70 -35.66
CA ASP J 21 44.07 30.04 -34.71
C ASP J 21 44.32 30.58 -33.30
N GLY J 22 43.26 30.63 -32.51
CA GLY J 22 43.36 31.23 -31.20
C GLY J 22 43.50 32.73 -31.20
N ALA J 23 43.07 33.40 -32.26
CA ALA J 23 43.09 34.85 -32.30
C ALA J 23 42.04 35.41 -31.36
N LYS J 24 42.35 36.56 -30.76
CA LYS J 24 41.52 37.10 -29.69
C LYS J 24 41.08 38.52 -30.01
N TRP J 25 39.77 38.72 -30.11
CA TRP J 25 39.19 40.05 -30.10
C TRP J 25 39.05 40.51 -28.65
N PHE J 26 39.59 41.66 -28.33
CA PHE J 26 39.38 42.29 -27.02
C PHE J 26 38.44 43.47 -27.21
N PHE J 27 37.23 43.36 -26.70
CA PHE J 27 36.25 44.43 -26.82
C PHE J 27 36.25 45.27 -25.55
N TYR J 28 36.22 46.59 -25.74
CA TYR J 28 36.48 47.56 -24.69
C TYR J 28 35.31 48.53 -24.59
N GLN J 29 35.52 49.61 -23.86
CA GLN J 29 34.60 50.73 -23.84
C GLN J 29 35.03 51.66 -24.97
N THR J 30 34.53 52.92 -25.00
CA THR J 30 34.71 53.82 -26.14
C THR J 30 36.18 54.15 -26.41
N GLY J 31 36.88 54.69 -25.42
CA GLY J 31 38.29 54.98 -25.60
C GLY J 31 39.12 54.76 -24.36
N THR J 32 38.64 53.93 -23.44
CA THR J 32 39.14 53.93 -22.08
C THR J 32 39.97 52.70 -21.72
N THR J 33 39.92 51.65 -22.54
CA THR J 33 40.53 50.33 -22.28
C THR J 33 40.01 49.75 -20.96
N THR J 34 38.68 49.62 -20.90
CA THR J 34 37.99 48.92 -19.83
C THR J 34 37.04 47.93 -20.45
N PRO J 35 37.02 46.68 -19.97
CA PRO J 35 36.32 45.61 -20.68
C PRO J 35 34.79 45.73 -20.59
N GLN J 36 34.15 45.52 -21.73
CA GLN J 36 32.69 45.43 -21.82
C GLN J 36 32.28 44.03 -22.22
N SER J 37 30.98 43.78 -22.23
CA SER J 37 30.44 42.46 -22.51
C SER J 37 29.95 42.37 -23.95
N VAL J 38 30.03 41.16 -24.49
CA VAL J 38 29.59 40.86 -25.84
C VAL J 38 28.70 39.62 -25.80
N TYR J 39 27.52 39.72 -26.40
CA TYR J 39 26.49 38.71 -26.28
C TYR J 39 26.53 37.76 -27.47
N THR J 40 26.01 36.54 -27.28
CA THR J 40 26.16 35.48 -28.26
C THR J 40 24.89 35.18 -29.04
N THR J 41 23.75 35.71 -28.64
CA THR J 41 22.49 35.33 -29.24
C THR J 41 21.85 36.52 -29.95
N ALA J 42 20.70 36.26 -30.57
CA ALA J 42 19.92 37.31 -31.22
C ALA J 42 19.44 38.36 -30.24
N ALA J 43 19.00 37.93 -29.06
CA ALA J 43 18.66 38.83 -27.97
C ALA J 43 19.92 39.31 -27.25
N LEU J 44 19.77 39.93 -26.10
CA LEU J 44 20.90 40.48 -25.36
C LEU J 44 21.03 39.85 -23.99
N SER J 45 20.86 38.52 -23.93
CA SER J 45 20.78 37.81 -22.65
C SER J 45 22.08 37.13 -22.25
N VAL J 46 22.59 36.22 -23.08
CA VAL J 46 23.73 35.40 -22.71
C VAL J 46 24.99 36.04 -23.28
N ALA J 47 25.90 36.43 -22.40
CA ALA J 47 27.15 37.05 -22.80
C ALA J 47 28.30 36.08 -22.65
N HIS J 48 29.04 35.87 -23.72
CA HIS J 48 30.23 35.03 -23.66
C HIS J 48 31.42 35.88 -23.24
N SER J 49 32.60 35.26 -23.20
CA SER J 49 33.79 35.89 -22.62
C SER J 49 34.27 37.04 -23.49
N ASN J 50 34.92 38.01 -22.86
CA ASN J 50 35.36 39.18 -23.62
C ASN J 50 36.61 38.84 -24.43
N PRO J 51 37.67 38.16 -23.91
CA PRO J 51 38.64 37.59 -24.87
C PRO J 51 38.05 36.36 -25.53
N VAL J 52 37.61 36.53 -26.78
CA VAL J 52 37.04 35.43 -27.53
C VAL J 52 38.17 34.66 -28.20
N VAL J 53 37.88 33.43 -28.59
CA VAL J 53 38.83 32.63 -29.35
C VAL J 53 38.14 32.10 -30.60
N ALA J 54 38.94 31.77 -31.60
CA ALA J 54 38.42 31.19 -32.82
C ALA J 54 38.72 29.70 -32.85
N ASP J 55 38.35 29.07 -33.96
CA ASP J 55 38.60 27.65 -34.14
C ASP J 55 40.02 27.41 -34.62
N ALA J 56 40.29 26.18 -35.05
CA ALA J 56 41.63 25.86 -35.56
C ALA J 56 41.87 26.47 -36.94
N ALA J 57 40.82 26.89 -37.64
CA ALA J 57 40.95 27.56 -38.92
C ALA J 57 40.70 29.06 -38.84
N GLY J 58 40.29 29.56 -37.69
CA GLY J 58 40.04 30.99 -37.54
C GLY J 58 38.61 31.40 -37.80
N LYS J 59 37.67 30.72 -37.17
CA LYS J 59 36.25 31.04 -37.25
C LYS J 59 35.81 31.71 -35.96
N PHE J 60 35.43 32.96 -36.05
CA PHE J 60 34.86 33.48 -34.82
C PHE J 60 33.37 33.17 -34.76
N PRO J 61 32.81 33.01 -33.55
CA PRO J 61 31.36 32.76 -33.44
C PRO J 61 30.52 33.99 -33.69
N ALA J 62 29.21 33.87 -33.51
CA ALA J 62 28.30 34.98 -33.72
C ALA J 62 28.50 36.03 -32.64
N ILE J 63 28.80 37.25 -33.06
CA ILE J 63 29.17 38.34 -32.17
C ILE J 63 28.15 39.46 -32.35
N TYR J 64 27.49 39.83 -31.26
CA TYR J 64 26.44 40.84 -31.29
C TYR J 64 26.75 41.92 -30.28
N PHE J 65 26.53 43.18 -30.67
CA PHE J 65 26.77 44.30 -29.77
C PHE J 65 25.47 44.74 -29.11
N ASP J 66 25.59 45.76 -28.26
CA ASP J 66 24.44 46.47 -27.71
C ASP J 66 24.51 47.88 -28.26
N THR J 67 23.52 48.25 -29.08
CA THR J 67 23.63 49.45 -29.90
C THR J 67 23.42 50.75 -29.12
N THR J 68 23.14 50.69 -27.82
CA THR J 68 22.98 51.89 -27.01
C THR J 68 24.28 52.32 -26.35
N LEU J 69 25.40 51.69 -26.67
CA LEU J 69 26.68 52.03 -26.07
C LEU J 69 27.80 51.62 -27.02
N GLU J 70 28.84 52.44 -27.05
CA GLU J 70 29.91 52.30 -28.03
C GLU J 70 30.85 51.14 -27.66
N TYR J 71 31.74 50.82 -28.59
CA TYR J 71 32.66 49.70 -28.44
C TYR J 71 33.99 50.06 -29.08
N ARG J 72 34.98 49.19 -28.84
CA ARG J 72 36.31 49.30 -29.43
C ARG J 72 36.95 47.94 -29.37
N GLY J 73 37.48 47.46 -30.49
CA GLY J 73 38.05 46.14 -30.57
C GLY J 73 39.41 46.12 -31.21
N VAL J 74 40.21 45.12 -30.83
CA VAL J 74 41.53 44.88 -31.39
C VAL J 74 41.61 43.40 -31.81
N LEU J 75 42.76 43.02 -32.36
CA LEU J 75 43.07 41.62 -32.58
C LEU J 75 44.46 41.32 -32.05
N LYS J 76 44.62 40.16 -31.44
CA LYS J 76 45.93 39.67 -31.04
C LYS J 76 46.01 38.21 -31.42
N THR J 77 47.23 37.68 -31.44
CA THR J 77 47.44 36.26 -31.64
C THR J 77 47.43 35.56 -30.29
N ALA J 78 47.85 34.28 -30.29
CA ALA J 78 47.82 33.47 -29.08
C ALA J 78 48.85 33.93 -28.05
N ASP J 79 49.93 34.56 -28.50
CA ASP J 79 51.00 34.95 -27.61
C ASP J 79 50.83 36.37 -27.07
N GLU J 80 49.63 36.93 -27.25
CA GLU J 80 49.27 38.31 -26.93
C GLU J 80 50.24 39.32 -27.55
N ALA J 81 50.37 39.30 -28.88
CA ALA J 81 51.27 40.20 -29.59
C ALA J 81 50.80 40.41 -31.03
N THR J 82 51.50 41.28 -31.77
CA THR J 82 51.27 41.56 -33.20
C THR J 82 49.84 42.02 -33.46
N THR J 83 49.48 43.19 -32.94
CA THR J 83 48.14 43.76 -33.05
C THR J 83 47.75 43.95 -34.52
N ILE J 84 46.76 43.19 -34.96
CA ILE J 84 46.35 43.21 -36.36
C ILE J 84 45.50 44.43 -36.69
N TYR J 85 44.32 44.55 -36.09
CA TYR J 85 43.46 45.70 -36.32
C TYR J 85 43.24 46.44 -35.02
N ASP J 86 42.85 47.70 -35.14
CA ASP J 86 42.46 48.53 -34.01
C ASP J 86 41.54 49.61 -34.54
N ILE J 87 40.26 49.54 -34.18
CA ILE J 87 39.24 50.44 -34.68
C ILE J 87 38.54 51.08 -33.49
N ASP J 88 38.55 52.41 -33.43
CA ASP J 88 38.17 53.07 -32.19
C ASP J 88 36.64 53.13 -32.05
N PRO J 89 35.81 53.66 -33.01
CA PRO J 89 34.37 53.28 -32.93
C PRO J 89 33.97 52.09 -33.79
N ILE J 90 34.27 50.87 -33.33
CA ILE J 90 34.04 49.67 -34.14
C ILE J 90 32.55 49.38 -34.32
N ASN J 91 31.71 49.91 -33.43
CA ASN J 91 30.26 49.82 -33.58
C ASN J 91 29.77 51.00 -34.40
N SER J 92 28.66 50.81 -35.09
CA SER J 92 27.94 51.93 -35.72
C SER J 92 26.69 52.21 -34.90
N GLY J 93 26.66 53.37 -34.24
CA GLY J 93 25.57 53.69 -33.35
C GLY J 93 24.25 53.99 -34.04
N ILE J 94 23.30 53.07 -33.91
CA ILE J 94 21.97 53.28 -34.47
C ILE J 94 21.09 54.08 -33.51
N LEU J 95 20.99 53.66 -32.26
CA LEU J 95 20.12 54.35 -31.30
C LEU J 95 20.89 55.33 -30.44
N SER J 96 22.16 55.06 -30.15
CA SER J 96 22.92 55.92 -29.25
C SER J 96 23.32 57.23 -29.91
N VAL J 97 23.34 57.27 -31.24
CA VAL J 97 23.66 58.51 -31.95
C VAL J 97 22.41 59.35 -32.17
N LEU J 98 21.30 58.70 -32.55
CA LEU J 98 20.03 59.39 -32.75
C LEU J 98 19.40 59.84 -31.44
N GLY J 99 19.84 59.31 -30.30
CA GLY J 99 19.30 59.71 -29.02
C GLY J 99 19.97 60.92 -28.40
N THR J 100 21.17 61.26 -28.86
CA THR J 100 21.92 62.39 -28.32
C THR J 100 21.88 63.59 -29.27
N SER J 101 21.95 63.30 -30.57
CA SER J 101 21.81 64.32 -31.61
C SER J 101 20.87 63.81 -32.70
N SER J 102 20.70 64.62 -33.74
CA SER J 102 19.79 64.37 -34.87
C SER J 102 18.35 64.12 -34.44
N MET K 1 26.50 63.85 -40.81
CA MET K 1 26.45 64.14 -39.38
C MET K 1 26.97 62.95 -38.57
N ALA K 2 26.82 61.75 -39.12
CA ALA K 2 27.28 60.54 -38.46
C ALA K 2 28.25 59.79 -39.35
N ALA K 3 29.14 59.03 -38.72
CA ALA K 3 30.18 58.28 -39.42
C ALA K 3 29.76 56.84 -39.58
N GLU K 4 29.71 56.39 -40.83
CA GLU K 4 29.44 55.00 -41.16
C GLU K 4 30.76 54.29 -41.43
N LEU K 5 30.92 53.11 -40.84
CA LEU K 5 32.18 52.38 -40.94
C LEU K 5 32.16 51.47 -42.15
N HIS K 6 33.35 51.26 -42.74
CA HIS K 6 33.52 50.43 -43.92
C HIS K 6 34.24 49.14 -43.58
N ILE K 7 33.76 48.04 -44.17
CA ILE K 7 34.37 46.73 -44.01
C ILE K 7 34.57 46.15 -45.41
N THR K 8 35.79 45.73 -45.70
CA THR K 8 36.09 45.15 -47.00
C THR K 8 35.48 43.75 -47.09
N PRO K 9 34.81 43.40 -48.18
CA PRO K 9 34.22 42.07 -48.29
C PRO K 9 35.28 41.01 -48.55
N SER K 10 35.00 39.79 -48.06
CA SER K 10 35.94 38.70 -48.13
C SER K 10 35.57 37.74 -49.26
N ARG K 11 36.28 36.63 -49.32
CA ARG K 11 36.02 35.56 -50.28
C ARG K 11 35.54 34.32 -49.54
N ALA K 12 35.07 33.35 -50.32
CA ALA K 12 34.67 32.06 -49.77
C ALA K 12 35.90 31.16 -49.73
N THR K 13 36.47 31.00 -48.54
CA THR K 13 37.66 30.18 -48.35
C THR K 13 37.37 29.03 -47.40
N SER K 14 38.19 27.99 -47.52
CA SER K 14 38.00 26.74 -46.79
C SER K 14 38.70 26.82 -45.44
N SER K 15 38.84 25.67 -44.78
CA SER K 15 39.57 25.60 -43.52
C SER K 15 41.05 25.86 -43.72
N ASN K 16 41.59 25.51 -44.89
CA ASN K 16 42.93 25.90 -45.26
C ASN K 16 42.91 27.31 -45.86
N GLY K 17 44.07 27.78 -46.30
CA GLY K 17 44.14 29.09 -46.89
C GLY K 17 43.63 29.20 -48.31
N LEU K 18 43.22 28.09 -48.92
CA LEU K 18 42.82 28.09 -50.32
C LEU K 18 41.42 28.68 -50.49
N ASN K 19 41.16 29.15 -51.70
CA ASN K 19 39.86 29.71 -52.04
C ASN K 19 38.93 28.61 -52.53
N LEU K 20 37.63 28.81 -52.32
CA LEU K 20 36.62 27.88 -52.77
C LEU K 20 35.85 28.49 -53.93
N ASP K 21 35.29 27.63 -54.77
CA ASP K 21 34.49 28.05 -55.90
C ASP K 21 33.17 27.30 -55.92
N GLY K 22 32.13 27.96 -56.40
CA GLY K 22 30.80 27.39 -56.36
C GLY K 22 30.20 27.32 -54.98
N ALA K 23 30.65 28.15 -54.05
CA ALA K 23 30.05 28.20 -52.73
C ALA K 23 28.66 28.83 -52.80
N LYS K 24 27.77 28.36 -51.94
CA LYS K 24 26.36 28.72 -52.04
C LYS K 24 25.86 29.31 -50.73
N TRP K 25 25.42 30.56 -50.78
CA TRP K 25 24.63 31.14 -49.70
C TRP K 25 23.17 30.73 -49.89
N PHE K 26 22.59 30.14 -48.86
CA PHE K 26 21.16 29.87 -48.85
C PHE K 26 20.48 30.84 -47.90
N PHE K 27 19.70 31.76 -48.45
CA PHE K 27 18.99 32.75 -47.65
C PHE K 27 17.58 32.28 -47.38
N TYR K 28 17.14 32.43 -46.14
CA TYR K 28 15.92 31.83 -45.62
C TYR K 28 15.03 32.91 -45.02
N GLN K 29 14.02 32.47 -44.29
CA GLN K 29 13.21 33.36 -43.48
C GLN K 29 13.89 33.43 -42.11
N THR K 30 13.19 33.95 -41.08
CA THR K 30 13.80 34.27 -39.79
C THR K 30 14.38 33.04 -39.09
N GLY K 31 13.55 32.02 -38.85
CA GLY K 31 14.04 30.81 -38.23
C GLY K 31 13.39 29.55 -38.74
N THR K 32 12.82 29.60 -39.94
CA THR K 32 11.85 28.61 -40.37
C THR K 32 12.36 27.66 -41.45
N THR K 33 13.49 27.98 -42.08
CA THR K 33 14.06 27.27 -43.25
C THR K 33 13.03 27.21 -44.39
N THR K 34 12.60 28.41 -44.80
CA THR K 34 11.77 28.61 -45.97
C THR K 34 12.41 29.69 -46.83
N PRO K 35 12.55 29.46 -48.14
CA PRO K 35 13.38 30.34 -48.96
C PRO K 35 12.74 31.71 -49.19
N GLN K 36 13.58 32.75 -49.07
CA GLN K 36 13.20 34.12 -49.41
C GLN K 36 14.02 34.59 -50.60
N SER K 37 13.69 35.79 -51.09
CA SER K 37 14.32 36.35 -52.27
C SER K 37 15.40 37.35 -51.89
N VAL K 38 16.41 37.44 -52.75
CA VAL K 38 17.53 38.35 -52.58
C VAL K 38 17.73 39.11 -53.89
N TYR K 39 17.80 40.44 -53.81
CA TYR K 39 17.79 41.30 -54.97
C TYR K 39 19.22 41.68 -55.35
N THR K 40 19.41 42.04 -56.62
CA THR K 40 20.75 42.24 -57.16
C THR K 40 21.11 43.70 -57.39
N THR K 41 20.17 44.62 -57.30
CA THR K 41 20.41 46.00 -57.66
C THR K 41 20.26 46.91 -56.44
N ALA K 42 20.50 48.20 -56.67
CA ALA K 42 20.34 49.21 -55.63
C ALA K 42 18.90 49.31 -55.17
N ALA K 43 17.95 49.24 -56.11
CA ALA K 43 16.54 49.17 -55.79
C ALA K 43 16.15 47.75 -55.39
N LEU K 44 14.86 47.46 -55.30
CA LEU K 44 14.38 46.16 -54.86
C LEU K 44 13.57 45.48 -55.95
N SER K 45 14.03 45.55 -57.19
CA SER K 45 13.25 45.11 -58.34
C SER K 45 13.65 43.74 -58.85
N VAL K 46 14.90 43.55 -59.24
CA VAL K 46 15.34 42.32 -59.89
C VAL K 46 15.96 41.42 -58.84
N ALA K 47 15.36 40.24 -58.65
CA ALA K 47 15.83 39.26 -57.67
C ALA K 47 16.52 38.12 -58.39
N HIS K 48 17.76 37.84 -58.01
CA HIS K 48 18.47 36.70 -58.54
C HIS K 48 18.14 35.46 -57.70
N SER K 49 18.77 34.33 -58.03
CA SER K 49 18.41 33.05 -57.45
C SER K 49 18.80 32.98 -55.99
N ASN K 50 18.06 32.18 -55.22
CA ASN K 50 18.32 32.11 -53.80
C ASN K 50 19.57 31.26 -53.51
N PRO K 51 19.78 30.06 -54.13
CA PRO K 51 21.16 29.52 -54.07
C PRO K 51 22.06 30.27 -55.03
N VAL K 52 22.87 31.16 -54.48
CA VAL K 52 23.79 31.94 -55.29
C VAL K 52 25.07 31.14 -55.50
N VAL K 53 25.84 31.51 -56.50
CA VAL K 53 27.14 30.89 -56.74
C VAL K 53 28.18 31.99 -56.86
N ALA K 54 29.43 31.64 -56.61
CA ALA K 54 30.53 32.56 -56.75
C ALA K 54 31.31 32.25 -58.02
N ASP K 55 32.38 32.99 -58.23
CA ASP K 55 33.23 32.78 -59.39
C ASP K 55 34.22 31.64 -59.12
N ALA K 56 35.20 31.51 -60.01
CA ALA K 56 36.22 30.47 -59.83
C ALA K 56 37.19 30.80 -58.70
N ALA K 57 37.23 32.05 -58.25
CA ALA K 57 38.06 32.46 -57.13
C ALA K 57 37.26 32.72 -55.86
N GLY K 58 35.93 32.68 -55.94
CA GLY K 58 35.10 32.90 -54.77
C GLY K 58 34.65 34.33 -54.58
N LYS K 59 34.11 34.92 -55.64
CA LYS K 59 33.57 36.28 -55.60
C LYS K 59 32.05 36.21 -55.59
N PHE K 60 31.45 36.64 -54.51
CA PHE K 60 30.01 36.71 -54.64
C PHE K 60 29.59 38.05 -55.25
N PRO K 61 28.48 38.08 -55.98
CA PRO K 61 28.00 39.36 -56.54
C PRO K 61 27.39 40.28 -55.49
N ALA K 62 26.85 41.41 -55.95
CA ALA K 62 26.24 42.38 -55.06
C ALA K 62 24.94 41.81 -54.49
N ILE K 63 24.86 41.74 -53.16
CA ILE K 63 23.76 41.10 -52.46
C ILE K 63 23.08 42.15 -51.59
N TYR K 64 21.79 42.36 -51.82
CA TYR K 64 21.03 43.38 -51.11
C TYR K 64 19.82 42.73 -50.46
N PHE K 65 19.52 43.14 -49.24
CA PHE K 65 18.37 42.61 -48.53
C PHE K 65 17.18 43.57 -48.65
N ASP K 66 16.06 43.18 -48.05
CA ASP K 66 14.90 44.04 -47.86
C ASP K 66 14.77 44.25 -46.36
N THR K 67 14.96 45.48 -45.91
CA THR K 67 15.15 45.76 -44.49
C THR K 67 13.87 45.68 -43.67
N THR K 68 12.72 45.44 -44.29
CA THR K 68 11.46 45.32 -43.56
C THR K 68 11.15 43.89 -43.16
N LEU K 69 12.08 42.96 -43.39
CA LEU K 69 11.85 41.56 -43.06
C LEU K 69 13.19 40.88 -42.82
N GLU K 70 13.21 39.97 -41.86
CA GLU K 70 14.45 39.35 -41.39
C GLU K 70 14.95 38.31 -42.38
N TYR K 71 16.17 37.84 -42.12
CA TYR K 71 16.84 36.88 -43.00
C TYR K 71 17.67 35.92 -42.17
N ARG K 72 18.18 34.89 -42.83
CA ARG K 72 19.06 33.90 -42.24
C ARG K 72 19.83 33.22 -43.35
N GLY K 73 21.15 33.15 -43.23
CA GLY K 73 21.98 32.62 -44.28
C GLY K 73 22.98 31.60 -43.77
N VAL K 74 23.37 30.68 -44.65
CA VAL K 74 24.39 29.68 -44.40
C VAL K 74 25.40 29.71 -45.54
N LEU K 75 26.41 28.85 -45.43
CA LEU K 75 27.32 28.59 -46.54
C LEU K 75 27.47 27.09 -46.72
N LYS K 76 27.52 26.67 -47.98
CA LYS K 76 27.83 25.29 -48.31
C LYS K 76 28.82 25.30 -49.47
N THR K 77 29.47 24.17 -49.68
CA THR K 77 30.33 24.00 -50.84
C THR K 77 29.51 23.45 -51.99
N ALA K 78 30.21 23.01 -53.06
CA ALA K 78 29.54 22.55 -54.26
C ALA K 78 28.83 21.21 -54.05
N ASP K 79 29.30 20.42 -53.09
CA ASP K 79 28.73 19.10 -52.87
C ASP K 79 27.61 19.10 -51.82
N GLU K 80 27.10 20.30 -51.50
CA GLU K 80 26.11 20.57 -50.46
C GLU K 80 26.52 19.96 -49.11
N ALA K 81 27.68 20.34 -48.58
CA ALA K 81 28.18 19.83 -47.31
C ALA K 81 29.13 20.83 -46.67
N THR K 82 29.60 20.51 -45.46
CA THR K 82 30.58 21.28 -44.69
C THR K 82 30.13 22.72 -44.48
N THR K 83 29.07 22.90 -43.69
CA THR K 83 28.47 24.19 -43.41
C THR K 83 29.47 25.13 -42.75
N ILE K 84 29.85 26.19 -43.46
CA ILE K 84 30.87 27.10 -42.97
C ILE K 84 30.32 28.06 -41.92
N TYR K 85 29.37 28.92 -42.29
CA TYR K 85 28.79 29.85 -41.33
C TYR K 85 27.29 29.57 -41.23
N ASP K 86 26.72 30.02 -40.12
CA ASP K 86 25.28 29.99 -39.90
C ASP K 86 24.94 31.08 -38.91
N ILE K 87 24.24 32.11 -39.37
CA ILE K 87 23.94 33.28 -38.56
C ILE K 87 22.43 33.49 -38.60
N ASP K 88 21.79 33.51 -37.42
CA ASP K 88 20.34 33.40 -37.40
C ASP K 88 19.69 34.75 -37.71
N PRO K 89 19.98 35.91 -37.02
CA PRO K 89 19.60 37.19 -37.68
C PRO K 89 20.71 37.86 -38.51
N ILE K 90 20.96 37.34 -39.72
CA ILE K 90 22.08 37.83 -40.53
C ILE K 90 21.85 39.26 -41.02
N ASN K 91 20.60 39.71 -41.06
CA ASN K 91 20.29 41.08 -41.38
C ASN K 91 20.29 41.91 -40.10
N SER K 92 20.58 43.20 -40.22
CA SER K 92 20.37 44.14 -39.13
C SER K 92 19.15 44.98 -39.44
N GLY K 93 18.08 44.80 -38.66
CA GLY K 93 16.83 45.48 -38.94
C GLY K 93 16.83 46.96 -38.67
N ILE K 94 16.81 47.75 -39.74
CA ILE K 94 16.74 49.21 -39.61
C ILE K 94 15.31 49.68 -39.43
N LEU K 95 14.40 49.26 -40.33
CA LEU K 95 13.03 49.72 -40.25
C LEU K 95 12.12 48.72 -39.55
N SER K 96 12.41 47.42 -39.66
CA SER K 96 11.54 46.41 -39.08
C SER K 96 11.66 46.34 -37.56
N VAL K 97 12.76 46.85 -37.00
CA VAL K 97 12.92 46.87 -35.55
C VAL K 97 12.32 48.15 -34.96
N LEU K 98 12.55 49.29 -35.62
CA LEU K 98 11.99 50.56 -35.18
C LEU K 98 10.48 50.66 -35.41
N GLY K 99 9.92 49.78 -36.23
CA GLY K 99 8.49 49.80 -36.49
C GLY K 99 7.67 48.99 -35.51
N THR K 100 8.31 48.08 -34.78
CA THR K 100 7.60 47.22 -33.83
C THR K 100 7.87 47.67 -32.39
N SER K 101 9.10 48.11 -32.12
CA SER K 101 9.46 48.69 -30.84
C SER K 101 10.29 49.95 -31.06
N SER K 102 10.75 50.53 -29.96
CA SER K 102 11.50 51.80 -29.92
C SER K 102 10.76 52.95 -30.62
N MET L 1 19.08 47.92 -26.77
CA MET L 1 17.74 47.42 -27.07
C MET L 1 17.76 46.57 -28.34
N ALA L 2 18.67 46.88 -29.24
CA ALA L 2 18.81 46.16 -30.50
C ALA L 2 20.22 45.58 -30.63
N ALA L 3 20.31 44.49 -31.39
CA ALA L 3 21.57 43.77 -31.57
C ALA L 3 22.19 44.17 -32.90
N GLU L 4 23.41 44.70 -32.84
CA GLU L 4 24.19 45.02 -34.02
C GLU L 4 25.16 43.88 -34.29
N LEU L 5 25.25 43.45 -35.54
CA LEU L 5 26.07 42.31 -35.90
C LEU L 5 27.47 42.76 -36.28
N HIS L 6 28.44 41.90 -35.99
CA HIS L 6 29.85 42.18 -36.25
C HIS L 6 30.36 41.33 -37.40
N ILE L 7 31.16 41.95 -38.26
CA ILE L 7 31.81 41.29 -39.39
C ILE L 7 33.30 41.63 -39.32
N THR L 8 34.14 40.60 -39.35
CA THR L 8 35.58 40.83 -39.32
C THR L 8 36.04 41.36 -40.67
N PRO L 9 36.89 42.39 -40.69
CA PRO L 9 37.35 42.92 -41.98
C PRO L 9 38.38 42.01 -42.63
N SER L 10 38.39 42.04 -43.96
CA SER L 10 39.25 41.16 -44.73
C SER L 10 40.49 41.90 -45.24
N ARG L 11 41.26 41.23 -46.07
CA ARG L 11 42.42 41.80 -46.73
C ARG L 11 42.18 41.90 -48.23
N ALA L 12 43.09 42.60 -48.90
CA ALA L 12 43.05 42.71 -50.35
C ALA L 12 43.82 41.53 -50.93
N THR L 13 43.09 40.53 -51.41
CA THR L 13 43.69 39.33 -51.97
C THR L 13 43.30 39.18 -53.44
N SER L 14 44.12 38.43 -54.16
CA SER L 14 43.98 38.27 -55.61
C SER L 14 43.05 37.10 -55.92
N SER L 15 43.05 36.67 -57.18
CA SER L 15 42.28 35.49 -57.57
C SER L 15 42.84 34.22 -56.95
N ASN L 16 44.14 34.18 -56.72
CA ASN L 16 44.75 33.10 -55.95
C ASN L 16 44.63 33.42 -54.47
N GLY L 17 45.20 32.55 -53.64
CA GLY L 17 45.14 32.77 -52.20
C GLY L 17 46.11 33.79 -51.67
N LEU L 18 46.96 34.36 -52.52
CA LEU L 18 47.99 35.28 -52.08
C LEU L 18 47.40 36.65 -51.76
N ASN L 19 48.12 37.40 -50.92
CA ASN L 19 47.72 38.74 -50.54
C ASN L 19 48.30 39.75 -51.53
N LEU L 20 47.59 40.86 -51.70
CA LEU L 20 48.03 41.93 -52.57
C LEU L 20 48.47 43.13 -51.74
N ASP L 21 49.35 43.93 -52.31
CA ASP L 21 49.85 45.12 -51.65
C ASP L 21 49.73 46.32 -52.59
N GLY L 22 49.49 47.49 -52.02
CA GLY L 22 49.25 48.66 -52.83
C GLY L 22 47.93 48.68 -53.54
N ALA L 23 46.94 47.94 -53.05
CA ALA L 23 45.61 47.96 -53.62
C ALA L 23 44.93 49.29 -53.32
N LYS L 24 44.11 49.76 -54.25
CA LYS L 24 43.56 51.10 -54.18
C LYS L 24 42.03 51.07 -54.25
N TRP L 25 41.39 51.53 -53.18
CA TRP L 25 39.98 51.86 -53.22
C TRP L 25 39.81 53.26 -53.82
N PHE L 26 39.00 53.37 -54.86
CA PHE L 26 38.63 54.68 -55.41
C PHE L 26 37.19 54.96 -55.03
N PHE L 27 36.98 55.93 -54.15
CA PHE L 27 35.65 56.30 -53.70
C PHE L 27 35.15 57.48 -54.51
N TYR L 28 33.90 57.39 -54.94
CA TYR L 28 33.30 58.28 -55.93
C TYR L 28 32.04 58.90 -55.36
N GLN L 29 31.27 59.53 -56.24
CA GLN L 29 29.93 60.00 -55.93
C GLN L 29 28.98 58.84 -56.24
N THR L 30 27.67 59.09 -56.31
CA THR L 30 26.66 58.03 -56.39
C THR L 30 26.80 57.18 -57.66
N GLY L 31 26.76 57.80 -58.83
CA GLY L 31 26.92 57.06 -60.06
C GLY L 31 27.67 57.82 -61.13
N THR L 32 28.47 58.82 -60.74
CA THR L 32 28.93 59.83 -61.67
C THR L 32 30.40 59.74 -62.01
N THR L 33 31.18 58.96 -61.25
CA THR L 33 32.65 58.88 -61.33
C THR L 33 33.28 60.27 -61.15
N THR L 34 32.96 60.87 -60.00
CA THR L 34 33.58 62.11 -59.54
C THR L 34 34.04 61.90 -58.11
N PRO L 35 35.29 62.28 -57.79
CA PRO L 35 35.88 61.88 -56.52
C PRO L 35 35.27 62.59 -55.31
N GLN L 36 34.99 61.83 -54.26
CA GLN L 36 34.57 62.37 -52.97
C GLN L 36 35.63 62.09 -51.92
N SER L 37 35.41 62.64 -50.72
CA SER L 37 36.38 62.55 -49.65
C SER L 37 35.99 61.45 -48.66
N VAL L 38 37.02 60.86 -48.05
CA VAL L 38 36.85 59.80 -47.06
C VAL L 38 37.70 60.16 -45.84
N TYR L 39 37.08 60.12 -44.66
CA TYR L 39 37.68 60.61 -43.43
C TYR L 39 38.31 59.47 -42.66
N THR L 40 39.29 59.81 -41.81
CA THR L 40 40.11 58.80 -41.16
C THR L 40 39.79 58.61 -39.68
N THR L 41 39.00 59.48 -39.08
CA THR L 41 38.79 59.46 -37.65
C THR L 41 37.33 59.15 -37.32
N ALA L 42 37.05 59.06 -36.02
CA ALA L 42 35.69 58.84 -35.54
C ALA L 42 34.77 60.00 -35.92
N ALA L 43 35.26 61.23 -35.82
CA ALA L 43 34.54 62.40 -36.29
C ALA L 43 34.69 62.53 -37.80
N LEU L 44 34.30 63.68 -38.35
CA LEU L 44 34.33 63.89 -39.79
C LEU L 44 35.26 65.05 -40.15
N SER L 45 36.43 65.11 -39.51
CA SER L 45 37.31 66.26 -39.63
C SER L 45 38.46 66.05 -40.60
N VAL L 46 39.29 65.04 -40.37
CA VAL L 46 40.52 64.84 -41.13
C VAL L 46 40.24 63.83 -42.23
N ALA L 47 40.38 64.25 -43.48
CA ALA L 47 40.14 63.41 -44.63
C ALA L 47 41.47 63.00 -45.26
N HIS L 48 41.69 61.71 -45.40
CA HIS L 48 42.88 61.22 -46.09
C HIS L 48 42.59 61.14 -47.59
N SER L 49 43.57 60.64 -48.35
CA SER L 49 43.52 60.71 -49.81
C SER L 49 42.45 59.76 -50.34
N ASN L 50 41.91 60.12 -51.51
CA ASN L 50 40.84 59.30 -52.06
C ASN L 50 41.39 58.01 -52.69
N PRO L 51 42.49 58.01 -53.49
CA PRO L 51 43.13 56.72 -53.73
C PRO L 51 43.93 56.29 -52.49
N VAL L 52 43.36 55.35 -51.74
CA VAL L 52 44.02 54.87 -50.54
C VAL L 52 44.97 53.75 -50.94
N VAL L 53 45.91 53.44 -50.06
CA VAL L 53 46.82 52.32 -50.26
C VAL L 53 46.80 51.46 -49.01
N ALA L 54 47.17 50.19 -49.17
CA ALA L 54 47.25 49.27 -48.06
C ALA L 54 48.72 49.05 -47.70
N ASP L 55 48.95 48.17 -46.74
CA ASP L 55 50.30 47.84 -46.31
C ASP L 55 50.90 46.79 -47.24
N ALA L 56 52.02 46.22 -46.82
CA ALA L 56 52.67 45.17 -47.61
C ALA L 56 51.91 43.86 -47.56
N ALA L 57 51.01 43.70 -46.59
CA ALA L 57 50.19 42.51 -46.49
C ALA L 57 48.74 42.76 -46.90
N GLY L 58 48.37 44.01 -47.17
CA GLY L 58 47.02 44.31 -47.60
C GLY L 58 46.09 44.70 -46.47
N LYS L 59 46.53 45.64 -45.63
CA LYS L 59 45.73 46.18 -44.54
C LYS L 59 45.23 47.57 -44.91
N PHE L 60 43.94 47.71 -45.05
CA PHE L 60 43.54 49.09 -45.23
C PHE L 60 43.32 49.76 -43.89
N PRO L 61 43.54 51.07 -43.79
CA PRO L 61 43.29 51.77 -42.52
C PRO L 61 41.82 51.96 -42.22
N ALA L 62 41.53 52.69 -41.13
CA ALA L 62 40.15 52.94 -40.73
C ALA L 62 39.48 53.89 -41.71
N ILE L 63 38.38 53.43 -42.30
CA ILE L 63 37.69 54.13 -43.37
C ILE L 63 36.29 54.45 -42.90
N TYR L 64 35.94 55.75 -42.88
CA TYR L 64 34.66 56.21 -42.39
C TYR L 64 33.98 57.04 -43.46
N PHE L 65 32.67 56.85 -43.63
CA PHE L 65 31.92 57.60 -44.61
C PHE L 65 31.21 58.78 -43.93
N ASP L 66 30.49 59.55 -44.75
CA ASP L 66 29.58 60.57 -44.27
C ASP L 66 28.19 60.11 -44.68
N THR L 67 27.33 59.80 -43.71
CA THR L 67 26.10 59.08 -43.97
C THR L 67 25.01 59.94 -44.60
N THR L 68 25.24 61.23 -44.81
CA THR L 68 24.26 62.09 -45.46
C THR L 68 24.43 62.16 -46.97
N LEU L 69 25.33 61.36 -47.53
CA LEU L 69 25.59 61.39 -48.97
C LEU L 69 26.14 60.04 -49.40
N GLU L 70 25.73 59.60 -50.59
CA GLU L 70 26.02 58.26 -51.06
C GLU L 70 27.47 58.15 -51.53
N TYR L 71 27.88 56.90 -51.81
CA TYR L 71 29.25 56.60 -52.19
C TYR L 71 29.25 55.47 -53.21
N ARG L 72 30.42 55.23 -53.79
CA ARG L 72 30.65 54.14 -54.73
C ARG L 72 32.14 53.86 -54.75
N GLY L 73 32.51 52.59 -54.60
CA GLY L 73 33.91 52.22 -54.51
C GLY L 73 34.26 51.06 -55.43
N VAL L 74 35.53 51.02 -55.83
CA VAL L 74 36.09 49.94 -56.63
C VAL L 74 37.37 49.46 -55.96
N LEU L 75 38.00 48.46 -56.57
CA LEU L 75 39.35 48.05 -56.19
C LEU L 75 40.20 47.93 -57.45
N LYS L 76 41.44 48.36 -57.34
CA LYS L 76 42.42 48.14 -58.39
C LYS L 76 43.71 47.70 -57.74
N THR L 77 44.61 47.14 -58.54
CA THR L 77 45.94 46.79 -58.08
C THR L 77 46.87 47.99 -58.30
N ALA L 78 48.17 47.75 -58.15
CA ALA L 78 49.16 48.81 -58.25
C ALA L 78 49.30 49.34 -59.67
N ASP L 79 49.01 48.49 -60.67
CA ASP L 79 49.20 48.88 -62.05
C ASP L 79 47.95 49.49 -62.67
N GLU L 80 46.99 49.88 -61.81
CA GLU L 80 45.68 50.39 -62.18
C GLU L 80 44.94 49.47 -63.16
N ALA L 81 44.73 48.21 -62.78
CA ALA L 81 44.06 47.23 -63.62
C ALA L 81 43.40 46.14 -62.78
N THR L 82 42.70 45.21 -63.44
CA THR L 82 42.06 44.03 -62.83
C THR L 82 41.10 44.43 -61.71
N THR L 83 40.01 45.09 -62.08
CA THR L 83 39.01 45.59 -61.13
C THR L 83 38.40 44.44 -60.34
N ILE L 84 38.66 44.42 -59.03
CA ILE L 84 38.20 43.33 -58.19
C ILE L 84 36.73 43.45 -57.83
N TYR L 85 36.35 44.50 -57.11
CA TYR L 85 34.96 44.70 -56.76
C TYR L 85 34.47 46.01 -57.35
N ASP L 86 33.15 46.14 -57.48
CA ASP L 86 32.50 47.36 -57.89
C ASP L 86 31.08 47.33 -57.35
N ILE L 87 30.79 48.20 -56.38
CA ILE L 87 29.50 48.20 -55.70
C ILE L 87 28.94 49.60 -55.81
N ASP L 88 27.73 49.73 -56.37
CA ASP L 88 27.26 51.04 -56.77
C ASP L 88 26.71 51.83 -55.56
N PRO L 89 25.74 51.33 -54.72
CA PRO L 89 25.61 51.99 -53.39
C PRO L 89 26.39 51.32 -52.26
N ILE L 90 27.71 51.55 -52.21
CA ILE L 90 28.56 50.86 -51.23
C ILE L 90 28.28 51.32 -49.80
N ASN L 91 27.69 52.49 -49.63
CA ASN L 91 27.26 52.97 -48.33
C ASN L 91 25.83 52.49 -48.08
N SER L 92 25.48 52.32 -46.81
CA SER L 92 24.08 52.12 -46.42
C SER L 92 23.57 53.41 -45.78
N GLY L 93 22.63 54.07 -46.46
CA GLY L 93 22.15 55.36 -46.00
C GLY L 93 21.29 55.29 -44.77
N ILE L 94 21.83 55.77 -43.64
CA ILE L 94 21.07 55.85 -42.40
C ILE L 94 20.23 57.11 -42.33
N LEU L 95 20.85 58.28 -42.54
CA LEU L 95 20.12 59.54 -42.44
C LEU L 95 19.66 60.04 -43.80
N SER L 96 20.41 59.76 -44.86
CA SER L 96 20.06 60.30 -46.17
C SER L 96 18.87 59.58 -46.79
N VAL L 97 18.55 58.38 -46.33
CA VAL L 97 17.38 57.66 -46.83
C VAL L 97 16.14 58.03 -46.02
N LEU L 98 16.27 58.13 -44.70
CA LEU L 98 15.17 58.51 -43.83
C LEU L 98 14.80 59.99 -43.97
N GLY L 99 15.69 60.80 -44.55
CA GLY L 99 15.40 62.21 -44.73
C GLY L 99 14.66 62.54 -46.00
N THR L 100 14.65 61.64 -46.98
CA THR L 100 13.99 61.88 -48.26
C THR L 100 12.68 61.09 -48.34
N SER L 101 12.69 59.87 -47.80
CA SER L 101 11.50 59.05 -47.70
C SER L 101 11.41 58.43 -46.31
N SER L 102 10.39 57.59 -46.11
CA SER L 102 10.07 56.94 -44.83
C SER L 102 9.91 57.93 -43.68
N MET M 1 -28.51 -5.83 -62.84
CA MET M 1 -29.32 -5.49 -64.00
C MET M 1 -28.45 -5.30 -65.24
N ALA M 2 -27.21 -4.89 -65.04
CA ALA M 2 -26.26 -4.68 -66.12
C ALA M 2 -25.02 -5.55 -65.92
N ALA M 3 -24.37 -5.88 -67.03
CA ALA M 3 -23.20 -6.75 -67.02
C ALA M 3 -21.94 -5.89 -67.11
N GLU M 4 -21.08 -6.04 -66.12
CA GLU M 4 -19.77 -5.41 -66.11
C GLU M 4 -18.73 -6.40 -66.58
N LEU M 5 -17.86 -5.97 -67.49
CA LEU M 5 -16.88 -6.86 -68.08
C LEU M 5 -15.59 -6.86 -67.26
N HIS M 6 -14.93 -8.01 -67.26
CA HIS M 6 -13.68 -8.21 -66.52
C HIS M 6 -12.49 -8.28 -67.46
N ILE M 7 -11.40 -7.64 -67.06
CA ILE M 7 -10.13 -7.67 -67.79
C ILE M 7 -9.04 -8.04 -66.80
N THR M 8 -8.27 -9.06 -67.12
CA THR M 8 -7.17 -9.49 -66.26
C THR M 8 -6.04 -8.47 -66.32
N PRO M 9 -5.47 -8.07 -65.20
CA PRO M 9 -4.37 -7.10 -65.25
C PRO M 9 -3.07 -7.73 -65.72
N SER M 10 -2.25 -6.91 -66.37
CA SER M 10 -1.01 -7.38 -66.97
C SER M 10 0.18 -7.03 -66.10
N ARG M 11 1.38 -7.29 -66.63
CA ARG M 11 2.63 -6.95 -65.99
C ARG M 11 3.34 -5.87 -66.79
N ALA M 12 4.40 -5.33 -66.18
CA ALA M 12 5.25 -4.36 -66.86
C ALA M 12 6.32 -5.12 -67.62
N THR M 13 6.15 -5.24 -68.93
CA THR M 13 7.07 -5.96 -69.79
C THR M 13 7.68 -5.01 -70.82
N SER M 14 8.85 -5.41 -71.33
CA SER M 14 9.63 -4.59 -72.23
C SER M 14 9.21 -4.85 -73.68
N SER M 15 10.02 -4.38 -74.63
CA SER M 15 9.78 -4.66 -76.04
C SER M 15 9.97 -6.14 -76.36
N ASN M 16 10.86 -6.81 -75.65
CA ASN M 16 10.97 -8.25 -75.73
C ASN M 16 9.93 -8.90 -74.81
N GLY M 17 9.96 -10.22 -74.74
CA GLY M 17 9.02 -10.92 -73.89
C GLY M 17 9.35 -10.91 -72.41
N LEU M 18 10.47 -10.32 -72.02
CA LEU M 18 10.92 -10.36 -70.64
C LEU M 18 10.13 -9.37 -69.79
N ASN M 19 10.11 -9.66 -68.49
CA ASN M 19 9.43 -8.79 -67.53
C ASN M 19 10.38 -7.72 -67.03
N LEU M 20 9.82 -6.57 -66.67
CA LEU M 20 10.59 -5.47 -66.13
C LEU M 20 10.30 -5.31 -64.64
N ASP M 21 11.27 -4.75 -63.92
CA ASP M 21 11.13 -4.51 -62.50
C ASP M 21 11.50 -3.07 -62.18
N GLY M 22 10.84 -2.52 -61.16
CA GLY M 22 11.03 -1.12 -60.85
C GLY M 22 10.43 -0.16 -61.85
N ALA M 23 9.42 -0.60 -62.61
CA ALA M 23 8.74 0.30 -63.52
C ALA M 23 7.89 1.29 -62.75
N LYS M 24 7.76 2.49 -63.29
CA LYS M 24 7.14 3.60 -62.55
C LYS M 24 6.01 4.20 -63.36
N TRP M 25 4.79 4.12 -62.79
CA TRP M 25 3.68 4.93 -63.26
C TRP M 25 3.77 6.32 -62.66
N PHE M 26 3.77 7.35 -63.49
CA PHE M 26 3.69 8.73 -63.02
C PHE M 26 2.29 9.25 -63.32
N PHE M 27 1.49 9.46 -62.28
CA PHE M 27 0.14 9.96 -62.44
C PHE M 27 0.12 11.47 -62.24
N TYR M 28 -0.59 12.16 -63.14
CA TYR M 28 -0.54 13.59 -63.29
C TYR M 28 -1.94 14.18 -63.18
N GLN M 29 -2.06 15.44 -63.54
CA GLN M 29 -3.36 16.09 -63.69
C GLN M 29 -3.79 15.85 -65.15
N THR M 30 -4.81 16.56 -65.63
CA THR M 30 -5.44 16.27 -66.92
C THR M 30 -4.48 16.40 -68.10
N GLY M 31 -3.86 17.56 -68.26
CA GLY M 31 -2.89 17.73 -69.34
C GLY M 31 -1.73 18.62 -68.98
N THR M 32 -1.45 18.77 -67.68
CA THR M 32 -0.63 19.86 -67.20
C THR M 32 0.76 19.43 -66.71
N THR M 33 0.98 18.13 -66.51
CA THR M 33 2.19 17.55 -65.90
C THR M 33 2.43 18.17 -64.52
N THR M 34 1.42 18.01 -63.66
CA THR M 34 1.51 18.35 -62.24
C THR M 34 1.02 17.14 -61.44
N PRO M 35 1.74 16.74 -60.41
CA PRO M 35 1.47 15.45 -59.76
C PRO M 35 0.18 15.46 -58.94
N GLN M 36 -0.59 14.39 -59.08
CA GLN M 36 -1.78 14.14 -58.27
C GLN M 36 -1.55 12.90 -57.41
N SER M 37 -2.51 12.64 -56.53
CA SER M 37 -2.41 11.55 -55.58
C SER M 37 -3.20 10.33 -56.04
N VAL M 38 -2.71 9.16 -55.66
CA VAL M 38 -3.33 7.87 -56.00
C VAL M 38 -3.45 7.07 -54.72
N TYR M 39 -4.66 6.56 -54.45
CA TYR M 39 -4.99 5.93 -53.18
C TYR M 39 -4.85 4.42 -53.30
N THR M 40 -4.63 3.75 -52.17
CA THR M 40 -4.30 2.33 -52.16
C THR M 40 -5.42 1.43 -51.69
N THR M 41 -6.50 1.97 -51.16
CA THR M 41 -7.54 1.16 -50.55
C THR M 41 -8.85 1.31 -51.32
N ALA M 42 -9.86 0.57 -50.86
CA ALA M 42 -11.20 0.65 -51.43
C ALA M 42 -11.81 2.04 -51.25
N ALA M 43 -11.61 2.64 -50.07
CA ALA M 43 -12.00 4.02 -49.82
C ALA M 43 -10.97 4.97 -50.42
N LEU M 44 -11.05 6.25 -50.07
CA LEU M 44 -10.16 7.26 -50.63
C LEU M 44 -9.34 7.93 -49.54
N SER M 45 -8.82 7.14 -48.60
CA SER M 45 -8.17 7.66 -47.41
C SER M 45 -6.65 7.65 -47.49
N VAL M 46 -6.04 6.50 -47.70
CA VAL M 46 -4.59 6.34 -47.63
C VAL M 46 -4.03 6.42 -49.05
N ALA M 47 -3.20 7.42 -49.30
CA ALA M 47 -2.59 7.62 -50.61
C ALA M 47 -1.14 7.22 -50.57
N HIS M 48 -0.74 6.33 -51.46
CA HIS M 48 0.66 5.95 -51.58
C HIS M 48 1.36 6.91 -52.53
N SER M 49 2.64 6.66 -52.79
CA SER M 49 3.49 7.60 -53.51
C SER M 49 3.06 7.70 -54.97
N ASN M 50 3.32 8.86 -55.57
CA ASN M 50 2.90 9.04 -56.96
C ASN M 50 3.85 8.32 -57.91
N PRO M 51 5.20 8.38 -57.79
CA PRO M 51 5.98 7.37 -58.53
C PRO M 51 5.89 6.02 -57.82
N VAL M 52 5.08 5.13 -58.38
CA VAL M 52 4.91 3.81 -57.81
C VAL M 52 6.01 2.91 -58.35
N VAL M 53 6.24 1.80 -57.66
CA VAL M 53 7.18 0.79 -58.13
C VAL M 53 6.49 -0.56 -58.11
N ALA M 54 7.01 -1.47 -58.92
CA ALA M 54 6.49 -2.82 -58.98
C ALA M 54 7.44 -3.76 -58.25
N ASP M 55 7.11 -5.05 -58.28
CA ASP M 55 7.94 -6.06 -57.65
C ASP M 55 9.09 -6.45 -58.57
N ALA M 56 9.78 -7.54 -58.22
CA ALA M 56 10.87 -8.02 -59.05
C ALA M 56 10.37 -8.67 -60.34
N ALA M 57 9.10 -9.04 -60.40
CA ALA M 57 8.49 -9.60 -61.60
C ALA M 57 7.59 -8.62 -62.33
N GLY M 58 7.34 -7.45 -61.76
CA GLY M 58 6.51 -6.46 -62.40
C GLY M 58 5.06 -6.52 -62.00
N LYS M 59 4.80 -6.53 -60.70
CA LYS M 59 3.44 -6.53 -60.16
C LYS M 59 3.15 -5.15 -59.58
N PHE M 60 2.20 -4.46 -60.18
CA PHE M 60 1.86 -3.23 -59.48
C PHE M 60 0.80 -3.50 -58.43
N PRO M 61 0.78 -2.74 -57.34
CA PRO M 61 -0.26 -2.93 -56.32
C PRO M 61 -1.62 -2.41 -56.74
N ALA M 62 -2.58 -2.46 -55.81
CA ALA M 62 -3.94 -2.01 -56.10
C ALA M 62 -3.95 -0.49 -56.24
N ILE M 63 -4.41 -0.02 -57.41
CA ILE M 63 -4.37 1.39 -57.78
C ILE M 63 -5.79 1.87 -57.99
N TYR M 64 -6.20 2.88 -57.22
CA TYR M 64 -7.56 3.40 -57.28
C TYR M 64 -7.52 4.89 -57.55
N PHE M 65 -8.42 5.35 -58.40
CA PHE M 65 -8.48 6.77 -58.71
C PHE M 65 -9.57 7.45 -57.89
N ASP M 66 -9.71 8.75 -58.09
CA ASP M 66 -10.84 9.54 -57.58
C ASP M 66 -11.62 10.01 -58.78
N THR M 67 -12.86 9.52 -58.91
CA THR M 67 -13.60 9.66 -60.16
C THR M 67 -14.15 11.06 -60.40
N THR M 68 -13.96 12.00 -59.48
CA THR M 68 -14.43 13.36 -59.66
C THR M 68 -13.37 14.26 -60.29
N LEU M 69 -12.24 13.71 -60.70
CA LEU M 69 -11.17 14.50 -61.28
C LEU M 69 -10.34 13.61 -62.21
N GLU M 70 -9.88 14.18 -63.32
CA GLU M 70 -9.23 13.44 -64.37
C GLU M 70 -7.79 13.07 -63.98
N TYR M 71 -7.18 12.24 -64.81
CA TYR M 71 -5.84 11.73 -64.56
C TYR M 71 -5.10 11.57 -65.88
N ARG M 72 -3.81 11.29 -65.78
CA ARG M 72 -2.94 11.03 -66.92
C ARG M 72 -1.73 10.26 -66.42
N GLY M 73 -1.41 9.15 -67.06
CA GLY M 73 -0.33 8.30 -66.60
C GLY M 73 0.61 7.92 -67.72
N VAL M 74 1.87 7.66 -67.35
CA VAL M 74 2.90 7.17 -68.24
C VAL M 74 3.54 5.93 -67.63
N LEU M 75 4.52 5.37 -68.34
CA LEU M 75 5.39 4.34 -67.80
C LEU M 75 6.83 4.69 -68.10
N LYS M 76 7.70 4.43 -67.14
CA LYS M 76 9.14 4.55 -67.34
C LYS M 76 9.79 3.34 -66.71
N THR M 77 11.04 3.10 -67.08
CA THR M 77 11.84 2.07 -66.45
C THR M 77 12.58 2.66 -65.26
N ALA M 78 13.54 1.91 -64.72
CA ALA M 78 14.27 2.32 -63.53
C ALA M 78 15.20 3.49 -63.81
N ASP M 79 15.65 3.63 -65.05
CA ASP M 79 16.61 4.67 -65.38
C ASP M 79 15.96 5.96 -65.86
N GLU M 80 14.65 6.07 -65.62
CA GLU M 80 13.77 7.15 -66.08
C GLU M 80 13.89 7.39 -67.59
N ALA M 81 13.62 6.37 -68.40
CA ALA M 81 13.71 6.46 -69.85
C ALA M 81 12.79 5.45 -70.51
N THR M 82 12.73 5.48 -71.85
CA THR M 82 11.98 4.54 -72.71
C THR M 82 10.51 4.51 -72.32
N THR M 83 9.80 5.62 -72.55
CA THR M 83 8.38 5.76 -72.20
C THR M 83 7.53 4.72 -72.92
N ILE M 84 6.95 3.81 -72.15
CA ILE M 84 6.18 2.71 -72.72
C ILE M 84 4.79 3.16 -73.17
N TYR M 85 3.94 3.60 -72.24
CA TYR M 85 2.61 4.05 -72.60
C TYR M 85 2.47 5.51 -72.19
N ASP M 86 1.50 6.18 -72.82
CA ASP M 86 1.12 7.54 -72.46
C ASP M 86 -0.32 7.73 -72.91
N ILE M 87 -1.23 7.85 -71.94
CA ILE M 87 -2.65 7.95 -72.21
C ILE M 87 -3.17 9.20 -71.53
N ASP M 88 -3.79 10.09 -72.32
CA ASP M 88 -4.05 11.43 -71.80
C ASP M 88 -5.29 11.45 -70.90
N PRO M 89 -6.53 10.97 -71.30
CA PRO M 89 -7.50 10.67 -70.23
C PRO M 89 -7.51 9.21 -69.75
N ILE M 90 -6.54 8.83 -68.92
CA ILE M 90 -6.40 7.43 -68.51
C ILE M 90 -7.54 6.98 -67.60
N ASN M 91 -8.22 7.93 -66.95
CA ASN M 91 -9.40 7.63 -66.17
C ASN M 91 -10.63 7.69 -67.08
N SER M 92 -11.67 6.94 -66.73
CA SER M 92 -12.98 7.10 -67.35
C SER M 92 -13.90 7.80 -66.37
N GLY M 93 -14.29 9.04 -66.68
CA GLY M 93 -15.08 9.84 -65.77
C GLY M 93 -16.51 9.38 -65.60
N ILE M 94 -16.81 8.81 -64.43
CA ILE M 94 -18.18 8.41 -64.12
C ILE M 94 -19.00 9.56 -63.59
N LEU M 95 -18.51 10.26 -62.57
CA LEU M 95 -19.26 11.36 -61.97
C LEU M 95 -18.85 12.71 -62.52
N SER M 96 -17.58 12.87 -62.88
CA SER M 96 -17.10 14.17 -63.34
C SER M 96 -17.59 14.52 -64.74
N VAL M 97 -18.00 13.52 -65.52
CA VAL M 97 -18.54 13.78 -66.85
C VAL M 97 -20.04 14.03 -66.78
N LEU M 98 -20.75 13.23 -65.98
CA LEU M 98 -22.19 13.41 -65.79
C LEU M 98 -22.55 14.65 -64.99
N GLY M 99 -21.58 15.23 -64.28
CA GLY M 99 -21.84 16.42 -63.49
C GLY M 99 -21.68 17.72 -64.26
N THR M 100 -20.99 17.68 -65.40
CA THR M 100 -20.75 18.88 -66.20
C THR M 100 -21.65 18.89 -67.44
N SER M 101 -21.85 17.72 -68.03
CA SER M 101 -22.77 17.55 -69.15
C SER M 101 -23.61 16.31 -68.92
N SER M 102 -24.46 15.99 -69.92
CA SER M 102 -25.43 14.89 -69.89
C SER M 102 -26.37 14.94 -68.68
N MET N 1 -21.46 10.54 -76.54
CA MET N 1 -21.20 11.83 -75.90
C MET N 1 -19.96 11.75 -75.01
N ALA N 2 -19.67 10.56 -74.49
CA ALA N 2 -18.51 10.34 -73.64
C ALA N 2 -17.62 9.25 -74.23
N ALA N 3 -16.33 9.35 -73.91
CA ALA N 3 -15.33 8.43 -74.44
C ALA N 3 -15.03 7.35 -73.40
N GLU N 4 -15.23 6.11 -73.79
CA GLU N 4 -14.89 4.95 -72.98
C GLU N 4 -13.54 4.41 -73.43
N LEU N 5 -12.65 4.14 -72.48
CA LEU N 5 -11.30 3.71 -72.79
C LEU N 5 -11.23 2.19 -72.90
N HIS N 6 -10.34 1.72 -73.76
CA HIS N 6 -10.15 0.29 -74.01
C HIS N 6 -8.83 -0.19 -73.44
N ILE N 7 -8.88 -1.37 -72.82
CA ILE N 7 -7.70 -2.04 -72.28
C ILE N 7 -7.68 -3.46 -72.82
N THR N 8 -6.56 -3.85 -73.41
CA THR N 8 -6.42 -5.20 -73.94
C THR N 8 -6.28 -6.19 -72.80
N PRO N 9 -6.99 -7.31 -72.83
CA PRO N 9 -6.87 -8.28 -71.73
C PRO N 9 -5.56 -9.06 -71.82
N SER N 10 -5.07 -9.47 -70.66
CA SER N 10 -3.79 -10.13 -70.54
C SER N 10 -3.98 -11.64 -70.39
N ARG N 11 -2.87 -12.32 -70.14
CA ARG N 11 -2.85 -13.76 -69.88
C ARG N 11 -2.44 -14.01 -68.44
N ALA N 12 -2.58 -15.26 -68.01
CA ALA N 12 -2.13 -15.69 -66.69
C ALA N 12 -0.68 -16.10 -66.81
N THR N 13 0.23 -15.24 -66.37
CA THR N 13 1.66 -15.50 -66.43
C THR N 13 2.26 -15.53 -65.03
N SER N 14 3.40 -16.21 -64.92
CA SER N 14 4.07 -16.43 -63.65
C SER N 14 5.00 -15.28 -63.33
N SER N 15 5.88 -15.48 -62.34
CA SER N 15 6.89 -14.49 -62.01
C SER N 15 7.92 -14.36 -63.12
N ASN N 16 8.18 -15.44 -63.85
CA ASN N 16 8.99 -15.37 -65.05
C ASN N 16 8.11 -14.95 -66.23
N GLY N 17 8.71 -14.90 -67.41
CA GLY N 17 7.95 -14.53 -68.59
C GLY N 17 7.05 -15.60 -69.16
N LEU N 18 7.07 -16.80 -68.59
CA LEU N 18 6.32 -17.91 -69.14
C LEU N 18 4.84 -17.80 -68.81
N ASN N 19 4.03 -18.45 -69.63
CA ASN N 19 2.58 -18.47 -69.44
C ASN N 19 2.20 -19.63 -68.51
N LEU N 20 1.11 -19.44 -67.79
CA LEU N 20 0.58 -20.47 -66.91
C LEU N 20 -0.70 -21.04 -67.49
N ASP N 21 -1.00 -22.28 -67.12
CA ASP N 21 -2.19 -22.96 -67.57
C ASP N 21 -2.93 -23.56 -66.37
N GLY N 22 -4.25 -23.59 -66.45
CA GLY N 22 -5.05 -24.03 -65.33
C GLY N 22 -5.10 -23.06 -64.18
N ALA N 23 -4.86 -21.78 -64.43
CA ALA N 23 -4.97 -20.78 -63.39
C ALA N 23 -6.44 -20.56 -63.03
N LYS N 24 -6.70 -20.26 -61.76
CA LYS N 24 -8.05 -20.23 -61.24
C LYS N 24 -8.35 -18.89 -60.60
N TRP N 25 -9.33 -18.17 -61.15
CA TRP N 25 -9.94 -17.04 -60.46
C TRP N 25 -10.99 -17.57 -59.50
N PHE N 26 -10.89 -17.20 -58.23
CA PHE N 26 -11.93 -17.48 -57.25
C PHE N 26 -12.67 -16.19 -56.94
N PHE N 27 -13.92 -16.11 -57.36
CA PHE N 27 -14.73 -14.92 -57.12
C PHE N 27 -15.60 -15.13 -55.90
N TYR N 28 -15.65 -14.11 -55.06
CA TYR N 28 -16.20 -14.19 -53.71
C TYR N 28 -17.28 -13.12 -53.54
N GLN N 29 -17.68 -12.92 -52.30
CA GLN N 29 -18.54 -11.80 -51.92
C GLN N 29 -17.60 -10.64 -51.58
N THR N 30 -18.11 -9.58 -50.94
CA THR N 30 -17.37 -8.33 -50.76
C THR N 30 -16.09 -8.51 -49.93
N GLY N 31 -16.21 -9.03 -48.72
CA GLY N 31 -15.03 -9.27 -47.91
C GLY N 31 -15.13 -10.52 -47.06
N THR N 32 -15.98 -11.46 -47.44
CA THR N 32 -16.43 -12.50 -46.53
C THR N 32 -15.88 -13.87 -46.84
N THR N 33 -15.28 -14.07 -48.02
CA THR N 33 -14.83 -15.38 -48.55
C THR N 33 -16.00 -16.37 -48.58
N THR N 34 -17.04 -15.98 -49.30
CA THR N 34 -18.18 -16.84 -49.60
C THR N 34 -18.43 -16.77 -51.10
N PRO N 35 -18.61 -17.91 -51.77
CA PRO N 35 -18.59 -17.92 -53.24
C PRO N 35 -19.84 -17.30 -53.85
N GLN N 36 -19.62 -16.48 -54.88
CA GLN N 36 -20.68 -15.91 -55.70
C GLN N 36 -20.60 -16.46 -57.11
N SER N 37 -21.59 -16.11 -57.92
CA SER N 37 -21.70 -16.63 -59.28
C SER N 37 -21.19 -15.62 -60.29
N VAL N 38 -20.65 -16.14 -61.39
CA VAL N 38 -20.12 -15.33 -62.48
C VAL N 38 -20.70 -15.86 -63.79
N TYR N 39 -21.27 -14.96 -64.60
CA TYR N 39 -22.04 -15.31 -65.77
C TYR N 39 -21.17 -15.25 -67.01
N THR N 40 -21.55 -15.99 -68.04
CA THR N 40 -20.71 -16.16 -69.22
C THR N 40 -21.19 -15.40 -70.45
N THR N 41 -22.38 -14.83 -70.43
CA THR N 41 -22.97 -14.22 -71.61
C THR N 41 -23.14 -12.73 -71.41
N ALA N 42 -23.63 -12.06 -72.46
CA ALA N 42 -23.94 -10.64 -72.40
C ALA N 42 -25.04 -10.34 -71.40
N ALA N 43 -26.07 -11.19 -71.34
CA ALA N 43 -27.11 -11.11 -70.32
C ALA N 43 -26.62 -11.73 -69.02
N LEU N 44 -27.52 -11.94 -68.08
CA LEU N 44 -27.15 -12.46 -66.77
C LEU N 44 -27.82 -13.80 -66.50
N SER N 45 -27.86 -14.68 -67.50
CA SER N 45 -28.64 -15.91 -67.43
C SER N 45 -27.80 -17.14 -67.09
N VAL N 46 -26.78 -17.45 -67.89
CA VAL N 46 -26.03 -18.68 -67.77
C VAL N 46 -24.77 -18.39 -66.96
N ALA N 47 -24.64 -19.03 -65.81
CA ALA N 47 -23.49 -18.84 -64.93
C ALA N 47 -22.59 -20.06 -65.01
N HIS N 48 -21.32 -19.84 -65.32
CA HIS N 48 -20.34 -20.92 -65.32
C HIS N 48 -19.77 -21.06 -63.92
N SER N 49 -18.80 -21.97 -63.77
CA SER N 49 -18.31 -22.37 -62.46
C SER N 49 -17.52 -21.23 -61.81
N ASN N 50 -17.51 -21.22 -60.48
CA ASN N 50 -16.83 -20.13 -59.79
C ASN N 50 -15.31 -20.35 -59.82
N PRO N 51 -14.74 -21.56 -59.55
CA PRO N 51 -13.34 -21.73 -59.95
C PRO N 51 -13.25 -21.93 -61.45
N VAL N 52 -12.84 -20.87 -62.15
CA VAL N 52 -12.70 -20.94 -63.60
C VAL N 52 -11.32 -21.49 -63.92
N VAL N 53 -11.16 -21.97 -65.16
CA VAL N 53 -9.88 -22.44 -65.64
C VAL N 53 -9.58 -21.75 -66.96
N ALA N 54 -8.30 -21.68 -67.30
CA ALA N 54 -7.89 -21.11 -68.56
C ALA N 54 -7.48 -22.23 -69.52
N ASP N 55 -7.01 -21.84 -70.70
CA ASP N 55 -6.55 -22.79 -71.69
C ASP N 55 -5.12 -23.21 -71.39
N ALA N 56 -4.51 -23.89 -72.36
CA ALA N 56 -3.13 -24.32 -72.20
C ALA N 56 -2.15 -23.17 -72.31
N ALA N 57 -2.58 -22.02 -72.85
CA ALA N 57 -1.75 -20.84 -72.95
C ALA N 57 -2.15 -19.76 -71.94
N GLY N 58 -3.26 -19.96 -71.22
CA GLY N 58 -3.68 -18.99 -70.24
C GLY N 58 -4.69 -17.98 -70.76
N LYS N 59 -5.74 -18.46 -71.40
CA LYS N 59 -6.83 -17.63 -71.90
C LYS N 59 -8.04 -17.79 -71.01
N PHE N 60 -8.42 -16.74 -70.33
CA PHE N 60 -9.68 -16.92 -69.63
C PHE N 60 -10.85 -16.57 -70.55
N PRO N 61 -12.00 -17.21 -70.36
CA PRO N 61 -13.17 -16.88 -71.19
C PRO N 61 -13.81 -15.55 -70.82
N ALA N 62 -14.93 -15.24 -71.47
CA ALA N 62 -15.63 -13.99 -71.21
C ALA N 62 -16.26 -14.02 -69.82
N ILE N 63 -15.88 -13.05 -69.00
CA ILE N 63 -16.28 -13.00 -67.59
C ILE N 63 -17.07 -11.72 -67.37
N TYR N 64 -18.31 -11.88 -66.91
CA TYR N 64 -19.22 -10.75 -66.70
C TYR N 64 -19.71 -10.76 -65.27
N PHE N 65 -19.78 -9.58 -64.66
CA PHE N 65 -20.26 -9.47 -63.30
C PHE N 65 -21.73 -9.05 -63.29
N ASP N 66 -22.28 -8.93 -62.08
CA ASP N 66 -23.59 -8.33 -61.85
C ASP N 66 -23.35 -7.05 -61.07
N THR N 67 -23.65 -5.92 -61.68
CA THR N 67 -23.19 -4.63 -61.17
C THR N 67 -23.97 -4.14 -59.95
N THR N 68 -24.99 -4.88 -59.49
CA THR N 68 -25.75 -4.50 -58.31
C THR N 68 -25.19 -5.11 -57.04
N LEU N 69 -24.05 -5.79 -57.12
CA LEU N 69 -23.47 -6.44 -55.95
C LEU N 69 -21.96 -6.57 -56.16
N GLU N 70 -21.21 -6.40 -55.07
CA GLU N 70 -19.76 -6.31 -55.13
C GLU N 70 -19.14 -7.69 -55.32
N TYR N 71 -17.84 -7.69 -55.58
CA TYR N 71 -17.10 -8.91 -55.86
C TYR N 71 -15.69 -8.80 -55.27
N ARG N 72 -14.98 -9.92 -55.29
CA ARG N 72 -13.59 -10.01 -54.85
C ARG N 72 -12.97 -11.23 -55.49
N GLY N 73 -11.82 -11.07 -56.12
CA GLY N 73 -11.19 -12.15 -56.85
C GLY N 73 -9.73 -12.31 -56.50
N VAL N 74 -9.24 -13.54 -56.65
CA VAL N 74 -7.83 -13.88 -56.47
C VAL N 74 -7.36 -14.65 -57.69
N LEU N 75 -6.09 -15.04 -57.68
CA LEU N 75 -5.55 -15.98 -58.64
C LEU N 75 -4.76 -17.05 -57.92
N LYS N 76 -4.89 -18.29 -58.38
CA LYS N 76 -4.06 -19.38 -57.90
C LYS N 76 -3.60 -20.18 -59.10
N THR N 77 -2.60 -21.01 -58.90
CA THR N 77 -2.15 -21.93 -59.92
C THR N 77 -2.91 -23.24 -59.78
N ALA N 78 -2.45 -24.27 -60.49
CA ALA N 78 -3.13 -25.56 -60.50
C ALA N 78 -3.01 -26.29 -59.16
N ASP N 79 -1.96 -26.01 -58.40
CA ASP N 79 -1.73 -26.72 -57.16
C ASP N 79 -2.33 -26.01 -55.95
N GLU N 80 -3.22 -25.05 -56.22
CA GLU N 80 -3.85 -24.16 -55.24
C GLU N 80 -2.83 -23.46 -54.35
N ALA N 81 -1.90 -22.72 -54.95
CA ALA N 81 -0.86 -22.02 -54.20
C ALA N 81 -0.36 -20.80 -54.98
N THR N 82 0.55 -20.02 -54.38
CA THR N 82 1.23 -18.86 -54.97
C THR N 82 0.22 -17.83 -55.48
N THR N 83 -0.50 -17.20 -54.55
CA THR N 83 -1.54 -16.22 -54.85
C THR N 83 -0.96 -15.04 -55.61
N ILE N 84 -1.37 -14.88 -56.87
CA ILE N 84 -0.83 -13.85 -57.73
C ILE N 84 -1.42 -12.49 -57.43
N TYR N 85 -2.73 -12.31 -57.62
CA TYR N 85 -3.37 -11.04 -57.33
C TYR N 85 -4.43 -11.25 -56.26
N ASP N 86 -4.80 -10.16 -55.60
CA ASP N 86 -5.89 -10.13 -54.64
C ASP N 86 -6.40 -8.71 -54.57
N ILE N 87 -7.61 -8.49 -55.08
CA ILE N 87 -8.19 -7.15 -55.16
C ILE N 87 -9.53 -7.18 -54.45
N ASP N 88 -9.71 -6.31 -53.46
CA ASP N 88 -10.84 -6.48 -52.57
C ASP N 88 -12.13 -5.93 -53.21
N PRO N 89 -12.25 -4.63 -53.70
CA PRO N 89 -13.36 -4.38 -54.63
C PRO N 89 -13.02 -4.50 -56.12
N ILE N 90 -12.94 -5.74 -56.62
CA ILE N 90 -12.49 -5.97 -57.99
C ILE N 90 -13.52 -5.47 -59.01
N ASN N 91 -14.77 -5.32 -58.61
CA ASN N 91 -15.79 -4.73 -59.46
C ASN N 91 -15.79 -3.22 -59.24
N SER N 92 -16.21 -2.48 -60.27
CA SER N 92 -16.51 -1.06 -60.12
C SER N 92 -18.02 -0.87 -60.12
N GLY N 93 -18.58 -0.48 -58.98
CA GLY N 93 -20.02 -0.38 -58.84
C GLY N 93 -20.64 0.78 -59.60
N ILE N 94 -21.36 0.44 -60.67
CA ILE N 94 -22.08 1.44 -61.44
C ILE N 94 -23.44 1.76 -60.82
N LEU N 95 -24.25 0.73 -60.57
CA LEU N 95 -25.58 0.96 -60.03
C LEU N 95 -25.63 0.80 -58.51
N SER N 96 -24.80 -0.08 -57.95
CA SER N 96 -24.85 -0.34 -56.52
C SER N 96 -24.26 0.81 -55.70
N VAL N 97 -23.44 1.65 -56.31
CA VAL N 97 -22.88 2.81 -55.61
C VAL N 97 -23.82 4.01 -55.73
N LEU N 98 -24.37 4.22 -56.92
CA LEU N 98 -25.32 5.32 -57.14
C LEU N 98 -26.67 5.08 -56.47
N GLY N 99 -26.96 3.84 -56.08
CA GLY N 99 -28.22 3.54 -55.44
C GLY N 99 -28.21 3.72 -53.94
N THR N 100 -27.02 3.77 -53.32
CA THR N 100 -26.91 3.90 -51.87
C THR N 100 -26.47 5.32 -51.49
N SER N 101 -25.59 5.90 -52.31
CA SER N 101 -25.18 7.29 -52.15
C SER N 101 -25.18 7.98 -53.51
N SER N 102 -24.74 9.24 -53.52
CA SER N 102 -24.73 10.13 -54.68
C SER N 102 -26.09 10.25 -55.35
N MET O 1 -15.56 10.89 -55.01
CA MET O 1 -16.50 10.24 -54.11
C MET O 1 -16.47 8.73 -54.29
N ALA O 2 -16.14 8.29 -55.50
CA ALA O 2 -16.06 6.87 -55.82
C ALA O 2 -14.66 6.52 -56.33
N ALA O 3 -14.29 5.25 -56.14
CA ALA O 3 -12.97 4.76 -56.50
C ALA O 3 -13.06 4.03 -57.83
N GLU O 4 -12.29 4.49 -58.80
CA GLU O 4 -12.17 3.84 -60.10
C GLU O 4 -10.90 2.99 -60.09
N LEU O 5 -11.01 1.76 -60.56
CA LEU O 5 -9.89 0.83 -60.52
C LEU O 5 -9.06 0.93 -61.80
N HIS O 6 -7.76 0.68 -61.66
CA HIS O 6 -6.82 0.76 -62.76
C HIS O 6 -6.34 -0.62 -63.16
N ILE O 7 -6.24 -0.84 -64.48
CA ILE O 7 -5.73 -2.08 -65.05
C ILE O 7 -4.66 -1.71 -66.06
N THR O 8 -3.47 -2.30 -65.93
CA THR O 8 -2.39 -2.02 -66.85
C THR O 8 -2.68 -2.70 -68.19
N PRO O 9 -2.49 -2.02 -69.31
CA PRO O 9 -2.75 -2.65 -70.61
C PRO O 9 -1.67 -3.64 -70.98
N SER O 10 -2.06 -4.65 -71.74
CA SER O 10 -1.18 -5.75 -72.11
C SER O 10 -0.68 -5.57 -73.54
N ARG O 11 0.03 -6.58 -74.02
CA ARG O 11 0.52 -6.64 -75.38
C ARG O 11 -0.20 -7.76 -76.14
N ALA O 12 0.01 -7.77 -77.45
CA ALA O 12 -0.50 -8.85 -78.29
C ALA O 12 0.52 -9.97 -78.32
N THR O 13 0.25 -11.03 -77.56
CA THR O 13 1.14 -12.17 -77.46
C THR O 13 0.45 -13.42 -77.96
N SER O 14 1.26 -14.40 -78.37
CA SER O 14 0.79 -15.63 -78.98
C SER O 14 0.49 -16.67 -77.91
N SER O 15 0.32 -17.92 -78.34
CA SER O 15 0.12 -19.02 -77.39
C SER O 15 1.38 -19.29 -76.58
N ASN O 16 2.55 -19.04 -77.17
CA ASN O 16 3.80 -19.07 -76.42
C ASN O 16 4.00 -17.73 -75.73
N GLY O 17 5.13 -17.58 -75.05
CA GLY O 17 5.42 -16.33 -74.38
C GLY O 17 5.89 -15.20 -75.26
N LEU O 18 6.06 -15.44 -76.56
CA LEU O 18 6.61 -14.44 -77.46
C LEU O 18 5.56 -13.38 -77.80
N ASN O 19 6.04 -12.21 -78.19
CA ASN O 19 5.18 -11.12 -78.59
C ASN O 19 4.87 -11.20 -80.08
N LEU O 20 3.70 -10.70 -80.46
CA LEU O 20 3.28 -10.67 -81.85
C LEU O 20 3.31 -9.23 -82.37
N ASP O 21 3.49 -9.11 -83.67
CA ASP O 21 3.53 -7.82 -84.34
C ASP O 21 2.57 -7.82 -85.52
N GLY O 22 1.98 -6.66 -85.78
CA GLY O 22 0.97 -6.57 -86.83
C GLY O 22 -0.34 -7.22 -86.48
N ALA O 23 -0.65 -7.37 -85.19
CA ALA O 23 -1.93 -7.91 -84.78
C ALA O 23 -3.03 -6.89 -85.04
N LYS O 24 -4.21 -7.39 -85.38
CA LYS O 24 -5.29 -6.54 -85.85
C LYS O 24 -6.55 -6.73 -85.01
N TRP O 25 -6.98 -5.66 -84.35
CA TRP O 25 -8.32 -5.60 -83.78
C TRP O 25 -9.31 -5.21 -84.88
N PHE O 26 -10.34 -6.00 -85.07
CA PHE O 26 -11.43 -5.66 -85.96
C PHE O 26 -12.65 -5.29 -85.11
N PHE O 27 -13.01 -4.02 -85.11
CA PHE O 27 -14.15 -3.55 -84.34
C PHE O 27 -15.38 -3.47 -85.23
N TYR O 28 -16.50 -3.96 -84.70
CA TYR O 28 -17.71 -4.22 -85.46
C TYR O 28 -18.88 -3.49 -84.82
N GLN O 29 -20.08 -3.84 -85.26
CA GLN O 29 -21.31 -3.40 -84.61
C GLN O 29 -21.62 -4.45 -83.54
N THR O 30 -22.85 -4.44 -82.99
CA THR O 30 -23.19 -5.24 -81.82
C THR O 30 -23.06 -6.75 -82.07
N GLY O 31 -23.74 -7.27 -83.07
CA GLY O 31 -23.62 -8.68 -83.39
C GLY O 31 -23.70 -8.99 -84.87
N THR O 32 -23.41 -8.00 -85.70
CA THR O 32 -23.81 -8.05 -87.11
C THR O 32 -22.65 -8.24 -88.07
N THR O 33 -21.40 -8.08 -87.61
CA THR O 33 -20.18 -8.09 -88.44
C THR O 33 -20.28 -7.03 -89.54
N THR O 34 -20.48 -5.79 -89.11
CA THR O 34 -20.43 -4.61 -89.96
C THR O 34 -19.50 -3.60 -89.31
N PRO O 35 -18.57 -3.01 -90.06
CA PRO O 35 -17.51 -2.22 -89.44
C PRO O 35 -17.99 -0.89 -88.89
N GLN O 36 -17.52 -0.56 -87.68
CA GLN O 36 -17.74 0.73 -87.06
C GLN O 36 -16.41 1.46 -86.91
N SER O 37 -16.50 2.71 -86.46
CA SER O 37 -15.33 3.57 -86.35
C SER O 37 -14.81 3.63 -84.92
N VAL O 38 -13.50 3.81 -84.80
CA VAL O 38 -12.82 3.90 -83.51
C VAL O 38 -11.93 5.14 -83.53
N TYR O 39 -12.06 5.98 -82.52
CA TYR O 39 -11.43 7.30 -82.48
C TYR O 39 -10.12 7.23 -81.72
N THR O 40 -9.23 8.17 -82.00
CA THR O 40 -7.87 8.11 -81.48
C THR O 40 -7.58 9.13 -80.38
N THR O 41 -8.48 10.07 -80.13
CA THR O 41 -8.19 11.16 -79.21
C THR O 41 -9.15 11.10 -78.02
N ALA O 42 -8.94 12.04 -77.09
CA ALA O 42 -9.82 12.18 -75.92
C ALA O 42 -11.25 12.53 -76.32
N ALA O 43 -11.40 13.42 -77.30
CA ALA O 43 -12.69 13.72 -77.88
C ALA O 43 -13.10 12.64 -78.88
N LEU O 44 -14.14 12.91 -79.66
CA LEU O 44 -14.65 11.92 -80.61
C LEU O 44 -14.56 12.42 -82.04
N SER O 45 -13.43 13.05 -82.39
CA SER O 45 -13.30 13.75 -83.66
C SER O 45 -12.54 12.95 -84.71
N VAL O 46 -11.30 12.56 -84.43
CA VAL O 46 -10.42 11.95 -85.42
C VAL O 46 -10.51 10.43 -85.24
N ALA O 47 -10.98 9.74 -86.27
CA ALA O 47 -11.11 8.29 -86.25
C ALA O 47 -10.02 7.66 -87.10
N HIS O 48 -9.26 6.75 -86.50
CA HIS O 48 -8.26 6.01 -87.25
C HIS O 48 -8.91 4.77 -87.87
N SER O 49 -8.10 3.95 -88.53
CA SER O 49 -8.61 2.84 -89.33
C SER O 49 -9.21 1.76 -88.46
N ASN O 50 -10.18 1.03 -89.01
CA ASN O 50 -10.83 0.01 -88.21
C ASN O 50 -9.95 -1.24 -88.07
N PRO O 51 -9.28 -1.77 -89.13
CA PRO O 51 -8.20 -2.72 -88.82
C PRO O 51 -6.97 -1.97 -88.33
N VAL O 52 -6.76 -2.00 -87.03
CA VAL O 52 -5.62 -1.32 -86.43
C VAL O 52 -4.41 -2.26 -86.49
N VAL O 53 -3.23 -1.70 -86.35
CA VAL O 53 -2.01 -2.48 -86.29
C VAL O 53 -1.23 -2.05 -85.06
N ALA O 54 -0.37 -2.93 -84.59
CA ALA O 54 0.49 -2.64 -83.45
C ALA O 54 1.91 -2.39 -83.94
N ASP O 55 2.81 -2.17 -83.00
CA ASP O 55 4.21 -1.94 -83.31
C ASP O 55 4.92 -3.28 -83.52
N ALA O 56 6.25 -3.21 -83.57
CA ALA O 56 7.04 -4.43 -83.73
C ALA O 56 7.06 -5.27 -82.46
N ALA O 57 6.70 -4.69 -81.33
CA ALA O 57 6.63 -5.41 -80.06
C ALA O 57 5.19 -5.69 -79.63
N GLY O 58 4.20 -5.15 -80.34
CA GLY O 58 2.82 -5.40 -80.00
C GLY O 58 2.21 -4.34 -79.10
N LYS O 59 2.37 -3.08 -79.47
CA LYS O 59 1.79 -1.95 -78.74
C LYS O 59 0.60 -1.41 -79.52
N PHE O 60 -0.57 -1.53 -78.97
CA PHE O 60 -1.63 -0.84 -79.68
C PHE O 60 -1.72 0.61 -79.22
N PRO O 61 -2.14 1.52 -80.11
CA PRO O 61 -2.29 2.91 -79.71
C PRO O 61 -3.50 3.16 -78.83
N ALA O 62 -3.75 4.43 -78.51
CA ALA O 62 -4.88 4.80 -77.66
C ALA O 62 -6.19 4.57 -78.40
N ILE O 63 -7.06 3.74 -77.83
CA ILE O 63 -8.28 3.30 -78.47
C ILE O 63 -9.46 3.76 -77.61
N TYR O 64 -10.35 4.55 -78.20
CA TYR O 64 -11.48 5.12 -77.49
C TYR O 64 -12.77 4.76 -78.21
N PHE O 65 -13.79 4.40 -77.45
CA PHE O 65 -15.07 4.07 -78.04
C PHE O 65 -16.03 5.26 -77.98
N ASP O 66 -17.22 5.06 -78.50
CA ASP O 66 -18.34 6.00 -78.35
C ASP O 66 -19.38 5.27 -77.51
N THR O 67 -19.63 5.77 -76.31
CA THR O 67 -20.39 5.03 -75.30
C THR O 67 -21.89 4.99 -75.56
N THR O 68 -22.38 5.64 -76.61
CA THR O 68 -23.80 5.61 -76.95
C THR O 68 -24.15 4.49 -77.91
N LEU O 69 -23.19 3.62 -78.24
CA LEU O 69 -23.44 2.54 -79.19
C LEU O 69 -22.46 1.41 -78.90
N GLU O 70 -22.95 0.18 -79.07
CA GLU O 70 -22.20 -1.01 -78.67
C GLU O 70 -21.10 -1.32 -79.67
N TYR O 71 -20.25 -2.28 -79.29
CA TYR O 71 -19.10 -2.67 -80.09
C TYR O 71 -18.87 -4.17 -79.95
N ARG O 72 -17.96 -4.68 -80.78
CA ARG O 72 -17.54 -6.07 -80.76
C ARG O 72 -16.18 -6.15 -81.43
N GLY O 73 -15.22 -6.79 -80.78
CA GLY O 73 -13.86 -6.85 -81.29
C GLY O 73 -13.30 -8.25 -81.28
N VAL O 74 -12.37 -8.50 -82.19
CA VAL O 74 -11.63 -9.75 -82.27
C VAL O 74 -10.14 -9.43 -82.33
N LEU O 75 -9.32 -10.48 -82.41
CA LEU O 75 -7.90 -10.33 -82.72
C LEU O 75 -7.53 -11.32 -83.81
N LYS O 76 -6.67 -10.87 -84.71
CA LYS O 76 -6.09 -11.75 -85.72
C LYS O 76 -4.61 -11.42 -85.81
N THR O 77 -3.85 -12.32 -86.42
CA THR O 77 -2.45 -12.08 -86.69
C THR O 77 -2.33 -11.44 -88.08
N ALA O 78 -1.10 -11.36 -88.58
CA ALA O 78 -0.82 -10.70 -89.84
C ALA O 78 -1.39 -11.47 -91.04
N ASP O 79 -1.53 -12.79 -90.89
CA ASP O 79 -1.98 -13.62 -92.01
C ASP O 79 -3.50 -13.80 -92.02
N GLU O 80 -4.20 -12.98 -91.24
CA GLU O 80 -5.64 -13.04 -91.02
C GLU O 80 -6.10 -14.44 -90.57
N ALA O 81 -5.56 -14.94 -89.47
CA ALA O 81 -5.89 -16.25 -88.95
C ALA O 81 -5.65 -16.34 -87.45
N THR O 82 -5.99 -17.48 -86.84
CA THR O 82 -5.76 -17.80 -85.43
C THR O 82 -6.40 -16.76 -84.50
N THR O 83 -7.73 -16.70 -84.51
CA THR O 83 -8.50 -15.73 -83.73
C THR O 83 -8.21 -15.89 -82.24
N ILE O 84 -7.59 -14.86 -81.65
CA ILE O 84 -7.17 -14.93 -80.26
C ILE O 84 -8.34 -14.68 -79.31
N TYR O 85 -8.94 -13.50 -79.35
CA TYR O 85 -10.08 -13.21 -78.49
C TYR O 85 -11.29 -12.88 -79.35
N ASP O 86 -12.46 -13.01 -78.75
CA ASP O 86 -13.72 -12.62 -79.36
C ASP O 86 -14.71 -12.33 -78.24
N ILE O 87 -15.06 -11.06 -78.09
CA ILE O 87 -15.91 -10.62 -76.99
C ILE O 87 -17.10 -9.87 -77.59
N ASP O 88 -18.31 -10.33 -77.30
CA ASP O 88 -19.46 -9.85 -78.06
C ASP O 88 -19.91 -8.46 -77.57
N PRO O 89 -20.22 -8.20 -76.26
CA PRO O 89 -20.24 -6.76 -75.85
C PRO O 89 -18.93 -6.24 -75.25
N ILE O 90 -17.94 -5.95 -76.11
CA ILE O 90 -16.61 -5.56 -75.63
C ILE O 90 -16.63 -4.18 -74.97
N ASN O 91 -17.63 -3.36 -75.26
CA ASN O 91 -17.81 -2.09 -74.59
C ASN O 91 -18.68 -2.31 -73.36
N SER O 92 -18.50 -1.45 -72.36
CA SER O 92 -19.43 -1.38 -71.23
C SER O 92 -20.29 -0.13 -71.38
N GLY O 93 -21.58 -0.30 -71.64
CA GLY O 93 -22.45 0.81 -71.91
C GLY O 93 -22.76 1.68 -70.70
N ILE O 94 -22.20 2.88 -70.68
CA ILE O 94 -22.48 3.83 -69.61
C ILE O 94 -23.76 4.61 -69.89
N LEU O 95 -23.87 5.22 -71.06
CA LEU O 95 -25.05 6.03 -71.37
C LEU O 95 -26.09 5.26 -72.17
N SER O 96 -25.66 4.32 -73.00
CA SER O 96 -26.59 3.60 -73.87
C SER O 96 -27.43 2.59 -73.10
N VAL O 97 -26.97 2.17 -71.91
CA VAL O 97 -27.74 1.24 -71.09
C VAL O 97 -28.69 2.00 -70.18
N LEU O 98 -28.22 3.10 -69.59
CA LEU O 98 -29.05 3.93 -68.73
C LEU O 98 -30.11 4.73 -69.50
N GLY O 99 -29.95 4.84 -70.81
CA GLY O 99 -30.92 5.56 -71.62
C GLY O 99 -32.07 4.72 -72.10
N THR O 100 -31.94 3.41 -72.08
CA THR O 100 -32.99 2.51 -72.56
C THR O 100 -33.71 1.84 -71.38
N SER O 101 -32.95 1.50 -70.35
CA SER O 101 -33.51 0.98 -69.11
C SER O 101 -32.86 1.67 -67.92
N SER O 102 -33.22 1.22 -66.72
CA SER O 102 -32.80 1.79 -65.43
C SER O 102 -33.06 3.29 -65.31
N MET P 1 -39.70 -54.71 -15.07
CA MET P 1 -40.89 -55.47 -15.46
C MET P 1 -40.64 -56.25 -16.75
N ALA P 2 -39.75 -55.73 -17.58
CA ALA P 2 -39.41 -56.37 -18.85
C ALA P 2 -37.91 -56.65 -18.91
N ALA P 3 -37.55 -57.67 -19.68
CA ALA P 3 -36.17 -58.11 -19.81
C ALA P 3 -35.56 -57.54 -21.09
N GLU P 4 -34.48 -56.79 -20.93
CA GLU P 4 -33.72 -56.28 -22.06
C GLU P 4 -32.51 -57.19 -22.30
N LEU P 5 -32.29 -57.55 -23.55
CA LEU P 5 -31.23 -58.49 -23.89
C LEU P 5 -29.92 -57.76 -24.16
N HIS P 6 -28.82 -58.42 -23.84
CA HIS P 6 -27.48 -57.87 -24.01
C HIS P 6 -26.75 -58.55 -25.15
N ILE P 7 -26.04 -57.74 -25.94
CA ILE P 7 -25.21 -58.23 -27.04
C ILE P 7 -23.83 -57.61 -26.88
N THR P 8 -22.80 -58.44 -26.87
CA THR P 8 -21.44 -57.93 -26.75
C THR P 8 -21.02 -57.27 -28.06
N PRO P 9 -20.40 -56.09 -28.01
CA PRO P 9 -19.98 -55.43 -29.24
C PRO P 9 -18.76 -56.10 -29.85
N SER P 10 -18.66 -56.03 -31.17
CA SER P 10 -17.61 -56.69 -31.92
C SER P 10 -16.54 -55.69 -32.32
N ARG P 11 -15.59 -56.17 -33.13
CA ARG P 11 -14.53 -55.36 -33.69
C ARG P 11 -14.71 -55.25 -35.20
N ALA P 12 -13.92 -54.35 -35.80
CA ALA P 12 -13.90 -54.21 -37.25
C ALA P 12 -12.87 -55.19 -37.80
N THR P 13 -13.36 -56.29 -38.36
CA THR P 13 -12.51 -57.33 -38.92
C THR P 13 -12.78 -57.50 -40.40
N SER P 14 -11.78 -58.05 -41.10
CA SER P 14 -11.81 -58.17 -42.55
C SER P 14 -12.46 -59.50 -42.94
N SER P 15 -12.31 -59.87 -44.21
CA SER P 15 -12.81 -61.17 -44.68
C SER P 15 -12.03 -62.32 -44.05
N ASN P 16 -10.76 -62.11 -43.75
CA ASN P 16 -9.99 -63.07 -42.97
C ASN P 16 -10.26 -62.84 -41.49
N GLY P 17 -9.58 -63.61 -40.65
CA GLY P 17 -9.75 -63.46 -39.22
C GLY P 17 -9.05 -62.28 -38.60
N LEU P 18 -8.28 -61.52 -39.38
CA LEU P 18 -7.47 -60.44 -38.85
C LEU P 18 -8.34 -59.22 -38.53
N ASN P 19 -7.84 -58.38 -37.64
CA ASN P 19 -8.52 -57.16 -37.25
C ASN P 19 -8.10 -56.01 -38.18
N LEU P 20 -9.01 -55.07 -38.37
CA LEU P 20 -8.76 -53.89 -39.18
C LEU P 20 -8.61 -52.67 -38.29
N ASP P 21 -7.87 -51.68 -38.78
CA ASP P 21 -7.66 -50.44 -38.07
C ASP P 21 -7.96 -49.26 -38.98
N GLY P 22 -8.46 -48.18 -38.39
CA GLY P 22 -8.88 -47.05 -39.19
C GLY P 22 -10.14 -47.27 -39.98
N ALA P 23 -10.98 -48.21 -39.57
CA ALA P 23 -12.26 -48.43 -40.23
C ALA P 23 -13.21 -47.27 -39.93
N LYS P 24 -14.05 -46.95 -40.90
CA LYS P 24 -14.87 -45.74 -40.83
C LYS P 24 -16.34 -46.08 -40.99
N TRP P 25 -17.13 -45.79 -39.96
CA TRP P 25 -18.58 -45.74 -40.08
C TRP P 25 -18.99 -44.39 -40.65
N PHE P 26 -19.74 -44.39 -41.73
CA PHE P 26 -20.33 -43.18 -42.27
C PHE P 26 -21.83 -43.20 -41.99
N PHE P 27 -22.27 -42.33 -41.09
CA PHE P 27 -23.68 -42.25 -40.72
C PHE P 27 -24.36 -41.16 -41.53
N TYR P 28 -25.55 -41.48 -42.03
CA TYR P 28 -26.24 -40.69 -43.04
C TYR P 28 -27.64 -40.35 -42.53
N GLN P 29 -28.47 -39.85 -43.44
CA GLN P 29 -29.88 -39.67 -43.20
C GLN P 29 -30.56 -40.99 -43.60
N THR P 30 -31.89 -41.00 -43.74
CA THR P 30 -32.66 -42.24 -43.92
C THR P 30 -32.29 -42.99 -45.19
N GLY P 31 -32.39 -42.35 -46.34
CA GLY P 31 -32.01 -43.00 -47.58
C GLY P 31 -31.37 -42.07 -48.58
N THR P 32 -30.82 -40.95 -48.12
CA THR P 32 -30.52 -39.83 -48.99
C THR P 32 -29.04 -39.61 -49.24
N THR P 33 -28.16 -40.24 -48.46
CA THR P 33 -26.70 -40.03 -48.45
C THR P 33 -26.38 -38.55 -48.20
N THR P 34 -26.87 -38.06 -47.06
CA THR P 34 -26.54 -36.75 -46.53
C THR P 34 -26.11 -36.92 -45.08
N PRO P 35 -25.01 -36.31 -44.67
CA PRO P 35 -24.42 -36.63 -43.37
C PRO P 35 -25.22 -36.09 -42.19
N GLN P 36 -25.39 -36.93 -41.17
CA GLN P 36 -25.99 -36.54 -39.90
C GLN P 36 -24.96 -36.63 -38.80
N SER P 37 -25.35 -36.20 -37.61
CA SER P 37 -24.45 -36.13 -36.47
C SER P 37 -24.65 -37.32 -35.54
N VAL P 38 -23.57 -37.71 -34.88
CA VAL P 38 -23.56 -38.82 -33.93
C VAL P 38 -22.88 -38.34 -32.65
N TYR P 39 -23.54 -38.55 -31.52
CA TYR P 39 -23.13 -37.99 -30.24
C TYR P 39 -22.32 -39.01 -29.45
N THR P 40 -21.48 -38.52 -28.54
CA THR P 40 -20.51 -39.37 -27.86
C THR P 40 -20.86 -39.67 -26.41
N THR P 41 -21.85 -39.00 -25.84
CA THR P 41 -22.12 -39.11 -24.42
C THR P 41 -23.51 -39.72 -24.19
N ALA P 42 -23.84 -39.90 -22.91
CA ALA P 42 -25.16 -40.41 -22.53
C ALA P 42 -26.26 -39.44 -22.93
N ALA P 43 -26.04 -38.14 -22.77
CA ALA P 43 -26.94 -37.12 -23.26
C ALA P 43 -26.75 -36.90 -24.76
N LEU P 44 -27.33 -35.84 -25.30
CA LEU P 44 -27.26 -35.57 -26.73
C LEU P 44 -26.57 -34.25 -27.00
N SER P 45 -25.47 -33.98 -26.29
CA SER P 45 -24.83 -32.67 -26.33
C SER P 45 -23.60 -32.61 -27.23
N VAL P 46 -22.60 -33.45 -26.97
CA VAL P 46 -21.32 -33.37 -27.66
C VAL P 46 -21.33 -34.38 -28.80
N ALA P 47 -21.21 -33.89 -30.03
CA ALA P 47 -21.21 -34.73 -31.22
C ALA P 47 -19.79 -34.82 -31.77
N HIS P 48 -19.31 -36.05 -31.93
CA HIS P 48 -18.01 -36.26 -32.55
C HIS P 48 -18.20 -36.34 -34.07
N SER P 49 -17.10 -36.60 -34.78
CA SER P 49 -17.08 -36.50 -36.23
C SER P 49 -17.91 -37.62 -36.86
N ASN P 50 -18.44 -37.34 -38.05
CA ASN P 50 -19.30 -38.32 -38.69
C ASN P 50 -18.46 -39.45 -39.31
N PRO P 51 -17.33 -39.21 -40.04
CA PRO P 51 -16.43 -40.35 -40.27
C PRO P 51 -15.64 -40.65 -39.00
N VAL P 52 -16.05 -41.70 -38.30
CA VAL P 52 -15.38 -42.09 -37.08
C VAL P 52 -14.20 -42.99 -37.44
N VAL P 53 -13.27 -43.13 -36.51
CA VAL P 53 -12.15 -44.05 -36.68
C VAL P 53 -12.06 -44.94 -35.46
N ALA P 54 -11.44 -46.09 -35.63
CA ALA P 54 -11.23 -47.01 -34.54
C ALA P 54 -9.77 -46.97 -34.10
N ASP P 55 -9.42 -47.81 -33.14
CA ASP P 55 -8.06 -47.89 -32.65
C ASP P 55 -7.22 -48.76 -33.56
N ALA P 56 -6.02 -49.11 -33.09
CA ALA P 56 -5.13 -49.98 -33.87
C ALA P 56 -5.62 -51.41 -33.89
N ALA P 57 -6.52 -51.79 -32.99
CA ALA P 57 -7.09 -53.12 -32.95
C ALA P 57 -8.54 -53.16 -33.45
N GLY P 58 -9.13 -52.00 -33.72
CA GLY P 58 -10.49 -51.94 -34.22
C GLY P 58 -11.54 -51.79 -33.14
N LYS P 59 -11.35 -50.81 -32.26
CA LYS P 59 -12.29 -50.49 -31.19
C LYS P 59 -13.04 -49.21 -31.56
N PHE P 60 -14.32 -49.33 -31.78
CA PHE P 60 -14.99 -48.05 -31.96
C PHE P 60 -15.41 -47.47 -30.61
N PRO P 61 -15.46 -46.15 -30.47
CA PRO P 61 -15.91 -45.57 -29.20
C PRO P 61 -17.41 -45.68 -28.98
N ALA P 62 -17.89 -45.07 -27.90
CA ALA P 62 -19.31 -45.12 -27.57
C ALA P 62 -20.11 -44.28 -28.58
N ILE P 63 -21.05 -44.92 -29.25
CA ILE P 63 -21.81 -44.33 -30.34
C ILE P 63 -23.29 -44.31 -29.94
N TYR P 64 -23.87 -43.11 -29.91
CA TYR P 64 -25.25 -42.94 -29.49
C TYR P 64 -26.03 -42.21 -30.58
N PHE P 65 -27.26 -42.66 -30.83
CA PHE P 65 -28.09 -42.02 -31.84
C PHE P 65 -29.06 -41.05 -31.18
N ASP P 66 -29.87 -40.41 -32.01
CA ASP P 66 -31.00 -39.61 -31.58
C ASP P 66 -32.25 -40.31 -32.09
N THR P 67 -33.06 -40.82 -31.17
CA THR P 67 -34.12 -41.76 -31.52
C THR P 67 -35.32 -41.13 -32.20
N THR P 68 -35.34 -39.81 -32.37
CA THR P 68 -36.44 -39.13 -33.05
C THR P 68 -36.19 -38.97 -34.54
N LEU P 69 -35.13 -39.55 -35.07
CA LEU P 69 -34.80 -39.43 -36.49
C LEU P 69 -33.98 -40.63 -36.91
N GLU P 70 -34.21 -41.09 -38.14
CA GLU P 70 -33.63 -42.33 -38.63
C GLU P 70 -32.17 -42.14 -39.01
N TYR P 71 -31.49 -43.26 -39.29
CA TYR P 71 -30.08 -43.27 -39.59
C TYR P 71 -29.79 -44.34 -40.64
N ARG P 72 -28.56 -44.32 -41.15
CA ARG P 72 -28.07 -45.31 -42.11
C ARG P 72 -26.56 -45.30 -42.04
N GLY P 73 -25.95 -46.46 -41.89
CA GLY P 73 -24.51 -46.55 -41.73
C GLY P 73 -23.89 -47.59 -42.65
N VAL P 74 -22.62 -47.36 -42.98
CA VAL P 74 -21.81 -48.29 -43.76
C VAL P 74 -20.50 -48.52 -43.03
N LEU P 75 -19.64 -49.35 -43.62
CA LEU P 75 -18.26 -49.49 -43.18
C LEU P 75 -17.35 -49.40 -44.37
N LYS P 76 -16.21 -48.74 -44.19
CA LYS P 76 -15.15 -48.71 -45.17
C LYS P 76 -13.83 -48.92 -44.45
N THR P 77 -12.81 -49.25 -45.22
CA THR P 77 -11.46 -49.35 -44.69
C THR P 77 -10.78 -47.99 -44.81
N ALA P 78 -9.46 -47.97 -44.59
CA ALA P 78 -8.70 -46.72 -44.60
C ALA P 78 -8.59 -46.13 -46.01
N ASP P 79 -8.66 -46.97 -47.03
CA ASP P 79 -8.47 -46.52 -48.39
C ASP P 79 -9.78 -46.14 -49.08
N GLU P 80 -10.84 -45.98 -48.27
CA GLU P 80 -12.22 -45.73 -48.70
C GLU P 80 -12.69 -46.74 -49.75
N ALA P 81 -12.66 -48.03 -49.41
CA ALA P 81 -13.08 -49.09 -50.32
C ALA P 81 -13.54 -50.32 -49.54
N THR P 82 -14.02 -51.35 -50.26
CA THR P 82 -14.43 -52.66 -49.73
C THR P 82 -15.51 -52.50 -48.66
N THR P 83 -16.70 -52.05 -49.07
CA THR P 83 -17.82 -51.79 -48.17
C THR P 83 -18.24 -53.06 -47.46
N ILE P 84 -18.06 -53.08 -46.14
CA ILE P 84 -18.32 -54.28 -45.35
C ILE P 84 -19.81 -54.45 -45.08
N TYR P 85 -20.43 -53.53 -44.36
CA TYR P 85 -21.86 -53.63 -44.10
C TYR P 85 -22.56 -52.41 -44.68
N ASP P 86 -23.87 -52.56 -44.89
CA ASP P 86 -24.73 -51.47 -45.31
C ASP P 86 -26.14 -51.81 -44.86
N ILE P 87 -26.65 -51.05 -43.89
CA ILE P 87 -27.95 -51.32 -43.29
C ILE P 87 -28.78 -50.05 -43.40
N ASP P 88 -29.95 -50.16 -44.03
CA ASP P 88 -30.66 -48.94 -44.42
C ASP P 88 -31.41 -48.33 -43.23
N PRO P 89 -32.32 -49.03 -42.46
CA PRO P 89 -32.64 -48.47 -41.13
C PRO P 89 -31.81 -49.01 -39.97
N ILE P 90 -30.57 -48.52 -39.82
CA ILE P 90 -29.65 -49.07 -38.82
C ILE P 90 -30.11 -48.73 -37.40
N ASN P 91 -30.92 -47.70 -37.24
CA ASN P 91 -31.51 -47.37 -35.95
C ASN P 91 -32.82 -48.12 -35.80
N SER P 92 -33.21 -48.41 -34.56
CA SER P 92 -34.55 -48.89 -34.26
C SER P 92 -35.35 -47.77 -33.63
N GLY P 93 -36.36 -47.27 -34.34
CA GLY P 93 -37.12 -46.13 -33.89
C GLY P 93 -38.02 -46.40 -32.71
N ILE P 94 -37.65 -45.87 -31.55
CA ILE P 94 -38.48 -46.00 -30.35
C ILE P 94 -39.55 -44.93 -30.31
N LEU P 95 -39.17 -43.65 -30.45
CA LEU P 95 -40.14 -42.57 -30.35
C LEU P 95 -40.62 -42.11 -31.72
N SER P 96 -39.77 -42.20 -32.75
CA SER P 96 -40.13 -41.70 -34.07
C SER P 96 -41.14 -42.61 -34.78
N VAL P 97 -41.22 -43.87 -34.36
CA VAL P 97 -42.20 -44.79 -34.94
C VAL P 97 -43.53 -44.70 -34.21
N LEU P 98 -43.49 -44.63 -32.88
CA LEU P 98 -44.70 -44.50 -32.07
C LEU P 98 -45.35 -43.12 -32.19
N GLY P 99 -44.61 -42.13 -32.71
CA GLY P 99 -45.16 -40.80 -32.86
C GLY P 99 -45.89 -40.58 -34.17
N THR P 100 -45.65 -41.43 -35.16
CA THR P 100 -46.28 -41.28 -36.48
C THR P 100 -47.40 -42.31 -36.66
N SER P 101 -47.17 -43.52 -36.15
CA SER P 101 -48.19 -44.56 -36.15
C SER P 101 -48.21 -45.23 -34.78
N SER P 102 -49.06 -46.26 -34.66
CA SER P 102 -49.31 -47.02 -33.42
C SER P 102 -49.74 -46.12 -32.26
N MET Q 1 -45.96 -54.46 -36.68
CA MET Q 1 -46.17 -53.14 -37.25
C MET Q 1 -44.84 -52.40 -37.41
N ALA Q 2 -43.88 -52.73 -36.55
CA ALA Q 2 -42.56 -52.12 -36.60
C ALA Q 2 -41.48 -53.18 -36.78
N ALA Q 3 -40.37 -52.77 -37.37
CA ALA Q 3 -39.26 -53.67 -37.67
C ALA Q 3 -38.18 -53.52 -36.60
N GLU Q 4 -37.87 -54.63 -35.94
CA GLU Q 4 -36.78 -54.69 -34.98
C GLU Q 4 -35.55 -55.28 -35.66
N LEU Q 5 -34.40 -54.64 -35.46
CA LEU Q 5 -33.19 -55.05 -36.14
C LEU Q 5 -32.43 -56.07 -35.31
N HIS Q 6 -31.74 -56.97 -36.00
CA HIS Q 6 -30.98 -58.04 -35.37
C HIS Q 6 -29.48 -57.79 -35.49
N ILE Q 7 -28.76 -58.06 -34.41
CA ILE Q 7 -27.30 -57.96 -34.36
C ILE Q 7 -26.77 -59.28 -33.81
N THR Q 8 -25.85 -59.89 -34.53
CA THR Q 8 -25.24 -61.14 -34.07
C THR Q 8 -24.30 -60.86 -32.91
N PRO Q 9 -24.35 -61.65 -31.83
CA PRO Q 9 -23.45 -61.41 -30.71
C PRO Q 9 -22.03 -61.85 -31.02
N SER Q 10 -21.08 -61.17 -30.40
CA SER Q 10 -19.66 -61.40 -30.65
C SER Q 10 -19.05 -62.24 -29.53
N ARG Q 11 -17.73 -62.39 -29.60
CA ARG Q 11 -16.95 -63.07 -28.58
C ARG Q 11 -16.05 -62.09 -27.87
N ALA Q 12 -15.44 -62.56 -26.78
CA ALA Q 12 -14.47 -61.77 -26.05
C ALA Q 12 -13.10 -62.01 -26.67
N THR Q 13 -12.64 -61.05 -27.46
CA THR Q 13 -11.36 -61.15 -28.15
C THR Q 13 -10.43 -60.04 -27.69
N SER Q 14 -9.13 -60.28 -27.86
CA SER Q 14 -8.09 -59.39 -27.38
C SER Q 14 -7.77 -58.34 -28.45
N SER Q 15 -6.65 -57.64 -28.26
CA SER Q 15 -6.19 -56.67 -29.25
C SER Q 15 -5.75 -57.37 -30.53
N ASN Q 16 -5.22 -58.58 -30.42
CA ASN Q 16 -4.97 -59.41 -31.58
C ASN Q 16 -6.25 -60.12 -32.00
N GLY Q 17 -6.15 -60.96 -33.02
CA GLY Q 17 -7.31 -61.69 -33.49
C GLY Q 17 -7.70 -62.88 -32.64
N LEU Q 18 -6.94 -63.20 -31.60
CA LEU Q 18 -7.19 -64.39 -30.80
C LEU Q 18 -8.36 -64.18 -29.86
N ASN Q 19 -8.96 -65.29 -29.45
CA ASN Q 19 -10.08 -65.26 -28.52
C ASN Q 19 -9.57 -65.31 -27.09
N LEU Q 20 -10.33 -64.72 -26.18
CA LEU Q 20 -10.01 -64.73 -24.77
C LEU Q 20 -10.96 -65.64 -24.02
N ASP Q 21 -10.50 -66.15 -22.89
CA ASP Q 21 -11.29 -67.02 -22.04
C ASP Q 21 -11.24 -66.53 -20.60
N GLY Q 22 -12.34 -66.73 -19.89
CA GLY Q 22 -12.44 -66.20 -18.54
C GLY Q 22 -12.60 -64.71 -18.46
N ALA Q 23 -13.09 -64.08 -19.52
CA ALA Q 23 -13.35 -62.64 -19.50
C ALA Q 23 -14.55 -62.36 -18.60
N LYS Q 24 -14.52 -61.20 -17.94
CA LYS Q 24 -15.49 -60.89 -16.91
C LYS Q 24 -16.18 -59.57 -17.20
N TRP Q 25 -17.50 -59.63 -17.39
CA TRP Q 25 -18.33 -58.43 -17.35
C TRP Q 25 -18.65 -58.10 -15.90
N PHE Q 26 -18.37 -56.88 -15.49
CA PHE Q 26 -18.78 -56.39 -14.18
C PHE Q 26 -19.91 -55.39 -14.38
N PHE Q 27 -21.12 -55.78 -13.97
CA PHE Q 27 -22.28 -54.91 -14.10
C PHE Q 27 -22.53 -54.16 -12.80
N TYR Q 28 -22.79 -52.87 -12.93
CA TYR Q 28 -22.80 -51.93 -11.83
C TYR Q 28 -24.14 -51.21 -11.78
N GLN Q 29 -24.21 -50.15 -10.98
CA GLN Q 29 -25.33 -49.23 -10.98
C GLN Q 29 -25.01 -48.16 -12.03
N THR Q 30 -25.74 -47.04 -12.03
CA THR Q 30 -25.68 -46.05 -13.11
C THR Q 30 -24.29 -45.43 -13.26
N GLY Q 31 -23.77 -44.83 -12.20
CA GLY Q 31 -22.44 -44.25 -12.27
C GLY Q 31 -21.66 -44.38 -10.98
N THR Q 32 -22.03 -45.34 -10.13
CA THR Q 32 -21.61 -45.32 -8.74
C THR Q 32 -20.58 -46.39 -8.38
N THR Q 33 -20.37 -47.38 -9.25
CA THR Q 33 -19.54 -48.57 -9.00
C THR Q 33 -20.02 -49.31 -7.75
N THR Q 34 -21.29 -49.70 -7.80
CA THR Q 34 -21.91 -50.58 -6.81
C THR Q 34 -22.60 -51.71 -7.54
N PRO Q 35 -22.40 -52.96 -7.12
CA PRO Q 35 -22.83 -54.10 -7.93
C PRO Q 35 -24.35 -54.27 -7.95
N GLN Q 36 -24.87 -54.55 -9.14
CA GLN Q 36 -26.27 -54.91 -9.35
C GLN Q 36 -26.37 -56.34 -9.84
N SER Q 37 -27.60 -56.83 -9.95
CA SER Q 37 -27.85 -58.21 -10.33
C SER Q 37 -28.22 -58.32 -11.79
N VAL Q 38 -27.87 -59.46 -12.40
CA VAL Q 38 -28.15 -59.76 -13.79
C VAL Q 38 -28.78 -61.13 -13.87
N TYR Q 39 -29.91 -61.24 -14.54
CA TYR Q 39 -30.74 -62.43 -14.55
C TYR Q 39 -30.43 -63.28 -15.77
N THR Q 40 -30.71 -64.59 -15.67
CA THR Q 40 -30.29 -65.53 -16.69
C THR Q 40 -31.42 -66.04 -17.58
N THR Q 41 -32.67 -65.76 -17.24
CA THR Q 41 -33.80 -66.34 -17.94
C THR Q 41 -34.61 -65.25 -18.64
N ALA Q 42 -35.65 -65.69 -19.35
CA ALA Q 42 -36.57 -64.78 -20.02
C ALA Q 42 -37.31 -63.90 -19.02
N ALA Q 43 -37.73 -64.48 -17.90
CA ALA Q 43 -38.31 -63.72 -16.80
C ALA Q 43 -37.22 -63.05 -15.98
N LEU Q 44 -37.56 -62.54 -14.81
CA LEU Q 44 -36.61 -61.82 -13.97
C LEU Q 44 -36.44 -62.50 -12.62
N SER Q 45 -36.35 -63.84 -12.62
CA SER Q 45 -36.38 -64.62 -11.40
C SER Q 45 -35.00 -65.07 -10.93
N VAL Q 46 -34.27 -65.80 -11.75
CA VAL Q 46 -33.00 -66.42 -11.35
C VAL Q 46 -31.87 -65.51 -11.80
N ALA Q 47 -31.10 -65.01 -10.83
CA ALA Q 47 -29.98 -64.12 -11.11
C ALA Q 47 -28.67 -64.88 -10.92
N HIS Q 48 -27.84 -64.87 -11.94
CA HIS Q 48 -26.52 -65.47 -11.82
C HIS Q 48 -25.54 -64.43 -11.28
N SER Q 49 -24.26 -64.81 -11.19
CA SER Q 49 -23.27 -64.00 -10.49
C SER Q 49 -22.97 -62.73 -11.27
N ASN Q 50 -22.56 -61.68 -10.55
CA ASN Q 50 -22.31 -60.42 -11.21
C ASN Q 50 -20.97 -60.45 -11.95
N PRO Q 51 -19.84 -60.95 -11.38
CA PRO Q 51 -18.72 -61.26 -12.29
C PRO Q 51 -19.01 -62.53 -13.06
N VAL Q 52 -19.39 -62.38 -14.32
CA VAL Q 52 -19.69 -63.53 -15.16
C VAL Q 52 -18.39 -64.02 -15.78
N VAL Q 53 -18.41 -65.26 -16.26
CA VAL Q 53 -17.26 -65.82 -16.97
C VAL Q 53 -17.76 -66.40 -18.29
N ALA Q 54 -16.86 -66.50 -19.24
CA ALA Q 54 -17.16 -67.10 -20.53
C ALA Q 54 -16.58 -68.50 -20.60
N ASP Q 55 -16.75 -69.12 -21.76
CA ASP Q 55 -16.21 -70.46 -21.99
C ASP Q 55 -14.74 -70.38 -22.37
N ALA Q 56 -14.20 -71.51 -22.84
CA ALA Q 56 -12.81 -71.55 -23.26
C ALA Q 56 -12.59 -70.82 -24.59
N ALA Q 57 -13.67 -70.56 -25.33
CA ALA Q 57 -13.58 -69.81 -26.58
C ALA Q 57 -14.13 -68.39 -26.46
N GLY Q 58 -14.71 -68.05 -25.31
CA GLY Q 58 -15.24 -66.71 -25.12
C GLY Q 58 -16.70 -66.56 -25.46
N LYS Q 59 -17.54 -67.46 -24.93
CA LYS Q 59 -18.97 -67.40 -25.11
C LYS Q 59 -19.63 -66.91 -23.82
N PHE Q 60 -20.24 -65.76 -23.88
CA PHE Q 60 -20.97 -65.43 -22.68
C PHE Q 60 -22.38 -66.03 -22.74
N PRO Q 61 -22.96 -66.37 -21.59
CA PRO Q 61 -24.34 -66.89 -21.59
C PRO Q 61 -25.39 -65.83 -21.85
N ALA Q 62 -26.66 -66.23 -21.76
CA ALA Q 62 -27.76 -65.30 -21.99
C ALA Q 62 -27.84 -64.29 -20.85
N ILE Q 63 -27.75 -63.01 -21.19
CA ILE Q 63 -27.66 -61.92 -20.23
C ILE Q 63 -28.87 -61.01 -20.43
N TYR Q 64 -29.66 -60.84 -19.38
CA TYR Q 64 -30.88 -60.06 -19.45
C TYR Q 64 -30.86 -58.99 -18.36
N PHE Q 65 -31.30 -57.79 -18.71
CA PHE Q 65 -31.33 -56.69 -17.75
C PHE Q 65 -32.73 -56.56 -17.18
N ASP Q 66 -32.88 -55.59 -16.27
CA ASP Q 66 -34.18 -55.15 -15.77
C ASP Q 66 -34.35 -53.71 -16.25
N THR Q 67 -35.34 -53.49 -17.12
CA THR Q 67 -35.42 -52.24 -17.87
C THR Q 67 -35.92 -51.06 -17.05
N THR Q 68 -36.26 -51.25 -15.79
CA THR Q 68 -36.72 -50.16 -14.93
C THR Q 68 -35.58 -49.52 -14.16
N LEU Q 69 -34.33 -49.91 -14.43
CA LEU Q 69 -33.19 -49.37 -13.72
C LEU Q 69 -31.95 -49.49 -14.60
N GLU Q 70 -31.08 -48.48 -14.52
CA GLU Q 70 -29.95 -48.36 -15.42
C GLU Q 70 -28.83 -49.33 -15.03
N TYR Q 71 -27.83 -49.41 -15.91
CA TYR Q 71 -26.72 -50.34 -15.74
C TYR Q 71 -25.45 -49.70 -16.27
N ARG Q 72 -24.33 -50.37 -16.00
CA ARG Q 72 -23.02 -49.97 -16.48
C ARG Q 72 -22.12 -51.19 -16.44
N GLY Q 73 -21.44 -51.48 -17.53
CA GLY Q 73 -20.61 -52.67 -17.63
C GLY Q 73 -19.23 -52.38 -18.16
N VAL Q 74 -18.28 -53.22 -17.78
CA VAL Q 74 -16.91 -53.18 -18.25
C VAL Q 74 -16.51 -54.58 -18.73
N LEU Q 75 -15.28 -54.71 -19.21
CA LEU Q 75 -14.68 -56.01 -19.48
C LEU Q 75 -13.29 -56.05 -18.85
N LYS Q 76 -12.94 -57.20 -18.29
CA LYS Q 76 -11.60 -57.45 -17.81
C LYS Q 76 -11.22 -58.85 -18.25
N THR Q 77 -9.91 -59.12 -18.20
CA THR Q 77 -9.42 -60.46 -18.46
C THR Q 77 -9.36 -61.24 -17.14
N ALA Q 78 -8.70 -62.40 -17.17
CA ALA Q 78 -8.65 -63.27 -16.00
C ALA Q 78 -7.81 -62.68 -14.88
N ASP Q 79 -6.84 -61.83 -15.22
CA ASP Q 79 -5.92 -61.29 -14.23
C ASP Q 79 -6.41 -59.96 -13.65
N GLU Q 80 -7.68 -59.64 -13.89
CA GLU Q 80 -8.32 -58.38 -13.52
C GLU Q 80 -7.54 -57.16 -14.04
N ALA Q 81 -7.32 -57.09 -15.35
CA ALA Q 81 -6.58 -55.99 -15.96
C ALA Q 81 -6.98 -55.78 -17.40
N THR Q 82 -6.42 -54.76 -18.06
CA THR Q 82 -6.61 -54.44 -19.48
C THR Q 82 -8.09 -54.26 -19.82
N THR Q 83 -8.69 -53.21 -19.28
CA THR Q 83 -10.11 -52.91 -19.46
C THR Q 83 -10.44 -52.71 -20.94
N ILE Q 84 -11.24 -53.61 -21.51
CA ILE Q 84 -11.54 -53.59 -22.92
C ILE Q 84 -12.60 -52.54 -23.26
N TYR Q 85 -13.81 -52.69 -22.73
CA TYR Q 85 -14.86 -51.71 -22.99
C TYR Q 85 -15.31 -51.11 -21.66
N ASP Q 86 -15.94 -49.93 -21.77
CA ASP Q 86 -16.56 -49.27 -20.62
C ASP Q 86 -17.63 -48.36 -21.18
N ILE Q 87 -18.89 -48.70 -20.90
CA ILE Q 87 -20.04 -47.98 -21.45
C ILE Q 87 -20.91 -47.56 -20.29
N ASP Q 88 -21.17 -46.26 -20.16
CA ASP Q 88 -21.75 -45.76 -18.93
C ASP Q 88 -23.27 -46.00 -18.88
N PRO Q 89 -24.13 -45.59 -19.88
CA PRO Q 89 -25.47 -46.24 -19.93
C PRO Q 89 -25.57 -47.44 -20.88
N ILE Q 90 -25.06 -48.60 -20.45
CA ILE Q 90 -25.00 -49.77 -21.32
C ILE Q 90 -26.39 -50.33 -21.62
N ASN Q 91 -27.38 -50.03 -20.78
CA ASN Q 91 -28.76 -50.39 -21.03
C ASN Q 91 -29.42 -49.28 -21.83
N SER Q 92 -30.43 -49.64 -22.62
CA SER Q 92 -31.31 -48.65 -23.24
C SER Q 92 -32.65 -48.66 -22.50
N GLY Q 93 -32.95 -47.58 -21.79
CA GLY Q 93 -34.13 -47.52 -20.97
C GLY Q 93 -35.44 -47.44 -21.75
N ILE Q 94 -36.19 -48.53 -21.73
CA ILE Q 94 -37.51 -48.55 -22.37
C ILE Q 94 -38.58 -48.00 -21.46
N LEU Q 95 -38.68 -48.51 -20.23
CA LEU Q 95 -39.72 -48.05 -19.32
C LEU Q 95 -39.23 -46.98 -18.36
N SER Q 96 -37.94 -47.04 -17.97
CA SER Q 96 -37.43 -46.09 -16.99
C SER Q 96 -37.25 -44.70 -17.56
N VAL Q 97 -37.15 -44.57 -18.88
CA VAL Q 97 -37.04 -43.25 -19.51
C VAL Q 97 -38.41 -42.66 -19.78
N LEU Q 98 -39.35 -43.49 -20.27
CA LEU Q 98 -40.71 -43.04 -20.53
C LEU Q 98 -41.51 -42.79 -19.25
N GLY Q 99 -41.04 -43.30 -18.11
CA GLY Q 99 -41.73 -43.09 -16.86
C GLY Q 99 -41.36 -41.81 -16.14
N THR Q 100 -40.22 -41.22 -16.49
CA THR Q 100 -39.74 -40.00 -15.84
C THR Q 100 -39.94 -38.79 -16.74
N SER Q 101 -39.75 -38.97 -18.04
CA SER Q 101 -40.02 -37.94 -19.03
C SER Q 101 -40.77 -38.56 -20.21
N SER Q 102 -41.02 -37.74 -21.23
CA SER Q 102 -41.79 -38.08 -22.44
C SER Q 102 -43.18 -38.64 -22.11
N MET R 1 -34.73 -37.19 -28.10
CA MET R 1 -34.90 -36.98 -26.67
C MET R 1 -34.20 -38.07 -25.88
N ALA R 2 -34.08 -39.26 -26.47
CA ALA R 2 -33.44 -40.39 -25.83
C ALA R 2 -32.28 -40.89 -26.69
N ALA R 3 -31.29 -41.50 -26.03
CA ALA R 3 -30.08 -41.98 -26.68
C ALA R 3 -30.21 -43.48 -26.92
N GLU R 4 -30.11 -43.87 -28.19
CA GLU R 4 -30.08 -45.28 -28.57
C GLU R 4 -28.64 -45.70 -28.79
N LEU R 5 -28.27 -46.85 -28.23
CA LEU R 5 -26.88 -47.31 -28.28
C LEU R 5 -26.64 -48.16 -29.52
N HIS R 6 -25.43 -48.10 -30.04
CA HIS R 6 -25.04 -48.83 -31.23
C HIS R 6 -24.09 -49.97 -30.89
N ILE R 7 -24.31 -51.12 -31.53
CA ILE R 7 -23.47 -52.29 -31.39
C ILE R 7 -23.08 -52.75 -32.80
N THR R 8 -21.78 -52.91 -33.03
CA THR R 8 -21.31 -53.37 -34.33
C THR R 8 -21.62 -54.86 -34.49
N PRO R 9 -22.15 -55.28 -35.63
CA PRO R 9 -22.46 -56.70 -35.82
C PRO R 9 -21.20 -57.52 -36.05
N SER R 10 -21.26 -58.78 -35.62
CA SER R 10 -20.12 -59.68 -35.66
C SER R 10 -20.24 -60.63 -36.85
N ARG R 11 -19.32 -61.58 -36.90
CA ARG R 11 -19.30 -62.63 -37.90
C ARG R 11 -19.57 -63.98 -37.23
N ALA R 12 -19.79 -64.99 -38.07
CA ALA R 12 -19.97 -66.35 -37.59
C ALA R 12 -18.58 -66.99 -37.50
N THR R 13 -18.05 -67.09 -36.29
CA THR R 13 -16.74 -67.66 -36.05
C THR R 13 -16.85 -68.90 -35.17
N SER R 14 -15.83 -69.74 -35.27
CA SER R 14 -15.80 -71.03 -34.59
C SER R 14 -15.21 -70.88 -33.19
N SER R 15 -14.87 -72.00 -32.57
CA SER R 15 -14.20 -71.99 -31.27
C SER R 15 -12.80 -71.43 -31.38
N ASN R 16 -12.14 -71.63 -32.52
CA ASN R 16 -10.89 -70.96 -32.81
C ASN R 16 -11.16 -69.56 -33.35
N GLY R 17 -10.09 -68.86 -33.71
CA GLY R 17 -10.25 -67.52 -34.26
C GLY R 17 -10.70 -67.46 -35.71
N LEU R 18 -10.85 -68.60 -36.37
CA LEU R 18 -11.16 -68.62 -37.78
C LEU R 18 -12.64 -68.31 -38.01
N ASN R 19 -12.94 -67.84 -39.22
CA ASN R 19 -14.30 -67.53 -39.62
C ASN R 19 -14.97 -68.77 -40.20
N LEU R 20 -16.28 -68.84 -40.05
CA LEU R 20 -17.07 -69.94 -40.61
C LEU R 20 -17.89 -69.43 -41.78
N ASP R 21 -18.22 -70.35 -42.68
CA ASP R 21 -19.02 -70.06 -43.85
C ASP R 21 -20.17 -71.05 -43.96
N GLY R 22 -21.30 -70.57 -44.49
CA GLY R 22 -22.48 -71.41 -44.53
C GLY R 22 -23.13 -71.67 -43.20
N ALA R 23 -22.91 -70.79 -42.22
CA ALA R 23 -23.57 -70.91 -40.94
C ALA R 23 -25.05 -70.56 -41.07
N LYS R 24 -25.88 -71.23 -40.28
CA LYS R 24 -27.32 -71.16 -40.44
C LYS R 24 -27.99 -70.74 -39.15
N TRP R 25 -28.66 -69.59 -39.18
CA TRP R 25 -29.61 -69.22 -38.14
C TRP R 25 -30.94 -69.90 -38.43
N PHE R 26 -31.46 -70.64 -37.46
CA PHE R 26 -32.80 -71.19 -37.53
C PHE R 26 -33.71 -70.41 -36.59
N PHE R 27 -34.63 -69.64 -37.16
CA PHE R 27 -35.55 -68.85 -36.37
C PHE R 27 -36.87 -69.59 -36.21
N TYR R 28 -37.38 -69.57 -34.98
CA TYR R 28 -38.48 -70.43 -34.55
C TYR R 28 -39.59 -69.57 -33.98
N GLN R 29 -40.54 -70.23 -33.33
CA GLN R 29 -41.56 -69.56 -32.53
C GLN R 29 -40.98 -69.41 -31.12
N THR R 30 -41.81 -69.09 -30.13
CA THR R 30 -41.34 -68.71 -28.79
C THR R 30 -40.57 -69.84 -28.09
N GLY R 31 -41.19 -71.00 -27.94
CA GLY R 31 -40.49 -72.12 -27.33
C GLY R 31 -40.87 -73.46 -27.91
N THR R 32 -41.38 -73.46 -29.15
CA THR R 32 -42.10 -74.62 -29.67
C THR R 32 -41.35 -75.39 -30.74
N THR R 33 -40.27 -74.83 -31.29
CA THR R 33 -39.53 -75.37 -32.44
C THR R 33 -40.46 -75.57 -33.64
N THR R 34 -41.10 -74.47 -34.04
CA THR R 34 -41.89 -74.39 -35.26
C THR R 34 -41.43 -73.17 -36.04
N PRO R 35 -41.19 -73.31 -37.35
CA PRO R 35 -40.50 -72.24 -38.09
C PRO R 35 -41.39 -71.02 -38.32
N GLN R 36 -40.78 -69.85 -38.11
CA GLN R 36 -41.41 -68.56 -38.43
C GLN R 36 -40.64 -67.89 -39.55
N SER R 37 -41.18 -66.76 -40.01
CA SER R 37 -40.60 -66.04 -41.14
C SER R 37 -39.76 -64.86 -40.68
N VAL R 38 -38.75 -64.53 -41.47
CA VAL R 38 -37.84 -63.42 -41.20
C VAL R 38 -37.73 -62.59 -42.47
N TYR R 39 -37.93 -61.29 -42.34
CA TYR R 39 -38.05 -60.38 -43.48
C TYR R 39 -36.70 -59.72 -43.76
N THR R 40 -36.52 -59.28 -45.00
CA THR R 40 -35.23 -58.79 -45.45
C THR R 40 -35.15 -57.27 -45.62
N THR R 41 -36.26 -56.57 -45.54
CA THR R 41 -36.29 -55.15 -45.86
C THR R 41 -36.67 -54.35 -44.62
N ALA R 42 -36.67 -53.03 -44.80
CA ALA R 42 -37.09 -52.11 -43.73
C ALA R 42 -38.55 -52.31 -43.36
N ALA R 43 -39.41 -52.53 -44.35
CA ALA R 43 -40.80 -52.89 -44.11
C ALA R 43 -40.91 -54.38 -43.78
N LEU R 44 -42.12 -54.91 -43.78
CA LEU R 44 -42.35 -56.30 -43.41
C LEU R 44 -42.96 -57.08 -44.56
N SER R 45 -42.46 -56.86 -45.78
CA SER R 45 -43.07 -57.39 -46.99
C SER R 45 -42.39 -58.65 -47.51
N VAL R 46 -41.10 -58.57 -47.83
CA VAL R 46 -40.39 -59.66 -48.50
C VAL R 46 -39.67 -60.47 -47.44
N ALA R 47 -40.03 -61.74 -47.32
CA ALA R 47 -39.42 -62.64 -46.35
C ALA R 47 -38.49 -63.61 -47.06
N HIS R 48 -37.24 -63.65 -46.61
CA HIS R 48 -36.29 -64.62 -47.15
C HIS R 48 -36.41 -65.92 -46.36
N SER R 49 -35.55 -66.89 -46.69
CA SER R 49 -35.68 -68.24 -46.18
C SER R 49 -35.37 -68.29 -44.69
N ASN R 50 -35.97 -69.25 -44.00
CA ASN R 50 -35.77 -69.33 -42.56
C ASN R 50 -34.39 -69.93 -42.23
N PRO R 51 -33.91 -71.04 -42.88
CA PRO R 51 -32.48 -71.30 -42.75
C PRO R 51 -31.68 -70.35 -43.63
N VAL R 52 -31.09 -69.34 -43.01
CA VAL R 52 -30.31 -68.37 -43.74
C VAL R 52 -28.89 -68.90 -43.89
N VAL R 53 -28.15 -68.33 -44.84
CA VAL R 53 -26.75 -68.67 -45.02
C VAL R 53 -25.94 -67.38 -45.05
N ALA R 54 -24.66 -67.50 -44.73
CA ALA R 54 -23.76 -66.37 -44.78
C ALA R 54 -22.87 -66.47 -46.00
N ASP R 55 -21.94 -65.53 -46.13
CA ASP R 55 -21.01 -65.52 -47.25
C ASP R 55 -19.84 -66.45 -46.96
N ALA R 56 -18.80 -66.35 -47.79
CA ALA R 56 -17.62 -67.16 -47.58
C ALA R 56 -16.80 -66.71 -46.39
N ALA R 57 -17.03 -65.50 -45.90
CA ALA R 57 -16.35 -64.97 -44.72
C ALA R 57 -17.25 -64.94 -43.49
N GLY R 58 -18.53 -65.24 -43.65
CA GLY R 58 -19.45 -65.24 -42.53
C GLY R 58 -20.18 -63.93 -42.32
N LYS R 59 -20.78 -63.40 -43.39
CA LYS R 59 -21.58 -62.18 -43.33
C LYS R 59 -23.04 -62.55 -43.41
N PHE R 60 -23.78 -62.29 -42.37
CA PHE R 60 -25.19 -62.50 -42.58
C PHE R 60 -25.84 -61.24 -43.16
N PRO R 61 -26.90 -61.39 -43.95
CA PRO R 61 -27.59 -60.22 -44.49
C PRO R 61 -28.43 -59.48 -43.47
N ALA R 62 -29.15 -58.46 -43.92
CA ALA R 62 -29.99 -57.67 -43.03
C ALA R 62 -31.18 -58.50 -42.56
N ILE R 63 -31.31 -58.65 -41.24
CA ILE R 63 -32.29 -59.52 -40.62
C ILE R 63 -33.21 -58.67 -39.76
N TYR R 64 -34.51 -58.70 -40.06
CA TYR R 64 -35.49 -57.89 -39.37
C TYR R 64 -36.59 -58.77 -38.81
N PHE R 65 -37.02 -58.50 -37.60
CA PHE R 65 -38.08 -59.26 -36.98
C PHE R 65 -39.42 -58.55 -37.14
N ASP R 66 -40.47 -59.19 -36.61
CA ASP R 66 -41.78 -58.57 -36.46
C ASP R 66 -42.03 -58.46 -34.97
N THR R 67 -42.10 -57.23 -34.47
CA THR R 67 -42.05 -56.99 -33.03
C THR R 67 -43.34 -57.34 -32.29
N THR R 68 -44.38 -57.79 -32.99
CA THR R 68 -45.63 -58.18 -32.33
C THR R 68 -45.66 -59.66 -31.99
N LEU R 69 -44.56 -60.38 -32.20
CA LEU R 69 -44.52 -61.81 -31.93
C LEU R 69 -43.09 -62.22 -31.64
N GLU R 70 -42.94 -63.16 -30.71
CA GLU R 70 -41.64 -63.53 -30.18
C GLU R 70 -40.88 -64.42 -31.17
N TYR R 71 -39.61 -64.65 -30.86
CA TYR R 71 -38.71 -65.41 -31.73
C TYR R 71 -37.76 -66.23 -30.88
N ARG R 72 -37.02 -67.11 -31.54
CA ARG R 72 -35.99 -67.94 -30.93
C ARG R 72 -35.05 -68.40 -32.02
N GLY R 73 -33.75 -68.21 -31.82
CA GLY R 73 -32.77 -68.54 -32.84
C GLY R 73 -31.62 -69.35 -32.30
N VAL R 74 -31.03 -70.14 -33.20
CA VAL R 74 -29.83 -70.93 -32.91
C VAL R 74 -28.78 -70.65 -33.98
N LEU R 75 -27.63 -71.30 -33.85
CA LEU R 75 -26.64 -71.33 -34.91
C LEU R 75 -26.19 -72.76 -35.13
N LYS R 76 -25.99 -73.11 -36.39
CA LYS R 76 -25.38 -74.38 -36.75
C LYS R 76 -24.37 -74.13 -37.84
N THR R 77 -23.49 -75.10 -38.06
CA THR R 77 -22.55 -75.05 -39.17
C THR R 77 -23.19 -75.70 -40.39
N ALA R 78 -22.37 -75.94 -41.41
CA ALA R 78 -22.87 -76.49 -42.68
C ALA R 78 -23.32 -77.93 -42.54
N ASP R 79 -22.75 -78.67 -41.58
CA ASP R 79 -23.05 -80.09 -41.44
C ASP R 79 -24.21 -80.34 -40.47
N GLU R 80 -24.94 -79.28 -40.14
CA GLU R 80 -26.03 -79.27 -39.15
C GLU R 80 -25.57 -79.84 -37.80
N ALA R 81 -24.54 -79.25 -37.19
CA ALA R 81 -24.02 -79.71 -35.91
C ALA R 81 -23.33 -78.58 -35.18
N THR R 82 -22.86 -78.85 -33.95
CA THR R 82 -22.08 -77.93 -33.10
C THR R 82 -22.82 -76.62 -32.86
N THR R 83 -23.94 -76.69 -32.14
CA THR R 83 -24.80 -75.55 -31.86
C THR R 83 -24.04 -74.47 -31.11
N ILE R 84 -23.84 -73.32 -31.75
CA ILE R 84 -23.05 -72.25 -31.18
C ILE R 84 -23.83 -71.45 -30.15
N TYR R 85 -24.91 -70.78 -30.54
CA TYR R 85 -25.72 -70.04 -29.59
C TYR R 85 -27.13 -70.60 -29.58
N ASP R 86 -27.84 -70.32 -28.49
CA ASP R 86 -29.25 -70.65 -28.36
C ASP R 86 -29.85 -69.69 -27.35
N ILE R 87 -30.71 -68.79 -27.83
CA ILE R 87 -31.29 -67.74 -27.00
C ILE R 87 -32.80 -67.84 -27.12
N ASP R 88 -33.48 -67.99 -25.99
CA ASP R 88 -34.89 -68.38 -26.05
C ASP R 88 -35.79 -67.18 -26.35
N PRO R 89 -35.77 -66.00 -25.62
CA PRO R 89 -36.35 -64.80 -26.25
C PRO R 89 -35.36 -63.90 -26.99
N ILE R 90 -34.95 -64.30 -28.20
CA ILE R 90 -33.90 -63.57 -28.92
C ILE R 90 -34.39 -62.19 -29.39
N ASN R 91 -35.69 -61.99 -29.48
CA ASN R 91 -36.27 -60.69 -29.78
C ASN R 91 -36.49 -59.95 -28.47
N SER R 92 -36.45 -58.62 -28.54
CA SER R 92 -36.90 -57.78 -27.43
C SER R 92 -38.25 -57.18 -27.79
N GLY R 93 -39.30 -57.60 -27.08
CA GLY R 93 -40.65 -57.17 -27.41
C GLY R 93 -40.95 -55.72 -27.08
N ILE R 94 -41.06 -54.91 -28.13
CA ILE R 94 -41.43 -53.50 -27.95
C ILE R 94 -42.94 -53.33 -27.85
N LEU R 95 -43.69 -53.87 -28.81
CA LEU R 95 -45.15 -53.70 -28.80
C LEU R 95 -45.86 -54.89 -28.18
N SER R 96 -45.31 -56.10 -28.32
CA SER R 96 -45.99 -57.29 -27.81
C SER R 96 -45.94 -57.39 -26.30
N VAL R 97 -45.00 -56.71 -25.66
CA VAL R 97 -44.93 -56.72 -24.20
C VAL R 97 -45.79 -55.61 -23.61
N LEU R 98 -45.76 -54.42 -24.23
CA LEU R 98 -46.58 -53.31 -23.78
C LEU R 98 -48.06 -53.49 -24.09
N GLY R 99 -48.40 -54.43 -24.98
CA GLY R 99 -49.78 -54.67 -25.31
C GLY R 99 -50.48 -55.67 -24.40
N THR R 100 -49.71 -56.48 -23.67
CA THR R 100 -50.28 -57.50 -22.79
C THR R 100 -50.18 -57.06 -21.32
N SER R 101 -49.09 -56.41 -20.98
CA SER R 101 -48.90 -55.83 -19.65
C SER R 101 -48.34 -54.42 -19.79
N SER R 102 -48.05 -53.80 -18.64
CA SER R 102 -47.58 -52.41 -18.51
C SER R 102 -48.50 -51.40 -19.21
N MET S 1 -10.83 -49.14 47.56
CA MET S 1 -11.55 -50.00 48.47
C MET S 1 -11.36 -51.47 48.10
N ALA S 2 -11.14 -51.73 46.81
CA ALA S 2 -10.93 -53.08 46.31
C ALA S 2 -9.58 -53.18 45.60
N ALA S 3 -9.03 -54.40 45.60
CA ALA S 3 -7.71 -54.66 45.03
C ALA S 3 -7.89 -55.24 43.64
N GLU S 4 -7.31 -54.57 42.65
CA GLU S 4 -7.27 -55.06 41.28
C GLU S 4 -5.92 -55.72 41.04
N LEU S 5 -5.93 -56.90 40.43
CA LEU S 5 -4.72 -57.66 40.23
C LEU S 5 -4.08 -57.31 38.89
N HIS S 6 -2.75 -57.39 38.85
CA HIS S 6 -1.98 -57.06 37.66
C HIS S 6 -1.39 -58.32 37.03
N ILE S 7 -1.44 -58.37 35.71
CA ILE S 7 -0.85 -59.46 34.93
C ILE S 7 0.03 -58.84 33.85
N THR S 8 1.28 -59.27 33.79
CA THR S 8 2.20 -58.74 32.78
C THR S 8 1.83 -59.31 31.42
N PRO S 9 1.79 -58.49 30.37
CA PRO S 9 1.43 -59.00 29.05
C PRO S 9 2.58 -59.79 28.43
N SER S 10 2.21 -60.76 27.60
CA SER S 10 3.17 -61.67 27.00
C SER S 10 3.45 -61.28 25.55
N ARG S 11 4.22 -62.13 24.88
CA ARG S 11 4.53 -61.97 23.46
C ARG S 11 3.87 -63.08 22.66
N ALA S 12 3.91 -62.93 21.35
CA ALA S 12 3.42 -63.96 20.44
C ALA S 12 4.56 -64.92 20.16
N THR S 13 4.53 -66.09 20.80
CA THR S 13 5.56 -67.09 20.65
C THR S 13 4.98 -68.38 20.08
N SER S 14 5.84 -69.17 19.48
CA SER S 14 5.45 -70.39 18.77
C SER S 14 5.42 -71.57 19.74
N SER S 15 5.35 -72.78 19.18
CA SER S 15 5.42 -73.99 19.99
C SER S 15 6.80 -74.16 20.61
N ASN S 16 7.84 -73.70 19.93
CA ASN S 16 9.17 -73.63 20.52
C ASN S 16 9.29 -72.36 21.35
N GLY S 17 10.47 -72.13 21.90
CA GLY S 17 10.69 -70.94 22.69
C GLY S 17 10.89 -69.66 21.91
N LEU S 18 10.92 -69.73 20.59
CA LEU S 18 11.22 -68.58 19.76
C LEU S 18 10.01 -67.65 19.68
N ASN S 19 10.29 -66.39 19.38
CA ASN S 19 9.26 -65.38 19.22
C ASN S 19 8.77 -65.36 17.78
N LEU S 20 7.51 -64.97 17.60
CA LEU S 20 6.91 -64.85 16.28
C LEU S 20 6.70 -63.38 15.94
N ASP S 21 6.69 -63.09 14.65
CA ASP S 21 6.47 -61.74 14.15
C ASP S 21 5.38 -61.74 13.09
N GLY S 22 4.63 -60.65 13.04
CA GLY S 22 3.49 -60.59 12.15
C GLY S 22 2.32 -61.46 12.56
N ALA S 23 2.21 -61.79 13.84
CA ALA S 23 1.06 -62.54 14.32
C ALA S 23 -0.17 -61.66 14.31
N LYS S 24 -1.33 -62.28 14.06
CA LYS S 24 -2.55 -61.53 13.82
C LYS S 24 -3.65 -61.99 14.76
N TRP S 25 -4.12 -61.07 15.60
CA TRP S 25 -5.38 -61.25 16.32
C TRP S 25 -6.53 -60.88 15.41
N PHE S 26 -7.48 -61.79 15.23
CA PHE S 26 -8.72 -61.50 14.52
C PHE S 26 -9.84 -61.40 15.54
N PHE S 27 -10.36 -60.20 15.75
CA PHE S 27 -11.44 -59.98 16.69
C PHE S 27 -12.78 -59.98 15.97
N TYR S 28 -13.74 -60.66 16.55
CA TYR S 28 -15.00 -61.01 15.91
C TYR S 28 -16.16 -60.52 16.76
N GLN S 29 -17.36 -60.98 16.42
CA GLN S 29 -18.53 -60.80 17.25
C GLN S 29 -18.57 -61.98 18.22
N THR S 30 -19.71 -62.21 18.89
CA THR S 30 -19.81 -63.18 19.99
C THR S 30 -19.51 -64.61 19.54
N GLY S 31 -20.26 -65.11 18.57
CA GLY S 31 -20.00 -66.44 18.07
C GLY S 31 -20.24 -66.59 16.58
N THR S 32 -20.18 -65.49 15.85
CA THR S 32 -20.74 -65.44 14.51
C THR S 32 -19.70 -65.38 13.38
N THR S 33 -18.44 -65.09 13.72
CA THR S 33 -17.34 -64.84 12.78
C THR S 33 -17.71 -63.70 11.82
N THR S 34 -18.00 -62.55 12.43
CA THR S 34 -18.21 -61.28 11.73
C THR S 34 -17.34 -60.22 12.40
N PRO S 35 -16.60 -59.44 11.61
CA PRO S 35 -15.57 -58.58 12.21
C PRO S 35 -16.13 -57.39 12.97
N GLN S 36 -15.55 -57.14 14.15
CA GLN S 36 -15.85 -55.97 14.96
C GLN S 36 -14.62 -55.07 15.03
N SER S 37 -14.79 -53.91 15.64
CA SER S 37 -13.74 -52.91 15.72
C SER S 37 -13.06 -52.94 17.08
N VAL S 38 -11.77 -52.60 17.08
CA VAL S 38 -10.94 -52.55 18.28
C VAL S 38 -10.23 -51.21 18.31
N TYR S 39 -10.33 -50.51 19.43
CA TYR S 39 -9.87 -49.14 19.56
C TYR S 39 -8.48 -49.09 20.16
N THR S 40 -7.75 -48.01 19.89
CA THR S 40 -6.34 -47.94 20.25
C THR S 40 -6.04 -47.02 21.43
N THR S 41 -7.00 -46.24 21.89
CA THR S 41 -6.75 -45.23 22.90
C THR S 41 -7.52 -45.54 24.17
N ALA S 42 -7.32 -44.70 25.18
CA ALA S 42 -8.04 -44.82 26.45
C ALA S 42 -9.53 -44.63 26.26
N ALA S 43 -9.93 -43.67 25.43
CA ALA S 43 -11.32 -43.47 25.04
C ALA S 43 -11.71 -44.49 23.97
N LEU S 44 -12.86 -44.29 23.35
CA LEU S 44 -13.36 -45.23 22.35
C LEU S 44 -13.52 -44.56 20.99
N SER S 45 -12.54 -43.75 20.60
CA SER S 45 -12.66 -42.91 19.42
C SER S 45 -11.94 -43.47 18.20
N VAL S 46 -10.64 -43.72 18.28
CA VAL S 46 -9.84 -44.10 17.13
C VAL S 46 -9.70 -45.62 17.13
N ALA S 47 -10.22 -46.25 16.08
CA ALA S 47 -10.17 -47.70 15.94
C ALA S 47 -9.12 -48.08 14.89
N HIS S 48 -8.18 -48.93 15.29
CA HIS S 48 -7.21 -49.44 14.34
C HIS S 48 -7.77 -50.68 13.66
N SER S 49 -6.96 -51.31 12.81
CA SER S 49 -7.43 -52.37 11.93
C SER S 49 -7.77 -53.63 12.73
N ASN S 50 -8.70 -54.42 12.20
CA ASN S 50 -9.12 -55.60 12.95
C ASN S 50 -8.08 -56.72 12.82
N PRO S 51 -7.49 -57.04 11.63
CA PRO S 51 -6.27 -57.85 11.69
C PRO S 51 -5.09 -57.00 12.14
N VAL S 52 -4.71 -57.15 13.40
CA VAL S 52 -3.59 -56.39 13.93
C VAL S 52 -2.30 -57.13 13.62
N VAL S 53 -1.18 -56.43 13.69
CA VAL S 53 0.12 -57.04 13.52
C VAL S 53 0.99 -56.64 14.70
N ALA S 54 2.02 -57.44 14.96
CA ALA S 54 2.96 -57.15 16.02
C ALA S 54 4.26 -56.66 15.40
N ASP S 55 5.25 -56.42 16.26
CA ASP S 55 6.55 -55.97 15.82
C ASP S 55 7.40 -57.16 15.37
N ALA S 56 8.69 -56.91 15.17
CA ALA S 56 9.60 -57.98 14.77
C ALA S 56 9.89 -58.94 15.91
N ALA S 57 9.61 -58.55 17.15
CA ALA S 57 9.79 -59.41 18.31
C ALA S 57 8.47 -59.92 18.87
N GLY S 58 7.33 -59.45 18.34
CA GLY S 58 6.05 -59.92 18.81
C GLY S 58 5.43 -59.07 19.90
N LYS S 59 5.39 -57.75 19.67
CA LYS S 59 4.77 -56.81 20.60
C LYS S 59 3.44 -56.36 20.03
N PHE S 60 2.36 -56.70 20.70
CA PHE S 60 1.15 -56.09 20.19
C PHE S 60 0.94 -54.72 20.83
N PRO S 61 0.29 -53.79 20.12
CA PRO S 61 0.02 -52.47 20.72
C PRO S 61 -1.08 -52.50 21.76
N ALA S 62 -1.45 -51.32 22.25
CA ALA S 62 -2.49 -51.20 23.26
C ALA S 62 -3.84 -51.53 22.64
N ILE S 63 -4.52 -52.53 23.20
CA ILE S 63 -5.77 -53.06 22.66
C ILE S 63 -6.86 -52.87 23.70
N TYR S 64 -7.91 -52.15 23.31
CA TYR S 64 -9.00 -51.82 24.22
C TYR S 64 -10.32 -52.28 23.61
N PHE S 65 -11.19 -52.85 24.43
CA PHE S 65 -12.49 -53.30 23.96
C PHE S 65 -13.56 -52.26 24.26
N ASP S 66 -14.78 -52.57 23.87
CA ASP S 66 -15.96 -51.82 24.26
C ASP S 66 -16.80 -52.75 25.11
N THR S 67 -16.95 -52.43 26.39
CA THR S 67 -17.47 -53.38 27.37
C THR S 67 -18.97 -53.60 27.28
N THR S 68 -19.68 -52.91 26.39
CA THR S 68 -21.11 -53.10 26.22
C THR S 68 -21.44 -54.14 25.16
N LEU S 69 -20.44 -54.83 24.62
CA LEU S 69 -20.66 -55.82 23.58
C LEU S 69 -19.53 -56.84 23.61
N GLU S 70 -19.88 -58.10 23.36
CA GLU S 70 -18.95 -59.20 23.52
C GLU S 70 -17.95 -59.26 22.35
N TYR S 71 -16.95 -60.13 22.52
CA TYR S 71 -15.87 -60.26 21.55
C TYR S 71 -15.44 -61.72 21.48
N ARG S 72 -14.59 -62.00 20.50
CA ARG S 72 -14.00 -63.32 20.29
C ARG S 72 -12.74 -63.14 19.46
N GLY S 73 -11.62 -63.70 19.92
CA GLY S 73 -10.36 -63.52 19.25
C GLY S 73 -9.63 -64.83 19.03
N VAL S 74 -8.80 -64.83 17.99
CA VAL S 74 -7.92 -65.95 17.67
C VAL S 74 -6.50 -65.43 17.48
N LEU S 75 -5.58 -66.34 17.18
CA LEU S 75 -4.25 -65.98 16.74
C LEU S 75 -3.89 -66.78 15.49
N LYS S 76 -3.22 -66.12 14.56
CA LYS S 76 -2.67 -66.79 13.40
C LYS S 76 -1.27 -66.25 13.18
N THR S 77 -0.49 -66.97 12.38
CA THR S 77 0.82 -66.51 11.98
C THR S 77 0.69 -65.70 10.68
N ALA S 78 1.82 -65.41 10.05
CA ALA S 78 1.84 -64.57 8.86
C ALA S 78 1.23 -65.29 7.66
N ASP S 79 1.28 -66.62 7.64
CA ASP S 79 0.79 -67.38 6.50
C ASP S 79 -0.68 -67.77 6.63
N GLU S 80 -1.38 -67.14 7.58
CA GLU S 80 -2.76 -67.42 7.96
C GLU S 80 -2.98 -68.91 8.28
N ALA S 81 -2.23 -69.45 9.24
CA ALA S 81 -2.33 -70.85 9.62
C ALA S 81 -1.90 -71.06 11.06
N THR S 82 -2.00 -72.30 11.56
CA THR S 82 -1.56 -72.73 12.90
C THR S 82 -2.20 -71.89 14.00
N THR S 83 -3.51 -72.02 14.16
CA THR S 83 -4.29 -71.26 15.13
C THR S 83 -3.79 -71.53 16.55
N ILE S 84 -3.23 -70.50 17.18
CA ILE S 84 -2.64 -70.66 18.50
C ILE S 84 -3.70 -70.69 19.60
N TYR S 85 -4.44 -69.60 19.78
CA TYR S 85 -5.49 -69.56 20.79
C TYR S 85 -6.82 -69.32 20.12
N ASP S 86 -7.89 -69.67 20.84
CA ASP S 86 -9.25 -69.39 20.41
C ASP S 86 -10.11 -69.36 21.67
N ILE S 87 -10.60 -68.18 22.02
CA ILE S 87 -11.35 -67.99 23.25
C ILE S 87 -12.69 -67.34 22.88
N ASP S 88 -13.78 -67.99 23.26
CA ASP S 88 -15.06 -67.60 22.70
C ASP S 88 -15.63 -66.35 23.41
N PRO S 89 -15.80 -66.27 24.77
CA PRO S 89 -15.93 -64.91 25.35
C PRO S 89 -14.64 -64.27 25.85
N ILE S 90 -13.81 -63.75 24.93
CA ILE S 90 -12.49 -63.24 25.31
C ILE S 90 -12.59 -61.97 26.14
N ASN S 91 -13.71 -61.27 26.05
CA ASN S 91 -13.97 -60.11 26.89
C ASN S 91 -14.64 -60.56 28.18
N SER S 92 -14.44 -59.81 29.26
CA SER S 92 -15.21 -60.00 30.48
C SER S 92 -16.23 -58.86 30.58
N GLY S 93 -17.51 -59.19 30.45
CA GLY S 93 -18.55 -58.18 30.44
C GLY S 93 -18.80 -57.51 31.76
N ILE S 94 -18.39 -56.25 31.87
CA ILE S 94 -18.65 -55.46 33.07
C ILE S 94 -20.03 -54.84 33.05
N LEU S 95 -20.38 -54.13 31.97
CA LEU S 95 -21.67 -53.46 31.90
C LEU S 95 -22.70 -54.27 31.14
N SER S 96 -22.27 -55.05 30.15
CA SER S 96 -23.22 -55.79 29.32
C SER S 96 -23.81 -57.00 30.05
N VAL S 97 -23.16 -57.47 31.10
CA VAL S 97 -23.69 -58.58 31.89
C VAL S 97 -24.60 -58.06 33.00
N LEU S 98 -24.20 -56.97 33.66
CA LEU S 98 -25.01 -56.36 34.71
C LEU S 98 -26.24 -55.65 34.16
N GLY S 99 -26.28 -55.37 32.86
CA GLY S 99 -27.43 -54.70 32.27
C GLY S 99 -28.52 -55.63 31.82
N THR S 100 -28.22 -56.93 31.66
CA THR S 100 -29.21 -57.90 31.20
C THR S 100 -29.68 -58.78 32.36
N SER S 101 -28.75 -59.12 33.25
CA SER S 101 -29.08 -59.85 34.46
C SER S 101 -28.37 -59.21 35.65
N SER S 102 -28.52 -59.83 36.83
CA SER S 102 -28.00 -59.36 38.12
C SER S 102 -28.43 -57.93 38.44
N MET T 1 -22.50 -66.27 39.12
CA MET T 1 -23.48 -65.90 38.10
C MET T 1 -22.80 -65.45 36.81
N ALA T 2 -21.59 -64.91 36.93
CA ALA T 2 -20.82 -64.46 35.79
C ALA T 2 -19.47 -65.17 35.74
N ALA T 3 -18.94 -65.28 34.53
CA ALA T 3 -17.69 -65.99 34.28
C ALA T 3 -16.55 -64.98 34.18
N GLU T 4 -15.56 -65.12 35.04
CA GLU T 4 -14.34 -64.33 34.99
C GLU T 4 -13.26 -65.12 34.27
N LEU T 5 -12.57 -64.47 33.35
CA LEU T 5 -11.57 -65.15 32.53
C LEU T 5 -10.21 -65.08 33.19
N HIS T 6 -9.40 -66.13 32.97
CA HIS T 6 -8.08 -66.25 33.53
C HIS T 6 -7.01 -66.06 32.47
N ILE T 7 -5.95 -65.33 32.83
CA ILE T 7 -4.80 -65.11 31.97
C ILE T 7 -3.55 -65.46 32.78
N THR T 8 -2.71 -66.32 32.23
CA THR T 8 -1.48 -66.70 32.91
C THR T 8 -0.48 -65.54 32.85
N PRO T 9 0.18 -65.20 33.95
CA PRO T 9 1.14 -64.10 33.91
C PRO T 9 2.43 -64.50 33.21
N SER T 10 3.07 -63.52 32.60
CA SER T 10 4.26 -63.74 31.80
C SER T 10 5.51 -63.35 32.58
N ARG T 11 6.65 -63.38 31.89
CA ARG T 11 7.92 -62.96 32.43
C ARG T 11 8.41 -61.72 31.71
N ALA T 12 9.46 -61.11 32.26
CA ALA T 12 10.10 -59.97 31.62
C ALA T 12 11.14 -60.49 30.65
N THR T 13 10.82 -60.47 29.36
CA THR T 13 11.72 -60.95 28.33
C THR T 13 12.08 -59.83 27.37
N SER T 14 13.21 -60.00 26.69
CA SER T 14 13.77 -58.99 25.82
C SER T 14 13.20 -59.13 24.41
N SER T 15 13.83 -58.45 23.44
CA SER T 15 13.44 -58.59 22.04
C SER T 15 13.75 -59.97 21.51
N ASN T 16 14.80 -60.61 22.03
CA ASN T 16 15.07 -62.01 21.74
C ASN T 16 14.23 -62.89 22.67
N GLY T 17 14.41 -64.19 22.56
CA GLY T 17 13.69 -65.11 23.42
C GLY T 17 14.19 -65.23 24.83
N LEU T 18 15.28 -64.55 25.17
CA LEU T 18 15.90 -64.69 26.48
C LEU T 18 15.11 -63.92 27.54
N ASN T 19 15.29 -64.35 28.78
CA ASN T 19 14.64 -63.71 29.91
C ASN T 19 15.52 -62.58 30.45
N LEU T 20 14.88 -61.58 31.02
CA LEU T 20 15.58 -60.45 31.61
C LEU T 20 15.46 -60.52 33.13
N ASP T 21 16.44 -59.93 33.81
CA ASP T 21 16.47 -59.88 35.25
C ASP T 21 16.71 -58.44 35.72
N GLY T 22 16.11 -58.11 36.86
CA GLY T 22 16.19 -56.74 37.34
C GLY T 22 15.36 -55.76 36.55
N ALA T 23 14.32 -56.22 35.86
CA ALA T 23 13.42 -55.33 35.15
C ALA T 23 12.57 -54.56 36.14
N LYS T 24 12.24 -53.32 35.79
CA LYS T 24 11.60 -52.40 36.71
C LYS T 24 10.31 -51.86 36.14
N TRP T 25 9.19 -52.16 36.80
CA TRP T 25 7.95 -51.45 36.58
C TRP T 25 7.96 -50.15 37.36
N PHE T 26 7.72 -49.03 36.67
CA PHE T 26 7.55 -47.75 37.32
C PHE T 26 6.08 -47.38 37.25
N PHE T 27 5.39 -47.39 38.39
CA PHE T 27 3.98 -47.06 38.44
C PHE T 27 3.81 -45.60 38.84
N TYR T 28 2.92 -44.91 38.14
CA TYR T 28 2.79 -43.46 38.17
C TYR T 28 1.35 -43.09 38.52
N GLN T 29 1.04 -41.82 38.34
CA GLN T 29 -0.33 -41.33 38.42
C GLN T 29 -0.91 -41.46 37.01
N THR T 30 -2.05 -40.82 36.74
CA THR T 30 -2.80 -41.03 35.50
C THR T 30 -2.02 -40.64 34.25
N GLY T 31 -1.56 -39.40 34.17
CA GLY T 31 -0.77 -38.99 33.03
C GLY T 31 0.33 -38.00 33.37
N THR T 32 0.75 -37.97 34.63
CA THR T 32 1.50 -36.85 35.17
C THR T 32 2.96 -37.14 35.44
N THR T 33 3.36 -38.43 35.44
CA THR T 33 4.70 -38.91 35.83
C THR T 33 5.03 -38.43 37.24
N THR T 34 4.17 -38.82 38.18
CA THR T 34 4.40 -38.65 39.61
C THR T 34 4.15 -39.99 40.30
N PRO T 35 5.05 -40.42 41.18
CA PRO T 35 5.00 -41.80 41.68
C PRO T 35 3.84 -42.05 42.63
N GLN T 36 3.17 -43.19 42.43
CA GLN T 36 2.14 -43.69 43.33
C GLN T 36 2.62 -44.98 43.99
N SER T 37 1.80 -45.47 44.92
CA SER T 37 2.15 -46.65 45.70
C SER T 37 1.46 -47.89 45.16
N VAL T 38 2.12 -49.02 45.33
CA VAL T 38 1.61 -50.32 44.90
C VAL T 38 1.74 -51.30 46.07
N TYR T 39 0.65 -51.98 46.40
CA TYR T 39 0.56 -52.79 47.59
C TYR T 39 0.85 -54.25 47.26
N THR T 40 1.28 -55.01 48.26
CA THR T 40 1.78 -56.37 48.05
C THR T 40 0.83 -57.45 48.51
N THR T 41 -0.23 -57.12 49.23
CA THR T 41 -1.08 -58.12 49.84
C THR T 41 -2.49 -58.05 49.25
N ALA T 42 -3.33 -58.97 49.71
CA ALA T 42 -4.74 -58.99 49.32
C ALA T 42 -5.47 -57.73 49.74
N ALA T 43 -5.20 -57.25 50.95
CA ALA T 43 -5.71 -55.98 51.43
C ALA T 43 -4.89 -54.83 50.85
N LEU T 44 -5.07 -53.63 51.38
CA LEU T 44 -4.38 -52.46 50.87
C LEU T 44 -3.50 -51.82 51.94
N SER T 45 -2.78 -52.64 52.70
CA SER T 45 -2.05 -52.19 53.87
C SER T 45 -0.56 -51.98 53.62
N VAL T 46 0.15 -53.02 53.19
CA VAL T 46 1.60 -52.99 53.08
C VAL T 46 1.95 -52.67 51.63
N ALA T 47 2.64 -51.55 51.43
CA ALA T 47 3.04 -51.12 50.10
C ALA T 47 4.53 -51.33 49.92
N HIS T 48 4.91 -52.06 48.88
CA HIS T 48 6.31 -52.22 48.56
C HIS T 48 6.78 -51.07 47.68
N SER T 49 8.04 -51.12 47.24
CA SER T 49 8.67 -50.01 46.56
C SER T 49 8.07 -49.79 45.18
N ASN T 50 8.11 -48.54 44.71
CA ASN T 50 7.50 -48.26 43.43
C ASN T 50 8.39 -48.73 42.28
N PRO T 51 9.73 -48.52 42.26
CA PRO T 51 10.53 -49.32 41.31
C PRO T 51 10.68 -50.74 41.84
N VAL T 52 9.91 -51.65 41.27
CA VAL T 52 9.97 -53.04 41.67
C VAL T 52 11.09 -53.72 40.90
N VAL T 53 11.53 -54.87 41.40
CA VAL T 53 12.51 -55.68 40.70
C VAL T 53 11.99 -57.10 40.61
N ALA T 54 12.50 -57.84 39.63
CA ALA T 54 12.14 -59.23 39.46
C ALA T 54 13.28 -60.11 39.94
N ASP T 55 13.10 -61.43 39.78
CA ASP T 55 14.11 -62.38 40.17
C ASP T 55 15.17 -62.51 39.09
N ALA T 56 16.02 -63.53 39.21
CA ALA T 56 17.04 -63.77 38.21
C ALA T 56 16.47 -64.33 36.91
N ALA T 57 15.24 -64.84 36.94
CA ALA T 57 14.57 -65.34 35.75
C ALA T 57 13.47 -64.40 35.26
N GLY T 58 13.17 -63.34 36.01
CA GLY T 58 12.14 -62.39 35.59
C GLY T 58 10.77 -62.69 36.15
N LYS T 59 10.68 -62.90 37.46
CA LYS T 59 9.41 -63.13 38.14
C LYS T 59 9.04 -61.88 38.92
N PHE T 60 7.96 -61.26 38.52
CA PHE T 60 7.56 -60.17 39.41
C PHE T 60 6.68 -60.70 40.54
N PRO T 61 6.71 -60.08 41.71
CA PRO T 61 5.84 -60.53 42.81
C PRO T 61 4.38 -60.15 42.61
N ALA T 62 3.56 -60.42 43.62
CA ALA T 62 2.14 -60.12 43.55
C ALA T 62 1.92 -58.61 43.61
N ILE T 63 1.28 -58.07 42.58
CA ILE T 63 1.11 -56.63 42.40
C ILE T 63 -0.37 -56.32 42.41
N TYR T 64 -0.79 -55.47 43.34
CA TYR T 64 -2.20 -55.13 43.51
C TYR T 64 -2.36 -53.62 43.44
N PHE T 65 -3.42 -53.18 42.77
CA PHE T 65 -3.69 -51.75 42.65
C PHE T 65 -4.73 -51.33 43.67
N ASP T 66 -5.04 -50.03 43.66
CA ASP T 66 -6.17 -49.48 44.40
C ASP T 66 -7.16 -48.97 43.36
N THR T 67 -8.33 -49.59 43.30
CA THR T 67 -9.23 -49.41 42.18
C THR T 67 -9.97 -48.07 42.19
N THR T 68 -9.78 -47.23 43.19
CA THR T 68 -10.41 -45.93 43.25
C THR T 68 -9.56 -44.83 42.64
N LEU T 69 -8.43 -45.18 42.03
CA LEU T 69 -7.53 -44.20 41.44
C LEU T 69 -6.74 -44.86 40.33
N GLU T 70 -6.49 -44.09 39.26
CA GLU T 70 -5.89 -44.62 38.05
C GLU T 70 -4.38 -44.83 38.22
N TYR T 71 -3.79 -45.49 37.23
CA TYR T 71 -2.38 -45.84 37.25
C TYR T 71 -1.80 -45.75 35.85
N ARG T 72 -0.48 -45.86 35.78
CA ARG T 72 0.26 -45.87 34.52
C ARG T 72 1.60 -46.53 34.78
N GLY T 73 1.97 -47.51 33.97
CA GLY T 73 3.19 -48.26 34.19
C GLY T 73 4.02 -48.38 32.92
N VAL T 74 5.33 -48.52 33.12
CA VAL T 74 6.29 -48.76 32.06
C VAL T 74 7.15 -49.97 32.42
N LEU T 75 8.07 -50.32 31.54
CA LEU T 75 9.12 -51.28 31.85
C LEU T 75 10.47 -50.71 31.43
N LYS T 76 11.47 -50.96 32.25
CA LYS T 76 12.85 -50.64 31.91
C LYS T 76 13.72 -51.82 32.30
N THR T 77 14.92 -51.85 31.76
CA THR T 77 15.90 -52.84 32.17
C THR T 77 16.72 -52.29 33.33
N ALA T 78 17.82 -52.98 33.65
CA ALA T 78 18.64 -52.61 34.80
C ALA T 78 19.39 -51.31 34.58
N ASP T 79 19.66 -50.97 33.33
CA ASP T 79 20.46 -49.78 33.02
C ASP T 79 19.60 -48.54 32.80
N GLU T 80 18.32 -48.63 33.20
CA GLU T 80 17.28 -47.62 32.99
C GLU T 80 17.19 -47.19 31.51
N ALA T 81 16.93 -48.14 30.62
CA ALA T 81 16.82 -47.86 29.19
C ALA T 81 15.94 -48.90 28.50
N THR T 82 15.71 -48.72 27.19
CA THR T 82 14.97 -49.63 26.31
C THR T 82 13.57 -49.92 26.84
N THR T 83 12.72 -48.89 26.85
CA THR T 83 11.35 -48.96 27.37
C THR T 83 10.55 -50.02 26.61
N ILE T 84 10.17 -51.08 27.31
CA ILE T 84 9.47 -52.19 26.68
C ILE T 84 8.00 -51.88 26.46
N TYR T 85 7.23 -51.67 27.53
CA TYR T 85 5.82 -51.34 27.38
C TYR T 85 5.56 -49.97 28.00
N ASP T 86 4.45 -49.37 27.57
CA ASP T 86 3.96 -48.13 28.15
C ASP T 86 2.46 -48.07 27.90
N ILE T 87 1.68 -48.18 28.97
CA ILE T 87 0.23 -48.25 28.87
C ILE T 87 -0.34 -47.15 29.75
N ASP T 88 -1.15 -46.26 29.18
CA ASP T 88 -1.50 -45.04 29.89
C ASP T 88 -2.61 -45.29 30.91
N PRO T 89 -3.81 -45.88 30.60
CA PRO T 89 -4.60 -46.43 31.72
C PRO T 89 -4.40 -47.92 32.00
N ILE T 90 -3.29 -48.27 32.66
CA ILE T 90 -2.93 -49.68 32.85
C ILE T 90 -3.90 -50.37 33.82
N ASN T 91 -4.59 -49.61 34.65
CA ASN T 91 -5.62 -50.15 35.52
C ASN T 91 -6.96 -50.14 34.77
N SER T 92 -7.85 -51.06 35.13
CA SER T 92 -9.23 -50.99 34.69
C SER T 92 -10.11 -50.53 35.85
N GLY T 93 -10.66 -49.34 35.74
CA GLY T 93 -11.41 -48.75 36.84
C GLY T 93 -12.75 -49.41 37.10
N ILE T 94 -12.84 -50.14 38.21
CA ILE T 94 -14.10 -50.76 38.60
C ILE T 94 -14.98 -49.80 39.37
N LEU T 95 -14.44 -49.17 40.42
CA LEU T 95 -15.23 -48.26 41.25
C LEU T 95 -15.06 -46.80 40.84
N SER T 96 -13.87 -46.44 40.35
CA SER T 96 -13.60 -45.04 40.03
C SER T 96 -14.30 -44.59 38.75
N VAL T 97 -14.70 -45.54 37.90
CA VAL T 97 -15.42 -45.19 36.68
C VAL T 97 -16.93 -45.16 36.95
N LEU T 98 -17.42 -46.12 37.71
CA LEU T 98 -18.84 -46.16 38.07
C LEU T 98 -19.23 -45.08 39.08
N GLY T 99 -18.25 -44.46 39.74
CA GLY T 99 -18.55 -43.42 40.70
C GLY T 99 -18.64 -42.04 40.10
N THR T 100 -18.10 -41.85 38.90
CA THR T 100 -18.10 -40.53 38.24
C THR T 100 -19.14 -40.50 37.11
N SER T 101 -19.28 -41.60 36.40
CA SER T 101 -20.30 -41.76 35.39
C SER T 101 -20.97 -43.12 35.53
N SER T 102 -21.89 -43.42 34.61
CA SER T 102 -22.72 -44.63 34.59
C SER T 102 -23.49 -44.84 35.90
N MET U 1 -19.20 -47.87 26.85
CA MET U 1 -19.01 -46.65 27.61
C MET U 1 -17.68 -46.65 28.33
N ALA U 2 -17.19 -47.84 28.67
CA ALA U 2 -15.91 -48.00 29.35
C ALA U 2 -14.98 -48.88 28.53
N ALA U 3 -13.68 -48.66 28.71
CA ALA U 3 -12.64 -49.38 27.97
C ALA U 3 -12.10 -50.51 28.83
N GLU U 4 -12.21 -51.73 28.31
CA GLU U 4 -11.63 -52.90 28.93
C GLU U 4 -10.29 -53.21 28.27
N LEU U 5 -9.27 -53.47 29.07
CA LEU U 5 -7.93 -53.68 28.55
C LEU U 5 -7.69 -55.15 28.26
N HIS U 6 -6.87 -55.41 27.25
CA HIS U 6 -6.56 -56.76 26.80
C HIS U 6 -5.13 -57.13 27.16
N ILE U 7 -4.95 -58.36 27.63
CA ILE U 7 -3.64 -58.93 27.95
C ILE U 7 -3.52 -60.27 27.24
N THR U 8 -2.46 -60.44 26.48
CA THR U 8 -2.23 -61.69 25.77
C THR U 8 -1.83 -62.77 26.77
N PRO U 9 -2.40 -63.98 26.68
CA PRO U 9 -2.02 -65.03 27.62
C PRO U 9 -0.66 -65.61 27.30
N SER U 10 0.03 -66.08 28.34
CA SER U 10 1.38 -66.58 28.22
C SER U 10 1.39 -68.11 28.22
N ARG U 11 2.58 -68.67 28.25
CA ARG U 11 2.81 -70.10 28.33
C ARG U 11 3.43 -70.45 29.67
N ALA U 12 3.49 -71.75 29.96
CA ALA U 12 4.15 -72.24 31.16
C ALA U 12 5.62 -72.46 30.82
N THR U 13 6.47 -71.54 31.26
CA THR U 13 7.89 -71.60 31.00
C THR U 13 8.67 -71.70 32.31
N SER U 14 9.89 -72.23 32.21
CA SER U 14 10.72 -72.51 33.36
C SER U 14 11.56 -71.28 33.71
N SER U 15 12.56 -71.47 34.56
CA SER U 15 13.49 -70.40 34.89
C SER U 15 14.36 -70.01 33.70
N ASN U 16 14.64 -70.96 32.82
CA ASN U 16 15.27 -70.66 31.55
C ASN U 16 14.21 -70.23 30.55
N GLY U 17 14.64 -69.98 29.31
CA GLY U 17 13.70 -69.58 28.29
C GLY U 17 12.88 -70.70 27.70
N LEU U 18 13.10 -71.94 28.11
CA LEU U 18 12.42 -73.08 27.51
C LEU U 18 10.99 -73.18 28.02
N ASN U 19 10.16 -73.85 27.22
CA ASN U 19 8.77 -74.08 27.57
C ASN U 19 8.65 -75.37 28.37
N LEU U 20 7.64 -75.40 29.24
CA LEU U 20 7.35 -76.58 30.05
C LEU U 20 6.07 -77.25 29.54
N ASP U 21 5.98 -78.55 29.79
CA ASP U 21 4.83 -79.34 29.41
C ASP U 21 4.33 -80.15 30.60
N GLY U 22 3.02 -80.35 30.65
CA GLY U 22 2.42 -81.01 31.79
C GLY U 22 2.41 -80.18 33.06
N ALA U 23 2.47 -78.86 32.94
CA ALA U 23 2.36 -78.00 34.10
C ALA U 23 0.94 -78.02 34.65
N LYS U 24 0.82 -77.89 35.97
CA LYS U 24 -0.45 -78.09 36.64
C LYS U 24 -0.82 -76.88 37.48
N TRP U 25 -1.94 -76.24 37.12
CA TRP U 25 -2.59 -75.28 38.01
C TRP U 25 -3.44 -76.04 39.01
N PHE U 26 -3.23 -75.80 40.29
CA PHE U 26 -4.09 -76.33 41.35
C PHE U 26 -4.92 -75.19 41.90
N PHE U 27 -6.22 -75.21 41.62
CA PHE U 27 -7.13 -74.18 42.10
C PHE U 27 -7.81 -74.63 43.38
N TYR U 28 -7.87 -73.72 44.35
CA TYR U 28 -8.23 -74.01 45.72
C TYR U 28 -9.39 -73.12 46.14
N GLN U 29 -9.66 -73.11 47.44
CA GLN U 29 -10.58 -72.17 48.04
C GLN U 29 -9.75 -70.92 48.41
N THR U 30 -10.30 -70.03 49.24
CA THR U 30 -9.69 -68.71 49.49
C THR U 30 -8.31 -68.82 50.13
N GLY U 31 -8.21 -69.48 51.27
CA GLY U 31 -6.92 -69.65 51.91
C GLY U 31 -6.75 -70.97 52.62
N THR U 32 -7.53 -71.98 52.21
CA THR U 32 -7.74 -73.16 53.03
C THR U 32 -7.07 -74.41 52.50
N THR U 33 -6.62 -74.40 51.24
CA THR U 33 -6.09 -75.56 50.51
C THR U 33 -7.12 -76.70 50.49
N THR U 34 -8.29 -76.38 49.95
CA THR U 34 -9.34 -77.33 49.67
C THR U 34 -9.80 -77.14 48.23
N PRO U 35 -9.92 -78.21 47.45
CA PRO U 35 -10.09 -78.06 46.00
C PRO U 35 -11.47 -77.54 45.61
N GLN U 36 -11.49 -76.59 44.67
CA GLN U 36 -12.70 -76.09 44.06
C GLN U 36 -12.74 -76.47 42.58
N SER U 37 -13.86 -76.17 41.94
CA SER U 37 -14.07 -76.54 40.55
C SER U 37 -13.81 -75.37 39.62
N VAL U 38 -13.36 -75.69 38.41
CA VAL U 38 -13.07 -74.71 37.38
C VAL U 38 -13.76 -75.16 36.09
N TYR U 39 -14.51 -74.27 35.47
CA TYR U 39 -15.39 -74.59 34.35
C TYR U 39 -14.69 -74.28 33.04
N THR U 40 -15.12 -74.95 31.97
CA THR U 40 -14.41 -74.88 30.69
C THR U 40 -15.13 -74.06 29.63
N THR U 41 -16.37 -73.66 29.86
CA THR U 41 -17.16 -73.00 28.83
C THR U 41 -17.50 -71.57 29.25
N ALA U 42 -18.19 -70.87 28.34
CA ALA U 42 -18.66 -69.52 28.60
C ALA U 42 -19.65 -69.48 29.75
N ALA U 43 -20.56 -70.45 29.82
CA ALA U 43 -21.45 -70.62 30.95
C ALA U 43 -20.73 -71.30 32.11
N LEU U 44 -21.47 -71.73 33.11
CA LEU U 44 -20.88 -72.34 34.29
C LEU U 44 -21.35 -73.77 34.48
N SER U 45 -21.40 -74.54 33.38
CA SER U 45 -22.01 -75.86 33.39
C SER U 45 -21.01 -77.00 33.48
N VAL U 46 -20.08 -77.08 32.54
CA VAL U 46 -19.17 -78.22 32.42
C VAL U 46 -17.87 -77.85 33.11
N ALA U 47 -17.52 -78.59 34.15
CA ALA U 47 -16.30 -78.35 34.91
C ALA U 47 -15.27 -79.43 34.58
N HIS U 48 -14.09 -79.00 34.15
CA HIS U 48 -13.01 -79.93 33.92
C HIS U 48 -12.24 -80.16 35.22
N SER U 49 -11.16 -80.95 35.14
CA SER U 49 -10.47 -81.41 36.33
C SER U 49 -9.74 -80.26 37.02
N ASN U 50 -9.56 -80.39 38.33
CA ASN U 50 -8.93 -79.30 39.07
C ASN U 50 -7.41 -79.30 38.85
N PRO U 51 -6.68 -80.46 38.89
CA PRO U 51 -5.32 -80.41 38.33
C PRO U 51 -5.39 -80.41 36.80
N VAL U 52 -5.21 -79.25 36.20
CA VAL U 52 -5.26 -79.14 34.75
C VAL U 52 -3.87 -79.48 34.20
N VAL U 53 -3.81 -79.79 32.92
CA VAL U 53 -2.55 -80.03 32.24
C VAL U 53 -2.52 -79.18 30.98
N ALA U 54 -1.31 -78.89 30.51
CA ALA U 54 -1.12 -78.15 29.29
C ALA U 54 -0.71 -79.09 28.16
N ASP U 55 -0.45 -78.52 27.00
CA ASP U 55 -0.02 -79.29 25.85
C ASP U 55 1.49 -79.55 25.93
N ALA U 56 2.05 -80.05 24.82
CA ALA U 56 3.48 -80.30 24.77
C ALA U 56 4.29 -79.02 24.70
N ALA U 57 3.66 -77.90 24.35
CA ALA U 57 4.33 -76.60 24.31
C ALA U 57 3.93 -75.70 25.47
N GLY U 58 2.97 -76.12 26.28
CA GLY U 58 2.55 -75.33 27.43
C GLY U 58 1.38 -74.41 27.15
N LYS U 59 0.32 -74.95 26.57
CA LYS U 59 -0.91 -74.22 26.30
C LYS U 59 -1.98 -74.63 27.31
N PHE U 60 -2.38 -73.71 28.15
CA PHE U 60 -3.52 -74.14 28.95
C PHE U 60 -4.82 -73.85 28.22
N PRO U 61 -5.86 -74.65 28.46
CA PRO U 61 -7.15 -74.39 27.82
C PRO U 61 -7.89 -73.20 28.41
N ALA U 62 -9.11 -72.97 27.94
CA ALA U 62 -9.92 -71.86 28.43
C ALA U 62 -10.36 -72.12 29.86
N ILE U 63 -10.00 -71.20 30.76
CA ILE U 63 -10.21 -71.35 32.18
C ILE U 63 -11.12 -70.23 32.65
N TYR U 64 -12.26 -70.59 33.23
CA TYR U 64 -13.25 -69.62 33.67
C TYR U 64 -13.56 -69.85 35.15
N PHE U 65 -13.69 -68.76 35.90
CA PHE U 65 -14.00 -68.85 37.31
C PHE U 65 -15.50 -68.65 37.54
N ASP U 66 -15.90 -68.72 38.81
CA ASP U 66 -17.23 -68.34 39.24
C ASP U 66 -17.05 -67.13 40.15
N THR U 67 -17.55 -65.97 39.71
CA THR U 67 -17.19 -64.71 40.34
C THR U 67 -17.86 -64.47 41.69
N THR U 68 -18.72 -65.36 42.15
CA THR U 68 -19.35 -65.21 43.46
C THR U 68 -18.58 -65.89 44.57
N LEU U 69 -17.38 -66.40 44.29
CA LEU U 69 -16.57 -67.08 45.29
C LEU U 69 -15.11 -66.99 44.89
N GLU U 70 -14.25 -66.84 45.91
CA GLU U 70 -12.85 -66.57 45.69
C GLU U 70 -12.10 -67.83 45.27
N TYR U 71 -10.84 -67.63 44.87
CA TYR U 71 -10.00 -68.70 44.35
C TYR U 71 -8.56 -68.47 44.79
N ARG U 72 -7.72 -69.48 44.55
CA ARG U 72 -6.30 -69.43 44.82
C ARG U 72 -5.63 -70.49 43.96
N GLY U 73 -4.59 -70.11 43.23
CA GLY U 73 -3.93 -71.03 42.31
C GLY U 73 -2.43 -71.02 42.47
N VAL U 74 -1.82 -72.15 42.12
CA VAL U 74 -0.38 -72.32 42.10
C VAL U 74 0.02 -72.89 40.75
N LEU U 75 1.33 -73.10 40.56
CA LEU U 75 1.85 -73.86 39.43
C LEU U 75 2.84 -74.89 39.94
N LYS U 76 2.80 -76.06 39.34
CA LYS U 76 3.80 -77.09 39.59
C LYS U 76 4.19 -77.69 38.25
N THR U 77 5.30 -78.39 38.23
CA THR U 77 5.72 -79.14 37.06
C THR U 77 5.14 -80.55 37.13
N ALA U 78 5.63 -81.43 36.24
CA ALA U 78 5.10 -82.78 36.16
C ALA U 78 5.48 -83.62 37.37
N ASP U 79 6.58 -83.29 38.03
CA ASP U 79 7.06 -84.09 39.16
C ASP U 79 6.52 -83.60 40.50
N GLU U 80 5.50 -82.75 40.44
CA GLU U 80 4.90 -82.06 41.59
C GLU U 80 5.95 -81.34 42.44
N ALA U 81 6.70 -80.41 41.84
CA ALA U 81 7.73 -79.67 42.54
C ALA U 81 7.98 -78.32 41.87
N THR U 82 8.87 -77.50 42.45
CA THR U 82 9.32 -76.21 41.94
C THR U 82 8.15 -75.27 41.68
N THR U 83 7.48 -74.85 42.76
CA THR U 83 6.30 -73.98 42.69
C THR U 83 6.64 -72.65 42.02
N ILE U 84 6.06 -72.42 40.85
CA ILE U 84 6.36 -71.24 40.06
C ILE U 84 5.65 -70.01 40.60
N TYR U 85 4.32 -69.98 40.57
CA TYR U 85 3.58 -68.84 41.09
C TYR U 85 2.69 -69.31 42.23
N ASP U 86 2.30 -68.35 43.06
CA ASP U 86 1.33 -68.58 44.14
C ASP U 86 0.68 -67.24 44.44
N ILE U 87 -0.60 -67.13 44.12
CA ILE U 87 -1.35 -65.87 44.25
C ILE U 87 -2.58 -66.15 45.10
N ASP U 88 -2.72 -65.43 46.20
CA ASP U 88 -3.71 -65.83 47.19
C ASP U 88 -5.12 -65.39 46.78
N PRO U 89 -5.44 -64.09 46.47
CA PRO U 89 -6.71 -63.87 45.70
C PRO U 89 -6.54 -63.80 44.19
N ILE U 90 -6.38 -64.95 43.53
CA ILE U 90 -6.08 -64.97 42.09
C ILE U 90 -7.28 -64.50 41.26
N ASN U 91 -8.48 -64.56 41.81
CA ASN U 91 -9.67 -64.02 41.18
C ASN U 91 -9.82 -62.56 41.57
N SER U 92 -10.44 -61.77 40.70
CA SER U 92 -10.89 -60.43 41.05
C SER U 92 -12.39 -60.45 41.25
N GLY U 93 -12.84 -60.25 42.48
CA GLY U 93 -14.26 -60.35 42.80
C GLY U 93 -15.10 -59.22 42.25
N ILE U 94 -15.91 -59.52 41.24
CA ILE U 94 -16.83 -58.54 40.69
C ILE U 94 -18.13 -58.49 41.48
N LEU U 95 -18.78 -59.62 41.70
CA LEU U 95 -20.05 -59.64 42.42
C LEU U 95 -19.88 -59.96 43.89
N SER U 96 -18.89 -60.78 44.25
CA SER U 96 -18.73 -61.20 45.64
C SER U 96 -18.18 -60.08 46.51
N VAL U 97 -17.55 -59.07 45.92
CA VAL U 97 -17.04 -57.94 46.69
C VAL U 97 -18.12 -56.86 46.83
N LEU U 98 -18.84 -56.59 45.75
CA LEU U 98 -19.92 -55.62 45.77
C LEU U 98 -21.14 -56.10 46.55
N GLY U 99 -21.24 -57.40 46.81
CA GLY U 99 -22.36 -57.93 47.56
C GLY U 99 -22.18 -57.91 49.06
N THR U 100 -20.94 -57.79 49.54
CA THR U 100 -20.65 -57.79 50.97
C THR U 100 -20.35 -56.38 51.46
N SER U 101 -19.65 -55.60 50.64
CA SER U 101 -19.38 -54.20 50.92
C SER U 101 -19.63 -53.37 49.66
N SER U 102 -19.35 -52.07 49.77
CA SER U 102 -19.60 -51.06 48.71
C SER U 102 -21.04 -51.05 48.22
N MET V 1 29.35 5.32 62.49
CA MET V 1 29.44 5.43 63.95
C MET V 1 30.20 4.23 64.53
N ALA V 2 30.12 3.10 63.85
CA ALA V 2 30.79 1.88 64.28
C ALA V 2 31.73 1.37 63.19
N ALA V 3 32.77 0.66 63.62
CA ALA V 3 33.79 0.15 62.72
C ALA V 3 33.51 -1.31 62.41
N GLU V 4 33.36 -1.61 61.13
CA GLU V 4 33.22 -2.98 60.65
C GLU V 4 34.56 -3.48 60.15
N LEU V 5 34.93 -4.68 60.55
CA LEU V 5 36.24 -5.22 60.22
C LEU V 5 36.19 -5.98 58.90
N HIS V 6 37.30 -5.95 58.18
CA HIS V 6 37.42 -6.61 56.88
C HIS V 6 38.31 -7.84 56.97
N ILE V 7 37.90 -8.90 56.30
CA ILE V 7 38.67 -10.14 56.21
C ILE V 7 38.76 -10.51 54.73
N THR V 8 39.98 -10.73 54.25
CA THR V 8 40.18 -11.12 52.86
C THR V 8 39.73 -12.56 52.66
N PRO V 9 38.98 -12.86 51.60
CA PRO V 9 38.53 -14.24 51.38
C PRO V 9 39.67 -15.11 50.87
N SER V 10 39.59 -16.39 51.22
CA SER V 10 40.63 -17.36 50.90
C SER V 10 40.23 -18.21 49.71
N ARG V 11 41.05 -19.20 49.41
CA ARG V 11 40.81 -20.17 48.36
C ARG V 11 40.57 -21.54 48.97
N ALA V 12 40.11 -22.46 48.13
CA ALA V 12 39.93 -23.85 48.53
C ALA V 12 41.25 -24.58 48.33
N THR V 13 41.98 -24.81 49.42
CA THR V 13 43.27 -25.47 49.37
C THR V 13 43.23 -26.77 50.16
N SER V 14 44.14 -27.67 49.83
CA SER V 14 44.19 -29.01 50.41
C SER V 14 45.04 -29.00 51.68
N SER V 15 45.39 -30.20 52.15
CA SER V 15 46.28 -30.33 53.31
C SER V 15 47.68 -29.84 52.98
N ASN V 16 48.10 -29.99 51.72
CA ASN V 16 49.34 -29.39 51.26
C ASN V 16 49.08 -27.94 50.87
N GLY V 17 50.11 -27.27 50.37
CA GLY V 17 49.96 -25.90 49.96
C GLY V 17 49.28 -25.68 48.62
N LEU V 18 48.92 -26.76 47.92
CA LEU V 18 48.36 -26.65 46.59
C LEU V 18 46.89 -26.22 46.66
N ASN V 19 46.42 -25.65 45.55
CA ASN V 19 45.03 -25.23 45.43
C ASN V 19 44.19 -26.37 44.89
N LEU V 20 42.91 -26.37 45.28
CA LEU V 20 41.97 -27.36 44.81
C LEU V 20 40.99 -26.71 43.84
N ASP V 21 40.44 -27.54 42.95
CA ASP V 21 39.46 -27.10 41.98
C ASP V 21 38.24 -28.00 42.01
N GLY V 22 37.08 -27.42 41.74
CA GLY V 22 35.85 -28.17 41.85
C GLY V 22 35.43 -28.49 43.26
N ALA V 23 35.89 -27.71 44.24
CA ALA V 23 35.46 -27.89 45.61
C ALA V 23 34.00 -27.45 45.77
N LYS V 24 33.28 -28.12 46.65
CA LYS V 24 31.84 -27.94 46.76
C LYS V 24 31.44 -27.59 48.18
N TRP V 25 30.87 -26.40 48.35
CA TRP V 25 30.15 -26.06 49.56
C TRP V 25 28.74 -26.63 49.49
N PHE V 26 28.35 -27.40 50.48
CA PHE V 26 26.98 -27.87 50.61
C PHE V 26 26.32 -27.11 51.75
N PHE V 27 25.37 -26.24 51.42
CA PHE V 27 24.67 -25.45 52.42
C PHE V 27 23.35 -26.12 52.77
N TYR V 28 23.06 -26.18 54.06
CA TYR V 28 21.99 -26.99 54.63
C TYR V 28 21.07 -26.11 55.45
N GLN V 29 20.20 -26.76 56.22
CA GLN V 29 19.40 -26.09 57.23
C GLN V 29 20.23 -26.10 58.52
N THR V 30 19.62 -25.80 59.67
CA THR V 30 20.34 -25.57 60.92
C THR V 30 21.13 -26.79 61.39
N GLY V 31 20.47 -27.92 61.57
CA GLY V 31 21.18 -29.12 61.97
C GLY V 31 20.60 -30.38 61.37
N THR V 32 19.89 -30.26 60.26
CA THR V 32 18.99 -31.32 59.80
C THR V 32 19.48 -32.05 58.56
N THR V 33 20.48 -31.52 57.86
CA THR V 33 20.97 -32.00 56.55
C THR V 33 19.82 -32.06 55.53
N THR V 34 19.21 -30.89 55.33
CA THR V 34 18.23 -30.67 54.29
C THR V 34 18.62 -29.42 53.52
N PRO V 35 18.63 -29.47 52.20
CA PRO V 35 19.24 -28.39 51.41
C PRO V 35 18.44 -27.09 51.43
N GLN V 36 19.14 -25.98 51.60
CA GLN V 36 18.58 -24.65 51.48
C GLN V 36 19.19 -23.92 50.29
N SER V 37 18.66 -22.73 50.02
CA SER V 37 19.07 -21.97 48.85
C SER V 37 20.06 -20.87 49.23
N VAL V 38 20.95 -20.56 48.29
CA VAL V 38 21.98 -19.53 48.47
C VAL V 38 21.92 -18.61 47.25
N TYR V 39 21.85 -17.30 47.50
CA TYR V 39 21.60 -16.31 46.48
C TYR V 39 22.91 -15.71 45.99
N THR V 40 22.91 -15.18 44.77
CA THR V 40 24.14 -14.75 44.13
C THR V 40 24.30 -13.23 44.05
N THR V 41 23.28 -12.46 44.37
CA THR V 41 23.30 -11.03 44.17
C THR V 41 23.21 -10.30 45.50
N ALA V 42 23.28 -8.97 45.42
CA ALA V 42 23.12 -8.12 46.60
C ALA V 42 21.74 -8.26 47.22
N ALA V 43 20.71 -8.34 46.39
CA ALA V 43 19.36 -8.63 46.86
C ALA V 43 19.19 -10.13 47.10
N LEU V 44 17.96 -10.58 47.28
CA LEU V 44 17.70 -11.98 47.59
C LEU V 44 16.84 -12.63 46.53
N SER V 45 17.13 -12.35 45.26
CA SER V 45 16.27 -12.74 44.15
C SER V 45 16.75 -13.99 43.42
N VAL V 46 17.96 -13.97 42.88
CA VAL V 46 18.47 -15.04 42.02
C VAL V 46 19.30 -15.98 42.87
N ALA V 47 18.87 -17.23 42.97
CA ALA V 47 19.56 -18.24 43.75
C ALA V 47 20.29 -19.20 42.82
N HIS V 48 21.58 -19.36 43.03
CA HIS V 48 22.35 -20.34 42.27
C HIS V 48 22.27 -21.69 42.97
N SER V 49 22.98 -22.68 42.42
CA SER V 49 22.84 -24.06 42.86
C SER V 49 23.42 -24.25 44.25
N ASN V 50 22.87 -25.24 44.98
CA ASN V 50 23.32 -25.43 46.35
C ASN V 50 24.68 -26.14 46.38
N PRO V 51 24.96 -27.21 45.58
CA PRO V 51 26.37 -27.58 45.43
C PRO V 51 27.06 -26.61 44.48
N VAL V 52 27.83 -25.70 45.06
CA VAL V 52 28.54 -24.71 44.26
C VAL V 52 29.86 -25.33 43.82
N VAL V 53 30.46 -24.74 42.79
CA VAL V 53 31.78 -25.14 42.33
C VAL V 53 32.66 -23.91 42.24
N ALA V 54 33.97 -24.13 42.31
CA ALA V 54 34.93 -23.06 42.18
C ALA V 54 35.58 -23.12 40.80
N ASP V 55 36.53 -22.23 40.57
CA ASP V 55 37.25 -22.19 39.32
C ASP V 55 38.38 -23.21 39.32
N ALA V 56 39.26 -23.11 38.32
CA ALA V 56 40.40 -24.01 38.25
C ALA V 56 41.45 -23.71 39.31
N ALA V 57 41.41 -22.52 39.91
CA ALA V 57 42.32 -22.15 40.98
C ALA V 57 41.66 -22.14 42.35
N GLY V 58 40.35 -22.34 42.41
CA GLY V 58 39.64 -22.38 43.68
C GLY V 58 39.06 -21.05 44.10
N LYS V 59 38.33 -20.40 43.20
CA LYS V 59 37.64 -19.15 43.48
C LYS V 59 36.16 -19.41 43.64
N PHE V 60 35.66 -19.19 44.83
CA PHE V 60 34.20 -19.30 44.86
C PHE V 60 33.57 -17.96 44.49
N PRO V 61 32.37 -17.98 43.90
CA PRO V 61 31.69 -16.72 43.57
C PRO V 61 31.11 -16.01 44.78
N ALA V 62 30.39 -14.92 44.54
CA ALA V 62 29.79 -14.15 45.62
C ALA V 62 28.65 -14.94 46.24
N ILE V 63 28.74 -15.18 47.55
CA ILE V 63 27.81 -16.04 48.28
C ILE V 63 27.14 -15.20 49.35
N TYR V 64 25.81 -15.13 49.29
CA TYR V 64 25.02 -14.31 50.20
C TYR V 64 23.99 -15.17 50.88
N PHE V 65 23.79 -14.97 52.18
CA PHE V 65 22.80 -15.72 52.93
C PHE V 65 21.52 -14.91 53.06
N ASP V 66 20.54 -15.51 53.73
CA ASP V 66 19.31 -14.84 54.16
C ASP V 66 19.35 -14.82 55.68
N THR V 67 19.46 -13.64 56.26
CA THR V 67 19.78 -13.52 57.68
C THR V 67 18.63 -13.85 58.62
N THR V 68 17.44 -14.16 58.10
CA THR V 68 16.31 -14.53 58.93
C THR V 68 16.21 -16.02 59.17
N LEU V 69 17.21 -16.80 58.73
CA LEU V 69 17.19 -18.24 58.89
C LEU V 69 18.62 -18.76 58.89
N GLU V 70 18.86 -19.78 59.71
CA GLU V 70 20.20 -20.27 59.96
C GLU V 70 20.70 -21.13 58.79
N TYR V 71 21.98 -21.47 58.84
CA TYR V 71 22.65 -22.21 57.78
C TYR V 71 23.68 -23.15 58.39
N ARG V 72 24.22 -24.03 57.54
CA ARG V 72 25.27 -24.96 57.90
C ARG V 72 25.97 -25.38 56.62
N GLY V 73 27.29 -25.30 56.59
CA GLY V 73 28.04 -25.60 55.39
C GLY V 73 29.21 -26.53 55.65
N VAL V 74 29.58 -27.28 54.62
CA VAL V 74 30.73 -28.16 54.63
C VAL V 74 31.59 -27.86 53.40
N LEU V 75 32.70 -28.59 53.27
CA LEU V 75 33.49 -28.60 52.05
C LEU V 75 33.78 -30.03 51.66
N LYS V 76 33.72 -30.30 50.36
CA LYS V 76 34.15 -31.57 49.82
C LYS V 76 34.98 -31.30 48.57
N THR V 77 35.73 -32.30 48.14
CA THR V 77 36.45 -32.22 46.88
C THR V 77 35.56 -32.73 45.76
N ALA V 78 36.16 -32.94 44.59
CA ALA V 78 35.41 -33.34 43.40
C ALA V 78 34.89 -34.77 43.52
N ASP V 79 35.55 -35.61 44.30
CA ASP V 79 35.18 -37.01 44.40
C ASP V 79 34.20 -37.28 45.55
N GLU V 80 33.61 -36.20 46.08
CA GLU V 80 32.73 -36.20 47.25
C GLU V 80 33.36 -36.90 48.45
N ALA V 81 34.53 -36.42 48.90
CA ALA V 81 35.24 -37.02 50.02
C ALA V 81 36.14 -36.00 50.70
N THR V 82 36.79 -36.40 51.80
CA THR V 82 37.77 -35.60 52.55
C THR V 82 37.18 -34.26 53.01
N THR V 83 36.22 -34.32 53.92
CA THR V 83 35.51 -33.15 54.42
C THR V 83 36.47 -32.19 55.10
N ILE V 84 36.63 -31.01 54.50
CA ILE V 84 37.60 -30.03 54.99
C ILE V 84 37.08 -29.29 56.21
N TYR V 85 36.00 -28.52 56.06
CA TYR V 85 35.43 -27.80 57.19
C TYR V 85 34.01 -28.27 57.42
N ASP V 86 33.52 -28.03 58.64
CA ASP V 86 32.14 -28.29 59.00
C ASP V 86 31.80 -27.36 60.16
N ILE V 87 30.94 -26.39 59.91
CA ILE V 87 30.59 -25.37 60.90
C ILE V 87 29.09 -25.36 61.06
N ASP V 88 28.60 -25.56 62.28
CA ASP V 88 27.19 -25.86 62.45
C ASP V 88 26.35 -24.57 62.39
N PRO V 89 26.58 -23.48 63.19
CA PRO V 89 25.99 -22.19 62.76
C PRO V 89 26.91 -21.29 61.91
N ILE V 90 27.05 -21.62 60.63
CA ILE V 90 28.00 -20.90 59.77
C ILE V 90 27.56 -19.46 59.51
N ASN V 91 26.27 -19.17 59.66
CA ASN V 91 25.76 -17.82 59.56
C ASN V 91 25.82 -17.17 60.94
N SER V 92 25.96 -15.85 60.96
CA SER V 92 25.78 -15.07 62.18
C SER V 92 24.43 -14.36 62.12
N GLY V 93 23.49 -14.77 62.97
CA GLY V 93 22.15 -14.24 62.93
C GLY V 93 22.02 -12.81 63.39
N ILE V 94 21.78 -11.90 62.45
CA ILE V 94 21.56 -10.50 62.78
C ILE V 94 20.11 -10.24 63.17
N LEU V 95 19.16 -10.65 62.33
CA LEU V 95 17.75 -10.40 62.61
C LEU V 95 17.07 -11.58 63.27
N SER V 96 17.49 -12.81 62.96
CA SER V 96 16.82 -13.99 63.49
C SER V 96 17.13 -14.22 64.96
N VAL V 97 18.23 -13.64 65.47
CA VAL V 97 18.56 -13.77 66.88
C VAL V 97 17.89 -12.67 67.69
N LEU V 98 17.90 -11.43 67.16
CA LEU V 98 17.27 -10.31 67.83
C LEU V 98 15.74 -10.38 67.78
N GLY V 99 15.18 -11.21 66.92
CA GLY V 99 13.74 -11.34 66.82
C GLY V 99 13.15 -12.37 67.77
N THR V 100 13.96 -13.28 68.30
CA THR V 100 13.49 -14.32 69.19
C THR V 100 13.88 -14.02 70.64
N SER V 101 15.08 -13.46 70.82
CA SER V 101 15.53 -13.00 72.13
C SER V 101 16.16 -11.62 71.99
N SER V 102 16.70 -11.11 73.10
CA SER V 102 17.29 -9.78 73.24
C SER V 102 16.34 -8.66 72.78
N MET W 1 25.36 -12.93 74.95
CA MET W 1 24.06 -13.56 74.71
C MET W 1 24.02 -14.23 73.34
N ALA W 2 24.79 -13.70 72.40
CA ALA W 2 24.85 -14.24 71.05
C ALA W 2 26.29 -14.63 70.70
N ALA W 3 26.42 -15.59 69.79
CA ALA W 3 27.72 -16.13 69.39
C ALA W 3 28.13 -15.48 68.07
N GLU W 4 29.28 -14.83 68.08
CA GLU W 4 29.88 -14.27 66.88
C GLU W 4 30.94 -15.24 66.36
N LEU W 5 30.92 -15.50 65.06
CA LEU W 5 31.81 -16.48 64.47
C LEU W 5 33.11 -15.82 64.02
N HIS W 6 34.20 -16.59 64.09
CA HIS W 6 35.52 -16.11 63.73
C HIS W 6 35.99 -16.74 62.42
N ILE W 7 36.61 -15.92 61.58
CA ILE W 7 37.20 -16.36 60.32
C ILE W 7 38.64 -15.85 60.28
N THR W 8 39.57 -16.75 60.03
CA THR W 8 40.98 -16.36 59.95
C THR W 8 41.22 -15.62 58.64
N PRO W 9 41.94 -14.49 58.67
CA PRO W 9 42.19 -13.76 57.43
C PRO W 9 43.23 -14.44 56.56
N SER W 10 43.10 -14.26 55.26
CA SER W 10 43.94 -14.92 54.28
C SER W 10 45.02 -13.97 53.77
N ARG W 11 45.75 -14.44 52.77
CA ARG W 11 46.78 -13.66 52.09
C ARG W 11 46.35 -13.40 50.65
N ALA W 12 47.09 -12.52 50.00
CA ALA W 12 46.88 -12.24 48.58
C ALA W 12 47.70 -13.24 47.78
N THR W 13 47.03 -14.25 47.24
CA THR W 13 47.68 -15.29 46.45
C THR W 13 47.15 -15.30 45.03
N SER W 14 47.95 -15.84 44.13
CA SER W 14 47.66 -15.84 42.70
C SER W 14 46.84 -17.08 42.33
N SER W 15 46.74 -17.35 41.03
CA SER W 15 46.05 -18.55 40.56
C SER W 15 46.82 -19.80 40.94
N ASN W 16 48.14 -19.71 41.03
CA ASN W 16 48.94 -20.79 41.58
C ASN W 16 48.96 -20.69 43.10
N GLY W 17 49.71 -21.58 43.74
CA GLY W 17 49.80 -21.54 45.19
C GLY W 17 50.71 -20.48 45.76
N LEU W 18 51.38 -19.71 44.91
CA LEU W 18 52.36 -18.74 45.38
C LEU W 18 51.67 -17.49 45.93
N ASN W 19 52.38 -16.78 46.79
CA ASN W 19 51.90 -15.55 47.38
C ASN W 19 52.24 -14.37 46.49
N LEU W 20 51.40 -13.34 46.54
CA LEU W 20 51.62 -12.12 45.79
C LEU W 20 52.01 -11.00 46.73
N ASP W 21 52.74 -10.03 46.19
CA ASP W 21 53.18 -8.87 46.94
C ASP W 21 52.83 -7.59 46.19
N GLY W 22 52.53 -6.54 46.95
CA GLY W 22 52.08 -5.31 46.33
C GLY W 22 50.68 -5.37 45.76
N ALA W 23 49.85 -6.28 46.25
CA ALA W 23 48.46 -6.34 45.80
C ALA W 23 47.68 -5.16 46.36
N LYS W 24 46.72 -4.69 45.59
CA LYS W 24 46.03 -3.43 45.90
C LYS W 24 44.53 -3.65 45.98
N TRP W 25 43.96 -3.40 47.16
CA TRP W 25 42.52 -3.24 47.30
C TRP W 25 42.14 -1.81 46.92
N PHE W 26 41.22 -1.67 45.99
CA PHE W 26 40.64 -0.37 45.66
C PHE W 26 39.23 -0.31 46.22
N PHE W 27 39.02 0.51 47.24
CA PHE W 27 37.72 0.66 47.86
C PHE W 27 37.00 1.86 47.28
N TYR W 28 35.73 1.67 46.97
CA TYR W 28 34.94 2.60 46.17
C TYR W 28 33.68 2.99 46.94
N GLN W 29 32.75 3.62 46.24
CA GLN W 29 31.41 3.88 46.75
C GLN W 29 30.57 2.65 46.37
N THR W 30 29.24 2.75 46.48
CA THR W 30 28.34 1.60 46.35
C THR W 30 28.43 0.94 44.97
N GLY W 31 28.18 1.69 43.91
CA GLY W 31 28.29 1.13 42.59
C GLY W 31 28.82 2.11 41.55
N THR W 32 29.54 3.13 41.99
CA THR W 32 29.78 4.30 41.17
C THR W 32 31.21 4.45 40.68
N THR W 33 32.15 3.68 41.24
CA THR W 33 33.60 3.78 41.01
C THR W 33 34.09 5.21 41.30
N THR W 34 33.85 5.61 42.55
CA THR W 34 34.37 6.85 43.10
C THR W 34 35.03 6.53 44.44
N PRO W 35 36.24 7.01 44.69
CA PRO W 35 37.02 6.53 45.84
C PRO W 35 36.48 7.02 47.17
N GLN W 36 36.41 6.10 48.14
CA GLN W 36 36.08 6.41 49.52
C GLN W 36 37.28 6.15 50.41
N SER W 37 37.13 6.51 51.69
CA SER W 37 38.22 6.40 52.64
C SER W 37 38.08 5.16 53.51
N VAL W 38 39.23 4.62 53.92
CA VAL W 38 39.30 3.43 54.77
C VAL W 38 40.23 3.74 55.93
N TYR W 39 39.76 3.48 57.15
CA TYR W 39 40.44 3.89 58.37
C TYR W 39 41.29 2.74 58.91
N THR W 40 42.31 3.09 59.69
CA THR W 40 43.30 2.11 60.13
C THR W 40 43.19 1.71 61.59
N THR W 41 42.37 2.39 62.38
CA THR W 41 42.33 2.17 63.81
C THR W 41 40.97 1.64 64.23
N ALA W 42 40.84 1.36 65.53
CA ALA W 42 39.57 0.93 66.11
C ALA W 42 38.50 1.99 65.99
N ALA W 43 38.87 3.26 66.21
CA ALA W 43 37.98 4.38 65.97
C ALA W 43 37.93 4.73 64.49
N LEU W 44 37.36 5.86 64.14
CA LEU W 44 37.21 6.25 62.75
C LEU W 44 37.95 7.55 62.45
N SER W 45 39.18 7.68 62.98
CA SER W 45 39.90 8.94 62.93
C SER W 45 40.96 8.99 61.83
N VAL W 46 41.91 8.07 61.83
CA VAL W 46 43.06 8.11 60.94
C VAL W 46 42.76 7.22 59.74
N ALA W 47 42.72 7.81 58.55
CA ALA W 47 42.44 7.09 57.32
C ALA W 47 43.72 6.93 56.52
N HIS W 48 44.06 5.70 56.18
CA HIS W 48 45.20 5.45 55.31
C HIS W 48 44.76 5.52 53.85
N SER W 49 45.69 5.25 52.94
CA SER W 49 45.46 5.47 51.52
C SER W 49 44.44 4.49 50.97
N ASN W 50 43.75 4.91 49.91
CA ASN W 50 42.70 4.05 49.37
C ASN W 50 43.32 2.93 48.52
N PRO W 51 44.31 3.16 47.62
CA PRO W 51 45.07 1.98 47.15
C PRO W 51 46.03 1.50 48.23
N VAL W 52 45.66 0.43 48.91
CA VAL W 52 46.50 -0.12 49.95
C VAL W 52 47.52 -1.06 49.32
N VAL W 53 48.58 -1.35 50.05
CA VAL W 53 49.58 -2.32 49.61
C VAL W 53 49.79 -3.32 50.72
N ALA W 54 50.27 -4.50 50.34
CA ALA W 54 50.59 -5.54 51.31
C ALA W 54 52.10 -5.63 51.48
N ASP W 55 52.53 -6.58 52.30
CA ASP W 55 53.94 -6.81 52.53
C ASP W 55 54.54 -7.65 51.41
N ALA W 56 55.77 -8.12 51.63
CA ALA W 56 56.42 -8.97 50.66
C ALA W 56 55.82 -10.37 50.60
N ALA W 57 55.06 -10.75 51.62
CA ALA W 57 54.39 -12.04 51.65
C ALA W 57 52.89 -11.92 51.42
N GLY W 58 52.35 -10.71 51.36
CA GLY W 58 50.94 -10.52 51.12
C GLY W 58 50.11 -10.38 52.37
N LYS W 59 50.54 -9.50 53.28
CA LYS W 59 49.81 -9.21 54.51
C LYS W 59 49.14 -7.86 54.39
N PHE W 60 47.83 -7.86 54.40
CA PHE W 60 47.26 -6.53 54.44
C PHE W 60 47.13 -6.06 55.89
N PRO W 61 47.22 -4.74 56.13
CA PRO W 61 47.04 -4.24 57.50
C PRO W 61 45.60 -4.28 57.98
N ALA W 62 45.37 -3.73 59.17
CA ALA W 62 44.02 -3.70 59.75
C ALA W 62 43.14 -2.73 58.97
N ILE W 63 42.04 -3.24 58.43
CA ILE W 63 41.16 -2.50 57.54
C ILE W 63 39.79 -2.40 58.20
N TYR W 64 39.32 -1.18 58.43
CA TYR W 64 38.05 -0.95 59.10
C TYR W 64 37.17 -0.07 58.23
N PHE W 65 35.89 -0.41 58.17
CA PHE W 65 34.95 0.37 57.39
C PHE W 65 34.19 1.36 58.28
N ASP W 66 33.31 2.13 57.65
CA ASP W 66 32.35 2.97 58.35
C ASP W 66 30.97 2.40 58.02
N THR W 67 30.29 1.87 59.03
CA THR W 67 29.11 1.03 58.80
C THR W 67 27.87 1.82 58.40
N THR W 68 27.93 3.15 58.34
CA THR W 68 26.79 3.96 57.92
C THR W 68 26.79 4.24 56.43
N LEU W 69 27.70 3.63 55.67
CA LEU W 69 27.78 3.86 54.24
C LEU W 69 28.42 2.65 53.58
N GLU W 70 27.93 2.33 52.39
CA GLU W 70 28.31 1.10 51.71
C GLU W 70 29.70 1.22 51.08
N TYR W 71 30.21 0.09 50.60
CA TYR W 71 31.54 -0.01 50.04
C TYR W 71 31.54 -0.99 48.88
N ARG W 72 32.67 -1.02 48.16
CA ARG W 72 32.90 -1.94 47.06
C ARG W 72 34.40 -2.04 46.85
N GLY W 73 34.91 -3.26 46.80
CA GLY W 73 36.35 -3.47 46.69
C GLY W 73 36.71 -4.46 45.60
N VAL W 74 37.92 -4.29 45.06
CA VAL W 74 38.49 -5.19 44.08
C VAL W 74 39.89 -5.58 44.54
N LEU W 75 40.55 -6.42 43.74
CA LEU W 75 41.97 -6.71 43.91
C LEU W 75 42.67 -6.57 42.59
N LYS W 76 43.88 -6.01 42.63
CA LYS W 76 44.75 -5.97 41.46
C LYS W 76 46.15 -6.33 41.92
N THR W 77 46.99 -6.68 40.95
CA THR W 77 48.40 -6.91 41.23
C THR W 77 49.16 -5.60 41.08
N ALA W 78 50.49 -5.69 41.06
CA ALA W 78 51.34 -4.50 41.02
C ALA W 78 51.26 -3.80 39.66
N ASP W 79 50.95 -4.54 38.60
CA ASP W 79 50.93 -3.97 37.26
C ASP W 79 49.56 -3.43 36.86
N GLU W 80 48.67 -3.28 37.86
CA GLU W 80 47.28 -2.89 37.71
C GLU W 80 46.54 -3.77 36.68
N ALA W 81 46.51 -5.08 36.91
CA ALA W 81 45.86 -6.02 36.01
C ALA W 81 45.43 -7.28 36.76
N THR W 82 44.75 -8.20 36.06
CA THR W 82 44.31 -9.51 36.56
C THR W 82 43.46 -9.38 37.80
N THR W 83 42.27 -8.80 37.65
CA THR W 83 41.34 -8.55 38.76
C THR W 83 40.95 -9.86 39.44
N ILE W 84 41.36 -10.02 40.69
CA ILE W 84 41.12 -11.25 41.43
C ILE W 84 39.70 -11.35 41.94
N TYR W 85 39.29 -10.45 42.84
CA TYR W 85 37.93 -10.46 43.34
C TYR W 85 37.24 -9.15 42.99
N ASP W 86 35.91 -9.19 43.01
CA ASP W 86 35.09 -8.01 42.83
C ASP W 86 33.75 -8.29 43.50
N ILE W 87 33.49 -7.59 44.60
CA ILE W 87 32.29 -7.81 45.41
C ILE W 87 31.57 -6.49 45.55
N ASP W 88 30.30 -6.45 45.14
CA ASP W 88 29.65 -5.16 44.98
C ASP W 88 29.17 -4.60 46.32
N PRO W 89 28.35 -5.31 47.19
CA PRO W 89 28.30 -4.84 48.59
C PRO W 89 29.28 -5.55 49.54
N ILE W 90 30.56 -5.17 49.50
CA ILE W 90 31.59 -5.87 50.27
C ILE W 90 31.43 -5.62 51.78
N ASN W 91 30.74 -4.56 52.16
CA ASN W 91 30.41 -4.30 53.56
C ASN W 91 29.08 -4.98 53.88
N SER W 92 28.90 -5.35 55.14
CA SER W 92 27.59 -5.76 55.64
C SER W 92 27.01 -4.64 56.49
N GLY W 93 25.95 -4.01 56.01
CA GLY W 93 25.38 -2.86 56.68
C GLY W 93 24.67 -3.18 57.98
N ILE W 94 25.29 -2.79 59.10
CA ILE W 94 24.67 -2.96 60.41
C ILE W 94 23.72 -1.82 60.73
N LEU W 95 24.18 -0.57 60.62
CA LEU W 95 23.34 0.56 60.97
C LEU W 95 22.66 1.18 59.74
N SER W 96 23.32 1.12 58.58
CA SER W 96 22.77 1.76 57.39
C SER W 96 21.59 1.00 56.81
N VAL W 97 21.46 -0.29 57.14
CA VAL W 97 20.32 -1.07 56.66
C VAL W 97 19.15 -0.96 57.63
N LEU W 98 19.43 -1.01 58.93
CA LEU W 98 18.40 -0.87 59.95
C LEU W 98 17.86 0.56 60.05
N GLY W 99 18.57 1.54 59.50
CA GLY W 99 18.12 2.92 59.55
C GLY W 99 17.21 3.30 58.42
N THR W 100 17.19 2.54 57.34
CA THR W 100 16.35 2.84 56.17
C THR W 100 15.15 1.92 56.10
N SER W 101 15.35 0.65 56.48
CA SER W 101 14.26 -0.31 56.58
C SER W 101 14.41 -1.10 57.87
N SER W 102 13.52 -2.08 58.06
CA SER W 102 13.41 -2.91 59.27
C SER W 102 13.28 -2.11 60.55
N MET X 1 15.49 -10.75 54.98
CA MET X 1 15.29 -9.38 54.54
C MET X 1 16.62 -8.71 54.18
N ALA X 2 17.69 -9.16 54.82
CA ALA X 2 19.03 -8.62 54.57
C ALA X 2 19.97 -9.74 54.14
N ALA X 3 21.00 -9.36 53.37
CA ALA X 3 21.95 -10.31 52.82
C ALA X 3 23.21 -10.31 53.68
N GLU X 4 23.55 -11.48 54.20
CA GLU X 4 24.79 -11.68 54.95
C GLU X 4 25.83 -12.28 54.01
N LEU X 5 27.04 -11.74 54.04
CA LEU X 5 28.08 -12.17 53.12
C LEU X 5 28.90 -13.30 53.74
N HIS X 6 29.39 -14.19 52.87
CA HIS X 6 30.16 -15.35 53.28
C HIS X 6 31.63 -15.18 52.90
N ILE X 7 32.50 -15.58 53.82
CA ILE X 7 33.95 -15.57 53.60
C ILE X 7 34.47 -16.96 53.97
N THR X 8 35.21 -17.57 53.05
CA THR X 8 35.78 -18.89 53.32
C THR X 8 36.94 -18.76 54.29
N PRO X 9 37.02 -19.62 55.31
CA PRO X 9 38.12 -19.51 56.27
C PRO X 9 39.42 -20.03 55.68
N SER X 10 40.53 -19.45 56.15
CA SER X 10 41.85 -19.75 55.63
C SER X 10 42.59 -20.70 56.56
N ARG X 11 43.86 -20.93 56.24
CA ARG X 11 44.76 -21.74 57.06
C ARG X 11 45.85 -20.86 57.65
N ALA X 12 46.60 -21.46 58.57
CA ALA X 12 47.75 -20.78 59.16
C ALA X 12 48.96 -21.06 58.28
N THR X 13 49.35 -20.08 57.48
CA THR X 13 50.47 -20.21 56.56
C THR X 13 51.55 -19.20 56.91
N SER X 14 52.77 -19.51 56.49
CA SER X 14 53.95 -18.71 56.81
C SER X 14 54.15 -17.61 55.78
N SER X 15 55.34 -16.99 55.79
CA SER X 15 55.68 -16.00 54.79
C SER X 15 55.83 -16.62 53.41
N ASN X 16 56.27 -17.88 53.36
CA ASN X 16 56.25 -18.62 52.12
C ASN X 16 54.87 -19.22 51.90
N GLY X 17 54.71 -19.99 50.82
CA GLY X 17 53.44 -20.61 50.55
C GLY X 17 53.11 -21.83 51.38
N LEU X 18 54.02 -22.27 52.24
CA LEU X 18 53.84 -23.50 52.99
C LEU X 18 52.87 -23.28 54.14
N ASN X 19 52.26 -24.38 54.59
CA ASN X 19 51.35 -24.35 55.71
C ASN X 19 52.10 -24.54 57.03
N LEU X 20 51.55 -23.97 58.09
CA LEU X 20 52.14 -24.10 59.42
C LEU X 20 51.26 -25.00 60.27
N ASP X 21 51.88 -25.62 61.26
CA ASP X 21 51.19 -26.50 62.19
C ASP X 21 51.53 -26.12 63.62
N GLY X 22 50.57 -26.30 64.51
CA GLY X 22 50.75 -25.87 65.89
C GLY X 22 50.73 -24.38 66.08
N ALA X 23 50.11 -23.64 65.17
CA ALA X 23 49.96 -22.20 65.33
C ALA X 23 48.97 -21.90 66.44
N LYS X 24 49.20 -20.81 67.16
CA LYS X 24 48.45 -20.50 68.37
C LYS X 24 47.82 -19.12 68.29
N TRP X 25 46.50 -19.08 68.35
CA TRP X 25 45.77 -17.85 68.61
C TRP X 25 45.74 -17.61 70.10
N PHE X 26 46.19 -16.44 70.53
CA PHE X 26 46.06 -16.02 71.92
C PHE X 26 44.98 -14.94 72.00
N PHE X 27 43.85 -15.27 72.60
CA PHE X 27 42.76 -14.33 72.73
C PHE X 27 42.81 -13.66 74.09
N TYR X 28 42.61 -12.35 74.10
CA TYR X 28 42.87 -11.49 75.24
C TYR X 28 41.62 -10.70 75.58
N GLN X 29 41.79 -9.70 76.43
CA GLN X 29 40.76 -8.72 76.70
C GLN X 29 40.96 -7.59 75.68
N THR X 30 40.32 -6.42 75.88
CA THR X 30 40.27 -5.38 74.87
C THR X 30 41.64 -4.83 74.49
N GLY X 31 42.39 -4.33 75.48
CA GLY X 31 43.73 -3.85 75.21
C GLY X 31 44.71 -4.11 76.32
N THR X 32 44.43 -5.11 77.16
CA THR X 32 45.09 -5.22 78.45
C THR X 32 46.08 -6.37 78.55
N THR X 33 46.06 -7.32 77.59
CA THR X 33 46.84 -8.56 77.61
C THR X 33 46.53 -9.36 78.89
N THR X 34 45.24 -9.67 79.05
CA THR X 34 44.76 -10.57 80.08
C THR X 34 43.86 -11.60 79.42
N PRO X 35 44.04 -12.89 79.73
CA PRO X 35 43.38 -13.93 78.94
C PRO X 35 41.88 -14.02 79.18
N GLN X 36 41.13 -14.17 78.09
CA GLN X 36 39.69 -14.42 78.13
C GLN X 36 39.40 -15.81 77.58
N SER X 37 38.14 -16.21 77.67
CA SER X 37 37.72 -17.54 77.26
C SER X 37 37.08 -17.51 75.88
N VAL X 38 37.23 -18.62 75.16
CA VAL X 38 36.69 -18.80 73.83
C VAL X 38 35.95 -20.14 73.79
N TYR X 39 34.71 -20.11 73.32
CA TYR X 39 33.81 -21.25 73.40
C TYR X 39 33.83 -22.03 72.09
N THR X 40 33.47 -23.31 72.16
CA THR X 40 33.63 -24.21 71.02
C THR X 40 32.32 -24.58 70.35
N THR X 41 31.18 -24.24 70.92
CA THR X 41 29.90 -24.70 70.40
C THR X 41 29.07 -23.52 69.94
N ALA X 42 27.89 -23.84 69.40
CA ALA X 42 26.93 -22.83 68.97
C ALA X 42 26.44 -21.98 70.14
N ALA X 43 26.19 -22.61 71.28
CA ALA X 43 25.88 -21.89 72.51
C ALA X 43 27.15 -21.36 73.16
N LEU X 44 27.06 -20.91 74.40
CA LEU X 44 28.20 -20.32 75.09
C LEU X 44 28.55 -21.10 76.34
N SER X 45 28.55 -22.44 76.24
CA SER X 45 28.68 -23.30 77.41
C SER X 45 30.08 -23.87 77.58
N VAL X 46 30.60 -24.58 76.59
CA VAL X 46 31.86 -25.31 76.72
C VAL X 46 32.96 -24.44 76.12
N ALA X 47 33.93 -24.06 76.96
CA ALA X 47 35.05 -23.23 76.54
C ALA X 47 36.30 -24.08 76.45
N HIS X 48 36.94 -24.05 75.27
CA HIS X 48 38.21 -24.74 75.11
C HIS X 48 39.34 -23.81 75.53
N SER X 49 40.58 -24.27 75.37
CA SER X 49 41.74 -23.58 75.91
C SER X 49 42.00 -22.27 75.17
N ASN X 50 42.60 -21.32 75.86
CA ASN X 50 42.83 -20.01 75.24
C ASN X 50 44.01 -20.08 74.27
N PRO X 51 45.18 -20.70 74.59
CA PRO X 51 46.09 -21.01 73.47
C PRO X 51 45.58 -22.20 72.69
N VAL X 52 44.98 -21.94 71.53
CA VAL X 52 44.46 -23.00 70.69
C VAL X 52 45.58 -23.53 69.82
N VAL X 53 45.39 -24.72 69.28
CA VAL X 53 46.33 -25.30 68.34
C VAL X 53 45.56 -25.74 67.11
N ALA X 54 46.27 -25.84 65.99
CA ALA X 54 45.70 -26.32 64.75
C ALA X 54 46.15 -27.75 64.48
N ASP X 55 45.73 -28.27 63.34
CA ASP X 55 46.11 -29.61 62.95
C ASP X 55 47.50 -29.60 62.30
N ALA X 56 47.85 -30.73 61.67
CA ALA X 56 49.14 -30.82 61.00
C ALA X 56 49.17 -30.02 59.71
N ALA X 57 48.00 -29.63 59.19
CA ALA X 57 47.92 -28.81 57.99
C ALA X 57 47.51 -27.37 58.30
N GLY X 58 47.16 -27.07 59.55
CA GLY X 58 46.79 -25.72 59.92
C GLY X 58 45.30 -25.45 59.86
N LYS X 59 44.52 -26.32 60.48
CA LYS X 59 43.07 -26.17 60.57
C LYS X 59 42.70 -25.73 61.98
N PHE X 60 42.18 -24.54 62.10
CA PHE X 60 41.70 -24.26 63.45
C PHE X 60 40.26 -24.76 63.61
N PRO X 61 39.87 -25.15 64.82
CA PRO X 61 38.48 -25.58 65.04
C PRO X 61 37.48 -24.44 65.05
N ALA X 62 36.23 -24.75 65.35
CA ALA X 62 35.18 -23.74 65.38
C ALA X 62 35.38 -22.82 66.58
N ILE X 63 35.50 -21.53 66.30
CA ILE X 63 35.84 -20.52 67.29
C ILE X 63 34.70 -19.52 67.37
N TYR X 64 34.11 -19.39 68.56
CA TYR X 64 32.96 -18.52 68.76
C TYR X 64 33.27 -17.54 69.88
N PHE X 65 32.86 -16.29 69.70
CA PHE X 65 33.08 -15.27 70.71
C PHE X 65 31.82 -15.08 71.56
N ASP X 66 31.92 -14.18 72.52
CA ASP X 66 30.77 -13.69 73.28
C ASP X 66 30.61 -12.22 72.92
N THR X 67 29.51 -11.88 72.26
CA THR X 67 29.38 -10.58 71.62
C THR X 67 29.13 -9.43 72.58
N THR X 68 29.00 -9.69 73.88
CA THR X 68 28.80 -8.63 74.86
C THR X 68 30.11 -8.12 75.45
N LEU X 69 31.25 -8.57 74.93
CA LEU X 69 32.54 -8.15 75.45
C LEU X 69 33.58 -8.29 74.35
N GLU X 70 34.53 -7.35 74.33
CA GLU X 70 35.48 -7.23 73.25
C GLU X 70 36.57 -8.29 73.36
N TYR X 71 37.39 -8.38 72.31
CA TYR X 71 38.44 -9.39 72.22
C TYR X 71 39.65 -8.79 71.50
N ARG X 72 40.74 -9.55 71.52
CA ARG X 72 41.98 -9.19 70.83
C ARG X 72 42.78 -10.46 70.63
N GLY X 73 43.22 -10.71 69.41
CA GLY X 73 43.92 -11.95 69.10
C GLY X 73 45.20 -11.71 68.33
N VAL X 74 46.14 -12.64 68.49
CA VAL X 74 47.41 -12.65 67.77
C VAL X 74 47.60 -14.03 67.15
N LEU X 75 48.72 -14.20 66.44
CA LEU X 75 49.16 -15.51 66.00
C LEU X 75 50.62 -15.68 66.35
N LYS X 76 50.97 -16.89 66.76
CA LYS X 76 52.37 -17.26 66.97
C LYS X 76 52.56 -18.65 66.38
N THR X 77 53.82 -19.01 66.18
CA THR X 77 54.17 -20.35 65.75
C THR X 77 54.39 -21.22 66.99
N ALA X 78 54.95 -22.42 66.77
CA ALA X 78 55.14 -23.37 67.86
C ALA X 78 56.22 -22.92 68.83
N ASP X 79 57.18 -22.11 68.37
CA ASP X 79 58.29 -21.71 69.21
C ASP X 79 58.03 -20.40 69.94
N GLU X 80 56.75 -19.97 69.97
CA GLU X 80 56.28 -18.71 70.51
C GLU X 80 57.05 -17.51 69.94
N ALA X 81 57.04 -17.35 68.62
CA ALA X 81 57.74 -16.25 67.95
C ALA X 81 57.09 -15.92 66.62
N THR X 82 57.61 -14.89 65.93
CA THR X 82 57.19 -14.45 64.59
C THR X 82 55.70 -14.15 64.54
N THR X 83 55.28 -13.11 65.25
CA THR X 83 53.87 -12.71 65.35
C THR X 83 53.30 -12.38 63.97
N ILE X 84 52.35 -13.19 63.51
CA ILE X 84 51.80 -13.04 62.17
C ILE X 84 50.78 -11.92 62.11
N TYR X 85 49.66 -12.02 62.83
CA TYR X 85 48.67 -10.97 62.85
C TYR X 85 48.51 -10.44 64.26
N ASP X 86 47.98 -9.22 64.34
CA ASP X 86 47.62 -8.60 65.62
C ASP X 86 46.53 -7.58 65.33
N ILE X 87 45.32 -7.87 65.80
CA ILE X 87 44.15 -7.04 65.52
C ILE X 87 43.53 -6.64 66.86
N ASP X 88 43.40 -5.34 67.10
CA ASP X 88 43.09 -4.91 68.46
C ASP X 88 41.59 -5.07 68.76
N PRO X 89 40.60 -4.52 67.96
CA PRO X 89 39.23 -5.07 68.12
C PRO X 89 38.87 -6.19 67.15
N ILE X 90 39.36 -7.41 67.40
CA ILE X 90 39.17 -8.52 66.46
C ILE X 90 37.71 -8.96 66.40
N ASN X 91 36.92 -8.67 67.42
CA ASN X 91 35.48 -8.92 67.40
C ASN X 91 34.78 -7.71 66.81
N SER X 92 33.62 -7.95 66.19
CA SER X 92 32.71 -6.87 65.81
C SER X 92 31.54 -6.85 66.78
N GLY X 93 31.45 -5.80 67.59
CA GLY X 93 30.45 -5.72 68.62
C GLY X 93 29.04 -5.50 68.11
N ILE X 94 28.21 -6.55 68.20
CA ILE X 94 26.81 -6.44 67.81
C ILE X 94 25.96 -5.88 68.94
N LEU X 95 26.05 -6.47 70.13
CA LEU X 95 25.22 -6.03 71.25
C LEU X 95 25.96 -5.06 72.17
N SER X 96 27.28 -5.21 72.30
CA SER X 96 28.04 -4.38 73.23
C SER X 96 28.22 -2.96 72.72
N VAL X 97 28.09 -2.75 71.41
CA VAL X 97 28.18 -1.40 70.86
C VAL X 97 26.83 -0.70 70.87
N LEU X 98 25.76 -1.44 70.52
CA LEU X 98 24.41 -0.89 70.54
C LEU X 98 23.88 -0.68 71.95
N GLY X 99 24.51 -1.29 72.96
CA GLY X 99 24.07 -1.13 74.33
C GLY X 99 24.67 0.06 75.04
N THR X 100 25.77 0.61 74.52
CA THR X 100 26.44 1.74 75.14
C THR X 100 26.16 3.03 74.37
N SER X 101 26.11 2.92 73.05
CA SER X 101 25.73 4.04 72.18
C SER X 101 24.75 3.56 71.13
N SER X 102 24.38 4.46 70.23
CA SER X 102 23.39 4.26 69.17
C SER X 102 22.04 3.77 69.71
#